data_7EY1
#
_entry.id   7EY1
#
_cell.length_a   228.508
_cell.length_b   88.174
_cell.length_c   218.5
_cell.angle_alpha   90
_cell.angle_beta   90
_cell.angle_gamma   90
#
_symmetry.space_group_name_H-M   'P 21 21 2'
#
loop_
_entity.id
_entity.type
_entity.pdbx_description
1 polymer Beta-D-xylosidase/beta-D-glucosidase
2 branched alpha-D-mannopyranose-(1-2)-beta-D-mannopyranose-(1-6)-[alpha-D-mannopyranose-(1-3)]alpha-D-mannopyranose-(1-6)-[alpha-D-mannopyranose-(1-2)-alpha-D-mannopyranose-(1-3)]beta-D-mannopyranose-(1-4)-2-acetamido-2-deoxy-beta-D-glucopyranose
3 branched 2-acetamido-2-deoxy-beta-D-glucopyranose-(4-3)-alpha-D-mannopyranose-(1-4)-2-acetamido-2-deoxy-beta-D-glucopyranose-(1-4)-2-acetamido-2-deoxy-beta-D-glucopyranose
4 branched alpha-D-mannopyranose-(1-4)-2-acetamido-2-deoxy-beta-D-glucopyranose-(1-4)-2-acetamido-2-deoxy-beta-D-glucopyranose
5 branched alpha-D-mannopyranose-(1-3)-alpha-D-mannopyranose-(1-6)-beta-D-mannopyranose-(1-4)-2-acetamido-2-deoxy-beta-D-glucopyranose
6 branched alpha-D-mannopyranose-(1-2)-alpha-D-mannopyranose-(1-3)-[alpha-D-mannopyranose-(1-3)-[alpha-D-mannopyranose-(6-4)]alpha-D-mannopyranose-(1-6)]beta-D-mannopyranose-(1-4)-2-acetamido-2-deoxy-beta-D-glucopyranose-(1-4)-2-acetamido-2-deoxy-beta-D-glucopyranose
7 branched alpha-D-mannopyranose-(1-2)-beta-D-mannopyranose
8 non-polymer 2-acetamido-2-deoxy-beta-D-glucopyranose
9 non-polymer Deacetyltaxol
10 non-polymer beta-D-xylopyranose
11 non-polymer beta-D-xylofuranose
12 non-polymer alpha-D-mannopyranose
13 non-polymer beta-D-mannopyranose
14 water water
#
_entity_poly.entity_id   1
_entity_poly.type   'polypeptide(L)'
_entity_poly.pdbx_seq_one_letter_code
;MFPARLSLAVLFSVSPALAYFSGLGLGSERSIFRRDLNSTGDESNSTQWPAPLANGGKSWASAFKKAKATVTEMTVEELA
NITSGVIGLCSGVTGAVTRLGIPEFCLQDGPIGPRGVHGSSQFPAGLTVAATWDRTLMYARARGMGQEFHDQGVHLALAP
VTGGPLGRTPLNGRGWEGTFADPYACGEASYLSVKGLTDAGVATVSKHWIAYEQETSRNLYIDIDGVSQADIQLPISSNV
DDLTMHELYMWSFAEAVRAGTNHIMCSYNRINNTHSCSNAKGLNQLLKTELNFQGGVVSDWGGQWDSVPAAENGLDVAMP
GKGFLGALGDFWGATLVELINNGTVSEDLVRDKAVRILTGYYYLGQDTNPPPPFVYNTIGAPTLNATSGYRNVRKPGTAE
LIKEIGSASVTLLKNTGSLPLKHPQRIAVLGNDATYNVLGPNACGLANSACDIDNLNGTLTTGGGSGSALSPYTITPLEA
LQKRAIEDNAEIAAVVANSNTTTGAEDAIAALLPDADVTFVFLNRYSEEGADAPDFSLGGDGDNLMDLAVTYSSNVVVVI
HTTGVVDIEKWADNPNVTAILVAYLPGQEAGNSLVPVLYGDVAPSGKLPWTWGKSIDDYVPNGVVYTDAYSPQSNFTEGV
FIDYRWFDKMGITPRYEFGFGLSYTTFTYSNLIVDHGRWAKDYSSVMETAEPFAEWDGTNSLYDVIFTVFATITNTGNLT
GSEVAQLYISIPGDNQPVRQLRGFDKIKDLPVGDSAVVTFPIRRKDVSSWSVVDQLWYVPNGDFLISVGGSSRDLPLNTT
WTP
;
_entity_poly.pdbx_strand_id   A,B,C,D
#
loop_
_chem_comp.id
_chem_comp.type
_chem_comp.name
_chem_comp.formula
BKR non-polymer Deacetyltaxol 'C45 H49 N O13'
BMA D-saccharide, beta linking beta-D-mannopyranose 'C6 H12 O6'
MAN D-saccharide, alpha linking alpha-D-mannopyranose 'C6 H12 O6'
NAG D-saccharide, beta linking 2-acetamido-2-deoxy-beta-D-glucopyranose 'C8 H15 N O6'
XYP D-saccharide, beta linking beta-D-xylopyranose 'C5 H10 O5'
XYZ D-saccharide, beta linking beta-D-xylofuranose 'C5 H10 O5'
#
# COMPACT_ATOMS: atom_id res chain seq x y z
N GLN A 48 2.05 58.95 -2.37
CA GLN A 48 2.56 59.97 -1.38
C GLN A 48 1.82 61.28 -1.57
N TRP A 49 1.11 61.65 -0.52
CA TRP A 49 0.21 62.76 -0.50
C TRP A 49 0.68 63.68 0.62
N PRO A 50 1.54 64.66 0.27
CA PRO A 50 2.12 65.52 1.31
C PRO A 50 1.08 66.45 2.00
N ALA A 51 1.33 66.73 3.26
CA ALA A 51 0.57 67.68 4.02
C ALA A 51 0.68 69.11 3.38
N PRO A 52 -0.41 69.65 2.81
CA PRO A 52 -0.30 70.99 2.24
C PRO A 52 -0.52 72.08 3.31
N LEU A 53 0.15 73.21 3.12
CA LEU A 53 0.19 74.23 4.14
C LEU A 53 -1.05 75.05 4.05
N ALA A 54 -1.60 75.41 5.20
CA ALA A 54 -2.70 76.33 5.21
C ALA A 54 -2.24 77.73 4.77
N ASN A 55 -3.13 78.40 4.07
CA ASN A 55 -2.95 79.80 3.67
C ASN A 55 -4.15 80.70 4.00
N GLY A 56 -5.22 80.18 4.60
CA GLY A 56 -6.37 80.97 4.99
C GLY A 56 -7.45 81.14 3.93
N GLY A 57 -7.19 80.71 2.70
CA GLY A 57 -8.18 80.78 1.63
C GLY A 57 -8.76 82.16 1.39
N LYS A 58 -10.09 82.23 1.37
CA LYS A 58 -10.81 83.40 0.86
C LYS A 58 -11.27 84.31 1.99
N SER A 59 -12.12 83.81 2.86
CA SER A 59 -12.75 84.65 3.87
C SER A 59 -11.91 84.74 5.11
N TRP A 60 -11.05 83.75 5.36
CA TRP A 60 -10.23 83.71 6.57
C TRP A 60 -8.81 84.29 6.44
N ALA A 61 -8.46 84.91 5.32
CA ALA A 61 -7.13 85.54 5.16
C ALA A 61 -6.59 86.26 6.43
N SER A 62 -7.33 87.21 7.02
CA SER A 62 -6.79 87.93 8.19
C SER A 62 -6.66 87.07 9.44
N ALA A 63 -7.65 86.21 9.70
CA ALA A 63 -7.57 85.20 10.80
C ALA A 63 -6.37 84.29 10.71
N PHE A 64 -6.12 83.81 9.49
CA PHE A 64 -4.94 82.98 9.20
C PHE A 64 -3.63 83.68 9.56
N LYS A 65 -3.49 84.91 9.06
CA LYS A 65 -2.34 85.74 9.38
C LYS A 65 -2.13 85.92 10.89
N LYS A 66 -3.21 86.21 11.63
CA LYS A 66 -3.12 86.25 13.09
C LYS A 66 -2.72 84.88 13.64
N ALA A 67 -3.32 83.83 13.11
CA ALA A 67 -3.10 82.48 13.65
C ALA A 67 -1.64 82.13 13.53
N LYS A 68 -1.12 82.31 12.33
CA LYS A 68 0.30 82.11 12.05
C LYS A 68 1.25 83.00 12.92
N ALA A 69 0.90 84.26 13.13
CA ALA A 69 1.69 85.11 14.01
C ALA A 69 1.71 84.56 15.39
N THR A 70 0.55 84.17 15.92
CA THR A 70 0.49 83.57 17.25
C THR A 70 1.24 82.22 17.29
N VAL A 71 1.08 81.38 16.27
CA VAL A 71 1.64 80.03 16.33
C VAL A 71 3.18 80.11 16.29
N THR A 72 3.66 81.04 15.46
CA THR A 72 5.09 81.28 15.28
C THR A 72 5.77 81.63 16.62
N GLU A 73 5.04 82.16 17.60
CA GLU A 73 5.63 82.44 18.90
C GLU A 73 5.71 81.24 19.85
N MET A 74 5.07 80.12 19.50
CA MET A 74 4.87 79.11 20.50
C MET A 74 6.10 78.20 20.67
N THR A 75 6.27 77.71 21.89
CA THR A 75 7.23 76.63 22.19
C THR A 75 6.61 75.30 21.73
N VAL A 76 7.44 74.26 21.78
CA VAL A 76 7.03 72.93 21.41
C VAL A 76 5.96 72.41 22.38
N GLU A 77 6.16 72.61 23.68
CA GLU A 77 5.14 72.31 24.69
C GLU A 77 3.76 72.94 24.33
N GLU A 78 3.78 74.20 23.90
CA GLU A 78 2.55 74.90 23.63
C GLU A 78 1.92 74.38 22.34
N LEU A 79 2.73 74.05 21.34
CA LEU A 79 2.17 73.42 20.13
C LEU A 79 1.47 72.14 20.52
N ALA A 80 2.13 71.37 21.38
CA ALA A 80 1.61 70.10 21.78
C ALA A 80 0.38 70.22 22.70
N ASN A 81 0.29 71.35 23.41
CA ASN A 81 -0.79 71.58 24.30
C ASN A 81 -2.10 71.83 23.53
N ILE A 82 -2.06 72.73 22.55
CA ILE A 82 -3.27 73.12 21.88
C ILE A 82 -3.82 72.03 20.92
N THR A 83 -2.95 71.10 20.49
CA THR A 83 -3.33 70.08 19.48
C THR A 83 -3.83 68.77 20.09
N SER A 84 -4.01 68.76 21.40
CA SER A 84 -4.43 67.57 22.11
C SER A 84 -5.42 67.92 23.22
N GLY A 85 -6.30 66.99 23.56
CA GLY A 85 -7.34 67.30 24.53
C GLY A 85 -6.95 67.29 25.99
N VAL A 86 -7.60 68.13 26.79
CA VAL A 86 -7.41 68.12 28.25
C VAL A 86 -8.73 67.95 29.01
N ILE A 87 -8.63 67.68 30.31
CA ILE A 87 -9.79 67.39 31.15
C ILE A 87 -10.58 68.68 31.22
N GLY A 88 -11.88 68.58 30.99
CA GLY A 88 -12.77 69.69 31.24
C GLY A 88 -14.24 69.32 31.15
N LEU A 89 -15.06 70.35 31.34
CA LEU A 89 -16.49 70.21 31.40
C LEU A 89 -17.13 69.84 30.08
N CYS A 90 -16.48 70.20 28.98
CA CYS A 90 -17.01 69.95 27.63
C CYS A 90 -16.62 68.59 27.13
N SER A 91 -17.33 68.13 26.10
CA SER A 91 -17.04 66.90 25.37
C SER A 91 -15.53 66.76 25.06
N GLY A 92 -14.91 67.84 24.60
CA GLY A 92 -13.46 67.94 24.50
C GLY A 92 -13.01 69.35 24.80
N VAL A 93 -11.75 69.50 25.17
CA VAL A 93 -11.18 70.79 25.56
C VAL A 93 -9.74 70.83 25.05
N THR A 94 -9.43 71.82 24.21
CA THR A 94 -8.04 72.01 23.80
C THR A 94 -7.25 72.63 24.94
N GLY A 95 -5.98 72.33 24.95
CA GLY A 95 -5.09 72.87 25.99
C GLY A 95 -4.97 74.34 25.76
N ALA A 96 -4.85 75.09 26.83
CA ALA A 96 -4.62 76.54 26.70
C ALA A 96 -3.17 76.79 26.23
N VAL A 97 -2.92 77.96 25.64
CA VAL A 97 -1.56 78.48 25.52
C VAL A 97 -1.49 79.70 26.41
N THR A 98 -1.16 79.43 27.67
CA THR A 98 -1.49 80.39 28.67
C THR A 98 -0.61 81.64 28.60
N ARG A 99 0.63 81.48 28.18
CA ARG A 99 1.54 82.63 28.04
C ARG A 99 1.11 83.66 27.00
N LEU A 100 0.45 83.23 25.93
CA LEU A 100 -0.02 84.12 24.86
C LEU A 100 -1.52 84.45 25.00
N GLY A 101 -2.12 84.14 26.16
CA GLY A 101 -3.54 84.41 26.40
C GLY A 101 -4.52 83.69 25.49
N ILE A 102 -4.14 82.50 25.02
CA ILE A 102 -5.02 81.63 24.25
C ILE A 102 -5.72 80.70 25.27
N PRO A 103 -7.04 80.86 25.45
CA PRO A 103 -7.72 80.01 26.43
C PRO A 103 -7.99 78.61 25.90
N GLU A 104 -8.36 77.73 26.82
CA GLU A 104 -8.98 76.43 26.48
C GLU A 104 -10.15 76.67 25.57
N PHE A 105 -10.25 75.95 24.45
CA PHE A 105 -11.49 75.91 23.67
C PHE A 105 -12.43 74.75 24.07
N CYS A 106 -13.73 75.04 24.15
CA CYS A 106 -14.76 74.10 24.61
C CYS A 106 -15.32 73.49 23.35
N LEU A 107 -15.04 72.21 23.08
CA LEU A 107 -15.69 71.54 21.95
C LEU A 107 -16.84 70.70 22.49
N GLN A 108 -18.01 70.81 21.86
CA GLN A 108 -19.24 70.31 22.46
C GLN A 108 -20.19 69.75 21.46
N ASP A 109 -20.59 68.51 21.68
CA ASP A 109 -21.75 67.96 20.99
C ASP A 109 -23.01 68.86 21.18
N GLY A 110 -23.98 68.81 20.27
CA GLY A 110 -23.99 67.92 19.09
C GLY A 110 -24.93 68.48 18.07
N PRO A 111 -25.27 67.72 17.05
CA PRO A 111 -26.01 68.30 15.93
C PRO A 111 -27.48 68.67 16.10
N ILE A 112 -28.05 68.62 17.30
CA ILE A 112 -29.33 69.27 17.51
C ILE A 112 -29.19 70.43 18.47
N GLY A 113 -27.94 70.77 18.82
CA GLY A 113 -27.64 71.77 19.85
C GLY A 113 -26.85 71.25 21.02
N PRO A 114 -26.48 72.15 21.92
CA PRO A 114 -25.59 71.79 23.02
C PRO A 114 -26.13 70.63 23.86
N ARG A 115 -25.38 69.50 23.92
CA ARG A 115 -25.79 68.29 24.67
C ARG A 115 -25.33 68.37 26.09
N GLY A 116 -26.13 67.80 26.97
CA GLY A 116 -25.78 67.62 28.39
C GLY A 116 -25.90 68.85 29.20
N VAL A 117 -26.76 69.75 28.74
CA VAL A 117 -26.82 71.10 29.24
C VAL A 117 -28.26 71.37 29.66
N HIS A 118 -28.47 72.11 30.74
CA HIS A 118 -29.81 72.59 31.11
C HIS A 118 -29.88 74.03 30.62
N GLY A 119 -31.10 74.57 30.62
CA GLY A 119 -31.40 75.94 30.17
C GLY A 119 -31.39 76.10 28.67
N SER A 120 -31.56 74.99 27.96
CA SER A 120 -31.58 75.04 26.50
C SER A 120 -32.88 74.44 25.98
N SER A 121 -32.99 74.34 24.66
CA SER A 121 -34.14 73.85 23.97
C SER A 121 -33.76 72.55 23.24
N GLN A 122 -34.68 71.61 23.11
CA GLN A 122 -34.42 70.43 22.28
C GLN A 122 -34.93 70.68 20.87
N PHE A 123 -34.02 70.96 19.95
CA PHE A 123 -34.41 71.12 18.56
C PHE A 123 -34.76 69.76 17.90
N PRO A 124 -35.55 69.79 16.82
CA PRO A 124 -35.70 68.55 16.02
C PRO A 124 -34.38 68.15 15.40
N ALA A 125 -34.25 66.87 15.10
CA ALA A 125 -33.05 66.32 14.48
C ALA A 125 -32.85 66.69 13.01
N GLY A 126 -31.65 66.46 12.47
CA GLY A 126 -31.40 66.76 11.05
C GLY A 126 -32.40 66.14 10.08
N LEU A 127 -32.65 64.85 10.25
CA LEU A 127 -33.70 64.13 9.56
C LEU A 127 -35.00 64.93 9.46
N THR A 128 -35.42 65.48 10.59
CA THR A 128 -36.62 66.26 10.68
C THR A 128 -36.53 67.51 9.81
N VAL A 129 -35.43 68.30 9.83
CA VAL A 129 -35.40 69.46 8.92
C VAL A 129 -35.33 68.98 7.50
N ALA A 130 -34.66 67.88 7.21
CA ALA A 130 -34.55 67.48 5.79
C ALA A 130 -35.96 67.39 5.19
N ALA A 131 -36.84 66.77 5.98
CA ALA A 131 -38.19 66.50 5.58
C ALA A 131 -39.03 67.71 5.34
N THR A 132 -38.63 68.88 5.78
CA THR A 132 -39.33 70.09 5.39
C THR A 132 -39.01 70.55 3.99
N TRP A 133 -37.84 70.14 3.47
CA TRP A 133 -37.32 70.66 2.19
C TRP A 133 -37.33 72.21 2.14
N ASP A 134 -37.13 72.85 3.29
CA ASP A 134 -37.31 74.29 3.44
C ASP A 134 -35.96 74.92 3.90
N ARG A 135 -35.27 75.52 2.92
CA ARG A 135 -33.94 76.14 3.13
C ARG A 135 -33.93 77.14 4.22
N THR A 136 -34.99 77.90 4.34
CA THR A 136 -35.13 78.91 5.39
C THR A 136 -35.15 78.24 6.73
N LEU A 137 -35.84 77.12 6.84
CA LEU A 137 -35.94 76.44 8.11
C LEU A 137 -34.62 75.78 8.43
N MET A 138 -34.00 75.22 7.40
CA MET A 138 -32.71 74.62 7.58
C MET A 138 -31.73 75.62 8.22
N TYR A 139 -31.74 76.88 7.76
CA TYR A 139 -30.80 77.89 8.26
C TYR A 139 -31.19 78.36 9.68
N ALA A 140 -32.46 78.68 9.87
CA ALA A 140 -32.94 79.25 11.14
C ALA A 140 -32.67 78.28 12.30
N ARG A 141 -33.02 77.02 12.10
CA ARG A 141 -32.68 75.95 13.02
C ARG A 141 -31.22 76.02 13.41
N ALA A 142 -30.33 76.01 12.43
CA ALA A 142 -28.90 76.02 12.74
C ALA A 142 -28.51 77.32 13.42
N ARG A 143 -29.11 78.42 13.03
CA ARG A 143 -28.84 79.72 13.67
C ARG A 143 -29.29 79.76 15.15
N GLY A 144 -30.42 79.14 15.46
CA GLY A 144 -30.91 79.03 16.83
C GLY A 144 -30.07 78.08 17.64
N MET A 145 -29.68 76.96 17.04
CA MET A 145 -28.71 76.07 17.66
C MET A 145 -27.43 76.83 18.03
N GLY A 146 -26.97 77.67 17.10
CA GLY A 146 -25.80 78.47 17.30
C GLY A 146 -25.85 79.42 18.46
N GLN A 147 -26.98 80.14 18.64
CA GLN A 147 -26.97 81.06 19.80
C GLN A 147 -26.97 80.35 21.11
N GLU A 148 -27.64 79.19 21.18
CA GLU A 148 -27.62 78.42 22.44
C GLU A 148 -26.22 77.85 22.66
N PHE A 149 -25.60 77.33 21.60
CA PHE A 149 -24.17 76.91 21.70
C PHE A 149 -23.28 78.05 22.22
N HIS A 150 -23.37 79.17 21.55
CA HIS A 150 -22.55 80.30 21.89
C HIS A 150 -22.81 80.79 23.32
N ASP A 151 -24.09 80.93 23.66
CA ASP A 151 -24.52 81.43 24.97
C ASP A 151 -24.32 80.48 26.12
N GLN A 152 -24.15 79.20 25.83
CA GLN A 152 -23.64 78.26 26.83
C GLN A 152 -22.11 78.24 26.98
N GLY A 153 -21.41 78.86 26.05
CA GLY A 153 -19.93 78.97 26.15
C GLY A 153 -19.09 78.10 25.23
N VAL A 154 -19.72 77.53 24.22
CA VAL A 154 -19.06 76.56 23.32
C VAL A 154 -18.25 77.31 22.27
N HIS A 155 -17.00 76.91 22.07
CA HIS A 155 -16.17 77.48 20.97
C HIS A 155 -16.40 76.75 19.65
N LEU A 156 -16.40 75.42 19.71
CA LEU A 156 -16.56 74.55 18.56
C LEU A 156 -17.76 73.69 18.81
N ALA A 157 -18.74 73.76 17.92
CA ALA A 157 -19.87 72.83 17.97
C ALA A 157 -19.49 71.59 17.18
N LEU A 158 -19.66 70.41 17.78
CA LEU A 158 -19.41 69.14 17.05
C LEU A 158 -20.64 68.86 16.20
N ALA A 159 -20.75 69.59 15.10
CA ALA A 159 -21.97 69.65 14.32
C ALA A 159 -21.63 70.49 13.10
N PRO A 160 -22.37 70.38 12.01
CA PRO A 160 -23.43 69.36 11.79
C PRO A 160 -22.89 68.05 11.19
N VAL A 161 -23.81 67.14 10.87
CA VAL A 161 -23.47 65.91 10.20
C VAL A 161 -23.68 66.16 8.72
N THR A 162 -22.62 66.11 7.94
CA THR A 162 -22.64 66.60 6.58
C THR A 162 -22.22 65.52 5.63
N GLY A 163 -22.82 64.35 5.76
CA GLY A 163 -22.63 63.29 4.77
C GLY A 163 -21.86 62.09 5.29
N GLY A 164 -21.77 61.96 6.60
CA GLY A 164 -21.25 60.77 7.24
C GLY A 164 -22.07 60.62 8.52
N PRO A 165 -22.82 59.55 8.73
CA PRO A 165 -23.35 58.71 7.64
C PRO A 165 -24.25 59.51 6.69
N LEU A 166 -24.25 59.13 5.43
CA LEU A 166 -25.06 59.76 4.41
C LEU A 166 -26.34 58.98 4.15
N GLY A 167 -26.26 57.66 4.16
CA GLY A 167 -27.42 56.86 3.94
C GLY A 167 -27.32 55.60 3.15
N ARG A 168 -26.19 54.91 3.23
CA ARG A 168 -25.96 53.68 2.50
C ARG A 168 -26.94 52.62 2.96
N THR A 169 -27.06 52.48 4.26
CA THR A 169 -27.99 51.59 4.90
C THR A 169 -29.09 52.37 5.61
N PRO A 170 -30.36 51.91 5.47
CA PRO A 170 -31.46 52.55 6.18
C PRO A 170 -31.57 52.03 7.62
N LEU A 171 -30.68 51.13 8.04
CA LEU A 171 -30.67 50.63 9.39
C LEU A 171 -29.67 51.39 10.28
N ASN A 172 -29.02 52.40 9.73
CA ASN A 172 -27.94 53.03 10.44
C ASN A 172 -28.48 53.60 11.73
N GLY A 173 -27.86 53.26 12.86
CA GLY A 173 -28.35 53.71 14.15
C GLY A 173 -28.38 55.22 14.34
N ARG A 174 -27.53 55.92 13.62
CA ARG A 174 -27.40 57.36 13.70
C ARG A 174 -27.64 58.11 12.40
N GLY A 175 -28.28 57.47 11.43
CA GLY A 175 -28.68 58.14 10.19
C GLY A 175 -29.48 59.40 10.43
N TRP A 176 -30.34 59.32 11.45
CA TRP A 176 -31.16 60.43 11.90
C TRP A 176 -30.44 61.74 12.18
N GLU A 177 -29.17 61.66 12.54
CA GLU A 177 -28.38 62.85 12.80
C GLU A 177 -28.12 63.64 11.51
N GLY A 178 -27.95 62.94 10.37
CA GLY A 178 -27.85 63.57 9.05
C GLY A 178 -29.16 64.19 8.53
N THR A 179 -29.31 64.24 7.21
CA THR A 179 -30.43 64.86 6.56
C THR A 179 -31.22 64.30 5.36
N PHE A 180 -30.57 64.10 4.23
CA PHE A 180 -31.14 63.33 3.12
C PHE A 180 -30.18 62.22 2.74
N ALA A 181 -30.73 61.11 2.26
CA ALA A 181 -29.93 60.04 1.66
C ALA A 181 -29.68 60.42 0.21
N ASP A 182 -29.01 61.54 0.02
CA ASP A 182 -28.88 62.09 -1.28
C ASP A 182 -27.82 63.19 -1.21
N PRO A 183 -26.80 63.11 -2.08
CA PRO A 183 -25.69 64.03 -2.01
C PRO A 183 -26.07 65.47 -2.25
N TYR A 184 -26.91 65.71 -3.24
CA TYR A 184 -27.36 67.07 -3.54
C TYR A 184 -28.10 67.74 -2.36
N ALA A 185 -29.10 67.04 -1.83
CA ALA A 185 -29.94 67.63 -0.79
C ALA A 185 -29.18 67.72 0.52
N CYS A 186 -28.42 66.68 0.81
CA CYS A 186 -27.55 66.68 1.97
C CYS A 186 -26.60 67.85 1.82
N GLY A 187 -26.08 68.04 0.61
CA GLY A 187 -25.24 69.21 0.29
C GLY A 187 -25.79 70.55 0.70
N GLU A 188 -27.03 70.77 0.29
CA GLU A 188 -27.73 72.01 0.53
C GLU A 188 -28.02 72.21 1.98
N ALA A 189 -28.49 71.16 2.63
CA ALA A 189 -28.77 71.28 4.06
C ALA A 189 -27.46 71.42 4.92
N SER A 190 -26.39 70.78 4.46
CA SER A 190 -25.07 70.87 5.12
C SER A 190 -24.49 72.27 5.02
N TYR A 191 -24.57 72.84 3.84
CA TYR A 191 -24.15 74.24 3.62
C TYR A 191 -24.90 75.20 4.58
N LEU A 192 -26.22 75.07 4.62
CA LEU A 192 -27.04 76.00 5.38
C LEU A 192 -26.87 75.76 6.88
N SER A 193 -26.71 74.51 7.27
CA SER A 193 -26.52 74.23 8.68
C SER A 193 -25.20 74.84 9.16
N VAL A 194 -24.16 74.75 8.33
CA VAL A 194 -22.83 75.33 8.65
C VAL A 194 -22.93 76.85 8.75
N LYS A 195 -23.54 77.48 7.75
CA LYS A 195 -23.72 78.92 7.77
C LYS A 195 -24.44 79.44 9.00
N GLY A 196 -25.48 78.72 9.44
CA GLY A 196 -26.28 79.09 10.59
C GLY A 196 -25.47 79.06 11.87
N LEU A 197 -24.70 77.99 12.04
CA LEU A 197 -23.80 77.91 13.22
C LEU A 197 -22.68 78.96 13.16
N THR A 198 -21.96 79.09 12.03
CA THR A 198 -20.87 80.09 11.98
C THR A 198 -21.41 81.50 12.15
N ASP A 199 -22.57 81.83 11.54
CA ASP A 199 -23.17 83.17 11.74
C ASP A 199 -23.53 83.50 13.17
N ALA A 200 -23.69 82.50 14.03
CA ALA A 200 -23.91 82.70 15.48
C ALA A 200 -22.66 82.88 16.28
N GLY A 201 -21.50 82.75 15.65
CA GLY A 201 -20.24 82.91 16.34
C GLY A 201 -19.58 81.62 16.85
N VAL A 202 -20.12 80.48 16.42
CA VAL A 202 -19.63 79.22 16.86
CA VAL A 202 -19.71 79.18 16.84
C VAL A 202 -18.96 78.50 15.70
N ALA A 203 -17.81 77.89 16.00
CA ALA A 203 -17.04 77.17 15.00
C ALA A 203 -17.60 75.75 14.84
N THR A 204 -17.63 75.26 13.61
CA THR A 204 -18.25 74.01 13.27
C THR A 204 -17.19 72.94 13.11
N VAL A 205 -17.51 71.75 13.57
CA VAL A 205 -16.74 70.57 13.22
C VAL A 205 -17.67 69.68 12.43
N SER A 206 -17.67 69.83 11.11
CA SER A 206 -18.58 69.05 10.28
C SER A 206 -18.14 67.58 10.27
N LYS A 207 -19.09 66.67 10.37
CA LYS A 207 -18.73 65.28 10.54
C LYS A 207 -19.64 64.24 9.81
N HIS A 208 -19.20 63.02 9.61
CA HIS A 208 -17.88 62.49 9.95
C HIS A 208 -17.22 62.12 8.64
N TRP A 209 -16.04 62.69 8.33
CA TRP A 209 -15.31 62.37 7.13
C TRP A 209 -14.57 61.04 7.32
N ILE A 210 -14.85 59.95 6.59
CA ILE A 210 -15.80 59.84 5.47
C ILE A 210 -16.07 58.35 5.15
N ALA A 211 -17.18 58.10 4.46
CA ALA A 211 -17.67 56.75 4.20
C ALA A 211 -18.01 56.05 5.51
N TYR A 212 -18.56 56.79 6.44
CA TYR A 212 -18.87 56.30 7.76
C TYR A 212 -20.34 55.88 7.69
N GLU A 213 -20.53 54.65 7.25
CA GLU A 213 -21.85 54.17 6.81
C GLU A 213 -22.36 52.97 7.61
N GLN A 214 -21.78 52.69 8.77
CA GLN A 214 -22.37 51.75 9.68
C GLN A 214 -21.79 51.87 11.06
N GLU A 215 -22.64 51.77 12.07
CA GLU A 215 -22.20 51.75 13.45
C GLU A 215 -21.55 50.46 13.90
N THR A 216 -22.01 49.34 13.39
CA THR A 216 -21.51 48.04 13.83
C THR A 216 -20.05 47.90 13.49
N SER A 217 -19.23 47.53 14.46
CA SER A 217 -17.77 47.36 14.23
C SER A 217 -17.05 48.66 13.86
N ARG A 218 -17.63 49.80 14.18
CA ARG A 218 -16.92 51.07 14.06
C ARG A 218 -15.70 51.11 14.97
N ASN A 219 -15.75 50.41 16.11
CA ASN A 219 -14.56 50.15 16.93
C ASN A 219 -13.64 51.35 17.18
N LEU A 220 -14.14 52.26 17.96
CA LEU A 220 -13.33 53.35 18.41
C LEU A 220 -12.25 52.79 19.32
N TYR A 221 -11.10 53.46 19.32
CA TYR A 221 -9.96 53.03 20.09
C TYR A 221 -10.27 53.22 21.55
N ILE A 222 -10.05 52.17 22.33
CA ILE A 222 -10.23 52.27 23.76
C ILE A 222 -9.32 51.27 24.42
N ASP A 223 -8.58 51.74 25.43
CA ASP A 223 -7.56 50.97 26.13
C ASP A 223 -7.81 51.20 27.58
N ILE A 224 -8.61 50.33 28.14
CA ILE A 224 -8.94 50.32 29.52
C ILE A 224 -8.12 49.12 29.98
N ASP A 225 -7.46 49.17 31.12
CA ASP A 225 -6.70 48.01 31.56
C ASP A 225 -5.75 47.66 30.42
N GLY A 226 -5.70 46.40 30.04
CA GLY A 226 -4.90 45.95 28.92
C GLY A 226 -5.93 45.52 27.90
N VAL A 227 -7.19 45.60 28.27
CA VAL A 227 -8.36 45.24 27.40
C VAL A 227 -8.54 46.31 26.28
N SER A 228 -7.58 46.29 25.33
CA SER A 228 -7.54 47.20 24.17
C SER A 228 -8.30 46.70 22.90
N GLN A 229 -8.86 47.65 22.16
CA GLN A 229 -9.65 47.40 20.94
C GLN A 229 -8.80 46.89 19.77
N ALA A 230 -7.54 47.31 19.75
CA ALA A 230 -6.52 46.82 18.81
C ALA A 230 -6.29 45.32 18.99
N ASP A 231 -6.53 44.84 20.22
CA ASP A 231 -6.40 43.40 20.55
C ASP A 231 -7.64 42.60 20.17
N ILE A 232 -8.74 43.25 19.78
CA ILE A 232 -10.01 42.55 19.49
C ILE A 232 -10.40 42.63 18.02
N GLN A 233 -10.50 43.87 17.50
CA GLN A 233 -10.98 44.07 16.13
C GLN A 233 -10.66 45.45 15.59
N LEU A 234 -10.21 45.54 14.35
CA LEU A 234 -10.02 46.84 13.71
C LEU A 234 -11.37 47.42 13.27
N PRO A 235 -11.45 48.74 13.08
CA PRO A 235 -12.72 49.27 12.61
C PRO A 235 -13.07 48.76 11.24
N ILE A 236 -14.36 48.69 10.95
CA ILE A 236 -14.85 48.40 9.62
C ILE A 236 -14.12 49.24 8.55
N SER A 237 -13.85 48.62 7.41
CA SER A 237 -13.08 49.24 6.34
C SER A 237 -13.99 49.51 5.17
N SER A 238 -14.36 50.75 4.98
CA SER A 238 -15.12 51.11 3.84
C SER A 238 -14.17 51.09 2.63
N ASN A 239 -14.35 50.13 1.73
CA ASN A 239 -13.56 50.07 0.53
C ASN A 239 -14.29 50.74 -0.60
N VAL A 240 -13.85 51.92 -0.99
CA VAL A 240 -14.66 52.81 -1.83
C VAL A 240 -13.88 53.20 -3.07
N ASP A 241 -14.47 53.05 -4.26
CA ASP A 241 -13.75 53.46 -5.47
C ASP A 241 -13.77 54.98 -5.71
N ASP A 242 -12.88 55.41 -6.61
CA ASP A 242 -12.60 56.82 -6.74
C ASP A 242 -13.78 57.59 -7.28
N LEU A 243 -14.48 57.06 -8.28
CA LEU A 243 -15.70 57.70 -8.79
C LEU A 243 -16.81 57.83 -7.72
N THR A 244 -16.99 56.79 -6.91
CA THR A 244 -18.02 56.83 -5.85
C THR A 244 -17.67 57.86 -4.79
N MET A 245 -16.44 57.80 -4.32
CA MET A 245 -15.98 58.76 -3.32
C MET A 245 -16.20 60.20 -3.73
N HIS A 246 -16.01 60.53 -5.01
CA HIS A 246 -16.18 61.92 -5.46
C HIS A 246 -17.61 62.35 -5.74
N GLU A 247 -18.37 61.48 -6.41
CA GLU A 247 -19.72 61.84 -6.85
C GLU A 247 -20.74 61.63 -5.74
N LEU A 248 -20.52 60.63 -4.89
CA LEU A 248 -21.45 60.36 -3.80
C LEU A 248 -20.95 60.96 -2.48
N TYR A 249 -19.91 60.37 -1.86
CA TYR A 249 -19.55 60.73 -0.46
C TYR A 249 -18.93 62.11 -0.30
N MET A 250 -18.08 62.56 -1.21
CA MET A 250 -17.43 63.88 -1.03
C MET A 250 -18.38 65.06 -1.27
N TRP A 251 -19.51 64.84 -1.92
CA TRP A 251 -20.34 65.93 -2.43
C TRP A 251 -20.76 66.92 -1.34
N SER A 252 -21.28 66.39 -0.23
CA SER A 252 -21.81 67.21 0.86
C SER A 252 -20.71 67.88 1.66
N PHE A 253 -19.58 67.18 1.80
CA PHE A 253 -18.44 67.76 2.42
C PHE A 253 -17.85 68.90 1.58
N ALA A 254 -17.96 68.87 0.24
CA ALA A 254 -17.57 70.04 -0.58
C ALA A 254 -18.40 71.26 -0.25
N GLU A 255 -19.70 71.03 -0.06
CA GLU A 255 -20.60 72.08 0.36
C GLU A 255 -20.26 72.61 1.77
N ALA A 256 -19.93 71.70 2.69
CA ALA A 256 -19.56 72.10 4.04
C ALA A 256 -18.34 73.06 3.98
N VAL A 257 -17.33 72.62 3.25
CA VAL A 257 -16.15 73.41 3.03
C VAL A 257 -16.53 74.77 2.48
N ARG A 258 -17.34 74.79 1.43
CA ARG A 258 -17.71 76.06 0.79
C ARG A 258 -18.49 76.98 1.69
N ALA A 259 -19.23 76.43 2.66
CA ALA A 259 -19.97 77.27 3.62
C ALA A 259 -19.04 77.84 4.67
N GLY A 260 -17.82 77.34 4.74
CA GLY A 260 -16.83 77.83 5.69
C GLY A 260 -16.75 77.03 6.97
N THR A 261 -16.97 75.72 6.91
CA THR A 261 -16.81 74.90 8.09
C THR A 261 -15.36 75.09 8.56
N ASN A 262 -15.22 75.46 9.80
CA ASN A 262 -13.94 75.78 10.38
C ASN A 262 -13.14 74.52 10.60
N HIS A 263 -13.83 73.42 10.90
CA HIS A 263 -13.19 72.12 11.13
C HIS A 263 -14.00 70.96 10.52
N ILE A 264 -13.33 69.83 10.41
CA ILE A 264 -13.94 68.59 9.99
C ILE A 264 -13.52 67.47 10.92
N MET A 265 -14.41 66.53 11.22
CA MET A 265 -14.08 65.41 12.09
C MET A 265 -13.88 64.17 11.26
N CYS A 266 -12.73 63.53 11.48
CA CYS A 266 -12.41 62.33 10.76
C CYS A 266 -13.07 61.23 11.54
N SER A 267 -13.50 60.18 10.82
CA SER A 267 -14.40 59.19 11.34
C SER A 267 -13.75 57.96 11.95
N TYR A 268 -14.55 57.17 12.65
CA TYR A 268 -14.06 55.93 13.27
C TYR A 268 -13.63 54.81 12.34
N ASN A 269 -14.22 54.77 11.14
CA ASN A 269 -13.95 53.71 10.20
C ASN A 269 -12.60 53.87 9.51
N ARG A 270 -12.06 52.75 9.04
CA ARG A 270 -10.99 52.76 8.06
C ARG A 270 -11.57 52.95 6.66
N ILE A 271 -10.70 53.39 5.72
CA ILE A 271 -11.00 53.43 4.29
C ILE A 271 -9.83 52.77 3.55
N ASN A 272 -10.16 51.81 2.68
CA ASN A 272 -9.19 50.94 2.02
C ASN A 272 -8.16 50.44 3.04
N ASN A 273 -8.63 50.05 4.23
CA ASN A 273 -7.80 49.47 5.29
C ASN A 273 -6.80 50.37 6.02
N THR A 274 -7.02 51.68 5.95
CA THR A 274 -6.25 52.68 6.70
C THR A 274 -7.25 53.59 7.45
N HIS A 275 -7.08 53.72 8.76
CA HIS A 275 -7.89 54.61 9.57
C HIS A 275 -8.10 55.96 8.90
N SER A 276 -9.34 56.43 8.91
CA SER A 276 -9.70 57.71 8.31
C SER A 276 -8.85 58.83 8.87
N CYS A 277 -8.61 58.78 10.18
CA CYS A 277 -7.86 59.81 10.87
C CYS A 277 -6.37 59.79 10.59
N SER A 278 -5.89 58.80 9.84
CA SER A 278 -4.53 58.77 9.42
C SER A 278 -4.39 58.32 7.97
N ASN A 279 -5.36 58.67 7.12
CA ASN A 279 -5.41 58.31 5.72
C ASN A 279 -5.00 59.54 4.95
N ALA A 280 -3.75 59.50 4.48
CA ALA A 280 -3.13 60.62 3.78
C ALA A 280 -3.93 61.01 2.53
N LYS A 281 -4.25 60.03 1.71
CA LYS A 281 -5.11 60.26 0.51
C LYS A 281 -6.44 60.94 0.86
N GLY A 282 -7.03 60.54 1.98
CA GLY A 282 -8.27 61.10 2.43
C GLY A 282 -8.13 62.51 2.96
N LEU A 283 -7.22 62.69 3.91
CA LEU A 283 -7.09 63.97 4.57
C LEU A 283 -6.15 64.92 3.85
N ASN A 284 -4.92 64.45 3.57
CA ASN A 284 -3.95 65.31 2.88
C ASN A 284 -4.31 65.65 1.42
N GLN A 285 -4.70 64.68 0.60
CA GLN A 285 -5.07 64.99 -0.80
C GLN A 285 -6.57 65.28 -1.04
N LEU A 286 -7.49 64.35 -0.80
CA LEU A 286 -8.91 64.66 -1.11
C LEU A 286 -9.46 65.89 -0.35
N LEU A 287 -9.23 65.94 0.94
CA LEU A 287 -9.79 67.04 1.73
C LEU A 287 -8.96 68.32 1.65
N LYS A 288 -7.65 68.23 1.94
CA LYS A 288 -6.85 69.44 2.10
C LYS A 288 -6.23 69.96 0.82
N THR A 289 -6.25 69.19 -0.27
CA THR A 289 -5.72 69.64 -1.57
C THR A 289 -6.86 69.79 -2.56
N GLU A 290 -7.58 68.73 -2.88
CA GLU A 290 -8.67 68.87 -3.84
C GLU A 290 -9.83 69.77 -3.38
N LEU A 291 -10.30 69.58 -2.14
CA LEU A 291 -11.33 70.51 -1.59
C LEU A 291 -10.73 71.79 -1.01
N ASN A 292 -9.40 71.89 -0.98
CA ASN A 292 -8.69 73.08 -0.53
C ASN A 292 -9.04 73.48 0.91
N PHE A 293 -9.24 72.47 1.77
CA PHE A 293 -9.76 72.71 3.13
C PHE A 293 -8.72 73.38 3.98
N GLN A 294 -9.02 74.55 4.47
CA GLN A 294 -8.13 75.40 5.23
C GLN A 294 -8.23 75.29 6.70
N GLY A 295 -9.13 74.44 7.13
CA GLY A 295 -9.45 74.33 8.55
C GLY A 295 -8.81 73.11 9.14
N GLY A 296 -9.29 72.69 10.30
CA GLY A 296 -8.69 71.58 11.03
C GLY A 296 -9.46 70.26 10.99
N VAL A 297 -8.69 69.17 11.10
CA VAL A 297 -9.24 67.85 11.26
C VAL A 297 -9.20 67.47 12.75
N VAL A 298 -10.39 67.31 13.37
CA VAL A 298 -10.48 66.86 14.73
C VAL A 298 -10.79 65.38 14.69
N SER A 299 -10.16 64.61 15.58
CA SER A 299 -10.35 63.17 15.60
C SER A 299 -11.71 62.98 16.21
N ASP A 300 -12.44 61.96 15.78
CA ASP A 300 -13.57 61.48 16.58
C ASP A 300 -12.93 60.93 17.84
N TRP A 301 -13.76 60.82 18.88
CA TRP A 301 -13.28 60.50 20.22
C TRP A 301 -12.87 59.02 20.23
N GLY A 302 -11.57 58.76 20.12
CA GLY A 302 -11.09 57.39 19.87
C GLY A 302 -10.91 57.09 18.39
N GLY A 303 -10.97 58.11 17.54
CA GLY A 303 -10.64 57.94 16.12
C GLY A 303 -9.15 57.84 15.77
N GLN A 304 -8.30 58.33 16.65
CA GLN A 304 -6.86 58.30 16.46
C GLN A 304 -6.26 57.01 17.05
N TRP A 305 -5.53 56.29 16.22
CA TRP A 305 -4.98 54.98 16.53
C TRP A 305 -3.44 54.95 16.62
N ASP A 306 -2.75 56.01 16.21
CA ASP A 306 -1.28 56.03 16.31
C ASP A 306 -0.78 57.49 16.40
N SER A 307 0.49 57.67 16.67
CA SER A 307 1.04 59.00 16.89
C SER A 307 1.56 59.63 15.58
N VAL A 308 2.46 58.92 14.92
CA VAL A 308 3.22 59.48 13.82
C VAL A 308 2.42 59.52 12.53
N PRO A 309 1.75 58.42 12.14
CA PRO A 309 0.94 58.51 10.92
C PRO A 309 -0.17 59.57 10.99
N ALA A 310 -0.89 59.61 12.12
CA ALA A 310 -1.87 60.67 12.35
C ALA A 310 -1.20 62.06 12.08
N ALA A 311 -0.03 62.30 12.68
CA ALA A 311 0.72 63.56 12.52
C ALA A 311 1.13 63.85 11.08
N GLU A 312 1.44 62.82 10.32
CA GLU A 312 1.90 63.00 8.98
C GLU A 312 0.81 62.97 7.98
N ASN A 313 -0.30 62.29 8.29
CA ASN A 313 -1.31 62.01 7.27
C ASN A 313 -2.55 62.91 7.29
N GLY A 314 -2.61 63.93 8.17
CA GLY A 314 -3.68 64.94 8.06
C GLY A 314 -4.44 65.36 9.30
N LEU A 315 -4.21 64.69 10.43
CA LEU A 315 -4.91 65.02 11.65
C LEU A 315 -4.40 66.30 12.21
N ASP A 316 -5.30 67.18 12.66
CA ASP A 316 -4.87 68.39 13.38
C ASP A 316 -5.02 68.37 14.89
N VAL A 317 -6.05 67.66 15.39
CA VAL A 317 -6.40 67.69 16.80
C VAL A 317 -6.74 66.30 17.38
N ALA A 318 -6.02 65.92 18.42
CA ALA A 318 -6.21 64.66 19.06
C ALA A 318 -7.25 64.84 20.15
N MET A 319 -8.40 64.19 20.00
CA MET A 319 -9.47 64.26 21.03
C MET A 319 -9.89 62.87 21.43
N PRO A 320 -10.18 62.68 22.71
CA PRO A 320 -10.28 63.71 23.73
C PRO A 320 -9.04 63.87 24.60
N GLY A 321 -7.96 63.17 24.29
CA GLY A 321 -6.69 63.35 24.97
C GLY A 321 -6.73 62.86 26.42
N LYS A 322 -6.59 63.79 27.35
CA LYS A 322 -6.56 63.47 28.75
C LYS A 322 -7.95 63.29 29.34
N GLY A 323 -9.00 63.68 28.61
CA GLY A 323 -10.35 63.39 29.02
C GLY A 323 -10.72 61.95 28.89
N PHE A 324 -11.76 61.57 29.62
CA PHE A 324 -12.20 60.20 29.69
C PHE A 324 -11.10 59.29 30.13
N LEU A 325 -10.34 59.75 31.11
CA LEU A 325 -9.29 58.97 31.76
C LEU A 325 -8.15 58.60 30.82
N GLY A 326 -8.04 59.31 29.70
CA GLY A 326 -7.14 58.89 28.62
C GLY A 326 -7.40 57.50 28.04
N ALA A 327 -8.61 56.99 28.23
CA ALA A 327 -8.95 55.64 27.86
C ALA A 327 -9.18 55.45 26.39
N LEU A 328 -9.38 56.53 25.63
CA LEU A 328 -9.64 56.45 24.21
C LEU A 328 -8.39 56.78 23.43
N GLY A 329 -7.24 56.47 23.98
CA GLY A 329 -5.99 56.85 23.35
C GLY A 329 -5.57 58.29 23.64
N ASP A 330 -4.25 58.49 23.73
CA ASP A 330 -3.65 59.78 24.06
C ASP A 330 -2.27 59.77 23.42
N PHE A 331 -2.28 59.82 22.10
CA PHE A 331 -1.12 59.50 21.28
C PHE A 331 -0.15 60.67 21.02
N TRP A 332 -0.56 61.91 21.39
CA TRP A 332 0.17 63.13 21.07
C TRP A 332 0.28 64.12 22.23
N GLY A 333 0.60 63.76 23.44
CA GLY A 333 0.69 64.97 24.32
C GLY A 333 2.15 65.30 24.48
N ALA A 334 2.61 64.90 25.65
CA ALA A 334 3.99 64.68 25.91
C ALA A 334 4.58 63.83 24.77
N THR A 335 3.84 62.85 24.23
CA THR A 335 4.38 62.04 23.14
C THR A 335 4.68 62.83 21.88
N LEU A 336 3.89 63.85 21.58
CA LEU A 336 4.16 64.65 20.40
C LEU A 336 5.34 65.64 20.60
N VAL A 337 5.49 66.19 21.81
CA VAL A 337 6.70 66.93 22.22
C VAL A 337 8.01 66.18 21.93
N GLU A 338 8.08 64.95 22.39
CA GLU A 338 9.25 64.08 22.20
C GLU A 338 9.46 63.76 20.73
N LEU A 339 8.38 63.62 19.96
CA LEU A 339 8.50 63.33 18.55
C LEU A 339 9.09 64.52 17.73
N ILE A 340 8.80 65.75 18.16
CA ILE A 340 9.30 66.95 17.48
C ILE A 340 10.76 67.12 17.88
N ASN A 341 10.98 67.14 19.19
CA ASN A 341 12.29 67.28 19.80
C ASN A 341 13.31 66.24 19.39
N ASN A 342 12.91 64.99 19.17
CA ASN A 342 13.85 63.97 18.68
C ASN A 342 13.95 63.82 17.17
N GLY A 343 13.34 64.71 16.40
CA GLY A 343 13.51 64.71 14.95
C GLY A 343 12.54 63.88 14.15
N THR A 344 11.59 63.21 14.80
CA THR A 344 10.68 62.31 14.07
C THR A 344 9.53 63.02 13.31
N VAL A 345 8.89 64.01 13.92
CA VAL A 345 7.83 64.82 13.24
C VAL A 345 8.30 66.27 13.22
N SER A 346 8.22 66.94 12.07
CA SER A 346 8.74 68.28 11.98
C SER A 346 7.86 69.30 12.70
N GLU A 347 8.51 70.23 13.37
CA GLU A 347 7.80 71.30 13.97
C GLU A 347 6.92 72.02 12.94
N ASP A 348 7.38 72.08 11.70
CA ASP A 348 6.61 72.75 10.66
C ASP A 348 5.23 72.17 10.59
N LEU A 349 5.19 70.84 10.57
CA LEU A 349 3.95 70.08 10.38
C LEU A 349 2.95 70.41 11.51
N VAL A 350 3.44 70.47 12.75
CA VAL A 350 2.56 70.72 13.93
C VAL A 350 2.16 72.18 14.02
N ARG A 351 3.01 73.07 13.52
CA ARG A 351 2.65 74.47 13.40
C ARG A 351 1.42 74.68 12.50
N ASP A 352 1.33 73.93 11.42
CA ASP A 352 0.19 73.97 10.51
C ASP A 352 -1.12 73.52 11.20
N LYS A 353 -1.00 72.47 12.03
CA LYS A 353 -2.10 71.99 12.83
C LYS A 353 -2.58 73.11 13.74
N ALA A 354 -1.65 73.74 14.44
CA ALA A 354 -2.02 74.80 15.37
C ALA A 354 -2.59 76.02 14.67
N VAL A 355 -2.12 76.32 13.48
CA VAL A 355 -2.61 77.47 12.72
C VAL A 355 -4.04 77.19 12.31
N ARG A 356 -4.29 75.93 11.90
CA ARG A 356 -5.65 75.50 11.46
C ARG A 356 -6.68 75.57 12.60
N ILE A 357 -6.25 75.17 13.80
CA ILE A 357 -7.06 75.36 15.01
C ILE A 357 -7.38 76.83 15.32
N LEU A 358 -6.33 77.66 15.32
CA LEU A 358 -6.48 79.06 15.70
C LEU A 358 -7.15 79.94 14.65
N THR A 359 -7.20 79.51 13.38
CA THR A 359 -7.87 80.30 12.33
C THR A 359 -9.35 80.52 12.73
N GLY A 360 -10.08 79.43 13.03
CA GLY A 360 -11.48 79.52 13.47
C GLY A 360 -11.68 80.55 14.57
N TYR A 361 -10.81 80.47 15.57
CA TYR A 361 -10.86 81.32 16.76
C TYR A 361 -10.84 82.82 16.44
N TYR A 362 -9.91 83.19 15.56
CA TYR A 362 -9.75 84.58 15.12
C TYR A 362 -10.83 85.02 14.09
N TYR A 363 -11.17 84.13 13.16
CA TYR A 363 -12.20 84.45 12.17
C TYR A 363 -13.56 84.77 12.81
N LEU A 364 -13.96 84.06 13.87
CA LEU A 364 -15.23 84.33 14.60
C LEU A 364 -15.12 85.32 15.78
N GLY A 365 -13.99 86.01 15.88
CA GLY A 365 -13.82 87.04 16.88
C GLY A 365 -13.99 86.56 18.30
N GLN A 366 -13.60 85.31 18.55
CA GLN A 366 -13.66 84.72 19.90
C GLN A 366 -12.55 85.26 20.82
N ASP A 367 -11.51 85.86 20.23
CA ASP A 367 -10.51 86.65 20.96
C ASP A 367 -11.06 87.96 21.47
N THR A 368 -11.73 88.72 20.62
CA THR A 368 -12.22 90.01 21.02
C THR A 368 -13.63 89.96 21.60
N ASN A 369 -14.34 88.85 21.36
CA ASN A 369 -15.71 88.66 21.86
C ASN A 369 -15.84 87.26 22.40
N PRO A 370 -15.23 87.00 23.56
CA PRO A 370 -15.17 85.62 24.01
C PRO A 370 -16.52 85.02 24.37
N PRO A 371 -16.71 83.72 24.11
CA PRO A 371 -17.93 83.14 24.66
C PRO A 371 -17.91 83.25 26.19
N PRO A 372 -19.08 83.24 26.83
CA PRO A 372 -19.13 83.13 28.28
C PRO A 372 -18.51 81.82 28.79
N PRO A 373 -18.29 81.69 30.10
CA PRO A 373 -17.80 80.42 30.66
C PRO A 373 -18.81 79.29 30.52
N PHE A 374 -18.36 78.06 30.37
CA PHE A 374 -19.23 76.93 30.17
C PHE A 374 -19.35 76.34 31.53
N VAL A 375 -20.55 75.94 31.89
CA VAL A 375 -20.91 75.79 33.27
C VAL A 375 -21.42 74.39 33.66
N TYR A 376 -21.65 73.49 32.70
CA TYR A 376 -22.24 72.21 33.01
C TYR A 376 -21.23 71.06 32.87
N ASN A 377 -21.18 70.19 33.87
CA ASN A 377 -20.49 68.91 33.71
C ASN A 377 -21.24 68.00 32.75
N THR A 378 -20.84 67.99 31.49
CA THR A 378 -21.47 67.14 30.49
C THR A 378 -20.79 65.82 30.31
N ILE A 379 -19.71 65.55 31.05
CA ILE A 379 -19.01 64.24 30.99
C ILE A 379 -19.72 63.21 31.90
N GLY A 380 -19.88 63.57 33.16
CA GLY A 380 -20.61 62.80 34.14
C GLY A 380 -19.68 62.08 35.10
N ALA A 381 -20.07 62.09 36.37
CA ALA A 381 -19.39 61.32 37.41
C ALA A 381 -19.64 59.84 37.15
N PRO A 382 -18.74 58.93 37.50
CA PRO A 382 -17.43 59.21 38.12
C PRO A 382 -16.27 59.55 37.15
N THR A 383 -16.52 59.56 35.84
CA THR A 383 -15.50 59.97 34.86
C THR A 383 -14.95 61.41 35.07
N LEU A 384 -15.82 62.35 35.40
CA LEU A 384 -15.42 63.67 35.85
C LEU A 384 -16.36 64.06 36.99
N ASN A 385 -15.77 64.31 38.14
CA ASN A 385 -16.45 64.68 39.36
C ASN A 385 -16.36 66.19 39.46
N ALA A 386 -17.34 66.90 38.93
CA ALA A 386 -17.35 68.36 39.03
C ALA A 386 -18.80 68.82 39.08
N THR A 387 -19.06 69.86 39.87
CA THR A 387 -20.42 70.36 40.04
C THR A 387 -20.84 71.13 38.81
N SER A 388 -22.13 71.33 38.61
CA SER A 388 -22.58 72.14 37.50
C SER A 388 -23.15 73.42 38.06
N GLY A 389 -23.00 74.51 37.31
CA GLY A 389 -23.73 75.73 37.58
C GLY A 389 -25.08 75.72 36.84
N TYR A 390 -25.59 76.91 36.53
CA TYR A 390 -26.88 77.02 35.83
C TYR A 390 -26.92 78.25 34.98
N ARG A 391 -27.36 78.09 33.73
CA ARG A 391 -27.62 79.24 32.85
C ARG A 391 -28.79 78.88 31.97
N ASN A 392 -29.63 79.89 31.68
CA ASN A 392 -30.81 79.77 30.86
C ASN A 392 -30.58 80.59 29.62
N VAL A 393 -30.69 79.95 28.50
CA VAL A 393 -30.25 80.47 27.22
C VAL A 393 -31.44 80.44 26.25
N ARG A 394 -32.58 79.90 26.70
CA ARG A 394 -33.81 79.88 25.85
C ARG A 394 -34.38 81.28 25.59
N LYS A 395 -34.28 81.72 24.35
CA LYS A 395 -34.79 83.00 23.92
C LYS A 395 -36.24 82.91 23.39
N PRO A 396 -37.02 84.00 23.55
CA PRO A 396 -38.34 84.02 22.91
C PRO A 396 -38.14 83.83 21.42
N GLY A 397 -39.09 83.15 20.79
CA GLY A 397 -38.94 82.79 19.38
C GLY A 397 -38.43 81.37 19.11
N THR A 398 -37.68 80.76 20.03
CA THR A 398 -37.14 79.45 19.77
C THR A 398 -38.18 78.30 19.80
N ALA A 399 -38.96 78.26 20.86
CA ALA A 399 -40.05 77.27 20.94
C ALA A 399 -40.89 77.29 19.64
N GLU A 400 -41.30 78.46 19.15
CA GLU A 400 -42.13 78.53 17.94
C GLU A 400 -41.39 78.12 16.64
N LEU A 401 -40.10 78.40 16.54
CA LEU A 401 -39.28 77.85 15.46
C LEU A 401 -39.22 76.31 15.55
N ILE A 402 -38.99 75.76 16.73
CA ILE A 402 -39.02 74.28 16.86
C ILE A 402 -40.40 73.71 16.39
N LYS A 403 -41.49 74.38 16.79
CA LYS A 403 -42.82 74.05 16.36
C LYS A 403 -42.98 74.05 14.86
N GLU A 404 -42.65 75.18 14.26
CA GLU A 404 -42.75 75.41 12.80
C GLU A 404 -42.01 74.35 12.00
N ILE A 405 -40.83 73.94 12.45
CA ILE A 405 -40.08 72.84 11.83
C ILE A 405 -40.87 71.53 11.86
N GLY A 406 -41.48 71.23 13.02
CA GLY A 406 -42.39 70.09 13.16
C GLY A 406 -43.55 70.16 12.18
N SER A 407 -44.27 71.27 12.18
CA SER A 407 -45.45 71.43 11.31
C SER A 407 -45.14 71.34 9.84
N ALA A 408 -43.94 71.82 9.47
CA ALA A 408 -43.44 71.81 8.10
C ALA A 408 -42.88 70.47 7.68
N SER A 409 -42.44 69.67 8.64
CA SER A 409 -41.81 68.37 8.39
C SER A 409 -42.79 67.20 8.32
N VAL A 410 -43.85 67.24 9.14
CA VAL A 410 -44.71 66.06 9.26
C VAL A 410 -45.25 65.67 7.87
N THR A 411 -45.05 64.39 7.52
CA THR A 411 -45.22 63.89 6.17
C THR A 411 -46.39 62.92 6.09
N LEU A 412 -47.43 63.31 5.32
CA LEU A 412 -48.66 62.52 5.13
C LEU A 412 -48.43 61.43 4.08
N LEU A 413 -48.48 60.17 4.48
CA LEU A 413 -48.21 59.04 3.59
C LEU A 413 -49.47 58.36 3.02
N LYS A 414 -50.56 58.35 3.80
CA LYS A 414 -51.83 57.80 3.37
C LYS A 414 -52.95 58.71 3.91
N ASN A 415 -53.89 59.08 3.03
CA ASN A 415 -55.10 59.76 3.45
C ASN A 415 -56.25 59.33 2.57
N THR A 416 -57.05 58.46 3.16
CA THR A 416 -58.22 57.85 2.58
C THR A 416 -59.47 58.75 2.67
N GLY A 417 -59.39 59.86 3.42
CA GLY A 417 -60.51 60.78 3.65
C GLY A 417 -60.72 61.25 5.09
N SER A 418 -60.08 60.60 6.05
CA SER A 418 -60.26 60.89 7.46
C SER A 418 -59.58 62.18 7.91
N LEU A 419 -58.66 62.75 7.11
CA LEU A 419 -58.04 64.03 7.47
C LEU A 419 -58.23 65.12 6.41
N PRO A 420 -58.25 66.39 6.79
CA PRO A 420 -58.09 66.86 8.17
C PRO A 420 -59.33 66.52 9.02
N LEU A 421 -59.12 66.40 10.32
CA LEU A 421 -60.24 66.26 11.21
C LEU A 421 -61.08 67.54 11.18
N LYS A 422 -62.34 67.41 11.53
CA LYS A 422 -63.22 68.55 11.65
C LYS A 422 -63.39 68.82 13.15
N HIS A 423 -64.35 68.13 13.79
CA HIS A 423 -64.64 68.34 15.21
C HIS A 423 -65.18 67.05 15.83
N PRO A 424 -64.44 65.95 15.73
CA PRO A 424 -64.94 64.69 16.32
C PRO A 424 -65.22 64.82 17.80
N GLN A 425 -66.17 64.03 18.31
CA GLN A 425 -66.61 64.15 19.71
C GLN A 425 -65.96 63.15 20.68
N ARG A 426 -65.49 62.05 20.14
CA ARG A 426 -64.97 60.95 20.95
C ARG A 426 -63.68 60.50 20.28
N ILE A 427 -62.57 60.74 20.99
CA ILE A 427 -61.25 60.46 20.48
C ILE A 427 -60.63 59.38 21.35
N ALA A 428 -60.03 58.37 20.74
CA ALA A 428 -59.21 57.44 21.45
C ALA A 428 -57.78 57.63 20.98
N VAL A 429 -56.87 57.38 21.89
CA VAL A 429 -55.46 57.47 21.60
C VAL A 429 -54.77 56.22 22.12
N LEU A 430 -53.92 55.63 21.29
CA LEU A 430 -53.11 54.45 21.63
C LEU A 430 -51.63 54.74 21.50
N GLY A 431 -50.85 54.29 22.48
CA GLY A 431 -49.42 54.20 22.35
C GLY A 431 -48.75 55.07 23.37
N ASN A 432 -47.70 54.50 23.95
CA ASN A 432 -46.92 55.21 24.92
C ASN A 432 -46.19 56.41 24.28
N ASP A 433 -45.90 56.30 22.99
CA ASP A 433 -45.39 57.43 22.25
C ASP A 433 -46.25 58.71 22.27
N ALA A 434 -47.53 58.59 22.63
CA ALA A 434 -48.41 59.74 22.80
C ALA A 434 -48.16 60.56 24.07
N THR A 435 -47.46 60.01 25.07
CA THR A 435 -47.25 60.70 26.35
C THR A 435 -45.76 60.81 26.81
N TYR A 436 -45.56 61.21 28.06
CA TYR A 436 -44.27 61.35 28.71
C TYR A 436 -43.54 60.05 28.89
N ASN A 437 -42.20 60.13 28.86
CA ASN A 437 -41.34 59.14 29.49
C ASN A 437 -41.78 59.03 30.92
N VAL A 438 -42.05 57.82 31.38
CA VAL A 438 -42.55 57.67 32.76
C VAL A 438 -41.52 57.97 33.85
N LEU A 439 -40.24 58.12 33.48
CA LEU A 439 -39.15 58.45 34.45
C LEU A 439 -38.68 59.91 34.29
N GLY A 440 -39.27 60.63 33.34
CA GLY A 440 -38.91 62.01 33.08
C GLY A 440 -38.27 62.12 31.71
N PRO A 441 -38.45 63.27 31.04
CA PRO A 441 -37.91 63.46 29.67
C PRO A 441 -36.39 63.27 29.50
N ASN A 442 -35.61 63.63 30.53
CA ASN A 442 -34.17 63.39 30.55
C ASN A 442 -33.72 62.25 31.43
N ALA A 443 -34.61 61.30 31.69
CA ALA A 443 -34.24 60.19 32.57
C ALA A 443 -33.21 59.27 31.94
N CYS A 444 -33.14 59.21 30.61
CA CYS A 444 -32.21 58.36 29.94
C CYS A 444 -30.76 58.89 29.96
N GLY A 445 -30.55 60.08 30.53
CA GLY A 445 -29.24 60.57 30.83
C GLY A 445 -28.66 61.53 29.78
N LEU A 446 -27.35 61.71 29.88
CA LEU A 446 -26.60 62.72 29.12
C LEU A 446 -26.55 62.45 27.63
N ALA A 447 -26.66 61.20 27.27
CA ALA A 447 -26.68 60.83 25.87
C ALA A 447 -27.95 60.09 25.47
N ASN A 448 -29.01 60.18 26.29
CA ASN A 448 -30.34 59.66 25.93
C ASN A 448 -30.36 58.19 25.60
N SER A 449 -29.53 57.42 26.29
CA SER A 449 -29.27 56.01 25.93
C SER A 449 -29.18 55.07 27.11
N ALA A 450 -29.49 55.58 28.31
CA ALA A 450 -29.27 54.80 29.54
C ALA A 450 -30.56 54.31 30.22
N CYS A 451 -31.77 54.60 29.71
CA CYS A 451 -32.98 53.93 30.25
C CYS A 451 -32.93 52.44 29.97
N ASP A 452 -33.61 51.65 30.79
CA ASP A 452 -33.76 50.21 30.55
C ASP A 452 -34.39 49.87 29.18
N ILE A 453 -34.00 48.75 28.58
CA ILE A 453 -34.54 48.22 27.28
C ILE A 453 -36.09 48.28 27.12
N ASP A 454 -36.84 48.09 28.21
CA ASP A 454 -38.33 48.03 28.19
C ASP A 454 -39.04 49.27 28.78
N ASN A 455 -38.29 50.26 29.23
CA ASN A 455 -38.86 51.51 29.74
C ASN A 455 -39.76 52.15 28.73
N LEU A 456 -40.84 52.72 29.23
CA LEU A 456 -41.74 53.53 28.43
C LEU A 456 -41.14 54.94 28.35
N ASN A 457 -40.35 55.18 27.31
CA ASN A 457 -39.64 56.44 27.11
C ASN A 457 -40.50 57.56 26.59
N GLY A 458 -41.76 57.30 26.23
CA GLY A 458 -42.64 58.37 25.82
C GLY A 458 -42.39 58.77 24.38
N THR A 459 -42.75 59.99 24.01
CA THR A 459 -42.62 60.44 22.63
C THR A 459 -41.17 60.43 22.25
N LEU A 460 -40.87 59.95 21.05
CA LEU A 460 -39.50 59.90 20.54
C LEU A 460 -39.22 61.25 19.90
N THR A 461 -38.68 62.16 20.70
CA THR A 461 -38.42 63.53 20.25
C THR A 461 -37.03 63.70 19.66
N THR A 462 -36.14 62.75 19.97
CA THR A 462 -34.80 62.67 19.40
C THR A 462 -34.29 61.25 19.54
N GLY A 463 -33.15 60.96 18.92
CA GLY A 463 -32.51 59.67 19.07
C GLY A 463 -31.49 59.61 20.20
N GLY A 464 -30.79 58.48 20.28
CA GLY A 464 -29.76 58.27 21.29
C GLY A 464 -28.33 58.53 20.82
N GLY A 465 -27.49 58.91 21.78
CA GLY A 465 -26.07 59.12 21.55
C GLY A 465 -25.59 60.58 21.68
N SER A 466 -24.40 60.79 21.15
CA SER A 466 -23.72 62.07 21.19
C SER A 466 -24.55 63.16 20.48
N GLY A 467 -25.45 62.74 19.59
CA GLY A 467 -26.34 63.67 18.87
C GLY A 467 -27.65 64.09 19.50
N SER A 468 -27.90 63.66 20.72
CA SER A 468 -29.16 63.94 21.45
C SER A 468 -28.98 65.20 22.30
N ALA A 469 -30.00 65.61 23.03
CA ALA A 469 -29.85 66.71 23.98
C ALA A 469 -31.00 66.67 24.95
N LEU A 470 -30.84 67.34 26.08
CA LEU A 470 -31.87 67.46 27.10
C LEU A 470 -33.03 68.35 26.63
N SER A 471 -34.12 68.30 27.38
CA SER A 471 -35.41 68.93 27.03
C SER A 471 -35.86 69.65 28.30
N PRO A 472 -36.32 70.91 28.19
CA PRO A 472 -36.92 71.57 29.36
C PRO A 472 -38.31 71.01 29.72
N TYR A 473 -38.94 70.37 28.75
CA TYR A 473 -40.28 69.77 28.88
C TYR A 473 -40.54 69.01 27.61
N THR A 474 -41.62 68.27 27.58
CA THR A 474 -42.07 67.74 26.31
C THR A 474 -43.57 67.96 26.16
N ILE A 475 -43.98 68.51 25.03
CA ILE A 475 -45.40 68.73 24.75
C ILE A 475 -45.89 67.49 24.06
N THR A 476 -46.62 66.68 24.80
CA THR A 476 -46.95 65.36 24.33
C THR A 476 -48.06 65.49 23.27
N PRO A 477 -48.05 64.62 22.27
CA PRO A 477 -49.18 64.51 21.37
C PRO A 477 -50.54 64.48 22.10
N LEU A 478 -50.65 63.71 23.17
CA LEU A 478 -51.90 63.53 23.88
C LEU A 478 -52.37 64.83 24.48
N GLU A 479 -51.46 65.59 25.02
CA GLU A 479 -51.79 66.87 25.65
C GLU A 479 -52.23 67.93 24.63
N ALA A 480 -51.54 67.99 23.50
CA ALA A 480 -52.01 68.83 22.39
C ALA A 480 -53.40 68.38 21.88
N LEU A 481 -53.62 67.08 21.80
CA LEU A 481 -54.91 66.55 21.31
C LEU A 481 -56.03 66.81 22.32
N GLN A 482 -55.71 66.64 23.60
CA GLN A 482 -56.65 66.98 24.63
C GLN A 482 -57.09 68.43 24.59
N LYS A 483 -56.15 69.32 24.30
CA LYS A 483 -56.40 70.76 24.32
C LYS A 483 -57.44 71.12 23.27
N ARG A 484 -57.23 70.56 22.10
CA ARG A 484 -58.12 70.73 21.00
C ARG A 484 -59.49 70.09 21.31
N ALA A 485 -59.50 68.87 21.86
CA ALA A 485 -60.72 68.17 22.22
C ALA A 485 -61.56 68.92 23.22
N ILE A 486 -60.94 69.52 24.22
CA ILE A 486 -61.65 70.45 25.09
C ILE A 486 -62.33 71.63 24.36
N GLU A 487 -61.64 72.22 23.39
CA GLU A 487 -62.15 73.34 22.60
C GLU A 487 -63.40 72.91 21.84
N ASP A 488 -63.46 71.64 21.44
CA ASP A 488 -64.60 71.05 20.73
C ASP A 488 -65.73 70.47 21.62
N ASN A 489 -65.61 70.64 22.95
CA ASN A 489 -66.47 69.99 23.93
C ASN A 489 -66.59 68.46 23.69
N ALA A 490 -65.45 67.87 23.36
CA ALA A 490 -65.30 66.45 23.06
C ALA A 490 -64.75 65.71 24.27
N GLU A 491 -64.70 64.39 24.18
CA GLU A 491 -63.98 63.55 25.15
C GLU A 491 -62.85 62.79 24.47
N ILE A 492 -61.89 62.39 25.28
CA ILE A 492 -60.66 61.84 24.80
C ILE A 492 -60.08 60.97 25.88
N ALA A 493 -59.62 59.81 25.47
CA ALA A 493 -59.02 58.85 26.35
C ALA A 493 -57.89 58.10 25.63
N ALA A 494 -56.85 57.79 26.42
CA ALA A 494 -55.62 57.24 25.91
C ALA A 494 -55.20 56.02 26.73
N VAL A 495 -54.85 54.94 26.04
CA VAL A 495 -54.17 53.82 26.65
C VAL A 495 -52.67 53.95 26.32
N VAL A 496 -51.89 54.30 27.34
CA VAL A 496 -50.45 54.58 27.16
C VAL A 496 -49.51 53.58 27.83
N ALA A 497 -50.07 52.54 28.42
CA ALA A 497 -49.29 51.43 28.94
C ALA A 497 -48.75 50.53 27.80
N ASN A 498 -47.83 49.65 28.17
CA ASN A 498 -47.34 48.60 27.28
C ASN A 498 -48.44 47.58 27.23
N SER A 499 -49.06 47.55 26.06
CA SER A 499 -50.26 46.79 25.85
C SER A 499 -50.03 45.28 25.99
N ASN A 500 -48.82 44.83 25.73
CA ASN A 500 -48.46 43.41 25.81
C ASN A 500 -48.26 42.89 27.26
N THR A 501 -47.89 43.76 28.20
CA THR A 501 -47.50 43.34 29.58
C THR A 501 -48.25 43.97 30.73
N THR A 502 -49.17 44.90 30.49
CA THR A 502 -49.91 45.51 31.60
C THR A 502 -51.28 44.85 31.72
N THR A 503 -51.67 44.47 32.94
CA THR A 503 -52.90 43.73 33.12
C THR A 503 -54.03 44.73 32.79
N GLY A 504 -54.97 44.28 31.95
CA GLY A 504 -56.17 45.06 31.57
C GLY A 504 -56.00 45.87 30.29
N ALA A 505 -54.79 45.99 29.77
CA ALA A 505 -54.56 46.96 28.70
C ALA A 505 -55.33 46.53 27.45
N GLU A 506 -55.29 45.25 27.11
CA GLU A 506 -56.00 44.82 25.90
C GLU A 506 -57.51 44.96 26.05
N ASP A 507 -58.05 44.66 27.26
CA ASP A 507 -59.49 44.82 27.53
C ASP A 507 -59.86 46.27 27.54
N ALA A 508 -58.99 47.14 28.06
CA ALA A 508 -59.27 48.57 28.01
C ALA A 508 -59.36 49.11 26.57
N ILE A 509 -58.51 48.59 25.69
CA ILE A 509 -58.47 49.01 24.27
C ILE A 509 -59.72 48.51 23.54
N ALA A 510 -59.99 47.21 23.66
CA ALA A 510 -61.21 46.59 23.16
C ALA A 510 -62.51 47.38 23.54
N ALA A 511 -62.63 47.81 24.80
CA ALA A 511 -63.78 48.64 25.26
C ALA A 511 -63.76 50.05 24.70
N LEU A 512 -62.59 50.65 24.54
CA LEU A 512 -62.56 52.07 24.20
C LEU A 512 -62.77 52.33 22.70
N LEU A 513 -62.04 51.62 21.86
CA LEU A 513 -62.04 51.90 20.43
C LEU A 513 -63.38 51.90 19.65
N PRO A 514 -64.31 50.95 19.92
CA PRO A 514 -65.49 50.84 19.02
C PRO A 514 -66.39 52.04 18.98
N ASP A 515 -66.54 52.77 20.09
CA ASP A 515 -67.34 54.01 20.09
C ASP A 515 -66.55 55.31 19.79
N ALA A 516 -65.26 55.23 19.50
CA ALA A 516 -64.47 56.43 19.19
C ALA A 516 -64.73 56.82 17.75
N ASP A 517 -64.93 58.11 17.50
CA ASP A 517 -65.09 58.61 16.13
C ASP A 517 -63.80 58.48 15.33
N VAL A 518 -62.66 58.54 16.05
CA VAL A 518 -61.33 58.41 15.47
C VAL A 518 -60.35 57.83 16.51
N THR A 519 -59.46 56.97 16.04
CA THR A 519 -58.44 56.36 16.90
C THR A 519 -57.05 56.76 16.42
N PHE A 520 -56.32 57.50 17.23
CA PHE A 520 -54.92 57.78 16.95
C PHE A 520 -54.02 56.71 17.51
N VAL A 521 -53.19 56.09 16.67
CA VAL A 521 -52.09 55.25 17.19
C VAL A 521 -50.71 55.89 16.97
N PHE A 522 -49.98 56.05 18.07
CA PHE A 522 -48.69 56.68 18.09
C PHE A 522 -47.67 55.57 18.22
N LEU A 523 -46.78 55.48 17.22
CA LEU A 523 -45.75 54.43 17.14
C LEU A 523 -44.35 55.08 17.14
N ASN A 524 -43.37 54.39 17.67
CA ASN A 524 -41.99 54.87 17.57
C ASN A 524 -41.00 53.78 17.27
N ARG A 525 -39.75 54.19 17.04
CA ARG A 525 -38.62 53.31 16.78
C ARG A 525 -37.30 54.08 17.14
N TYR A 526 -36.90 53.93 18.39
CA TYR A 526 -35.60 54.38 18.89
C TYR A 526 -34.46 53.65 18.22
N SER A 527 -33.47 54.44 17.82
CA SER A 527 -32.12 53.93 17.61
C SER A 527 -31.13 54.92 18.21
N GLU A 528 -29.91 54.43 18.34
CA GLU A 528 -28.80 55.18 18.92
C GLU A 528 -27.46 54.95 18.20
N GLU A 529 -26.56 55.90 18.36
CA GLU A 529 -25.17 55.69 17.96
C GLU A 529 -24.65 54.48 18.67
N GLY A 530 -23.81 53.74 17.97
CA GLY A 530 -23.10 52.60 18.56
C GLY A 530 -23.62 51.26 18.12
N ALA A 531 -24.80 51.22 17.49
CA ALA A 531 -25.42 50.01 17.01
C ALA A 531 -26.33 50.36 15.88
N ASP A 532 -26.52 49.42 14.96
CA ASP A 532 -27.47 49.58 13.84
C ASP A 532 -28.73 48.83 14.17
N ALA A 533 -29.86 49.32 13.66
CA ALA A 533 -31.12 48.68 13.97
C ALA A 533 -31.05 47.28 13.33
N PRO A 534 -31.47 46.22 14.05
CA PRO A 534 -31.40 44.86 13.46
C PRO A 534 -32.33 44.69 12.29
N ASP A 535 -33.42 45.44 12.25
CA ASP A 535 -34.42 45.34 11.18
C ASP A 535 -35.32 46.58 11.21
N PHE A 536 -36.39 46.57 10.43
CA PHE A 536 -37.35 47.65 10.38
C PHE A 536 -38.48 47.55 11.40
N SER A 537 -38.41 46.58 12.32
CA SER A 537 -39.51 46.36 13.23
C SER A 537 -39.78 47.57 14.09
N LEU A 538 -41.03 47.76 14.44
CA LEU A 538 -41.42 48.86 15.33
C LEU A 538 -40.84 48.63 16.72
N GLY A 539 -40.60 49.71 17.45
CA GLY A 539 -40.18 49.60 18.84
C GLY A 539 -41.35 49.28 19.78
N GLY A 540 -41.01 48.91 21.01
CA GLY A 540 -42.02 48.55 21.99
C GLY A 540 -43.09 47.64 21.42
N ASP A 541 -44.33 48.02 21.68
CA ASP A 541 -45.45 47.14 21.44
C ASP A 541 -46.19 47.64 20.22
N GLY A 542 -45.44 48.22 19.27
CA GLY A 542 -46.01 48.81 18.10
C GLY A 542 -46.86 47.84 17.32
N ASP A 543 -46.33 46.64 17.07
CA ASP A 543 -47.03 45.61 16.29
C ASP A 543 -48.39 45.23 16.95
N ASN A 544 -48.34 44.94 18.24
CA ASN A 544 -49.52 44.65 19.03
C ASN A 544 -50.56 45.79 18.98
N LEU A 545 -50.12 47.02 19.17
CA LEU A 545 -51.02 48.18 19.13
C LEU A 545 -51.74 48.26 17.79
N MET A 546 -51.00 48.12 16.71
CA MET A 546 -51.62 48.12 15.39
C MET A 546 -52.60 46.96 15.16
N ASP A 547 -52.26 45.74 15.62
CA ASP A 547 -53.19 44.62 15.52
C ASP A 547 -54.49 44.91 16.24
N LEU A 548 -54.41 45.39 17.46
CA LEU A 548 -55.60 45.65 18.25
C LEU A 548 -56.46 46.72 17.64
N ALA A 549 -55.82 47.76 17.11
CA ALA A 549 -56.51 48.95 16.64
C ALA A 549 -57.31 48.67 15.42
N VAL A 550 -56.76 47.87 14.51
CA VAL A 550 -57.54 47.48 13.34
C VAL A 550 -58.67 46.48 13.65
N THR A 551 -58.51 45.67 14.69
CA THR A 551 -59.56 44.79 15.07
C THR A 551 -60.78 45.54 15.64
N TYR A 552 -60.58 46.65 16.35
CA TYR A 552 -61.66 47.38 17.00
C TYR A 552 -62.06 48.74 16.49
N SER A 553 -61.46 49.19 15.39
CA SER A 553 -61.75 50.54 14.84
C SER A 553 -61.49 50.52 13.38
N SER A 554 -62.40 51.15 12.64
CA SER A 554 -62.26 51.33 11.19
C SER A 554 -61.94 52.77 10.76
N ASN A 555 -61.57 53.65 11.70
CA ASN A 555 -60.97 54.92 11.36
C ASN A 555 -59.70 55.14 12.22
N VAL A 556 -58.64 54.36 11.92
CA VAL A 556 -57.36 54.43 12.64
C VAL A 556 -56.39 55.40 11.94
N VAL A 557 -55.91 56.38 12.68
CA VAL A 557 -54.91 57.35 12.19
C VAL A 557 -53.61 57.06 12.92
N VAL A 558 -52.57 56.71 12.16
CA VAL A 558 -51.25 56.28 12.65
C VAL A 558 -50.19 57.37 12.51
N VAL A 559 -49.58 57.79 13.62
CA VAL A 559 -48.49 58.75 13.64
C VAL A 559 -47.21 58.06 14.12
N ILE A 560 -46.16 58.23 13.32
CA ILE A 560 -44.89 57.53 13.58
C ILE A 560 -43.76 58.52 13.90
N HIS A 561 -43.20 58.40 15.09
CA HIS A 561 -42.02 59.16 15.49
C HIS A 561 -40.89 58.17 15.41
N THR A 562 -39.89 58.44 14.55
CA THR A 562 -38.87 57.43 14.19
C THR A 562 -37.50 58.03 13.79
N THR A 563 -36.44 57.23 13.98
CA THR A 563 -35.09 57.56 13.48
C THR A 563 -34.85 57.10 12.05
N GLY A 564 -35.79 56.33 11.50
CA GLY A 564 -35.67 55.83 10.13
C GLY A 564 -36.88 55.03 9.68
N VAL A 565 -36.73 54.38 8.55
CA VAL A 565 -37.82 53.61 7.99
C VAL A 565 -38.23 52.47 8.91
N VAL A 566 -39.54 52.25 9.04
CA VAL A 566 -40.08 51.07 9.74
C VAL A 566 -40.99 50.15 8.89
N ASP A 567 -41.25 48.98 9.45
CA ASP A 567 -42.09 47.97 8.83
C ASP A 567 -43.52 48.13 9.29
N ILE A 568 -44.36 48.61 8.38
CA ILE A 568 -45.79 48.69 8.55
C ILE A 568 -46.55 47.92 7.44
N GLU A 569 -45.91 46.96 6.77
CA GLU A 569 -46.53 46.20 5.67
C GLU A 569 -47.84 45.46 6.05
N LYS A 570 -47.89 44.99 7.29
CA LYS A 570 -49.03 44.30 7.83
C LYS A 570 -50.32 45.14 7.97
N TRP A 571 -50.20 46.48 7.93
CA TRP A 571 -51.32 47.43 8.21
C TRP A 571 -51.55 48.48 7.18
N ALA A 572 -50.53 48.74 6.35
CA ALA A 572 -50.52 49.89 5.46
C ALA A 572 -51.69 49.86 4.50
N ASP A 573 -52.05 48.66 4.05
CA ASP A 573 -53.12 48.46 3.04
C ASP A 573 -54.50 48.11 3.60
N ASN A 574 -54.61 48.02 4.92
CA ASN A 574 -55.87 47.79 5.61
C ASN A 574 -56.75 49.05 5.46
N PRO A 575 -58.01 48.92 4.99
CA PRO A 575 -58.92 50.10 4.90
C PRO A 575 -59.24 50.80 6.25
N ASN A 576 -59.07 50.07 7.34
CA ASN A 576 -59.27 50.59 8.67
C ASN A 576 -58.15 51.61 9.06
N VAL A 577 -56.95 51.46 8.51
CA VAL A 577 -55.93 52.47 8.62
C VAL A 577 -56.23 53.53 7.56
N THR A 578 -56.85 54.63 7.98
CA THR A 578 -57.29 55.67 7.09
C THR A 578 -56.25 56.75 6.82
N ALA A 579 -55.29 56.89 7.73
CA ALA A 579 -54.23 57.83 7.49
C ALA A 579 -52.96 57.40 8.20
N ILE A 580 -51.84 57.71 7.56
CA ILE A 580 -50.52 57.42 8.07
C ILE A 580 -49.67 58.67 7.87
N LEU A 581 -49.06 59.15 8.98
CA LEU A 581 -48.10 60.27 9.01
C LEU A 581 -46.83 59.82 9.68
N VAL A 582 -45.70 60.31 9.17
CA VAL A 582 -44.42 60.14 9.85
C VAL A 582 -43.97 61.53 10.28
N ALA A 583 -43.71 61.68 11.58
CA ALA A 583 -43.27 62.95 12.18
C ALA A 583 -41.77 63.01 12.59
N TYR A 584 -41.02 61.95 12.28
CA TYR A 584 -39.59 61.91 12.54
C TYR A 584 -39.23 62.19 14.04
N LEU A 585 -38.38 63.20 14.29
CA LEU A 585 -37.89 63.48 15.63
C LEU A 585 -38.11 64.97 15.83
N PRO A 586 -39.25 65.32 16.36
CA PRO A 586 -39.65 66.71 16.32
C PRO A 586 -39.11 67.60 17.43
N GLY A 587 -38.35 67.07 18.38
CA GLY A 587 -37.90 67.88 19.49
C GLY A 587 -39.02 68.18 20.49
N GLN A 588 -38.83 69.24 21.26
CA GLN A 588 -39.64 69.48 22.45
C GLN A 588 -41.11 69.83 22.13
N GLU A 589 -41.36 70.32 20.94
CA GLU A 589 -42.69 70.73 20.56
C GLU A 589 -43.37 69.63 19.72
N ALA A 590 -43.35 68.41 20.21
CA ALA A 590 -43.87 67.26 19.47
C ALA A 590 -45.35 67.38 19.18
N GLY A 591 -46.12 67.65 20.24
CA GLY A 591 -47.55 67.61 20.12
C GLY A 591 -48.16 68.78 19.41
N ASN A 592 -47.74 69.96 19.81
CA ASN A 592 -48.31 71.19 19.32
C ASN A 592 -47.89 71.50 17.86
N SER A 593 -46.89 70.81 17.31
CA SER A 593 -46.59 70.90 15.86
C SER A 593 -47.42 69.96 15.00
N LEU A 594 -47.88 68.88 15.60
CA LEU A 594 -48.60 67.85 14.88
C LEU A 594 -50.11 68.14 14.85
N VAL A 595 -50.70 68.54 15.98
CA VAL A 595 -52.16 68.72 16.06
C VAL A 595 -52.81 69.69 15.05
N PRO A 596 -52.21 70.86 14.82
CA PRO A 596 -52.65 71.76 13.75
C PRO A 596 -52.66 71.14 12.36
N VAL A 597 -51.73 70.25 12.06
CA VAL A 597 -51.74 69.53 10.80
C VAL A 597 -52.90 68.54 10.81
N LEU A 598 -53.06 67.84 11.93
CA LEU A 598 -54.16 66.86 12.02
C LEU A 598 -55.54 67.54 11.80
N TYR A 599 -55.72 68.73 12.39
CA TYR A 599 -56.97 69.43 12.36
C TYR A 599 -57.20 70.38 11.14
N GLY A 600 -56.28 70.40 10.17
CA GLY A 600 -56.44 71.26 8.98
C GLY A 600 -56.03 72.72 9.12
N ASP A 601 -55.60 73.17 10.31
CA ASP A 601 -55.10 74.54 10.54
C ASP A 601 -54.01 74.92 9.57
N VAL A 602 -53.20 73.93 9.24
CA VAL A 602 -52.19 74.01 8.20
C VAL A 602 -52.07 72.63 7.52
N ALA A 603 -52.05 72.63 6.20
CA ALA A 603 -51.94 71.39 5.45
C ALA A 603 -50.51 70.78 5.51
N PRO A 604 -50.39 69.45 5.51
CA PRO A 604 -49.07 68.85 5.64
C PRO A 604 -48.31 69.10 4.36
N SER A 605 -47.02 69.42 4.49
CA SER A 605 -46.15 69.76 3.38
C SER A 605 -44.77 69.06 3.41
N GLY A 606 -44.55 68.14 4.36
CA GLY A 606 -43.30 67.43 4.44
C GLY A 606 -43.26 66.33 3.42
N LYS A 607 -42.05 65.91 3.03
CA LYS A 607 -41.86 64.79 2.12
C LYS A 607 -40.62 64.03 2.54
N LEU A 608 -40.61 62.76 2.16
CA LEU A 608 -39.65 61.77 2.65
C LEU A 608 -38.25 62.11 2.14
N PRO A 609 -37.28 62.13 3.08
CA PRO A 609 -35.89 62.37 2.72
C PRO A 609 -35.12 61.09 2.43
N TRP A 610 -35.79 59.95 2.43
CA TRP A 610 -35.19 58.73 1.95
C TRP A 610 -36.29 57.91 1.34
N THR A 611 -35.94 56.70 0.92
CA THR A 611 -36.85 55.77 0.31
C THR A 611 -37.42 54.88 1.39
N TRP A 612 -38.72 54.64 1.29
CA TRP A 612 -39.45 53.75 2.16
C TRP A 612 -39.81 52.49 1.36
N GLY A 613 -38.96 51.48 1.50
CA GLY A 613 -39.12 50.21 0.79
C GLY A 613 -39.92 49.24 1.64
N LYS A 614 -40.61 48.33 0.97
CA LYS A 614 -41.50 47.34 1.62
C LYS A 614 -40.70 46.29 2.36
N SER A 615 -39.45 46.08 1.97
CA SER A 615 -38.60 45.13 2.66
C SER A 615 -37.17 45.66 2.75
N ILE A 616 -36.52 45.38 3.87
CA ILE A 616 -35.09 45.60 3.99
C ILE A 616 -34.26 44.94 2.83
N ASP A 617 -34.70 43.78 2.30
CA ASP A 617 -34.08 43.13 1.10
C ASP A 617 -34.07 43.97 -0.21
N ASP A 618 -34.90 45.00 -0.27
CA ASP A 618 -34.98 45.85 -1.46
C ASP A 618 -33.86 46.91 -1.56
N TYR A 619 -33.02 47.05 -0.54
CA TYR A 619 -31.96 48.05 -0.52
C TYR A 619 -30.60 47.49 -0.95
N VAL A 620 -29.63 48.39 -1.08
CA VAL A 620 -28.22 48.07 -1.29
C VAL A 620 -27.84 46.87 -0.41
N PRO A 621 -27.25 45.79 -1.01
CA PRO A 621 -26.87 44.60 -0.18
C PRO A 621 -25.70 44.89 0.78
N ASN A 622 -25.56 44.03 1.78
CA ASN A 622 -24.53 44.18 2.81
C ASN A 622 -24.40 45.61 3.34
N GLY A 623 -25.55 46.21 3.61
CA GLY A 623 -25.66 47.54 4.22
C GLY A 623 -25.05 47.56 5.61
N VAL A 624 -25.18 46.45 6.35
CA VAL A 624 -24.46 46.33 7.62
C VAL A 624 -23.70 45.00 7.66
N VAL A 625 -22.37 45.02 7.81
CA VAL A 625 -21.60 43.79 7.84
C VAL A 625 -21.27 43.42 9.27
N TYR A 626 -21.60 42.18 9.61
CA TYR A 626 -21.45 41.62 10.92
C TYR A 626 -20.38 40.53 10.76
N THR A 627 -19.27 40.70 11.47
CA THR A 627 -18.20 39.74 11.44
C THR A 627 -17.37 39.89 12.69
N ASP A 628 -16.72 38.81 13.07
CA ASP A 628 -15.71 38.79 14.12
C ASP A 628 -14.32 38.83 13.52
N ALA A 629 -14.20 38.82 12.20
CA ALA A 629 -12.90 38.98 11.55
C ALA A 629 -12.15 40.18 12.12
N TYR A 630 -10.88 39.95 12.45
CA TYR A 630 -10.03 41.00 13.00
C TYR A 630 -10.01 42.28 12.16
N SER A 631 -10.05 42.14 10.84
CA SER A 631 -10.00 43.25 9.91
C SER A 631 -11.26 43.19 9.03
N PRO A 632 -12.33 43.79 9.54
CA PRO A 632 -13.62 43.75 8.81
C PRO A 632 -13.68 44.62 7.60
N GLN A 633 -14.32 44.11 6.56
CA GLN A 633 -14.37 44.72 5.24
C GLN A 633 -15.81 45.02 4.84
N SER A 634 -16.02 46.18 4.22
CA SER A 634 -17.28 46.56 3.66
C SER A 634 -16.99 47.15 2.27
N ASN A 635 -17.22 46.37 1.23
CA ASN A 635 -16.94 46.80 -0.12
C ASN A 635 -18.14 47.51 -0.70
N PHE A 636 -17.98 48.72 -1.19
CA PHE A 636 -19.10 49.53 -1.63
C PHE A 636 -19.34 49.19 -3.08
N THR A 637 -19.60 47.91 -3.37
CA THR A 637 -19.67 47.43 -4.76
C THR A 637 -20.82 48.05 -5.55
N GLU A 638 -21.86 48.54 -4.87
CA GLU A 638 -22.93 49.34 -5.49
C GLU A 638 -22.51 50.67 -6.13
N GLY A 639 -21.34 51.18 -5.78
CA GLY A 639 -20.94 52.52 -6.18
C GLY A 639 -21.84 53.66 -5.72
N VAL A 640 -22.22 54.52 -6.65
CA VAL A 640 -23.08 55.65 -6.33
C VAL A 640 -24.56 55.29 -6.08
N PHE A 641 -24.94 54.01 -6.26
CA PHE A 641 -26.35 53.58 -6.21
C PHE A 641 -26.81 53.28 -4.78
N ILE A 642 -27.18 54.31 -4.04
CA ILE A 642 -27.71 54.17 -2.70
C ILE A 642 -29.07 54.83 -2.66
N ASP A 643 -29.92 54.38 -1.77
CA ASP A 643 -31.28 54.87 -1.62
C ASP A 643 -32.05 54.76 -2.90
N TYR A 644 -32.67 55.82 -3.37
CA TYR A 644 -33.45 55.77 -4.56
C TYR A 644 -32.70 55.46 -5.83
N ARG A 645 -31.41 55.69 -5.84
CA ARG A 645 -30.66 55.38 -7.05
C ARG A 645 -30.55 53.86 -7.26
N TRP A 646 -30.36 53.12 -6.18
CA TRP A 646 -30.50 51.67 -6.23
C TRP A 646 -31.89 51.22 -6.76
N PHE A 647 -32.94 51.72 -6.12
CA PHE A 647 -34.32 51.34 -6.44
C PHE A 647 -34.65 51.67 -7.90
N ASP A 648 -34.25 52.87 -8.35
CA ASP A 648 -34.55 53.33 -9.69
C ASP A 648 -33.79 52.45 -10.67
N LYS A 649 -32.50 52.24 -10.46
CA LYS A 649 -31.73 51.45 -11.42
C LYS A 649 -32.14 49.99 -11.48
N MET A 650 -32.55 49.42 -10.34
CA MET A 650 -32.84 47.99 -10.24
C MET A 650 -34.32 47.65 -10.53
N GLY A 651 -35.13 48.65 -10.89
CA GLY A 651 -36.54 48.44 -11.20
C GLY A 651 -37.39 48.04 -9.99
N ILE A 652 -37.00 48.49 -8.80
CA ILE A 652 -37.66 48.09 -7.56
C ILE A 652 -38.61 49.18 -7.15
N THR A 653 -39.83 48.75 -6.79
CA THR A 653 -40.89 49.66 -6.39
C THR A 653 -40.88 49.82 -4.85
N PRO A 654 -40.74 51.08 -4.39
CA PRO A 654 -40.86 51.36 -2.99
C PRO A 654 -42.33 51.54 -2.65
N ARG A 655 -42.64 51.48 -1.36
CA ARG A 655 -43.98 51.78 -0.92
C ARG A 655 -44.20 53.26 -1.05
N TYR A 656 -43.23 54.02 -0.54
CA TYR A 656 -43.20 55.45 -0.71
C TYR A 656 -41.80 55.81 -1.17
N GLU A 657 -41.73 56.62 -2.22
CA GLU A 657 -40.47 56.99 -2.81
C GLU A 657 -39.84 58.19 -2.15
N PHE A 658 -38.53 58.32 -2.39
CA PHE A 658 -37.78 59.49 -2.05
C PHE A 658 -38.54 60.68 -2.64
N GLY A 659 -38.72 61.72 -1.82
CA GLY A 659 -39.37 62.95 -2.23
C GLY A 659 -40.90 62.90 -2.22
N PHE A 660 -41.48 61.83 -1.63
CA PHE A 660 -42.95 61.67 -1.52
C PHE A 660 -43.56 62.23 -0.24
N GLY A 661 -44.69 62.89 -0.39
CA GLY A 661 -45.48 63.34 0.73
C GLY A 661 -46.74 64.00 0.23
N LEU A 662 -47.88 63.66 0.80
CA LEU A 662 -49.19 64.12 0.31
C LEU A 662 -49.61 65.46 0.92
N SER A 663 -50.49 66.18 0.25
CA SER A 663 -51.09 67.35 0.83
C SER A 663 -52.57 67.09 1.18
N TYR A 664 -53.32 68.14 1.53
CA TYR A 664 -54.80 68.11 1.58
C TYR A 664 -55.37 68.72 0.27
N THR A 665 -54.51 68.88 -0.74
CA THR A 665 -54.88 69.45 -2.02
C THR A 665 -53.96 68.81 -3.06
N THR A 666 -54.14 69.20 -4.31
CA THR A 666 -53.34 68.68 -5.39
C THR A 666 -52.71 69.83 -6.15
N PHE A 667 -51.56 69.55 -6.76
CA PHE A 667 -50.85 70.56 -7.49
C PHE A 667 -50.60 70.00 -8.88
N THR A 668 -50.88 70.82 -9.90
CA THR A 668 -50.74 70.40 -11.28
C THR A 668 -49.54 71.18 -11.82
N TYR A 669 -48.60 70.47 -12.43
CA TYR A 669 -47.33 71.05 -12.89
C TYR A 669 -47.45 71.34 -14.37
N SER A 670 -47.17 72.58 -14.78
CA SER A 670 -47.17 72.97 -16.21
C SER A 670 -45.95 73.83 -16.58
N ASN A 671 -45.62 73.83 -17.86
CA ASN A 671 -44.79 74.88 -18.48
C ASN A 671 -43.33 74.90 -18.07
N LEU A 672 -42.67 73.77 -18.32
CA LEU A 672 -41.21 73.64 -18.14
C LEU A 672 -40.45 74.66 -19.01
N ILE A 673 -39.58 75.46 -18.39
CA ILE A 673 -38.65 76.34 -19.10
C ILE A 673 -37.19 76.07 -18.68
N VAL A 674 -36.32 75.84 -19.66
CA VAL A 674 -34.87 75.82 -19.45
C VAL A 674 -34.29 77.10 -20.08
N ASP A 675 -33.79 78.02 -19.25
CA ASP A 675 -33.31 79.33 -19.68
C ASP A 675 -31.78 79.37 -19.60
N HIS A 676 -31.13 79.21 -20.76
CA HIS A 676 -29.67 79.20 -20.85
C HIS A 676 -29.00 80.54 -20.75
N GLY A 677 -29.78 81.61 -20.77
CA GLY A 677 -29.27 82.95 -20.58
C GLY A 677 -29.30 83.37 -19.13
N ARG A 678 -29.79 82.50 -18.23
CA ARG A 678 -29.82 82.82 -16.81
C ARG A 678 -28.71 82.06 -16.08
N TRP A 679 -27.50 82.61 -16.23
CA TRP A 679 -26.27 82.03 -15.72
C TRP A 679 -25.71 83.11 -14.79
N ALA A 680 -24.86 82.69 -13.87
CA ALA A 680 -24.24 83.63 -12.92
C ALA A 680 -22.91 83.10 -12.42
N LYS A 681 -22.04 84.04 -12.06
CA LYS A 681 -20.72 83.74 -11.53
C LYS A 681 -20.90 83.39 -10.04
N ASP A 682 -20.29 82.29 -9.58
CA ASP A 682 -20.23 81.88 -8.16
C ASP A 682 -19.48 82.95 -7.33
N TYR A 683 -20.23 83.77 -6.60
CA TYR A 683 -19.67 84.89 -5.81
C TYR A 683 -19.91 84.70 -4.29
N SER A 684 -20.81 83.78 -3.93
CA SER A 684 -21.37 83.75 -2.61
C SER A 684 -20.86 82.63 -1.66
N SER A 685 -20.09 81.66 -2.20
CA SER A 685 -19.31 80.70 -1.37
C SER A 685 -18.34 81.43 -0.39
N VAL A 686 -18.36 81.04 0.87
CA VAL A 686 -17.46 81.60 1.88
C VAL A 686 -15.98 81.20 1.62
N MET A 687 -15.77 79.96 1.12
CA MET A 687 -14.46 79.38 0.86
C MET A 687 -14.55 78.61 -0.45
N GLU A 688 -13.38 78.42 -1.09
CA GLU A 688 -13.32 77.80 -2.40
C GLU A 688 -12.56 76.47 -2.36
N THR A 689 -12.98 75.54 -3.21
CA THR A 689 -12.37 74.27 -3.34
C THR A 689 -11.37 74.43 -4.48
N ALA A 690 -10.56 73.38 -4.74
CA ALA A 690 -9.61 73.33 -5.88
C ALA A 690 -9.93 72.09 -6.70
N GLU A 691 -11.22 71.80 -6.84
CA GLU A 691 -11.68 70.67 -7.62
C GLU A 691 -11.37 70.93 -9.04
N PRO A 692 -10.50 70.11 -9.62
CA PRO A 692 -10.12 70.34 -11.01
C PRO A 692 -11.28 70.07 -11.95
N PHE A 693 -11.45 70.90 -12.97
CA PHE A 693 -12.49 70.62 -13.97
C PHE A 693 -12.06 71.02 -15.38
N ALA A 694 -12.44 70.19 -16.35
CA ALA A 694 -12.11 70.36 -17.77
C ALA A 694 -12.38 71.75 -18.40
N GLU A 695 -13.48 72.35 -18.00
N GLU A 695 -13.51 72.37 -18.05
CA GLU A 695 -13.92 73.61 -18.56
CA GLU A 695 -13.88 73.68 -18.61
C GLU A 695 -13.24 74.82 -17.86
C GLU A 695 -13.16 74.85 -17.93
N TRP A 696 -12.23 74.56 -17.02
CA TRP A 696 -11.52 75.63 -16.26
C TRP A 696 -10.68 76.54 -17.21
N ASP A 697 -10.89 77.86 -17.12
CA ASP A 697 -10.20 78.80 -17.98
C ASP A 697 -9.51 79.88 -17.14
N GLY A 698 -9.24 79.58 -15.87
CA GLY A 698 -8.63 80.53 -14.93
C GLY A 698 -9.57 81.51 -14.28
N THR A 699 -10.75 81.73 -14.88
CA THR A 699 -11.70 82.78 -14.48
C THR A 699 -13.06 82.27 -13.92
N ASN A 700 -13.33 80.97 -13.99
CA ASN A 700 -14.67 80.42 -13.80
C ASN A 700 -14.61 79.33 -12.72
N SER A 701 -15.76 78.78 -12.33
CA SER A 701 -15.84 77.89 -11.19
C SER A 701 -16.69 76.69 -11.48
N LEU A 702 -16.45 75.61 -10.77
CA LEU A 702 -17.25 74.41 -10.85
C LEU A 702 -18.68 74.72 -10.31
N TYR A 703 -18.80 75.74 -9.47
CA TYR A 703 -20.06 76.11 -8.87
C TYR A 703 -20.74 77.34 -9.53
N ASP A 704 -20.27 77.72 -10.71
CA ASP A 704 -20.99 78.71 -11.54
C ASP A 704 -22.35 78.11 -11.93
N VAL A 705 -23.39 78.96 -11.92
CA VAL A 705 -24.71 78.49 -12.42
C VAL A 705 -24.71 78.75 -13.91
N ILE A 706 -24.89 77.67 -14.68
CA ILE A 706 -24.79 77.67 -16.15
C ILE A 706 -26.13 77.85 -16.87
N PHE A 707 -27.21 77.36 -16.26
CA PHE A 707 -28.58 77.68 -16.64
C PHE A 707 -29.54 77.62 -15.44
N THR A 708 -30.70 78.21 -15.59
CA THR A 708 -31.74 78.13 -14.56
C THR A 708 -32.97 77.53 -15.18
N VAL A 709 -33.69 76.67 -14.45
CA VAL A 709 -34.94 76.03 -14.99
C VAL A 709 -36.15 76.38 -14.17
N PHE A 710 -37.27 76.62 -14.86
CA PHE A 710 -38.48 77.11 -14.25
C PHE A 710 -39.59 76.12 -14.51
N ALA A 711 -40.52 76.06 -13.56
CA ALA A 711 -41.80 75.47 -13.84
C ALA A 711 -42.88 76.22 -13.13
N THR A 712 -44.13 75.87 -13.46
CA THR A 712 -45.34 76.46 -12.86
C THR A 712 -46.18 75.37 -12.19
N ILE A 713 -46.51 75.61 -10.93
CA ILE A 713 -47.45 74.76 -10.23
C ILE A 713 -48.73 75.56 -10.07
N THR A 714 -49.85 74.83 -10.09
CA THR A 714 -51.18 75.36 -9.82
C THR A 714 -51.92 74.47 -8.81
N ASN A 715 -52.50 75.12 -7.80
CA ASN A 715 -53.34 74.47 -6.81
C ASN A 715 -54.70 74.11 -7.44
N THR A 716 -54.79 72.84 -7.81
CA THR A 716 -55.84 72.21 -8.57
C THR A 716 -56.92 71.61 -7.62
N GLY A 717 -56.71 71.63 -6.30
CA GLY A 717 -57.67 71.02 -5.34
C GLY A 717 -58.52 72.04 -4.59
N ASN A 718 -58.88 71.72 -3.35
CA ASN A 718 -59.93 72.43 -2.65
C ASN A 718 -59.47 73.22 -1.47
N LEU A 719 -58.17 73.25 -1.18
CA LEU A 719 -57.64 73.90 0.05
C LEU A 719 -56.26 74.50 -0.25
N THR A 720 -55.95 75.61 0.40
CA THR A 720 -54.59 76.12 0.49
C THR A 720 -53.61 75.01 0.87
N GLY A 721 -52.42 75.09 0.30
CA GLY A 721 -51.37 74.05 0.50
C GLY A 721 -49.99 74.56 0.11
N SER A 722 -48.97 73.94 0.66
CA SER A 722 -47.58 74.22 0.29
C SER A 722 -47.06 73.03 -0.50
N GLU A 723 -46.22 73.27 -1.50
CA GLU A 723 -45.68 72.19 -2.33
C GLU A 723 -44.18 72.25 -2.54
N VAL A 724 -43.54 71.10 -2.41
CA VAL A 724 -42.13 70.95 -2.63
C VAL A 724 -41.98 70.44 -4.06
N ALA A 725 -41.59 71.35 -4.95
CA ALA A 725 -41.27 70.97 -6.32
C ALA A 725 -39.82 70.50 -6.33
N GLN A 726 -39.60 69.40 -7.04
CA GLN A 726 -38.30 68.79 -7.15
C GLN A 726 -37.89 68.71 -8.63
N LEU A 727 -36.58 68.72 -8.87
CA LEU A 727 -36.05 68.64 -10.22
C LEU A 727 -35.01 67.57 -10.23
N TYR A 728 -35.06 66.67 -11.21
CA TYR A 728 -34.09 65.60 -11.36
C TYR A 728 -33.47 65.69 -12.74
N ILE A 729 -32.19 65.30 -12.84
CA ILE A 729 -31.43 65.33 -14.10
C ILE A 729 -30.84 63.98 -14.34
N SER A 730 -31.03 63.44 -15.52
CA SER A 730 -30.40 62.19 -15.86
C SER A 730 -29.20 62.58 -16.66
N ILE A 731 -28.04 62.29 -16.09
CA ILE A 731 -26.78 62.68 -16.62
C ILE A 731 -26.32 61.49 -17.39
N PRO A 732 -26.02 61.65 -18.70
CA PRO A 732 -25.68 60.48 -19.51
C PRO A 732 -24.29 59.92 -19.20
N GLY A 733 -24.11 58.62 -19.46
CA GLY A 733 -22.86 57.91 -19.18
C GLY A 733 -23.03 56.40 -18.97
N ASP A 734 -21.92 55.74 -18.69
CA ASP A 734 -21.93 54.31 -18.45
C ASP A 734 -22.28 54.05 -17.01
N ASN A 735 -23.30 53.22 -16.78
CA ASN A 735 -23.62 52.80 -15.42
C ASN A 735 -23.93 54.01 -14.56
N GLN A 736 -24.97 54.71 -14.97
CA GLN A 736 -25.25 56.00 -14.44
C GLN A 736 -26.69 55.98 -13.83
N PRO A 737 -26.95 56.74 -12.75
CA PRO A 737 -28.29 56.76 -12.13
C PRO A 737 -29.41 57.12 -13.08
N VAL A 738 -30.52 56.41 -12.96
CA VAL A 738 -31.70 56.75 -13.78
C VAL A 738 -31.91 58.29 -13.75
N ARG A 739 -31.82 58.87 -12.54
CA ARG A 739 -31.92 60.29 -12.34
C ARG A 739 -31.40 60.70 -10.96
N GLN A 740 -31.04 61.99 -10.84
CA GLN A 740 -30.37 62.51 -9.67
C GLN A 740 -30.99 63.82 -9.30
N LEU A 741 -31.27 64.03 -8.02
CA LEU A 741 -31.88 65.27 -7.59
C LEU A 741 -30.89 66.36 -7.82
N ARG A 742 -31.36 67.45 -8.42
CA ARG A 742 -30.55 68.64 -8.61
C ARG A 742 -31.28 69.94 -8.34
N GLY A 743 -32.47 69.86 -7.71
CA GLY A 743 -33.15 71.09 -7.29
C GLY A 743 -34.35 70.81 -6.44
N PHE A 744 -34.69 71.79 -5.61
CA PHE A 744 -35.98 71.79 -4.93
C PHE A 744 -36.34 73.19 -4.55
N ASP A 745 -37.63 73.41 -4.40
CA ASP A 745 -38.17 74.74 -4.16
C ASP A 745 -39.57 74.54 -3.57
N LYS A 746 -39.84 75.14 -2.41
CA LYS A 746 -41.08 74.97 -1.74
C LYS A 746 -41.90 76.24 -1.77
N ILE A 747 -43.08 76.13 -2.40
CA ILE A 747 -44.04 77.20 -2.46
C ILE A 747 -44.87 77.13 -1.21
N LYS A 748 -44.92 78.25 -0.49
CA LYS A 748 -45.62 78.32 0.76
C LYS A 748 -47.06 78.83 0.59
N ASP A 749 -48.06 78.04 1.01
CA ASP A 749 -49.46 78.52 1.22
C ASP A 749 -50.11 79.04 -0.06
N LEU A 750 -50.09 78.21 -1.10
CA LEU A 750 -50.61 78.55 -2.42
C LEU A 750 -52.11 78.43 -2.40
N PRO A 751 -52.85 79.56 -2.58
CA PRO A 751 -54.32 79.41 -2.46
C PRO A 751 -54.94 78.60 -3.61
N VAL A 752 -56.20 78.22 -3.42
CA VAL A 752 -56.95 77.40 -4.39
C VAL A 752 -57.07 78.23 -5.66
N GLY A 753 -56.80 77.61 -6.80
CA GLY A 753 -56.83 78.32 -8.08
C GLY A 753 -55.59 79.14 -8.43
N ASP A 754 -54.77 79.52 -7.45
CA ASP A 754 -53.58 80.34 -7.74
C ASP A 754 -52.44 79.53 -8.28
N SER A 755 -51.44 80.22 -8.82
CA SER A 755 -50.29 79.58 -9.42
C SER A 755 -49.03 80.28 -8.99
N ALA A 756 -47.92 79.52 -9.04
CA ALA A 756 -46.59 80.07 -8.70
C ALA A 756 -45.54 79.42 -9.54
N VAL A 757 -44.51 80.20 -9.81
CA VAL A 757 -43.38 79.77 -10.58
C VAL A 757 -42.40 79.13 -9.59
N VAL A 758 -41.78 78.09 -10.03
CA VAL A 758 -40.76 77.40 -9.29
C VAL A 758 -39.46 77.60 -10.08
N THR A 759 -38.38 77.87 -9.37
CA THR A 759 -37.09 78.17 -9.99
C THR A 759 -35.90 77.34 -9.45
N PHE A 760 -35.14 76.74 -10.38
CA PHE A 760 -34.05 75.79 -10.14
C PHE A 760 -32.73 76.21 -10.80
N PRO A 761 -31.89 76.98 -10.10
CA PRO A 761 -30.54 77.27 -10.63
C PRO A 761 -29.67 76.03 -10.74
N ILE A 762 -29.08 75.78 -11.91
CA ILE A 762 -28.27 74.59 -12.16
C ILE A 762 -26.81 75.00 -12.32
N ARG A 763 -25.95 74.33 -11.58
CA ARG A 763 -24.53 74.63 -11.50
C ARG A 763 -23.74 73.68 -12.42
N ARG A 764 -22.56 74.12 -12.82
CA ARG A 764 -21.73 73.29 -13.68
C ARG A 764 -21.54 71.92 -13.08
N LYS A 765 -21.28 71.89 -11.78
CA LYS A 765 -21.07 70.64 -11.07
C LYS A 765 -22.31 69.74 -11.16
N ASP A 766 -23.47 70.35 -11.17
CA ASP A 766 -24.75 69.64 -11.17
C ASP A 766 -24.98 68.76 -12.39
N VAL A 767 -24.11 68.92 -13.38
CA VAL A 767 -24.26 68.32 -14.67
C VAL A 767 -23.00 67.53 -15.05
N SER A 768 -22.05 67.38 -14.12
CA SER A 768 -20.74 66.81 -14.43
C SER A 768 -20.62 65.39 -13.93
N SER A 769 -19.51 64.75 -14.31
CA SER A 769 -19.11 63.47 -13.77
C SER A 769 -17.65 63.56 -13.41
N TRP A 770 -17.21 62.66 -12.55
CA TRP A 770 -15.82 62.53 -12.24
C TRP A 770 -15.22 61.60 -13.27
N SER A 771 -14.15 62.07 -13.91
CA SER A 771 -13.30 61.26 -14.77
C SER A 771 -12.20 60.61 -13.90
N VAL A 772 -12.26 59.30 -13.76
CA VAL A 772 -11.26 58.61 -13.00
C VAL A 772 -9.92 58.68 -13.76
N VAL A 773 -9.97 58.59 -15.09
CA VAL A 773 -8.78 58.60 -15.93
C VAL A 773 -8.05 59.96 -15.84
N ASP A 774 -8.80 61.05 -15.99
CA ASP A 774 -8.24 62.38 -16.03
C ASP A 774 -8.19 63.06 -14.67
N GLN A 775 -8.83 62.48 -13.65
CA GLN A 775 -8.86 63.05 -12.28
C GLN A 775 -9.41 64.46 -12.27
N LEU A 776 -10.58 64.64 -12.85
CA LEU A 776 -11.20 65.95 -12.91
C LEU A 776 -12.68 65.82 -13.21
N TRP A 777 -13.43 66.89 -12.98
CA TRP A 777 -14.84 66.89 -13.29
C TRP A 777 -14.98 67.32 -14.75
N TYR A 778 -15.97 66.77 -15.44
CA TYR A 778 -16.28 67.19 -16.79
C TYR A 778 -17.76 67.00 -17.09
N VAL A 779 -18.28 67.83 -17.99
CA VAL A 779 -19.66 67.74 -18.44
C VAL A 779 -19.62 66.70 -19.54
N PRO A 780 -20.37 65.58 -19.41
CA PRO A 780 -20.28 64.59 -20.49
C PRO A 780 -21.04 65.01 -21.74
N ASN A 781 -20.86 64.21 -22.79
CA ASN A 781 -21.69 64.34 -23.97
C ASN A 781 -22.89 63.40 -23.90
N GLY A 782 -23.99 63.87 -24.46
CA GLY A 782 -25.17 63.07 -24.53
C GLY A 782 -26.36 63.95 -24.30
N ASP A 783 -27.51 63.28 -24.22
CA ASP A 783 -28.78 63.90 -23.90
C ASP A 783 -28.98 63.93 -22.37
N PHE A 784 -29.25 65.12 -21.84
CA PHE A 784 -29.56 65.22 -20.43
C PHE A 784 -31.07 65.34 -20.32
N LEU A 785 -31.73 64.35 -19.73
CA LEU A 785 -33.16 64.49 -19.41
C LEU A 785 -33.29 65.34 -18.14
N ILE A 786 -34.06 66.44 -18.21
CA ILE A 786 -34.39 67.22 -17.03
C ILE A 786 -35.87 67.01 -16.67
N SER A 787 -36.13 66.33 -15.53
CA SER A 787 -37.50 66.12 -14.99
C SER A 787 -37.89 67.05 -13.84
N VAL A 788 -39.17 67.43 -13.76
CA VAL A 788 -39.70 68.21 -12.65
C VAL A 788 -41.05 67.69 -12.14
N GLY A 789 -41.17 67.57 -10.82
CA GLY A 789 -42.46 67.33 -10.20
C GLY A 789 -42.44 67.23 -8.71
N GLY A 790 -43.41 66.46 -8.20
CA GLY A 790 -43.74 66.41 -6.78
C GLY A 790 -43.07 65.30 -6.01
N SER A 791 -42.44 64.36 -6.72
CA SER A 791 -41.66 63.30 -6.08
C SER A 791 -40.60 62.78 -7.05
N SER A 792 -39.74 61.88 -6.56
CA SER A 792 -38.78 61.24 -7.44
C SER A 792 -39.44 60.30 -8.42
N ARG A 793 -40.73 60.03 -8.25
CA ARG A 793 -41.44 59.17 -9.23
C ARG A 793 -42.68 59.80 -9.80
N ASP A 794 -42.94 61.05 -9.49
CA ASP A 794 -44.11 61.75 -9.99
C ASP A 794 -43.54 62.97 -10.70
N LEU A 795 -43.16 62.73 -11.94
CA LEU A 795 -42.40 63.70 -12.72
C LEU A 795 -43.11 64.04 -14.00
N PRO A 796 -44.19 64.82 -13.89
CA PRO A 796 -44.97 65.11 -15.08
C PRO A 796 -44.30 65.99 -16.16
N LEU A 797 -43.23 66.71 -15.85
CA LEU A 797 -42.57 67.58 -16.85
C LEU A 797 -41.18 67.03 -17.22
N ASN A 798 -40.92 66.82 -18.50
CA ASN A 798 -39.61 66.35 -18.96
C ASN A 798 -39.17 67.18 -20.17
N THR A 799 -37.89 67.44 -20.29
CA THR A 799 -37.31 67.92 -21.54
C THR A 799 -35.86 67.49 -21.65
N THR A 800 -35.29 67.67 -22.83
CA THR A 800 -33.93 67.22 -23.09
C THR A 800 -33.03 68.39 -23.38
N TRP A 801 -31.84 68.34 -22.80
CA TRP A 801 -30.78 69.32 -23.02
C TRP A 801 -29.58 68.58 -23.53
N THR A 802 -29.03 69.07 -24.66
CA THR A 802 -27.82 68.53 -25.30
C THR A 802 -26.81 69.65 -25.56
N PRO A 803 -25.66 69.65 -24.85
CA PRO A 803 -24.60 70.58 -25.21
C PRO A 803 -23.69 70.02 -26.31
N GLN B 48 -18.33 35.83 -11.10
CA GLN B 48 -18.61 35.10 -12.39
C GLN B 48 -19.32 33.75 -12.20
N TRP B 49 -18.81 32.91 -11.29
CA TRP B 49 -19.55 31.73 -10.81
C TRP B 49 -19.57 31.76 -9.28
N PRO B 50 -20.43 32.63 -8.72
CA PRO B 50 -20.38 32.94 -7.29
C PRO B 50 -21.05 31.86 -6.44
N ALA B 51 -20.74 31.84 -5.16
CA ALA B 51 -21.16 30.77 -4.26
C ALA B 51 -22.57 31.04 -3.81
N PRO B 52 -23.56 30.22 -4.26
CA PRO B 52 -24.94 30.48 -3.77
C PRO B 52 -25.12 30.09 -2.32
N LEU B 53 -25.86 30.87 -1.55
CA LEU B 53 -26.10 30.51 -0.15
C LEU B 53 -27.00 29.29 -0.04
N ALA B 54 -26.61 28.33 0.78
CA ALA B 54 -27.55 27.29 1.15
C ALA B 54 -28.81 27.88 1.79
N ASN B 55 -29.93 27.24 1.47
CA ASN B 55 -31.23 27.53 2.03
C ASN B 55 -32.00 26.31 2.60
N GLY B 56 -31.43 25.10 2.60
CA GLY B 56 -32.08 23.91 3.18
C GLY B 56 -32.94 23.09 2.23
N GLY B 57 -33.26 23.63 1.07
CA GLY B 57 -34.05 22.89 0.11
C GLY B 57 -35.39 22.45 0.63
N LYS B 58 -35.82 21.30 0.13
CA LYS B 58 -37.13 20.72 0.42
C LYS B 58 -37.17 20.01 1.76
N SER B 59 -36.48 18.89 1.89
CA SER B 59 -36.61 18.06 3.11
C SER B 59 -35.77 18.50 4.29
N TRP B 60 -34.74 19.30 4.05
CA TRP B 60 -33.81 19.72 5.11
C TRP B 60 -34.15 21.07 5.72
N ALA B 61 -35.35 21.60 5.46
CA ALA B 61 -35.71 22.98 5.84
C ALA B 61 -35.47 23.26 7.32
N SER B 62 -36.01 22.43 8.19
CA SER B 62 -35.88 22.69 9.61
C SER B 62 -34.46 22.47 10.10
N ALA B 63 -33.74 21.57 9.43
CA ALA B 63 -32.38 21.25 9.80
C ALA B 63 -31.43 22.41 9.40
N PHE B 64 -31.61 22.96 8.21
CA PHE B 64 -30.94 24.17 7.82
C PHE B 64 -31.12 25.29 8.88
N LYS B 65 -32.35 25.52 9.35
CA LYS B 65 -32.58 26.56 10.34
C LYS B 65 -31.80 26.30 11.63
N LYS B 66 -31.72 25.06 12.06
CA LYS B 66 -30.91 24.72 13.27
C LYS B 66 -29.43 24.93 12.99
N ALA B 67 -29.01 24.50 11.80
CA ALA B 67 -27.62 24.64 11.35
C ALA B 67 -27.23 26.12 11.30
N LYS B 68 -28.03 26.94 10.64
CA LYS B 68 -27.84 28.40 10.56
C LYS B 68 -27.78 29.07 11.93
N ALA B 69 -28.55 28.57 12.89
CA ALA B 69 -28.61 29.16 14.21
C ALA B 69 -27.34 28.83 14.94
N THR B 70 -26.93 27.57 14.91
CA THR B 70 -25.71 27.17 15.57
C THR B 70 -24.48 27.90 15.01
N VAL B 71 -24.45 28.08 13.69
CA VAL B 71 -23.32 28.67 12.99
C VAL B 71 -23.17 30.13 13.36
N THR B 72 -24.26 30.88 13.33
CA THR B 72 -24.33 32.25 13.85
C THR B 72 -23.63 32.46 15.26
N GLU B 73 -23.60 31.46 16.14
CA GLU B 73 -22.88 31.60 17.41
C GLU B 73 -21.35 31.39 17.33
N MET B 74 -20.86 30.93 16.18
CA MET B 74 -19.50 30.44 16.07
C MET B 74 -18.46 31.56 15.88
N THR B 75 -17.36 31.48 16.63
CA THR B 75 -16.22 32.36 16.36
C THR B 75 -15.50 31.88 15.08
N VAL B 76 -14.61 32.74 14.59
CA VAL B 76 -13.76 32.42 13.43
C VAL B 76 -12.94 31.14 13.61
N GLU B 77 -12.35 30.98 14.79
CA GLU B 77 -11.59 29.77 15.15
C GLU B 77 -12.50 28.50 15.06
N GLU B 78 -13.71 28.61 15.60
CA GLU B 78 -14.68 27.51 15.59
C GLU B 78 -15.07 27.15 14.16
N LEU B 79 -15.30 28.17 13.34
CA LEU B 79 -15.55 27.93 11.93
C LEU B 79 -14.45 27.10 11.24
N ALA B 80 -13.19 27.47 11.47
CA ALA B 80 -12.06 26.78 10.87
C ALA B 80 -11.89 25.41 11.46
N ASN B 81 -12.29 25.27 12.71
CA ASN B 81 -12.19 23.97 13.37
C ASN B 81 -13.08 22.88 12.73
N ILE B 82 -14.32 23.24 12.45
CA ILE B 82 -15.26 22.29 11.88
C ILE B 82 -15.04 22.09 10.39
N THR B 83 -14.49 23.08 9.70
CA THR B 83 -14.27 22.92 8.25
C THR B 83 -12.96 22.23 7.89
N SER B 84 -12.23 21.68 8.83
CA SER B 84 -10.97 21.02 8.47
C SER B 84 -10.72 19.81 9.34
N GLY B 85 -10.11 18.79 8.78
CA GLY B 85 -9.93 17.53 9.48
C GLY B 85 -8.93 17.64 10.61
N VAL B 86 -9.19 16.88 11.66
CA VAL B 86 -8.29 16.69 12.78
C VAL B 86 -7.93 15.18 12.94
N ILE B 87 -7.07 14.88 13.91
CA ILE B 87 -6.53 13.55 14.12
C ILE B 87 -7.55 12.74 14.86
N GLY B 88 -7.72 11.49 14.43
CA GLY B 88 -8.63 10.56 15.09
C GLY B 88 -8.67 9.22 14.42
N LEU B 89 -9.60 8.39 14.85
CA LEU B 89 -9.62 7.00 14.45
C LEU B 89 -10.27 6.73 13.11
N CYS B 90 -11.09 7.66 12.61
CA CYS B 90 -11.81 7.47 11.34
C CYS B 90 -10.98 8.00 10.15
N SER B 91 -11.33 7.57 8.95
CA SER B 91 -10.66 7.99 7.75
C SER B 91 -10.44 9.53 7.79
N GLY B 92 -11.49 10.27 8.11
CA GLY B 92 -11.41 11.67 8.45
C GLY B 92 -12.23 12.02 9.66
N VAL B 93 -11.90 13.14 10.30
CA VAL B 93 -12.57 13.63 11.50
C VAL B 93 -12.63 15.16 11.51
N THR B 94 -13.83 15.73 11.70
CA THR B 94 -14.03 17.19 11.78
C THR B 94 -13.78 17.59 13.20
N GLY B 95 -13.28 18.80 13.38
CA GLY B 95 -12.96 19.32 14.71
C GLY B 95 -14.27 19.59 15.41
N ALA B 96 -14.33 19.31 16.71
CA ALA B 96 -15.49 19.73 17.51
C ALA B 96 -15.70 21.26 17.51
N VAL B 97 -16.92 21.68 17.78
CA VAL B 97 -17.15 23.01 18.27
C VAL B 97 -17.59 22.83 19.70
N THR B 98 -16.63 22.81 20.62
CA THR B 98 -16.86 22.19 21.92
C THR B 98 -17.69 23.06 22.83
N ARG B 99 -17.42 24.35 22.82
CA ARG B 99 -18.19 25.33 23.58
C ARG B 99 -19.73 25.20 23.31
N LEU B 100 -20.12 24.86 22.07
CA LEU B 100 -21.51 24.66 21.71
C LEU B 100 -21.98 23.17 21.70
N GLY B 101 -21.18 22.28 22.28
CA GLY B 101 -21.45 20.84 22.28
C GLY B 101 -21.56 20.12 20.93
N ILE B 102 -20.96 20.65 19.86
CA ILE B 102 -20.95 19.94 18.60
C ILE B 102 -19.76 19.04 18.64
N PRO B 103 -19.96 17.72 18.50
CA PRO B 103 -18.79 16.87 18.58
C PRO B 103 -18.08 16.71 17.25
N GLU B 104 -16.92 16.09 17.34
CA GLU B 104 -16.20 15.60 16.18
C GLU B 104 -17.09 14.68 15.35
N PHE B 105 -17.10 14.85 14.03
CA PHE B 105 -17.78 13.90 13.15
C PHE B 105 -16.80 12.90 12.56
N CYS B 106 -17.22 11.64 12.51
CA CYS B 106 -16.38 10.52 12.07
C CYS B 106 -16.77 10.37 10.62
N LEU B 107 -15.85 10.66 9.70
CA LEU B 107 -16.04 10.32 8.30
C LEU B 107 -15.28 9.04 8.07
N GLN B 108 -15.97 8.08 7.48
CA GLN B 108 -15.42 6.71 7.33
C GLN B 108 -15.66 6.09 5.97
N ASP B 109 -14.58 5.63 5.35
CA ASP B 109 -14.71 4.68 4.23
C ASP B 109 -15.54 3.47 4.62
N GLY B 110 -16.26 2.85 3.69
CA GLY B 110 -16.22 3.15 2.24
C GLY B 110 -17.45 2.56 1.54
N PRO B 111 -17.46 2.47 0.21
CA PRO B 111 -18.70 2.06 -0.47
C PRO B 111 -19.16 0.63 -0.37
N ILE B 112 -18.45 -0.27 0.31
CA ILE B 112 -19.02 -1.60 0.64
C ILE B 112 -19.37 -1.74 2.11
N GLY B 113 -19.28 -0.64 2.84
CA GLY B 113 -19.50 -0.65 4.27
C GLY B 113 -18.28 -0.18 5.00
N PRO B 114 -18.38 -0.07 6.33
CA PRO B 114 -17.28 0.49 7.13
C PRO B 114 -15.94 -0.25 7.00
N ARG B 115 -14.95 0.45 6.47
CA ARG B 115 -13.58 -0.12 6.27
C ARG B 115 -12.68 -0.02 7.50
N GLY B 116 -11.94 -1.07 7.82
CA GLY B 116 -10.93 -1.09 8.90
C GLY B 116 -11.46 -1.49 10.26
N VAL B 117 -12.56 -2.21 10.24
CA VAL B 117 -13.42 -2.37 11.37
C VAL B 117 -13.60 -3.91 11.54
N HIS B 118 -13.44 -4.39 12.75
CA HIS B 118 -13.81 -5.74 13.08
C HIS B 118 -15.29 -5.78 13.55
N GLY B 119 -15.89 -6.95 13.48
CA GLY B 119 -17.26 -7.11 13.93
C GLY B 119 -18.30 -6.64 12.91
N SER B 120 -17.89 -6.56 11.65
CA SER B 120 -18.74 -6.16 10.56
C SER B 120 -18.76 -7.21 9.47
N SER B 121 -19.58 -6.98 8.44
CA SER B 121 -19.80 -7.92 7.37
C SER B 121 -19.19 -7.36 6.09
N GLN B 122 -18.59 -8.22 5.26
CA GLN B 122 -18.11 -7.79 3.94
C GLN B 122 -19.25 -7.95 2.91
N PHE B 123 -19.77 -6.81 2.45
CA PHE B 123 -20.83 -6.81 1.44
C PHE B 123 -20.26 -6.88 0.05
N PRO B 124 -21.07 -7.28 -0.93
CA PRO B 124 -20.61 -7.27 -2.31
C PRO B 124 -20.41 -5.87 -2.78
N ALA B 125 -19.62 -5.70 -3.82
CA ALA B 125 -19.33 -4.39 -4.33
C ALA B 125 -20.51 -3.88 -5.14
N GLY B 126 -20.50 -2.56 -5.36
CA GLY B 126 -21.50 -1.93 -6.18
C GLY B 126 -21.57 -2.56 -7.54
N LEU B 127 -20.42 -2.93 -8.09
CA LEU B 127 -20.43 -3.64 -9.34
C LEU B 127 -21.38 -4.83 -9.26
N THR B 128 -21.29 -5.60 -8.17
CA THR B 128 -22.04 -6.82 -8.00
C THR B 128 -23.53 -6.56 -7.87
N VAL B 129 -23.97 -5.56 -7.09
CA VAL B 129 -25.43 -5.27 -7.07
C VAL B 129 -25.92 -4.79 -8.41
N ALA B 130 -25.08 -4.08 -9.17
CA ALA B 130 -25.56 -3.58 -10.48
C ALA B 130 -26.05 -4.76 -11.28
N ALA B 131 -25.26 -5.83 -11.29
CA ALA B 131 -25.53 -7.00 -12.08
C ALA B 131 -26.80 -7.73 -11.65
N THR B 132 -27.31 -7.44 -10.46
CA THR B 132 -28.63 -7.96 -10.08
C THR B 132 -29.78 -7.33 -10.87
N TRP B 133 -29.60 -6.07 -11.23
CA TRP B 133 -30.61 -5.20 -11.83
C TRP B 133 -31.89 -5.16 -11.01
N ASP B 134 -31.75 -5.24 -9.69
CA ASP B 134 -32.84 -5.43 -8.75
C ASP B 134 -32.84 -4.24 -7.78
N ARG B 135 -33.75 -3.30 -8.02
CA ARG B 135 -33.89 -2.09 -7.17
C ARG B 135 -34.05 -2.40 -5.69
N THR B 136 -34.81 -3.43 -5.36
CA THR B 136 -34.96 -3.89 -3.98
C THR B 136 -33.64 -4.25 -3.31
N LEU B 137 -32.82 -5.05 -4.00
CA LEU B 137 -31.51 -5.40 -3.47
C LEU B 137 -30.57 -4.18 -3.43
N MET B 138 -30.67 -3.27 -4.38
CA MET B 138 -29.80 -2.12 -4.34
C MET B 138 -30.06 -1.36 -3.05
N TYR B 139 -31.34 -1.20 -2.71
CA TYR B 139 -31.70 -0.49 -1.48
C TYR B 139 -31.30 -1.26 -0.20
N ALA B 140 -31.68 -2.53 -0.11
CA ALA B 140 -31.39 -3.32 1.09
C ALA B 140 -29.86 -3.37 1.38
N ARG B 141 -29.07 -3.51 0.33
CA ARG B 141 -27.61 -3.54 0.47
C ARG B 141 -27.14 -2.33 1.28
N ALA B 142 -27.56 -1.16 0.83
CA ALA B 142 -27.13 0.10 1.40
C ALA B 142 -27.75 0.33 2.77
N ARG B 143 -28.98 -0.11 2.96
CA ARG B 143 -29.65 0.05 4.25
C ARG B 143 -28.92 -0.77 5.30
N GLY B 144 -28.47 -1.97 4.89
CA GLY B 144 -27.66 -2.86 5.69
C GLY B 144 -26.25 -2.35 5.95
N MET B 145 -25.57 -1.84 4.92
CA MET B 145 -24.31 -1.11 5.10
C MET B 145 -24.53 0.03 6.09
N GLY B 146 -25.66 0.71 5.92
CA GLY B 146 -26.01 1.81 6.77
C GLY B 146 -26.10 1.44 8.23
N GLN B 147 -26.78 0.34 8.57
CA GLN B 147 -26.88 -0.01 9.99
C GLN B 147 -25.54 -0.32 10.60
N GLU B 148 -24.69 -1.01 9.86
CA GLU B 148 -23.31 -1.24 10.35
C GLU B 148 -22.46 0.03 10.47
N PHE B 149 -22.48 0.90 9.47
CA PHE B 149 -21.84 2.22 9.61
C PHE B 149 -22.33 2.93 10.87
N HIS B 150 -23.64 3.07 11.01
CA HIS B 150 -24.21 3.73 12.16
C HIS B 150 -23.80 3.07 13.48
N ASP B 151 -23.90 1.74 13.55
CA ASP B 151 -23.66 1.06 14.83
C ASP B 151 -22.18 0.97 15.18
N GLN B 152 -21.32 1.16 14.18
CA GLN B 152 -19.89 1.34 14.43
C GLN B 152 -19.52 2.73 14.88
N GLY B 153 -20.44 3.69 14.80
CA GLY B 153 -20.17 5.05 15.24
C GLY B 153 -19.93 6.13 14.20
N VAL B 154 -20.30 5.87 12.94
CA VAL B 154 -19.95 6.72 11.81
C VAL B 154 -21.04 7.74 11.59
N HIS B 155 -20.65 9.00 11.44
CA HIS B 155 -21.55 10.08 11.08
C HIS B 155 -21.70 10.23 9.58
N LEU B 156 -20.59 10.08 8.85
CA LEU B 156 -20.55 10.39 7.43
C LEU B 156 -19.91 9.22 6.78
N ALA B 157 -20.65 8.53 5.94
CA ALA B 157 -20.09 7.42 5.23
C ALA B 157 -19.52 8.01 3.94
N LEU B 158 -18.31 7.60 3.58
CA LEU B 158 -17.69 8.04 2.35
C LEU B 158 -18.12 7.11 1.26
N ALA B 159 -19.39 7.25 0.89
CA ALA B 159 -20.11 6.34 0.03
C ALA B 159 -21.45 6.97 -0.32
N PRO B 160 -22.13 6.50 -1.35
CA PRO B 160 -21.64 5.57 -2.34
C PRO B 160 -20.91 6.27 -3.49
N VAL B 161 -20.42 5.45 -4.41
CA VAL B 161 -19.90 5.98 -5.65
C VAL B 161 -21.02 6.10 -6.64
N THR B 162 -21.22 7.33 -7.11
CA THR B 162 -22.43 7.74 -7.83
C THR B 162 -22.03 8.35 -9.18
N GLY B 163 -21.29 7.63 -9.97
CA GLY B 163 -20.89 8.12 -11.26
C GLY B 163 -19.53 8.73 -11.49
N GLY B 164 -18.57 8.42 -10.68
CA GLY B 164 -17.20 8.86 -10.83
C GLY B 164 -16.47 7.80 -10.02
N PRO B 165 -15.53 6.96 -10.61
CA PRO B 165 -15.72 6.73 -12.04
C PRO B 165 -17.01 6.12 -12.51
N LEU B 166 -17.44 6.49 -13.70
CA LEU B 166 -18.65 5.97 -14.27
C LEU B 166 -18.38 4.83 -15.22
N GLY B 167 -17.36 4.96 -16.05
CA GLY B 167 -16.90 3.84 -16.93
C GLY B 167 -16.43 4.23 -18.29
N ARG B 168 -15.71 5.34 -18.42
CA ARG B 168 -15.11 5.68 -19.71
C ARG B 168 -14.09 4.67 -20.10
N THR B 169 -13.42 4.06 -19.15
CA THR B 169 -12.43 3.05 -19.46
C THR B 169 -12.76 1.74 -18.71
N PRO B 170 -12.80 0.62 -19.44
CA PRO B 170 -13.03 -0.64 -18.76
C PRO B 170 -11.82 -1.09 -17.94
N LEU B 171 -10.72 -0.33 -17.96
CA LEU B 171 -9.51 -0.66 -17.21
C LEU B 171 -9.42 0.12 -15.92
N ASN B 172 -10.41 0.98 -15.63
CA ASN B 172 -10.34 1.78 -14.42
C ASN B 172 -10.19 0.83 -13.24
N GLY B 173 -9.16 1.07 -12.42
CA GLY B 173 -8.78 0.14 -11.37
C GLY B 173 -9.74 0.09 -10.24
N ARG B 174 -10.51 1.17 -10.07
CA ARG B 174 -11.59 1.23 -9.06
C ARG B 174 -13.02 1.34 -9.60
N GLY B 175 -13.24 0.98 -10.87
CA GLY B 175 -14.57 1.06 -11.52
C GLY B 175 -15.58 0.15 -10.82
N TRP B 176 -15.05 -0.93 -10.27
CA TRP B 176 -15.83 -1.84 -9.48
C TRP B 176 -16.58 -1.25 -8.30
N GLU B 177 -16.15 -0.10 -7.80
CA GLU B 177 -16.84 0.53 -6.69
C GLU B 177 -18.14 1.24 -7.08
N GLY B 178 -18.30 1.59 -8.36
CA GLY B 178 -19.57 2.13 -8.86
C GLY B 178 -20.54 1.01 -9.19
N THR B 179 -21.27 1.15 -10.26
CA THR B 179 -22.25 0.16 -10.66
C THR B 179 -22.46 -0.24 -12.10
N PHE B 180 -22.95 0.65 -12.92
CA PHE B 180 -23.20 0.38 -14.31
C PHE B 180 -22.43 1.42 -15.09
N ALA B 181 -21.97 1.05 -16.28
CA ALA B 181 -21.32 1.99 -17.25
C ALA B 181 -22.40 2.66 -18.11
N ASP B 182 -23.28 3.37 -17.41
CA ASP B 182 -24.49 3.90 -18.02
C ASP B 182 -25.13 4.93 -17.09
N PRO B 183 -25.36 6.15 -17.59
CA PRO B 183 -25.92 7.15 -16.72
C PRO B 183 -27.29 6.78 -16.15
N TYR B 184 -28.19 6.20 -16.96
CA TYR B 184 -29.55 5.90 -16.44
C TYR B 184 -29.49 4.93 -15.25
N ALA B 185 -28.85 3.79 -15.44
CA ALA B 185 -28.84 2.76 -14.44
C ALA B 185 -27.97 3.16 -13.23
N CYS B 186 -26.85 3.79 -13.49
CA CYS B 186 -26.00 4.28 -12.41
C CYS B 186 -26.78 5.29 -11.61
N GLY B 187 -27.49 6.21 -12.27
CA GLY B 187 -28.42 7.15 -11.57
C GLY B 187 -29.42 6.44 -10.62
N GLU B 188 -30.10 5.38 -11.11
CA GLU B 188 -31.05 4.60 -10.30
C GLU B 188 -30.41 3.92 -9.09
N ALA B 189 -29.31 3.21 -9.30
CA ALA B 189 -28.64 2.54 -8.22
C ALA B 189 -28.06 3.56 -7.27
N SER B 190 -27.67 4.71 -7.80
CA SER B 190 -27.16 5.80 -6.98
C SER B 190 -28.23 6.40 -6.07
N TYR B 191 -29.42 6.66 -6.61
CA TYR B 191 -30.53 7.15 -5.83
C TYR B 191 -30.73 6.19 -4.67
N LEU B 192 -30.87 4.92 -4.98
CA LEU B 192 -31.26 3.92 -3.97
C LEU B 192 -30.20 3.65 -2.91
N SER B 193 -28.94 3.68 -3.34
CA SER B 193 -27.82 3.52 -2.41
C SER B 193 -27.75 4.68 -1.40
N VAL B 194 -28.02 5.88 -1.89
CA VAL B 194 -28.10 7.07 -1.03
C VAL B 194 -29.21 6.91 -0.04
N LYS B 195 -30.41 6.63 -0.54
CA LYS B 195 -31.55 6.40 0.35
C LYS B 195 -31.32 5.37 1.47
N GLY B 196 -30.72 4.24 1.13
CA GLY B 196 -30.54 3.17 2.10
C GLY B 196 -29.65 3.65 3.23
N LEU B 197 -28.57 4.34 2.87
CA LEU B 197 -27.67 4.83 3.88
C LEU B 197 -28.34 5.92 4.73
N THR B 198 -29.05 6.87 4.12
CA THR B 198 -29.64 7.97 4.88
C THR B 198 -30.79 7.42 5.76
N ASP B 199 -31.61 6.52 5.22
CA ASP B 199 -32.66 5.83 6.04
C ASP B 199 -32.11 5.16 7.28
N ALA B 200 -30.85 4.72 7.24
CA ALA B 200 -30.12 4.19 8.39
C ALA B 200 -29.52 5.21 9.33
N GLY B 201 -29.69 6.49 9.05
CA GLY B 201 -29.12 7.52 9.94
C GLY B 201 -27.65 7.92 9.73
N VAL B 202 -27.06 7.54 8.58
CA VAL B 202 -25.69 7.89 8.25
CA VAL B 202 -25.69 7.86 8.23
C VAL B 202 -25.75 8.86 7.08
N ALA B 203 -25.05 9.99 7.25
CA ALA B 203 -24.96 10.99 6.19
C ALA B 203 -24.07 10.41 5.13
N THR B 204 -24.34 10.71 3.89
CA THR B 204 -23.61 10.17 2.76
C THR B 204 -22.69 11.24 2.16
N VAL B 205 -21.56 10.81 1.63
CA VAL B 205 -20.69 11.65 0.84
C VAL B 205 -20.59 10.95 -0.48
N SER B 206 -21.49 11.30 -1.39
CA SER B 206 -21.48 10.70 -2.73
C SER B 206 -20.23 11.14 -3.49
N LYS B 207 -19.58 10.18 -4.15
CA LYS B 207 -18.30 10.43 -4.78
C LYS B 207 -18.11 9.73 -6.13
N HIS B 208 -17.23 10.20 -6.98
CA HIS B 208 -16.39 11.39 -6.80
C HIS B 208 -16.74 12.40 -7.90
N TRP B 209 -17.14 13.61 -7.50
CA TRP B 209 -17.48 14.72 -8.46
C TRP B 209 -16.16 15.34 -9.01
N ILE B 210 -15.87 15.28 -10.32
CA ILE B 210 -16.66 14.65 -11.38
C ILE B 210 -15.72 14.42 -12.56
N ALA B 211 -16.11 13.58 -13.51
CA ALA B 211 -15.26 13.22 -14.67
C ALA B 211 -13.95 12.57 -14.20
N TYR B 212 -14.04 11.82 -13.11
CA TYR B 212 -12.93 11.15 -12.49
C TYR B 212 -12.86 9.76 -13.09
N GLU B 213 -12.32 9.68 -14.31
CA GLU B 213 -12.40 8.49 -15.16
C GLU B 213 -11.11 7.70 -15.34
N GLN B 214 -10.06 8.08 -14.61
CA GLN B 214 -8.86 7.26 -14.56
C GLN B 214 -8.02 7.46 -13.30
N GLU B 215 -7.37 6.37 -12.88
CA GLU B 215 -6.47 6.37 -11.74
C GLU B 215 -5.06 6.80 -12.05
N THR B 216 -4.59 6.58 -13.25
CA THR B 216 -3.24 6.97 -13.62
C THR B 216 -3.07 8.49 -13.58
N SER B 217 -2.00 8.95 -12.97
CA SER B 217 -1.78 10.36 -12.86
C SER B 217 -2.95 11.08 -12.23
N ARG B 218 -3.65 10.45 -11.30
CA ARG B 218 -4.64 11.20 -10.51
C ARG B 218 -3.96 12.22 -9.58
N ASN B 219 -2.79 11.86 -9.09
CA ASN B 219 -1.85 12.74 -8.41
C ASN B 219 -2.44 13.51 -7.27
N LEU B 220 -2.92 12.81 -6.25
CA LEU B 220 -3.33 13.49 -5.02
C LEU B 220 -2.20 14.33 -4.45
N TYR B 221 -2.56 15.45 -3.83
CA TYR B 221 -1.59 16.34 -3.23
C TYR B 221 -0.99 15.65 -2.06
N ILE B 222 0.34 15.52 -2.13
CA ILE B 222 1.12 14.96 -1.07
C ILE B 222 2.51 15.60 -1.06
N ASP B 223 3.00 15.81 0.13
CA ASP B 223 4.17 16.59 0.43
C ASP B 223 4.85 15.83 1.60
N ILE B 224 5.73 14.88 1.25
CA ILE B 224 6.35 13.87 2.14
C ILE B 224 7.71 13.40 1.60
N ASP B 225 8.63 13.04 2.49
CA ASP B 225 10.04 12.74 2.12
C ASP B 225 10.74 13.97 1.45
N GLY B 226 10.35 15.19 1.87
CA GLY B 226 10.95 16.44 1.34
C GLY B 226 10.58 16.79 -0.12
N VAL B 227 9.48 16.24 -0.60
CA VAL B 227 9.12 16.16 -2.01
C VAL B 227 7.60 16.42 -2.11
N SER B 228 7.18 17.17 -3.11
CA SER B 228 5.80 17.59 -3.27
C SER B 228 5.25 17.15 -4.63
N GLN B 229 4.10 16.48 -4.64
CA GLN B 229 3.43 16.18 -5.93
C GLN B 229 3.20 17.43 -6.84
N ALA B 230 2.93 18.59 -6.25
CA ALA B 230 2.75 19.83 -7.02
C ALA B 230 3.99 20.26 -7.84
N ASP B 231 5.19 19.88 -7.37
CA ASP B 231 6.43 20.03 -8.15
C ASP B 231 6.55 18.99 -9.25
N ILE B 232 6.12 17.77 -8.91
CA ILE B 232 6.25 16.59 -9.76
C ILE B 232 5.31 16.55 -10.97
N GLN B 233 4.00 16.55 -10.74
CA GLN B 233 3.03 16.49 -11.84
C GLN B 233 1.67 16.83 -11.32
N LEU B 234 0.96 17.67 -12.08
CA LEU B 234 -0.41 18.04 -11.80
C LEU B 234 -1.32 16.84 -12.12
N PRO B 235 -2.55 16.84 -11.60
CA PRO B 235 -3.44 15.73 -11.86
C PRO B 235 -3.89 15.71 -13.30
N ILE B 236 -4.20 14.53 -13.80
CA ILE B 236 -4.79 14.35 -15.16
C ILE B 236 -5.94 15.36 -15.38
N SER B 237 -6.03 16.02 -16.54
CA SER B 237 -7.14 16.99 -16.75
C SER B 237 -8.22 16.34 -17.61
N SER B 238 -9.42 16.14 -17.05
CA SER B 238 -10.55 15.72 -17.87
C SER B 238 -11.07 16.98 -18.55
N ASN B 239 -11.03 16.97 -19.88
CA ASN B 239 -11.48 18.12 -20.67
C ASN B 239 -12.75 17.69 -21.29
N VAL B 240 -13.85 18.26 -20.84
CA VAL B 240 -15.19 17.74 -21.09
C VAL B 240 -16.07 18.86 -21.61
N ASP B 241 -16.69 18.63 -22.77
CA ASP B 241 -17.62 19.61 -23.35
C ASP B 241 -18.92 19.63 -22.54
N ASP B 242 -19.66 20.75 -22.60
CA ASP B 242 -20.83 21.03 -21.75
C ASP B 242 -22.00 20.03 -21.93
N LEU B 243 -22.27 19.58 -23.15
CA LEU B 243 -23.28 18.57 -23.40
C LEU B 243 -22.97 17.21 -22.71
N THR B 244 -21.72 16.79 -22.83
CA THR B 244 -21.26 15.57 -22.23
C THR B 244 -21.35 15.65 -20.74
N MET B 245 -20.87 16.72 -20.17
CA MET B 245 -20.95 16.89 -18.72
C MET B 245 -22.41 16.74 -18.29
N HIS B 246 -23.34 17.28 -19.06
CA HIS B 246 -24.76 17.29 -18.68
C HIS B 246 -25.43 15.97 -18.91
N GLU B 247 -25.28 15.43 -20.09
CA GLU B 247 -26.00 14.23 -20.42
C GLU B 247 -25.40 12.96 -19.85
N LEU B 248 -24.08 12.94 -19.67
CA LEU B 248 -23.36 11.73 -19.27
C LEU B 248 -22.97 11.78 -17.80
N TYR B 249 -22.08 12.70 -17.40
CA TYR B 249 -21.47 12.64 -16.06
C TYR B 249 -22.35 13.21 -14.97
N MET B 250 -23.02 14.33 -15.16
CA MET B 250 -23.91 14.89 -14.10
C MET B 250 -25.14 14.06 -13.75
N TRP B 251 -25.54 13.18 -14.66
CA TRP B 251 -26.80 12.49 -14.58
C TRP B 251 -26.93 11.72 -13.27
N SER B 252 -25.96 10.86 -12.95
CA SER B 252 -25.93 10.14 -11.67
C SER B 252 -25.86 11.04 -10.43
N PHE B 253 -25.08 12.12 -10.51
CA PHE B 253 -24.97 12.98 -9.34
C PHE B 253 -26.27 13.72 -9.13
N ALA B 254 -27.01 14.00 -10.19
CA ALA B 254 -28.31 14.63 -10.02
C ALA B 254 -29.29 13.71 -9.26
N GLU B 255 -29.23 12.41 -9.57
CA GLU B 255 -29.99 11.40 -8.84
C GLU B 255 -29.53 11.34 -7.39
N ALA B 256 -28.22 11.47 -7.16
CA ALA B 256 -27.69 11.47 -5.79
C ALA B 256 -28.23 12.63 -4.98
N VAL B 257 -28.25 13.79 -5.63
CA VAL B 257 -28.73 15.00 -5.01
C VAL B 257 -30.18 14.80 -4.68
N ARG B 258 -30.97 14.31 -5.65
CA ARG B 258 -32.43 14.15 -5.45
C ARG B 258 -32.83 13.18 -4.33
N ALA B 259 -32.01 12.14 -4.12
CA ALA B 259 -32.16 11.21 -3.04
C ALA B 259 -31.80 11.78 -1.67
N GLY B 260 -31.24 13.00 -1.64
CA GLY B 260 -30.86 13.62 -0.41
C GLY B 260 -29.45 13.32 0.05
N THR B 261 -28.52 13.05 -0.87
CA THR B 261 -27.13 12.90 -0.41
C THR B 261 -26.77 14.17 0.39
N ASN B 262 -26.19 13.97 1.55
CA ASN B 262 -25.94 15.08 2.47
C ASN B 262 -24.73 15.90 2.03
N HIS B 263 -23.72 15.18 1.54
CA HIS B 263 -22.51 15.76 1.01
C HIS B 263 -22.10 15.08 -0.29
N ILE B 264 -21.17 15.74 -0.99
CA ILE B 264 -20.50 15.21 -2.17
C ILE B 264 -18.99 15.37 -2.02
N MET B 265 -18.24 14.38 -2.48
CA MET B 265 -16.76 14.45 -2.51
C MET B 265 -16.27 14.96 -3.87
N CYS B 266 -15.46 16.01 -3.86
CA CYS B 266 -14.82 16.46 -5.11
C CYS B 266 -13.54 15.66 -5.37
N SER B 267 -13.33 15.34 -6.66
CA SER B 267 -12.39 14.36 -7.12
C SER B 267 -10.93 14.87 -7.25
N TYR B 268 -10.00 13.96 -7.50
CA TYR B 268 -8.56 14.24 -7.64
C TYR B 268 -8.17 14.88 -8.98
N ASN B 269 -8.88 14.53 -10.03
CA ASN B 269 -8.61 15.05 -11.34
C ASN B 269 -8.98 16.54 -11.46
N ARG B 270 -8.32 17.20 -12.41
CA ARG B 270 -8.64 18.56 -12.82
C ARG B 270 -9.69 18.42 -13.88
N ILE B 271 -10.49 19.46 -14.05
CA ILE B 271 -11.44 19.54 -15.17
C ILE B 271 -11.12 20.82 -15.92
N ASN B 272 -10.84 20.74 -17.22
CA ASN B 272 -10.38 21.90 -17.95
C ASN B 272 -9.22 22.63 -17.21
N ASN B 273 -8.23 21.85 -16.77
CA ASN B 273 -7.03 22.40 -16.12
C ASN B 273 -7.25 23.18 -14.80
N THR B 274 -8.37 22.90 -14.14
CA THR B 274 -8.67 23.44 -12.83
C THR B 274 -9.11 22.28 -11.94
N HIS B 275 -8.47 22.22 -10.78
CA HIS B 275 -8.72 21.19 -9.78
C HIS B 275 -10.20 21.12 -9.49
N SER B 276 -10.73 19.90 -9.44
CA SER B 276 -12.19 19.69 -9.20
C SER B 276 -12.59 20.34 -7.89
N CYS B 277 -11.77 20.20 -6.87
CA CYS B 277 -12.05 20.75 -5.55
C CYS B 277 -11.93 22.29 -5.45
N SER B 278 -11.52 22.95 -6.53
CA SER B 278 -11.58 24.41 -6.58
C SER B 278 -11.98 24.87 -7.98
N ASN B 279 -12.82 24.07 -8.65
CA ASN B 279 -13.45 24.45 -9.91
C ASN B 279 -14.81 25.18 -9.68
N ALA B 280 -14.83 26.51 -9.84
CA ALA B 280 -16.01 27.33 -9.55
C ALA B 280 -17.20 26.90 -10.40
N LYS B 281 -16.92 26.73 -11.67
CA LYS B 281 -17.90 26.32 -12.64
C LYS B 281 -18.59 24.98 -12.26
N GLY B 282 -17.79 23.98 -11.88
CA GLY B 282 -18.25 22.66 -11.48
C GLY B 282 -18.98 22.65 -10.12
N LEU B 283 -18.39 23.31 -9.12
CA LEU B 283 -18.95 23.29 -7.77
C LEU B 283 -19.99 24.39 -7.49
N ASN B 284 -19.68 25.65 -7.81
CA ASN B 284 -20.57 26.74 -7.42
C ASN B 284 -21.75 26.78 -8.39
N GLN B 285 -21.51 26.63 -9.69
CA GLN B 285 -22.60 26.73 -10.65
C GLN B 285 -23.25 25.38 -10.94
N LEU B 286 -22.53 24.42 -11.51
CA LEU B 286 -23.17 23.15 -11.90
C LEU B 286 -23.82 22.40 -10.70
N LEU B 287 -23.07 22.26 -9.61
CA LEU B 287 -23.55 21.49 -8.49
C LEU B 287 -24.50 22.29 -7.60
N LYS B 288 -24.00 23.41 -7.12
CA LYS B 288 -24.68 24.21 -6.11
C LYS B 288 -25.75 25.18 -6.64
N THR B 289 -25.84 25.36 -7.97
CA THR B 289 -26.82 26.25 -8.59
C THR B 289 -27.74 25.42 -9.49
N GLU B 290 -27.25 24.90 -10.61
CA GLU B 290 -28.11 24.10 -11.49
C GLU B 290 -28.75 22.88 -10.77
N LEU B 291 -27.90 22.04 -10.17
CA LEU B 291 -28.36 20.88 -9.41
C LEU B 291 -28.84 21.26 -7.99
N ASN B 292 -28.68 22.55 -7.65
CA ASN B 292 -29.24 23.12 -6.41
C ASN B 292 -28.81 22.40 -5.10
N PHE B 293 -27.59 21.88 -5.10
CA PHE B 293 -27.10 21.11 -3.99
C PHE B 293 -27.04 21.93 -2.72
N GLN B 294 -27.69 21.46 -1.68
CA GLN B 294 -27.73 22.16 -0.43
C GLN B 294 -26.80 21.64 0.63
N GLY B 295 -25.97 20.71 0.27
CA GLY B 295 -25.09 20.03 1.24
C GLY B 295 -23.65 20.44 1.07
N GLY B 296 -22.77 19.66 1.69
CA GLY B 296 -21.35 20.04 1.80
C GLY B 296 -20.52 19.35 0.73
N VAL B 297 -19.50 20.04 0.21
CA VAL B 297 -18.52 19.46 -0.72
C VAL B 297 -17.28 19.13 0.12
N VAL B 298 -16.99 17.83 0.25
CA VAL B 298 -15.83 17.34 1.00
C VAL B 298 -14.66 17.05 0.02
N SER B 299 -13.48 17.56 0.33
CA SER B 299 -12.32 17.25 -0.52
C SER B 299 -12.07 15.76 -0.47
N ASP B 300 -11.73 15.15 -1.60
CA ASP B 300 -10.97 13.92 -1.54
C ASP B 300 -9.68 14.20 -0.74
N TRP B 301 -9.10 13.13 -0.23
CA TRP B 301 -7.98 13.18 0.67
C TRP B 301 -6.74 13.52 -0.16
N GLY B 302 -6.34 14.78 -0.16
CA GLY B 302 -5.32 15.26 -1.10
C GLY B 302 -5.89 15.89 -2.35
N GLY B 303 -7.20 16.13 -2.37
CA GLY B 303 -7.88 16.76 -3.51
C GLY B 303 -7.85 18.28 -3.43
N GLN B 304 -7.60 18.83 -2.25
CA GLN B 304 -7.46 20.27 -2.11
C GLN B 304 -5.98 20.65 -2.31
N TRP B 305 -5.72 21.63 -3.18
CA TRP B 305 -4.39 22.07 -3.61
C TRP B 305 -4.07 23.54 -3.22
N ASP B 306 -5.02 24.24 -2.60
CA ASP B 306 -4.82 25.65 -2.31
C ASP B 306 -5.84 26.06 -1.26
N SER B 307 -5.70 27.29 -0.76
CA SER B 307 -6.46 27.80 0.37
C SER B 307 -7.56 28.72 -0.09
N VAL B 308 -7.19 29.71 -0.88
CA VAL B 308 -8.15 30.73 -1.24
C VAL B 308 -9.04 30.30 -2.40
N PRO B 309 -8.47 29.75 -3.45
CA PRO B 309 -9.43 29.42 -4.51
C PRO B 309 -10.53 28.39 -4.06
N ALA B 310 -10.09 27.37 -3.35
CA ALA B 310 -10.95 26.41 -2.71
C ALA B 310 -12.07 27.05 -1.88
N ALA B 311 -11.71 28.04 -1.05
CA ALA B 311 -12.72 28.73 -0.27
C ALA B 311 -13.73 29.48 -1.14
N GLU B 312 -13.28 30.04 -2.24
CA GLU B 312 -14.13 30.85 -3.11
C GLU B 312 -14.87 30.03 -4.15
N ASN B 313 -14.38 28.85 -4.50
CA ASN B 313 -14.92 28.13 -5.65
C ASN B 313 -15.74 26.88 -5.34
N GLY B 314 -16.06 26.62 -4.09
CA GLY B 314 -16.99 25.58 -3.74
C GLY B 314 -16.68 24.57 -2.66
N LEU B 315 -15.42 24.42 -2.22
CA LEU B 315 -15.10 23.44 -1.18
C LEU B 315 -15.73 23.84 0.11
N ASP B 316 -16.29 22.89 0.85
CA ASP B 316 -16.79 23.15 2.21
C ASP B 316 -15.99 22.49 3.33
N VAL B 317 -15.28 21.40 3.04
CA VAL B 317 -14.58 20.63 4.08
C VAL B 317 -13.24 20.16 3.57
N ALA B 318 -12.18 20.53 4.30
CA ALA B 318 -10.83 20.13 4.00
C ALA B 318 -10.48 18.83 4.72
N MET B 319 -10.20 17.77 3.95
CA MET B 319 -9.84 16.45 4.52
C MET B 319 -8.56 15.91 3.88
N PRO B 320 -7.70 15.24 4.65
CA PRO B 320 -7.90 14.91 6.06
C PRO B 320 -7.38 15.93 7.05
N GLY B 321 -6.81 17.03 6.56
CA GLY B 321 -6.38 18.11 7.44
C GLY B 321 -5.15 17.71 8.24
N LYS B 322 -5.25 17.74 9.56
CA LYS B 322 -4.14 17.29 10.42
C LYS B 322 -3.96 15.79 10.45
N GLY B 323 -4.91 15.00 9.95
CA GLY B 323 -4.77 13.54 9.86
C GLY B 323 -3.68 13.21 8.84
N PHE B 324 -3.17 12.00 8.89
CA PHE B 324 -2.11 11.53 7.99
C PHE B 324 -0.88 12.43 8.01
N LEU B 325 -0.48 12.82 9.23
CA LEU B 325 0.75 13.64 9.48
C LEU B 325 0.74 15.05 8.85
N GLY B 326 -0.42 15.47 8.32
CA GLY B 326 -0.53 16.68 7.50
C GLY B 326 0.09 16.53 6.14
N ALA B 327 0.36 15.30 5.73
CA ALA B 327 1.14 15.08 4.52
C ALA B 327 0.34 15.33 3.26
N LEU B 328 -0.98 15.22 3.31
CA LEU B 328 -1.85 15.40 2.14
C LEU B 328 -2.35 16.83 2.02
N GLY B 329 -1.60 17.75 2.65
CA GLY B 329 -1.90 19.16 2.64
C GLY B 329 -2.85 19.50 3.76
N ASP B 330 -2.69 20.72 4.26
CA ASP B 330 -3.44 21.23 5.36
C ASP B 330 -3.62 22.71 5.10
N PHE B 331 -4.41 22.95 4.07
CA PHE B 331 -4.55 24.29 3.51
C PHE B 331 -5.46 25.28 4.26
N TRP B 332 -6.34 24.80 5.12
CA TRP B 332 -7.17 25.64 5.95
C TRP B 332 -6.92 25.16 7.38
N GLY B 333 -7.69 25.57 8.37
CA GLY B 333 -7.33 25.38 9.79
C GLY B 333 -6.85 26.79 10.12
N ALA B 334 -5.69 26.86 10.79
CA ALA B 334 -5.04 28.10 11.14
C ALA B 334 -4.82 29.03 9.95
N THR B 335 -4.52 28.44 8.78
CA THR B 335 -4.40 29.24 7.56
C THR B 335 -5.71 29.95 7.27
N LEU B 336 -6.84 29.26 7.41
CA LEU B 336 -8.13 29.89 7.11
C LEU B 336 -8.54 30.85 8.18
N VAL B 337 -8.14 30.58 9.41
CA VAL B 337 -8.31 31.57 10.49
C VAL B 337 -7.60 32.89 10.09
N GLU B 338 -6.34 32.79 9.64
CA GLU B 338 -5.56 33.98 9.25
C GLU B 338 -6.23 34.69 8.09
N LEU B 339 -6.66 33.92 7.11
CA LEU B 339 -7.30 34.50 5.92
C LEU B 339 -8.64 35.18 6.20
N ILE B 340 -9.39 34.69 7.20
CA ILE B 340 -10.63 35.35 7.60
C ILE B 340 -10.27 36.61 8.34
N ASN B 341 -9.38 36.47 9.31
CA ASN B 341 -8.96 37.61 10.10
C ASN B 341 -8.28 38.74 9.34
N ASN B 342 -7.61 38.47 8.22
CA ASN B 342 -6.92 39.55 7.50
C ASN B 342 -7.72 40.09 6.35
N GLY B 343 -8.96 39.65 6.21
CA GLY B 343 -9.85 40.25 5.24
C GLY B 343 -9.84 39.61 3.90
N THR B 344 -9.10 38.51 3.71
CA THR B 344 -8.97 37.95 2.36
C THR B 344 -10.21 37.13 2.05
N VAL B 345 -10.62 36.26 2.98
CA VAL B 345 -11.82 35.39 2.82
C VAL B 345 -12.92 35.93 3.71
N SER B 346 -14.08 36.11 3.12
CA SER B 346 -15.29 36.57 3.84
C SER B 346 -15.69 35.60 4.95
N GLU B 347 -15.95 36.05 6.18
CA GLU B 347 -16.45 35.13 7.18
C GLU B 347 -17.78 34.47 6.77
N ASP B 348 -18.68 35.18 6.09
CA ASP B 348 -19.99 34.64 5.68
C ASP B 348 -19.90 33.50 4.65
N LEU B 349 -18.84 33.52 3.84
CA LEU B 349 -18.58 32.44 2.87
C LEU B 349 -18.25 31.14 3.62
N VAL B 350 -17.58 31.32 4.75
CA VAL B 350 -17.16 30.21 5.56
C VAL B 350 -18.29 29.72 6.46
N ARG B 351 -19.15 30.64 6.89
CA ARG B 351 -20.31 30.23 7.66
C ARG B 351 -21.20 29.35 6.81
N ASP B 352 -21.28 29.61 5.50
CA ASP B 352 -22.06 28.76 4.60
C ASP B 352 -21.52 27.32 4.55
N LYS B 353 -20.20 27.19 4.62
CA LYS B 353 -19.55 25.90 4.64
C LYS B 353 -19.99 25.12 5.87
N ALA B 354 -19.93 25.76 7.03
CA ALA B 354 -20.32 25.12 8.30
C ALA B 354 -21.83 24.80 8.39
N VAL B 355 -22.67 25.72 7.92
CA VAL B 355 -24.11 25.48 7.78
C VAL B 355 -24.32 24.18 6.96
N ARG B 356 -23.64 24.07 5.82
CA ARG B 356 -23.79 22.87 5.00
C ARG B 356 -23.35 21.59 5.71
N ILE B 357 -22.31 21.66 6.54
CA ILE B 357 -21.85 20.51 7.26
C ILE B 357 -22.88 20.11 8.32
N LEU B 358 -23.42 21.10 9.01
CA LEU B 358 -24.30 20.83 10.14
C LEU B 358 -25.72 20.45 9.73
N THR B 359 -26.13 20.82 8.53
CA THR B 359 -27.46 20.50 8.06
C THR B 359 -27.72 19.01 8.14
N GLY B 360 -26.70 18.25 7.73
CA GLY B 360 -26.73 16.79 7.78
C GLY B 360 -26.86 16.26 9.19
N TYR B 361 -26.09 16.86 10.09
CA TYR B 361 -26.07 16.50 11.50
C TYR B 361 -27.45 16.54 12.06
N TYR B 362 -28.15 17.63 11.79
CA TYR B 362 -29.47 17.84 12.41
C TYR B 362 -30.59 17.07 11.70
N TYR B 363 -30.59 17.00 10.37
CA TYR B 363 -31.65 16.33 9.63
C TYR B 363 -31.75 14.82 9.97
N LEU B 364 -30.59 14.17 10.10
CA LEU B 364 -30.55 12.78 10.46
C LEU B 364 -30.61 12.56 11.95
N GLY B 365 -30.76 13.61 12.75
CA GLY B 365 -30.97 13.49 14.19
C GLY B 365 -29.79 13.07 15.00
N GLN B 366 -28.60 13.43 14.53
CA GLN B 366 -27.40 12.99 15.21
C GLN B 366 -27.18 13.79 16.45
N ASP B 367 -27.79 14.99 16.57
CA ASP B 367 -27.82 15.75 17.86
C ASP B 367 -28.58 15.05 18.99
N THR B 368 -29.80 14.58 18.71
CA THR B 368 -30.67 13.97 19.74
C THR B 368 -30.59 12.46 19.80
N ASN B 369 -29.92 11.85 18.85
CA ASN B 369 -29.72 10.39 18.80
C ASN B 369 -28.30 10.15 18.28
N PRO B 370 -27.28 10.45 19.12
CA PRO B 370 -25.90 10.39 18.60
C PRO B 370 -25.50 8.95 18.34
N PRO B 371 -24.66 8.69 17.32
CA PRO B 371 -24.07 7.39 17.13
C PRO B 371 -23.23 6.98 18.32
N PRO B 372 -22.96 5.68 18.45
CA PRO B 372 -22.06 5.26 19.53
C PRO B 372 -20.64 5.70 19.22
N PRO B 373 -19.71 5.61 20.22
CA PRO B 373 -18.29 5.92 19.91
C PRO B 373 -17.72 4.99 18.86
N PHE B 374 -16.84 5.51 18.02
CA PHE B 374 -16.03 4.73 17.11
C PHE B 374 -14.80 4.27 17.87
N VAL B 375 -14.43 3.03 17.63
CA VAL B 375 -13.61 2.26 18.56
C VAL B 375 -12.36 1.61 17.87
N TYR B 376 -12.31 1.60 16.53
CA TYR B 376 -11.23 0.98 15.81
C TYR B 376 -10.31 2.05 15.23
N ASN B 377 -9.02 1.74 15.29
CA ASN B 377 -7.96 2.49 14.60
C ASN B 377 -7.90 2.04 13.14
N THR B 378 -8.42 2.85 12.24
CA THR B 378 -8.51 2.49 10.81
C THR B 378 -7.42 3.18 9.94
N ILE B 379 -6.57 3.96 10.59
CA ILE B 379 -5.52 4.74 9.96
C ILE B 379 -4.31 3.84 9.83
N GLY B 380 -3.89 3.33 10.97
CA GLY B 380 -2.79 2.38 11.09
C GLY B 380 -1.57 2.99 11.74
N ALA B 381 -0.82 2.22 12.51
CA ALA B 381 0.50 2.64 13.01
C ALA B 381 1.57 2.44 11.91
N PRO B 382 2.65 3.21 11.89
CA PRO B 382 2.94 4.33 12.80
C PRO B 382 2.21 5.68 12.50
N THR B 383 1.40 5.76 11.44
CA THR B 383 0.72 7.01 11.18
C THR B 383 -0.14 7.44 12.36
N LEU B 384 -0.84 6.50 13.01
CA LEU B 384 -1.57 6.76 14.28
C LEU B 384 -1.37 5.59 15.28
N ASN B 385 -0.90 5.91 16.48
CA ASN B 385 -0.58 4.91 17.50
C ASN B 385 -1.71 5.09 18.46
N ALA B 386 -2.64 4.15 18.37
CA ALA B 386 -3.87 4.19 19.15
C ALA B 386 -4.42 2.79 19.16
N THR B 387 -4.77 2.34 20.35
CA THR B 387 -5.36 1.06 20.55
C THR B 387 -6.81 1.07 20.06
N SER B 388 -7.34 -0.11 19.77
CA SER B 388 -8.67 -0.30 19.21
C SER B 388 -9.48 -1.02 20.26
N GLY B 389 -10.76 -0.70 20.39
CA GLY B 389 -11.67 -1.58 21.16
C GLY B 389 -12.25 -2.71 20.32
N TYR B 390 -13.42 -3.20 20.72
CA TYR B 390 -14.10 -4.24 19.96
C TYR B 390 -15.60 -4.03 20.03
N ARG B 391 -16.28 -4.04 18.88
CA ARG B 391 -17.73 -4.02 18.82
C ARG B 391 -18.20 -4.92 17.71
N ASN B 392 -19.22 -5.71 17.99
CA ASN B 392 -19.78 -6.60 17.00
C ASN B 392 -21.13 -6.04 16.61
N VAL B 393 -21.28 -5.83 15.33
CA VAL B 393 -22.40 -5.11 14.74
C VAL B 393 -23.18 -5.94 13.72
N ARG B 394 -22.81 -7.21 13.52
CA ARG B 394 -23.45 -8.06 12.51
C ARG B 394 -24.82 -8.52 13.00
N LYS B 395 -25.87 -8.13 12.33
CA LYS B 395 -27.20 -8.50 12.76
C LYS B 395 -27.64 -9.77 12.02
N PRO B 396 -28.60 -10.50 12.60
CA PRO B 396 -29.19 -11.61 11.86
C PRO B 396 -29.81 -11.11 10.56
N GLY B 397 -29.74 -11.93 9.53
CA GLY B 397 -30.30 -11.51 8.26
C GLY B 397 -29.30 -10.87 7.33
N THR B 398 -28.18 -10.37 7.84
CA THR B 398 -27.21 -9.71 6.97
C THR B 398 -26.45 -10.66 6.05
N ALA B 399 -26.04 -11.79 6.60
CA ALA B 399 -25.37 -12.82 5.84
C ALA B 399 -26.22 -13.33 4.68
N GLU B 400 -27.52 -13.57 4.91
CA GLU B 400 -28.43 -13.99 3.83
C GLU B 400 -28.72 -12.86 2.84
N LEU B 401 -28.77 -11.60 3.28
CA LEU B 401 -28.86 -10.52 2.29
C LEU B 401 -27.65 -10.55 1.33
N ILE B 402 -26.47 -10.77 1.89
CA ILE B 402 -25.21 -10.81 1.12
C ILE B 402 -25.17 -12.01 0.19
N LYS B 403 -25.66 -13.14 0.69
CA LYS B 403 -25.82 -14.32 -0.15
C LYS B 403 -26.79 -14.06 -1.31
N GLU B 404 -27.93 -13.47 -1.00
CA GLU B 404 -29.00 -13.24 -1.98
C GLU B 404 -28.55 -12.29 -3.09
N ILE B 405 -27.71 -11.29 -2.78
CA ILE B 405 -27.18 -10.34 -3.74
C ILE B 405 -26.29 -11.09 -4.71
N GLY B 406 -25.42 -11.93 -4.16
CA GLY B 406 -24.57 -12.81 -4.95
C GLY B 406 -25.34 -13.75 -5.87
N SER B 407 -26.35 -14.47 -5.36
CA SER B 407 -27.19 -15.33 -6.19
C SER B 407 -27.97 -14.59 -7.25
N ALA B 408 -28.40 -13.36 -6.97
CA ALA B 408 -29.14 -12.56 -7.95
C ALA B 408 -28.25 -11.89 -9.03
N SER B 409 -26.93 -11.81 -8.77
CA SER B 409 -25.96 -11.17 -9.66
C SER B 409 -25.21 -12.12 -10.58
N VAL B 410 -24.96 -13.36 -10.14
CA VAL B 410 -24.09 -14.24 -10.94
C VAL B 410 -24.65 -14.31 -12.34
N THR B 411 -23.81 -13.90 -13.28
CA THR B 411 -24.22 -13.73 -14.66
C THR B 411 -23.73 -14.89 -15.54
N LEU B 412 -24.68 -15.59 -16.15
CA LEU B 412 -24.36 -16.76 -16.98
C LEU B 412 -24.08 -16.30 -18.40
N LEU B 413 -22.85 -16.51 -18.88
CA LEU B 413 -22.41 -15.99 -20.17
C LEU B 413 -22.45 -17.01 -21.30
N LYS B 414 -22.30 -18.27 -20.94
CA LYS B 414 -22.36 -19.36 -21.91
C LYS B 414 -22.80 -20.62 -21.18
N ASN B 415 -23.62 -21.41 -21.89
CA ASN B 415 -24.07 -22.73 -21.40
C ASN B 415 -24.48 -23.59 -22.60
N THR B 416 -23.59 -24.49 -22.98
N THR B 416 -23.58 -24.48 -22.98
CA THR B 416 -23.89 -25.46 -24.04
CA THR B 416 -23.84 -25.46 -24.02
C THR B 416 -24.63 -26.71 -23.57
C THR B 416 -24.70 -26.67 -23.58
N GLY B 417 -24.99 -26.77 -22.28
CA GLY B 417 -25.81 -27.87 -21.73
C GLY B 417 -25.39 -28.43 -20.38
N SER B 418 -24.28 -27.95 -19.81
CA SER B 418 -23.70 -28.58 -18.63
C SER B 418 -24.31 -28.11 -17.34
N LEU B 419 -24.99 -26.97 -17.38
CA LEU B 419 -25.70 -26.43 -16.23
C LEU B 419 -27.21 -26.37 -16.48
N PRO B 420 -28.03 -26.47 -15.45
CA PRO B 420 -27.59 -26.77 -14.09
C PRO B 420 -27.05 -28.20 -13.93
N LEU B 421 -26.19 -28.39 -12.98
CA LEU B 421 -25.68 -29.67 -12.67
C LEU B 421 -26.76 -30.45 -11.99
N LYS B 422 -26.72 -31.75 -12.14
CA LYS B 422 -27.68 -32.59 -11.48
C LYS B 422 -27.30 -33.31 -10.20
N HIS B 423 -26.38 -34.23 -10.30
CA HIS B 423 -25.76 -34.82 -9.15
C HIS B 423 -24.46 -35.49 -9.54
N PRO B 424 -23.58 -34.79 -10.22
CA PRO B 424 -22.34 -35.43 -10.66
C PRO B 424 -21.55 -36.07 -9.50
N GLN B 425 -20.87 -37.16 -9.80
CA GLN B 425 -20.29 -37.99 -8.74
C GLN B 425 -18.84 -37.67 -8.51
N ARG B 426 -18.20 -37.08 -9.52
CA ARG B 426 -16.76 -36.83 -9.51
C ARG B 426 -16.49 -35.40 -9.98
N ILE B 427 -16.04 -34.57 -9.06
CA ILE B 427 -15.97 -33.14 -9.28
C ILE B 427 -14.54 -32.73 -9.11
N ALA B 428 -13.99 -32.06 -10.11
CA ALA B 428 -12.67 -31.45 -10.02
C ALA B 428 -12.78 -29.92 -9.95
N VAL B 429 -11.94 -29.29 -9.11
CA VAL B 429 -11.88 -27.85 -9.00
C VAL B 429 -10.44 -27.37 -9.18
N LEU B 430 -10.27 -26.29 -9.94
CA LEU B 430 -8.96 -25.68 -10.28
C LEU B 430 -8.95 -24.17 -9.92
N GLY B 431 -7.80 -23.69 -9.46
CA GLY B 431 -7.54 -22.30 -9.28
C GLY B 431 -7.59 -21.90 -7.82
N ASN B 432 -6.65 -21.05 -7.40
CA ASN B 432 -6.58 -20.51 -6.04
C ASN B 432 -7.78 -19.63 -5.68
N ASP B 433 -8.46 -19.11 -6.69
CA ASP B 433 -9.69 -18.35 -6.47
C ASP B 433 -10.80 -19.16 -5.72
N ALA B 434 -10.77 -20.48 -5.86
CA ALA B 434 -11.74 -21.33 -5.18
C ALA B 434 -11.53 -21.48 -3.67
N THR B 435 -10.41 -21.01 -3.13
CA THR B 435 -10.13 -21.24 -1.70
C THR B 435 -9.74 -19.93 -1.00
N TYR B 436 -9.26 -20.06 0.24
CA TYR B 436 -8.84 -18.94 1.09
C TYR B 436 -7.51 -18.33 0.63
N ASN B 437 -7.38 -17.06 0.92
CA ASN B 437 -6.09 -16.41 1.02
C ASN B 437 -5.22 -17.23 1.97
N VAL B 438 -4.07 -17.67 1.48
CA VAL B 438 -3.17 -18.52 2.27
C VAL B 438 -2.63 -17.80 3.50
N LEU B 439 -2.76 -16.49 3.54
CA LEU B 439 -2.25 -15.68 4.62
C LEU B 439 -3.31 -15.17 5.58
N GLY B 440 -4.60 -15.41 5.27
CA GLY B 440 -5.71 -14.91 6.04
C GLY B 440 -6.60 -14.04 5.16
N PRO B 441 -7.95 -14.15 5.25
CA PRO B 441 -8.84 -13.23 4.49
C PRO B 441 -8.49 -11.72 4.53
N ASN B 442 -8.00 -11.24 5.68
CA ASN B 442 -7.59 -9.84 5.86
C ASN B 442 -6.09 -9.58 5.93
N ALA B 443 -5.28 -10.58 5.63
CA ALA B 443 -3.85 -10.41 5.61
C ALA B 443 -3.35 -9.28 4.72
N CYS B 444 -4.07 -8.97 3.64
CA CYS B 444 -3.72 -7.84 2.80
C CYS B 444 -3.96 -6.47 3.49
N GLY B 445 -4.41 -6.48 4.74
CA GLY B 445 -4.43 -5.25 5.50
C GLY B 445 -5.67 -4.39 5.38
N LEU B 446 -5.50 -3.15 5.86
CA LEU B 446 -6.59 -2.20 6.07
C LEU B 446 -7.27 -1.71 4.82
N ALA B 447 -6.71 -2.00 3.66
CA ALA B 447 -7.27 -1.58 2.40
C ALA B 447 -7.09 -2.65 1.31
N ASN B 448 -7.00 -3.89 1.74
CA ASN B 448 -6.88 -5.02 0.86
C ASN B 448 -5.92 -4.80 -0.32
N SER B 449 -4.74 -4.30 0.02
CA SER B 449 -3.74 -3.99 -0.97
C SER B 449 -2.26 -4.12 -0.52
N ALA B 450 -1.97 -4.65 0.67
CA ALA B 450 -0.59 -4.74 1.15
C ALA B 450 0.06 -6.12 0.95
N CYS B 451 -0.66 -7.09 0.38
CA CYS B 451 -0.04 -8.41 0.14
C CYS B 451 0.93 -8.32 -1.03
N ASP B 452 1.94 -9.19 -1.03
CA ASP B 452 2.87 -9.30 -2.15
C ASP B 452 2.19 -9.59 -3.50
N ILE B 453 2.76 -9.00 -4.55
CA ILE B 453 2.41 -9.21 -5.97
C ILE B 453 2.07 -10.66 -6.35
N ASP B 454 2.76 -11.64 -5.79
CA ASP B 454 2.51 -13.06 -6.11
C ASP B 454 1.69 -13.86 -5.09
N ASN B 455 1.20 -13.23 -4.04
CA ASN B 455 0.44 -13.96 -3.04
C ASN B 455 -0.80 -14.60 -3.63
N LEU B 456 -1.12 -15.77 -3.11
CA LEU B 456 -2.37 -16.45 -3.43
C LEU B 456 -3.46 -15.87 -2.51
N ASN B 457 -4.19 -14.86 -3.03
CA ASN B 457 -5.15 -14.11 -2.22
C ASN B 457 -6.50 -14.78 -2.04
N GLY B 458 -6.65 -16.00 -2.52
CA GLY B 458 -7.95 -16.69 -2.49
C GLY B 458 -9.06 -16.05 -3.30
N THR B 459 -10.31 -16.26 -2.88
CA THR B 459 -11.45 -15.83 -3.67
C THR B 459 -11.44 -14.34 -3.64
N LEU B 460 -11.60 -13.71 -4.81
CA LEU B 460 -11.59 -12.27 -4.91
C LEU B 460 -12.99 -11.76 -4.50
N THR B 461 -13.17 -11.53 -3.20
CA THR B 461 -14.48 -11.14 -2.74
C THR B 461 -14.69 -9.61 -2.85
N THR B 462 -13.60 -8.86 -2.98
CA THR B 462 -13.62 -7.42 -3.12
C THR B 462 -12.33 -6.96 -3.76
N GLY B 463 -12.32 -5.72 -4.24
CA GLY B 463 -11.15 -5.11 -4.81
C GLY B 463 -10.34 -4.42 -3.76
N GLY B 464 -9.30 -3.72 -4.18
CA GLY B 464 -8.38 -3.04 -3.27
C GLY B 464 -8.57 -1.54 -3.21
N GLY B 465 -8.21 -0.95 -2.07
CA GLY B 465 -8.28 0.49 -1.84
C GLY B 465 -9.19 0.87 -0.71
N SER B 466 -9.51 2.17 -0.67
CA SER B 466 -10.41 2.77 0.32
C SER B 466 -11.81 2.16 0.32
N GLY B 467 -12.19 1.50 -0.77
CA GLY B 467 -13.52 0.90 -0.89
C GLY B 467 -13.64 -0.57 -0.56
N SER B 468 -12.61 -1.15 0.05
CA SER B 468 -12.71 -2.55 0.52
C SER B 468 -13.19 -2.57 1.92
N ALA B 469 -13.30 -3.75 2.51
CA ALA B 469 -13.56 -3.91 3.93
C ALA B 469 -13.05 -5.25 4.43
N LEU B 470 -12.85 -5.34 5.74
CA LEU B 470 -12.43 -6.59 6.34
C LEU B 470 -13.57 -7.58 6.24
N SER B 471 -13.25 -8.81 6.55
CA SER B 471 -14.14 -9.93 6.34
C SER B 471 -14.06 -10.81 7.58
N PRO B 472 -15.22 -11.23 8.14
CA PRO B 472 -15.20 -12.11 9.27
C PRO B 472 -14.87 -13.54 8.89
N TYR B 473 -14.99 -13.87 7.61
CA TYR B 473 -14.61 -15.16 7.08
C TYR B 473 -14.81 -15.10 5.60
N THR B 474 -14.40 -16.17 4.92
CA THR B 474 -14.81 -16.37 3.55
C THR B 474 -15.37 -17.76 3.36
N ILE B 475 -16.59 -17.80 2.86
CA ILE B 475 -17.22 -19.01 2.45
C ILE B 475 -16.70 -19.22 1.06
N THR B 476 -15.74 -20.12 0.96
CA THR B 476 -15.05 -20.32 -0.30
C THR B 476 -15.95 -21.11 -1.26
N PRO B 477 -15.78 -20.89 -2.57
CA PRO B 477 -16.41 -21.80 -3.52
C PRO B 477 -16.11 -23.29 -3.27
N LEU B 478 -14.89 -23.61 -2.85
CA LEU B 478 -14.56 -25.01 -2.60
C LEU B 478 -15.39 -25.62 -1.47
N GLU B 479 -15.53 -24.93 -0.34
N GLU B 479 -15.54 -24.94 -0.32
CA GLU B 479 -16.28 -25.55 0.76
CA GLU B 479 -16.36 -25.52 0.78
C GLU B 479 -17.80 -25.60 0.51
C GLU B 479 -17.79 -25.72 0.33
N ALA B 480 -18.32 -24.71 -0.34
CA ALA B 480 -19.71 -24.75 -0.75
C ALA B 480 -19.97 -25.87 -1.79
N LEU B 481 -19.07 -26.09 -2.72
CA LEU B 481 -19.19 -27.23 -3.62
C LEU B 481 -19.02 -28.57 -2.87
N GLN B 482 -18.12 -28.62 -1.88
CA GLN B 482 -17.87 -29.86 -1.14
C GLN B 482 -19.10 -30.28 -0.40
N LYS B 483 -19.67 -29.31 0.31
CA LYS B 483 -20.90 -29.51 1.06
C LYS B 483 -21.99 -30.15 0.20
N ARG B 484 -22.09 -29.76 -1.05
CA ARG B 484 -23.06 -30.34 -1.94
C ARG B 484 -22.66 -31.72 -2.54
N ALA B 485 -21.36 -31.89 -2.76
CA ALA B 485 -20.82 -33.19 -3.15
C ALA B 485 -21.12 -34.23 -2.06
N ILE B 486 -20.88 -33.87 -0.82
CA ILE B 486 -21.17 -34.73 0.29
C ILE B 486 -22.63 -35.14 0.31
N GLU B 487 -23.57 -34.22 0.12
CA GLU B 487 -24.99 -34.59 0.07
C GLU B 487 -25.31 -35.53 -1.08
N ASP B 488 -24.61 -35.41 -2.21
CA ASP B 488 -24.81 -36.30 -3.34
C ASP B 488 -23.93 -37.55 -3.28
N ASN B 489 -23.34 -37.86 -2.12
CA ASN B 489 -22.46 -39.03 -1.95
C ASN B 489 -21.36 -39.16 -2.99
N ALA B 490 -20.78 -38.00 -3.34
CA ALA B 490 -19.86 -37.82 -4.45
C ALA B 490 -18.49 -37.50 -3.89
N GLU B 491 -17.52 -37.43 -4.79
CA GLU B 491 -16.17 -37.05 -4.43
C GLU B 491 -15.75 -35.74 -5.08
N ILE B 492 -14.79 -35.06 -4.47
CA ILE B 492 -14.38 -33.76 -4.97
C ILE B 492 -12.95 -33.49 -4.58
N ALA B 493 -12.21 -32.89 -5.51
CA ALA B 493 -10.81 -32.56 -5.32
C ALA B 493 -10.39 -31.26 -6.02
N ALA B 494 -9.55 -30.49 -5.34
CA ALA B 494 -9.16 -29.19 -5.83
C ALA B 494 -7.66 -29.04 -5.93
N VAL B 495 -7.18 -28.57 -7.08
CA VAL B 495 -5.83 -28.03 -7.23
C VAL B 495 -5.89 -26.51 -7.14
N VAL B 496 -5.43 -25.98 -6.01
CA VAL B 496 -5.47 -24.54 -5.68
C VAL B 496 -4.10 -23.88 -5.44
N ALA B 497 -3.02 -24.57 -5.86
CA ALA B 497 -1.68 -23.95 -5.87
C ALA B 497 -1.53 -23.05 -7.09
N ASN B 498 -0.48 -22.25 -7.15
CA ASN B 498 -0.14 -21.60 -8.40
C ASN B 498 0.37 -22.68 -9.33
N SER B 499 -0.35 -22.94 -10.40
CA SER B 499 -0.04 -24.03 -11.31
C SER B 499 1.26 -23.83 -12.12
N ASN B 500 1.75 -22.62 -12.24
CA ASN B 500 3.03 -22.40 -12.94
C ASN B 500 4.25 -22.69 -12.07
N THR B 501 4.16 -22.42 -10.77
CA THR B 501 5.33 -22.39 -9.90
C THR B 501 5.43 -23.49 -8.80
N THR B 502 4.47 -24.40 -8.70
CA THR B 502 4.43 -25.34 -7.57
C THR B 502 4.78 -26.69 -8.10
N THR B 503 5.83 -27.31 -7.56
CA THR B 503 6.30 -28.55 -8.19
C THR B 503 5.17 -29.59 -8.11
N GLY B 504 4.91 -30.30 -9.20
CA GLY B 504 3.86 -31.31 -9.27
C GLY B 504 2.48 -30.84 -9.69
N ALA B 505 2.24 -29.52 -9.69
CA ALA B 505 0.87 -29.02 -9.84
C ALA B 505 0.30 -29.44 -11.17
N GLU B 506 1.07 -29.17 -12.19
CA GLU B 506 0.72 -29.53 -13.56
C GLU B 506 0.38 -31.05 -13.77
N ASP B 507 1.18 -31.93 -13.18
CA ASP B 507 0.93 -33.36 -13.27
C ASP B 507 -0.35 -33.77 -12.54
N ALA B 508 -0.58 -33.27 -11.31
CA ALA B 508 -1.84 -33.52 -10.55
C ALA B 508 -3.11 -33.07 -11.27
N ILE B 509 -3.05 -31.92 -11.92
CA ILE B 509 -4.14 -31.45 -12.78
C ILE B 509 -4.39 -32.47 -13.93
N ALA B 510 -3.31 -32.93 -14.55
CA ALA B 510 -3.39 -33.90 -15.66
C ALA B 510 -3.94 -35.24 -15.24
N ALA B 511 -3.68 -35.63 -14.01
CA ALA B 511 -4.15 -36.90 -13.45
C ALA B 511 -5.59 -36.81 -12.97
N LEU B 512 -6.00 -35.62 -12.55
CA LEU B 512 -7.33 -35.42 -11.95
C LEU B 512 -8.43 -35.15 -12.98
N LEU B 513 -8.17 -34.31 -13.96
CA LEU B 513 -9.27 -33.88 -14.86
C LEU B 513 -9.93 -34.95 -15.69
N PRO B 514 -9.17 -35.89 -16.29
CA PRO B 514 -9.81 -36.83 -17.27
C PRO B 514 -10.97 -37.64 -16.73
N ASP B 515 -10.92 -38.05 -15.47
CA ASP B 515 -12.02 -38.85 -14.84
C ASP B 515 -13.16 -38.06 -14.18
N ALA B 516 -13.06 -36.73 -14.18
CA ALA B 516 -14.01 -35.89 -13.47
C ALA B 516 -15.22 -35.66 -14.35
N ASP B 517 -16.42 -35.70 -13.77
CA ASP B 517 -17.66 -35.48 -14.53
C ASP B 517 -17.80 -34.01 -14.92
N VAL B 518 -17.22 -33.12 -14.12
CA VAL B 518 -17.19 -31.70 -14.41
C VAL B 518 -15.98 -31.10 -13.73
N THR B 519 -15.32 -30.15 -14.40
CA THR B 519 -14.20 -29.40 -13.88
C THR B 519 -14.57 -27.92 -13.77
N PHE B 520 -14.52 -27.37 -12.58
CA PHE B 520 -14.68 -25.97 -12.39
C PHE B 520 -13.33 -25.28 -12.44
N VAL B 521 -13.20 -24.24 -13.25
CA VAL B 521 -12.03 -23.38 -13.10
C VAL B 521 -12.45 -22.04 -12.53
N PHE B 522 -11.80 -21.67 -11.44
CA PHE B 522 -12.02 -20.41 -10.77
C PHE B 522 -10.92 -19.44 -11.12
N LEU B 523 -11.30 -18.29 -11.64
CA LEU B 523 -10.41 -17.27 -12.13
C LEU B 523 -10.68 -15.92 -11.48
N ASN B 524 -9.63 -15.12 -11.31
CA ASN B 524 -9.83 -13.80 -10.81
C ASN B 524 -8.95 -12.75 -11.45
N ARG B 525 -9.26 -11.49 -11.14
CA ARG B 525 -8.50 -10.35 -11.62
C ARG B 525 -8.68 -9.17 -10.66
N TYR B 526 -7.81 -9.12 -9.67
CA TYR B 526 -7.65 -8.02 -8.77
C TYR B 526 -7.28 -6.73 -9.47
N SER B 527 -7.81 -5.66 -8.93
CA SER B 527 -7.38 -4.32 -9.26
C SER B 527 -7.68 -3.46 -8.05
N GLU B 528 -7.21 -2.23 -8.10
CA GLU B 528 -7.21 -1.35 -6.95
C GLU B 528 -7.19 0.13 -7.31
N GLU B 529 -7.69 0.92 -6.38
CA GLU B 529 -7.42 2.33 -6.36
C GLU B 529 -5.91 2.57 -6.53
N GLY B 530 -5.55 3.66 -7.18
CA GLY B 530 -4.17 4.02 -7.35
C GLY B 530 -3.53 3.60 -8.65
N ALA B 531 -4.15 2.73 -9.41
CA ALA B 531 -3.56 2.20 -10.64
C ALA B 531 -4.68 1.71 -11.50
N ASP B 532 -4.50 1.70 -12.81
CA ASP B 532 -5.45 1.09 -13.74
C ASP B 532 -4.88 -0.25 -14.14
N ALA B 533 -5.75 -1.14 -14.58
CA ALA B 533 -5.34 -2.43 -15.09
C ALA B 533 -4.61 -2.13 -16.39
N PRO B 534 -3.47 -2.77 -16.63
CA PRO B 534 -2.70 -2.50 -17.87
C PRO B 534 -3.32 -3.10 -19.12
N ASP B 535 -4.11 -4.15 -18.96
CA ASP B 535 -4.80 -4.76 -20.07
C ASP B 535 -5.88 -5.67 -19.52
N PHE B 536 -6.51 -6.49 -20.35
CA PHE B 536 -7.54 -7.44 -19.91
C PHE B 536 -6.99 -8.80 -19.42
N SER B 537 -5.71 -8.91 -19.11
CA SER B 537 -5.16 -10.21 -18.60
C SER B 537 -5.83 -10.66 -17.34
N LEU B 538 -6.05 -11.98 -17.27
CA LEU B 538 -6.40 -12.64 -16.04
C LEU B 538 -5.27 -12.52 -15.02
N GLY B 539 -5.60 -12.48 -13.74
CA GLY B 539 -4.57 -12.52 -12.71
C GLY B 539 -3.97 -13.90 -12.44
N GLY B 540 -2.83 -13.86 -11.75
CA GLY B 540 -2.15 -15.06 -11.33
C GLY B 540 -1.93 -15.95 -12.53
N ASP B 541 -2.21 -17.22 -12.31
CA ASP B 541 -1.95 -18.30 -13.26
C ASP B 541 -3.18 -18.70 -14.10
N GLY B 542 -4.09 -17.77 -14.34
CA GLY B 542 -5.35 -18.15 -14.95
C GLY B 542 -5.29 -18.58 -16.38
N ASP B 543 -4.34 -18.04 -17.15
CA ASP B 543 -4.15 -18.44 -18.55
C ASP B 543 -3.72 -19.89 -18.53
N ASN B 544 -2.72 -20.18 -17.69
CA ASN B 544 -2.19 -21.54 -17.56
C ASN B 544 -3.30 -22.52 -17.13
N LEU B 545 -4.12 -22.13 -16.15
CA LEU B 545 -5.18 -22.97 -15.68
C LEU B 545 -6.17 -23.24 -16.77
N MET B 546 -6.45 -22.27 -17.62
CA MET B 546 -7.35 -22.49 -18.74
C MET B 546 -6.73 -23.32 -19.86
N ASP B 547 -5.44 -23.11 -20.14
CA ASP B 547 -4.75 -23.98 -21.10
C ASP B 547 -4.85 -25.46 -20.66
N LEU B 548 -4.65 -25.72 -19.38
CA LEU B 548 -4.65 -27.07 -18.87
C LEU B 548 -6.04 -27.65 -18.84
N ALA B 549 -6.98 -26.90 -18.31
CA ALA B 549 -8.33 -27.42 -18.13
C ALA B 549 -8.90 -27.96 -19.45
N VAL B 550 -8.84 -27.14 -20.51
CA VAL B 550 -9.32 -27.56 -21.83
C VAL B 550 -8.51 -28.68 -22.46
N THR B 551 -7.26 -28.85 -22.06
CA THR B 551 -6.45 -30.00 -22.49
C THR B 551 -6.95 -31.33 -21.94
N TYR B 552 -7.41 -31.35 -20.70
CA TYR B 552 -7.71 -32.61 -20.04
C TYR B 552 -9.17 -32.88 -19.68
N SER B 553 -10.08 -31.99 -20.06
CA SER B 553 -11.48 -32.12 -19.70
C SER B 553 -12.34 -31.55 -20.78
N SER B 554 -13.37 -32.31 -21.14
CA SER B 554 -14.42 -31.88 -22.08
C SER B 554 -15.58 -31.17 -21.39
N ASN B 555 -15.54 -30.99 -20.07
CA ASN B 555 -16.68 -30.40 -19.34
C ASN B 555 -16.20 -29.42 -18.30
N VAL B 556 -15.73 -28.28 -18.79
CA VAL B 556 -15.11 -27.24 -18.01
C VAL B 556 -16.08 -26.08 -17.81
N VAL B 557 -16.32 -25.77 -16.55
CA VAL B 557 -17.16 -24.66 -16.15
C VAL B 557 -16.28 -23.57 -15.51
N VAL B 558 -16.36 -22.39 -16.06
CA VAL B 558 -15.47 -21.27 -15.71
C VAL B 558 -16.27 -20.29 -14.88
N VAL B 559 -15.77 -19.97 -13.71
CA VAL B 559 -16.39 -19.00 -12.82
C VAL B 559 -15.37 -17.89 -12.58
N ILE B 560 -15.75 -16.65 -12.92
CA ILE B 560 -14.86 -15.50 -12.85
C ILE B 560 -15.26 -14.53 -11.73
N HIS B 561 -14.38 -14.34 -10.76
CA HIS B 561 -14.43 -13.23 -9.80
C HIS B 561 -13.54 -12.06 -10.24
N THR B 562 -14.13 -10.89 -10.48
CA THR B 562 -13.39 -9.82 -11.14
C THR B 562 -13.91 -8.44 -10.86
N THR B 563 -13.00 -7.46 -10.93
CA THR B 563 -13.34 -6.01 -10.84
C THR B 563 -13.72 -5.40 -12.19
N GLY B 564 -13.72 -6.22 -13.23
CA GLY B 564 -13.91 -5.74 -14.62
C GLY B 564 -13.76 -6.83 -15.68
N VAL B 565 -13.91 -6.42 -16.92
CA VAL B 565 -13.82 -7.27 -18.09
C VAL B 565 -12.42 -7.90 -18.16
N VAL B 566 -12.37 -9.17 -18.57
CA VAL B 566 -11.13 -9.89 -18.74
C VAL B 566 -11.12 -10.59 -20.11
N ASP B 567 -9.90 -10.95 -20.54
CA ASP B 567 -9.64 -11.56 -21.83
C ASP B 567 -9.73 -13.07 -21.72
N ILE B 568 -10.83 -13.61 -22.23
CA ILE B 568 -10.98 -15.04 -22.36
C ILE B 568 -11.14 -15.47 -23.83
N GLU B 569 -10.63 -14.67 -24.76
CA GLU B 569 -10.79 -14.99 -26.20
C GLU B 569 -10.21 -16.34 -26.55
N LYS B 570 -9.14 -16.73 -25.90
CA LYS B 570 -8.48 -17.94 -26.27
C LYS B 570 -9.35 -19.18 -26.10
N TRP B 571 -10.27 -19.16 -25.12
CA TRP B 571 -11.05 -20.34 -24.65
C TRP B 571 -12.59 -20.20 -24.76
N ALA B 572 -13.13 -19.00 -24.94
CA ALA B 572 -14.60 -18.82 -24.87
C ALA B 572 -15.40 -19.61 -25.92
N ASP B 573 -14.80 -19.81 -27.10
CA ASP B 573 -15.38 -20.59 -28.22
C ASP B 573 -14.91 -22.03 -28.31
N ASN B 574 -14.04 -22.43 -27.39
CA ASN B 574 -13.59 -23.80 -27.30
C ASN B 574 -14.73 -24.61 -26.72
N PRO B 575 -15.19 -25.64 -27.45
CA PRO B 575 -16.36 -26.40 -27.02
C PRO B 575 -16.14 -27.26 -25.76
N ASN B 576 -14.90 -27.42 -25.31
CA ASN B 576 -14.66 -28.04 -24.01
C ASN B 576 -15.06 -27.13 -22.83
N VAL B 577 -15.18 -25.82 -23.08
CA VAL B 577 -15.73 -24.86 -22.12
C VAL B 577 -17.24 -24.82 -22.29
N THR B 578 -17.93 -25.52 -21.42
CA THR B 578 -19.34 -25.79 -21.63
C THR B 578 -20.15 -24.72 -20.96
N ALA B 579 -19.61 -24.11 -19.91
CA ALA B 579 -20.26 -22.92 -19.35
C ALA B 579 -19.27 -21.91 -18.75
N ILE B 580 -19.66 -20.63 -18.84
CA ILE B 580 -18.89 -19.51 -18.28
C ILE B 580 -19.84 -18.58 -17.49
N LEU B 581 -19.44 -18.21 -16.28
CA LEU B 581 -20.24 -17.31 -15.45
C LEU B 581 -19.33 -16.26 -14.83
N VAL B 582 -19.76 -15.02 -14.77
CA VAL B 582 -18.99 -14.00 -14.04
C VAL B 582 -19.75 -13.68 -12.76
N ALA B 583 -19.08 -13.80 -11.60
CA ALA B 583 -19.68 -13.54 -10.29
C ALA B 583 -19.18 -12.25 -9.61
N TYR B 584 -18.38 -11.44 -10.32
CA TYR B 584 -17.99 -10.10 -9.85
C TYR B 584 -17.27 -10.17 -8.47
N LEU B 585 -17.74 -9.41 -7.48
CA LEU B 585 -17.11 -9.32 -6.20
C LEU B 585 -18.18 -9.64 -5.14
N PRO B 586 -18.39 -10.93 -4.84
CA PRO B 586 -19.58 -11.33 -4.03
C PRO B 586 -19.52 -11.10 -2.51
N GLY B 587 -18.46 -10.51 -1.99
CA GLY B 587 -18.36 -10.41 -0.52
C GLY B 587 -18.18 -11.77 0.17
N GLN B 588 -18.46 -11.82 1.46
CA GLN B 588 -18.08 -12.91 2.33
C GLN B 588 -18.77 -14.20 1.99
N GLU B 589 -19.95 -14.11 1.36
CA GLU B 589 -20.76 -15.29 1.01
C GLU B 589 -20.51 -15.82 -0.43
N ALA B 590 -19.26 -15.82 -0.85
CA ALA B 590 -18.90 -16.11 -2.22
C ALA B 590 -19.33 -17.50 -2.72
N GLY B 591 -19.01 -18.52 -1.94
CA GLY B 591 -19.30 -19.90 -2.33
C GLY B 591 -20.77 -20.25 -2.24
N ASN B 592 -21.41 -19.89 -1.14
CA ASN B 592 -22.80 -20.33 -0.91
C ASN B 592 -23.87 -19.55 -1.72
N SER B 593 -23.47 -18.40 -2.30
CA SER B 593 -24.32 -17.64 -3.20
C SER B 593 -24.23 -18.18 -4.61
N LEU B 594 -23.08 -18.75 -4.96
CA LEU B 594 -22.82 -19.31 -6.30
C LEU B 594 -23.33 -20.73 -6.50
N VAL B 595 -23.10 -21.61 -5.53
CA VAL B 595 -23.43 -23.04 -5.67
C VAL B 595 -24.91 -23.38 -5.97
N PRO B 596 -25.84 -22.72 -5.28
CA PRO B 596 -27.26 -22.87 -5.62
C PRO B 596 -27.64 -22.62 -7.11
N VAL B 597 -26.94 -21.68 -7.74
CA VAL B 597 -27.15 -21.34 -9.13
C VAL B 597 -26.60 -22.44 -10.05
N LEU B 598 -25.38 -22.84 -9.78
CA LEU B 598 -24.73 -23.96 -10.50
C LEU B 598 -25.55 -25.26 -10.51
N TYR B 599 -26.19 -25.56 -9.38
CA TYR B 599 -26.98 -26.77 -9.19
C TYR B 599 -28.47 -26.57 -9.45
N GLY B 600 -28.92 -25.43 -9.94
CA GLY B 600 -30.33 -25.25 -10.23
C GLY B 600 -31.35 -25.00 -9.11
N ASP B 601 -30.93 -24.83 -7.87
CA ASP B 601 -31.89 -24.43 -6.82
C ASP B 601 -32.54 -23.11 -7.20
N VAL B 602 -31.75 -22.24 -7.82
CA VAL B 602 -32.28 -21.04 -8.48
C VAL B 602 -31.55 -20.80 -9.80
N ALA B 603 -32.29 -20.37 -10.82
CA ALA B 603 -31.71 -20.11 -12.09
C ALA B 603 -30.91 -18.80 -12.03
N PRO B 604 -29.78 -18.71 -12.77
CA PRO B 604 -29.06 -17.41 -12.82
C PRO B 604 -29.93 -16.31 -13.45
N SER B 605 -29.74 -15.10 -12.98
CA SER B 605 -30.62 -13.99 -13.24
CA SER B 605 -30.61 -14.00 -13.37
C SER B 605 -29.88 -12.67 -13.49
N GLY B 606 -28.57 -12.68 -13.38
CA GLY B 606 -27.82 -11.44 -13.47
C GLY B 606 -27.48 -11.14 -14.91
N LYS B 607 -27.28 -9.86 -15.21
CA LYS B 607 -26.86 -9.45 -16.55
C LYS B 607 -25.76 -8.40 -16.50
N LEU B 608 -24.94 -8.37 -17.54
CA LEU B 608 -23.76 -7.48 -17.56
C LEU B 608 -24.12 -6.00 -17.38
N PRO B 609 -23.40 -5.28 -16.47
CA PRO B 609 -23.64 -3.86 -16.21
C PRO B 609 -22.64 -3.01 -16.98
N TRP B 610 -21.84 -3.66 -17.82
CA TRP B 610 -21.03 -3.00 -18.84
C TRP B 610 -20.81 -3.92 -20.07
N THR B 611 -20.15 -3.36 -21.09
CA THR B 611 -19.93 -4.06 -22.34
C THR B 611 -18.67 -4.95 -22.16
N TRP B 612 -18.75 -6.19 -22.64
CA TRP B 612 -17.61 -7.15 -22.62
C TRP B 612 -17.13 -7.32 -24.07
N GLY B 613 -16.20 -6.46 -24.52
CA GLY B 613 -15.63 -6.50 -25.87
C GLY B 613 -14.56 -7.58 -26.02
N LYS B 614 -14.31 -8.00 -27.26
CA LYS B 614 -13.32 -9.06 -27.55
C LYS B 614 -11.89 -8.58 -27.34
N SER B 615 -11.67 -7.27 -27.56
CA SER B 615 -10.38 -6.62 -27.38
C SER B 615 -10.48 -5.22 -26.74
N ILE B 616 -9.56 -4.89 -25.85
CA ILE B 616 -9.40 -3.52 -25.30
C ILE B 616 -9.39 -2.44 -26.40
N ASP B 617 -8.94 -2.77 -27.61
CA ASP B 617 -8.91 -1.81 -28.74
C ASP B 617 -10.29 -1.42 -29.24
N ASP B 618 -11.33 -2.17 -28.90
CA ASP B 618 -12.71 -1.85 -29.29
C ASP B 618 -13.39 -0.78 -28.45
N TYR B 619 -12.75 -0.31 -27.37
CA TYR B 619 -13.38 0.72 -26.55
C TYR B 619 -12.97 2.13 -26.91
N VAL B 620 -13.64 3.11 -26.31
CA VAL B 620 -13.23 4.52 -26.40
C VAL B 620 -11.68 4.62 -26.41
N PRO B 621 -11.09 5.20 -27.46
CA PRO B 621 -9.62 5.34 -27.43
C PRO B 621 -9.16 6.38 -26.42
N ASN B 622 -7.88 6.28 -26.09
CA ASN B 622 -7.25 7.01 -25.00
C ASN B 622 -8.00 6.85 -23.68
N GLY B 623 -8.43 5.63 -23.37
CA GLY B 623 -9.16 5.39 -22.15
C GLY B 623 -8.36 5.72 -20.88
N VAL B 624 -7.05 5.45 -20.93
CA VAL B 624 -6.10 5.83 -19.90
C VAL B 624 -4.97 6.62 -20.54
N VAL B 625 -4.81 7.90 -20.21
CA VAL B 625 -3.63 8.57 -20.71
C VAL B 625 -2.40 8.35 -19.79
N TYR B 626 -1.29 8.01 -20.44
CA TYR B 626 0.01 7.74 -19.79
C TYR B 626 0.97 8.74 -20.36
N THR B 627 1.36 9.70 -19.53
CA THR B 627 2.33 10.69 -19.92
C THR B 627 3.15 11.20 -18.75
N ASP B 628 4.34 11.71 -19.08
CA ASP B 628 5.14 12.42 -18.10
C ASP B 628 5.02 13.95 -18.20
N ALA B 629 4.19 14.43 -19.12
CA ALA B 629 3.88 15.86 -19.20
C ALA B 629 3.55 16.41 -17.79
N TYR B 630 4.02 17.63 -17.51
CA TYR B 630 3.77 18.28 -16.22
C TYR B 630 2.28 18.51 -15.93
N SER B 631 1.53 18.75 -17.00
CA SER B 631 0.08 18.98 -16.98
C SER B 631 -0.57 17.99 -17.92
N PRO B 632 -0.79 16.74 -17.47
CA PRO B 632 -1.43 15.71 -18.30
C PRO B 632 -2.84 16.04 -18.66
N GLN B 633 -3.24 15.63 -19.87
CA GLN B 633 -4.50 15.99 -20.54
C GLN B 633 -5.25 14.77 -21.01
N SER B 634 -6.54 14.70 -20.67
CA SER B 634 -7.44 13.69 -21.21
C SER B 634 -8.63 14.41 -21.81
N ASN B 635 -8.65 14.47 -23.13
CA ASN B 635 -9.70 15.12 -23.88
C ASN B 635 -10.78 14.13 -24.14
N PHE B 636 -11.98 14.40 -23.65
CA PHE B 636 -13.09 13.46 -23.76
C PHE B 636 -13.72 13.69 -25.11
N THR B 637 -13.00 13.41 -26.19
CA THR B 637 -13.52 13.77 -27.53
C THR B 637 -14.67 12.85 -27.97
N GLU B 638 -14.81 11.75 -27.26
CA GLU B 638 -15.81 10.76 -27.52
C GLU B 638 -17.20 11.21 -27.14
N GLY B 639 -17.26 12.21 -26.31
CA GLY B 639 -18.51 12.75 -25.85
C GLY B 639 -19.24 11.81 -24.95
N VAL B 640 -20.52 11.70 -25.20
CA VAL B 640 -21.35 10.84 -24.43
C VAL B 640 -21.18 9.39 -24.82
N PHE B 641 -20.32 9.08 -25.79
CA PHE B 641 -20.23 7.72 -26.32
C PHE B 641 -19.25 6.90 -25.55
N ILE B 642 -19.64 6.50 -24.34
CA ILE B 642 -18.88 5.49 -23.56
C ILE B 642 -19.59 4.14 -23.53
N ASP B 643 -18.82 3.10 -23.27
CA ASP B 643 -19.30 1.72 -23.20
C ASP B 643 -20.18 1.43 -24.39
N TYR B 644 -21.41 0.94 -24.19
CA TYR B 644 -22.22 0.39 -25.29
C TYR B 644 -22.60 1.48 -26.30
N ARG B 645 -22.67 2.71 -25.85
CA ARG B 645 -22.87 3.83 -26.74
C ARG B 645 -21.79 3.88 -27.81
N TRP B 646 -20.55 3.63 -27.41
CA TRP B 646 -19.42 3.56 -28.34
C TRP B 646 -19.57 2.35 -29.24
N PHE B 647 -19.80 1.20 -28.65
CA PHE B 647 -19.89 -0.02 -29.45
C PHE B 647 -20.99 0.16 -30.53
N ASP B 648 -22.13 0.69 -30.14
CA ASP B 648 -23.27 0.78 -31.00
C ASP B 648 -23.11 1.75 -32.16
N LYS B 649 -22.66 2.97 -31.87
CA LYS B 649 -22.42 3.98 -32.89
C LYS B 649 -21.35 3.54 -33.87
N MET B 650 -20.32 2.85 -33.42
CA MET B 650 -19.20 2.50 -34.30
C MET B 650 -19.40 1.16 -34.99
N GLY B 651 -20.57 0.54 -34.80
CA GLY B 651 -20.85 -0.78 -35.36
C GLY B 651 -19.97 -1.91 -34.90
N ILE B 652 -19.33 -1.78 -33.74
CA ILE B 652 -18.46 -2.83 -33.24
C ILE B 652 -19.30 -3.86 -32.44
N THR B 653 -18.97 -5.13 -32.58
CA THR B 653 -19.73 -6.22 -32.00
C THR B 653 -18.98 -6.75 -30.75
N PRO B 654 -19.58 -6.64 -29.56
CA PRO B 654 -18.90 -7.14 -28.36
C PRO B 654 -19.02 -8.63 -28.27
N ARG B 655 -18.22 -9.26 -27.44
CA ARG B 655 -18.49 -10.64 -27.15
C ARG B 655 -19.83 -10.81 -26.41
N TYR B 656 -19.97 -10.11 -25.28
CA TYR B 656 -21.22 -10.11 -24.54
C TYR B 656 -21.59 -8.65 -24.38
N GLU B 657 -22.77 -8.28 -24.87
CA GLU B 657 -23.27 -6.90 -24.80
C GLU B 657 -23.74 -6.43 -23.43
N PHE B 658 -23.78 -5.11 -23.28
CA PHE B 658 -24.35 -4.52 -22.10
C PHE B 658 -25.76 -5.10 -21.88
N GLY B 659 -26.04 -5.51 -20.67
CA GLY B 659 -27.37 -6.04 -20.32
C GLY B 659 -27.63 -7.47 -20.74
N PHE B 660 -26.58 -8.21 -21.06
CA PHE B 660 -26.65 -9.61 -21.43
C PHE B 660 -26.49 -10.54 -20.24
N GLY B 661 -27.32 -11.57 -20.17
CA GLY B 661 -27.10 -12.70 -19.27
C GLY B 661 -28.15 -13.79 -19.50
N LEU B 662 -27.70 -15.03 -19.66
CA LEU B 662 -28.59 -16.14 -19.97
C LEU B 662 -29.30 -16.55 -18.70
N SER B 663 -30.45 -17.22 -18.89
CA SER B 663 -31.11 -17.96 -17.83
C SER B 663 -30.96 -19.48 -18.14
N TYR B 664 -31.54 -20.32 -17.28
CA TYR B 664 -31.78 -21.72 -17.63
C TYR B 664 -33.14 -21.90 -18.31
N THR B 665 -33.79 -20.81 -18.71
CA THR B 665 -35.05 -20.87 -19.43
C THR B 665 -35.03 -19.76 -20.46
N THR B 666 -36.12 -19.58 -21.20
CA THR B 666 -36.16 -18.50 -22.17
C THR B 666 -37.44 -17.72 -22.02
N PHE B 667 -37.41 -16.46 -22.48
CA PHE B 667 -38.54 -15.53 -22.31
C PHE B 667 -38.91 -14.91 -23.68
N THR B 668 -40.20 -14.86 -24.01
CA THR B 668 -40.68 -14.30 -25.28
C THR B 668 -41.37 -13.00 -24.87
N TYR B 669 -41.09 -11.93 -25.59
CA TYR B 669 -41.65 -10.65 -25.30
C TYR B 669 -42.84 -10.46 -26.24
N SER B 670 -43.83 -9.70 -25.78
CA SER B 670 -44.99 -9.42 -26.57
C SER B 670 -45.68 -8.19 -26.06
N ASN B 671 -46.55 -7.63 -26.91
CA ASN B 671 -47.60 -6.68 -26.51
C ASN B 671 -47.05 -5.41 -25.91
N LEU B 672 -46.30 -4.68 -26.72
CA LEU B 672 -45.68 -3.41 -26.34
C LEU B 672 -46.74 -2.34 -26.38
N ILE B 673 -46.86 -1.58 -25.29
CA ILE B 673 -47.90 -0.58 -25.14
C ILE B 673 -47.26 0.68 -24.61
N VAL B 674 -47.56 1.81 -25.26
CA VAL B 674 -47.11 3.09 -24.82
C VAL B 674 -48.35 3.88 -24.43
N ASP B 675 -48.48 4.13 -23.13
CA ASP B 675 -49.65 4.72 -22.55
C ASP B 675 -49.33 6.13 -22.12
N HIS B 676 -49.76 7.09 -22.94
CA HIS B 676 -49.63 8.51 -22.68
C HIS B 676 -50.57 9.00 -21.60
N GLY B 677 -51.60 8.23 -21.29
CA GLY B 677 -52.49 8.57 -20.22
C GLY B 677 -51.83 8.45 -18.87
N ARG B 678 -50.80 7.60 -18.76
CA ARG B 678 -50.21 7.28 -17.45
C ARG B 678 -48.99 8.12 -17.10
N TRP B 679 -49.31 9.31 -16.59
CA TRP B 679 -48.36 10.29 -16.16
C TRP B 679 -48.63 10.59 -14.71
N ALA B 680 -47.70 11.30 -14.10
CA ALA B 680 -47.69 11.55 -12.70
C ALA B 680 -46.72 12.67 -12.44
N LYS B 681 -47.10 13.59 -11.57
CA LYS B 681 -46.22 14.60 -11.02
C LYS B 681 -45.15 13.94 -10.15
N ASP B 682 -43.95 14.52 -10.12
CA ASP B 682 -42.88 14.03 -9.24
C ASP B 682 -43.05 14.72 -7.87
N TYR B 683 -43.55 13.98 -6.87
CA TYR B 683 -43.57 14.38 -5.42
C TYR B 683 -42.62 13.52 -4.52
N SER B 684 -42.10 12.41 -5.08
CA SER B 684 -41.39 11.42 -4.32
C SER B 684 -39.98 11.88 -3.83
N SER B 685 -39.31 12.81 -4.54
CA SER B 685 -37.87 13.14 -4.26
C SER B 685 -37.55 13.92 -2.94
N VAL B 686 -36.45 13.53 -2.31
CA VAL B 686 -36.07 14.09 -1.02
C VAL B 686 -35.65 15.57 -1.18
N MET B 687 -34.91 15.85 -2.25
CA MET B 687 -34.46 17.20 -2.58
C MET B 687 -34.69 17.51 -4.04
N GLU B 688 -34.77 18.81 -4.34
CA GLU B 688 -34.98 19.25 -5.71
C GLU B 688 -33.76 19.92 -6.31
N THR B 689 -33.55 19.61 -7.60
CA THR B 689 -32.57 20.32 -8.39
C THR B 689 -33.21 21.59 -8.93
N ALA B 690 -32.44 22.43 -9.61
CA ALA B 690 -32.98 23.60 -10.35
C ALA B 690 -32.57 23.46 -11.80
N GLU B 691 -32.58 22.25 -12.35
CA GLU B 691 -32.21 22.09 -13.75
C GLU B 691 -33.20 22.84 -14.70
N PRO B 692 -32.67 23.76 -15.50
CA PRO B 692 -33.56 24.44 -16.43
C PRO B 692 -34.09 23.53 -17.53
N PHE B 693 -35.37 23.70 -17.89
CA PHE B 693 -35.90 22.99 -19.04
C PHE B 693 -36.93 23.81 -19.76
N ALA B 694 -37.07 23.54 -21.05
CA ALA B 694 -37.90 24.40 -21.93
C ALA B 694 -39.37 24.30 -21.70
N GLU B 695 -39.88 23.21 -21.12
CA GLU B 695 -41.34 23.05 -20.91
C GLU B 695 -41.76 23.53 -19.53
N TRP B 696 -40.84 24.13 -18.77
CA TRP B 696 -41.16 24.58 -17.39
C TRP B 696 -42.25 25.62 -17.41
N ASP B 697 -43.30 25.41 -16.62
CA ASP B 697 -44.42 26.38 -16.49
C ASP B 697 -44.63 26.89 -15.05
N GLY B 698 -43.68 26.62 -14.16
CA GLY B 698 -43.81 26.95 -12.72
C GLY B 698 -44.46 25.91 -11.80
N THR B 699 -45.20 24.96 -12.37
CA THR B 699 -45.86 23.91 -11.59
C THR B 699 -45.21 22.53 -11.79
N ASN B 700 -44.47 22.36 -12.88
CA ASN B 700 -44.01 21.04 -13.32
C ASN B 700 -42.50 20.77 -13.00
N SER B 701 -41.97 19.63 -13.47
CA SER B 701 -40.61 19.19 -13.14
C SER B 701 -40.00 18.35 -14.27
N LEU B 702 -38.68 18.43 -14.39
CA LEU B 702 -37.90 17.63 -15.34
C LEU B 702 -38.16 16.14 -15.10
N TYR B 703 -38.62 15.81 -13.90
CA TYR B 703 -38.73 14.43 -13.47
C TYR B 703 -40.19 13.98 -13.33
N ASP B 704 -41.18 14.78 -13.75
CA ASP B 704 -42.56 14.26 -13.89
C ASP B 704 -42.49 13.03 -14.77
N VAL B 705 -43.31 12.00 -14.52
CA VAL B 705 -43.39 10.92 -15.53
C VAL B 705 -44.41 11.39 -16.54
N ILE B 706 -44.04 11.37 -17.81
CA ILE B 706 -44.90 11.88 -18.90
C ILE B 706 -45.65 10.77 -19.66
N PHE B 707 -45.16 9.54 -19.56
CA PHE B 707 -45.90 8.38 -20.09
C PHE B 707 -45.29 7.14 -19.53
N THR B 708 -45.98 6.02 -19.65
CA THR B 708 -45.49 4.81 -19.09
C THR B 708 -45.50 3.71 -20.14
N VAL B 709 -44.43 2.90 -20.26
CA VAL B 709 -44.49 1.79 -21.21
C VAL B 709 -44.56 0.41 -20.59
N PHE B 710 -45.30 -0.48 -21.28
CA PHE B 710 -45.56 -1.83 -20.79
C PHE B 710 -45.26 -2.85 -21.85
N ALA B 711 -44.92 -4.06 -21.39
CA ALA B 711 -44.75 -5.18 -22.25
C ALA B 711 -44.95 -6.44 -21.44
N THR B 712 -45.02 -7.55 -22.14
CA THR B 712 -45.39 -8.82 -21.55
C THR B 712 -44.28 -9.80 -21.86
N ILE B 713 -43.83 -10.49 -20.83
CA ILE B 713 -42.93 -11.59 -21.00
C ILE B 713 -43.64 -12.87 -20.58
N THR B 714 -43.24 -13.96 -21.25
CA THR B 714 -43.80 -15.27 -21.03
C THR B 714 -42.64 -16.24 -20.94
N ASN B 715 -42.66 -17.10 -19.93
CA ASN B 715 -41.66 -18.13 -19.77
C ASN B 715 -41.95 -19.28 -20.74
N THR B 716 -41.03 -19.44 -21.67
CA THR B 716 -41.22 -20.24 -22.85
C THR B 716 -40.27 -21.46 -22.89
N GLY B 717 -39.59 -21.72 -21.77
CA GLY B 717 -38.70 -22.87 -21.59
C GLY B 717 -39.25 -23.90 -20.62
N ASN B 718 -38.36 -24.63 -19.96
CA ASN B 718 -38.73 -25.78 -19.12
C ASN B 718 -38.45 -25.58 -17.62
N LEU B 719 -37.99 -24.40 -17.23
CA LEU B 719 -37.64 -24.12 -15.84
C LEU B 719 -38.13 -22.75 -15.41
N THR B 720 -38.44 -22.63 -14.12
CA THR B 720 -38.70 -21.33 -13.53
C THR B 720 -37.46 -20.43 -13.68
N GLY B 721 -37.69 -19.13 -13.90
CA GLY B 721 -36.62 -18.16 -13.98
C GLY B 721 -37.04 -16.71 -13.76
N SER B 722 -36.08 -15.91 -13.29
CA SER B 722 -36.24 -14.44 -13.23
C SER B 722 -35.65 -13.80 -14.47
N GLU B 723 -36.26 -12.72 -14.95
CA GLU B 723 -35.83 -12.04 -16.18
C GLU B 723 -35.75 -10.56 -15.97
N VAL B 724 -34.64 -9.97 -16.37
CA VAL B 724 -34.45 -8.52 -16.31
C VAL B 724 -34.81 -7.92 -17.67
N ALA B 725 -36.00 -7.33 -17.77
CA ALA B 725 -36.42 -6.66 -18.99
C ALA B 725 -35.86 -5.24 -19.02
N GLN B 726 -35.43 -4.84 -20.20
CA GLN B 726 -34.80 -3.55 -20.41
C GLN B 726 -35.53 -2.76 -21.52
N LEU B 727 -35.61 -1.45 -21.31
CA LEU B 727 -36.16 -0.50 -22.29
C LEU B 727 -35.10 0.50 -22.73
N TYR B 728 -35.00 0.73 -24.03
CA TYR B 728 -34.08 1.72 -24.62
C TYR B 728 -34.86 2.74 -25.46
N ILE B 729 -34.41 3.98 -25.44
CA ILE B 729 -35.01 5.03 -26.30
C ILE B 729 -33.91 5.59 -27.22
N SER B 730 -34.24 5.76 -28.50
CA SER B 730 -33.37 6.47 -29.45
C SER B 730 -33.91 7.86 -29.50
N ILE B 731 -33.20 8.76 -28.86
CA ILE B 731 -33.55 10.17 -28.89
C ILE B 731 -33.02 10.71 -30.23
N PRO B 732 -33.85 11.42 -30.99
CA PRO B 732 -33.35 11.96 -32.25
C PRO B 732 -32.46 13.22 -32.06
N GLY B 733 -31.68 13.53 -33.10
CA GLY B 733 -30.82 14.72 -33.09
C GLY B 733 -29.52 14.45 -33.77
N ASP B 734 -28.69 15.47 -33.92
CA ASP B 734 -27.34 15.33 -34.52
C ASP B 734 -26.45 14.47 -33.59
N ASN B 735 -25.82 13.44 -34.11
CA ASN B 735 -24.71 12.79 -33.33
C ASN B 735 -25.15 12.26 -31.92
N GLN B 736 -26.18 11.42 -31.98
CA GLN B 736 -26.89 10.89 -30.81
C GLN B 736 -26.63 9.39 -30.72
N PRO B 737 -26.69 8.84 -29.50
CA PRO B 737 -26.56 7.37 -29.45
C PRO B 737 -27.64 6.60 -30.21
N VAL B 738 -27.29 5.47 -30.76
CA VAL B 738 -28.23 4.62 -31.44
C VAL B 738 -29.37 4.34 -30.47
N ARG B 739 -29.03 4.09 -29.21
CA ARG B 739 -30.01 3.97 -28.15
C ARG B 739 -29.40 4.07 -26.76
N GLN B 740 -30.27 4.45 -25.84
CA GLN B 740 -29.93 4.81 -24.47
C GLN B 740 -30.87 4.08 -23.49
N LEU B 741 -30.31 3.34 -22.55
CA LEU B 741 -31.13 2.67 -21.54
C LEU B 741 -31.95 3.75 -20.83
N ARG B 742 -33.26 3.51 -20.72
CA ARG B 742 -34.20 4.33 -19.93
C ARG B 742 -35.21 3.51 -19.08
N GLY B 743 -34.95 2.23 -18.85
CA GLY B 743 -35.79 1.48 -17.95
C GLY B 743 -35.32 0.08 -17.77
N PHE B 744 -35.63 -0.48 -16.60
CA PHE B 744 -35.42 -1.92 -16.34
C PHE B 744 -36.38 -2.41 -15.26
N ASP B 745 -36.84 -3.64 -15.44
CA ASP B 745 -37.79 -4.27 -14.53
C ASP B 745 -37.50 -5.76 -14.47
N LYS B 746 -37.18 -6.24 -13.26
CA LYS B 746 -36.88 -7.62 -13.03
C LYS B 746 -38.08 -8.38 -12.55
N ILE B 747 -38.54 -9.35 -13.34
CA ILE B 747 -39.62 -10.26 -12.94
C ILE B 747 -38.98 -11.45 -12.22
N LYS B 748 -39.45 -11.72 -10.99
CA LYS B 748 -38.92 -12.76 -10.08
C LYS B 748 -39.72 -14.05 -10.20
N ASP B 749 -39.01 -15.14 -10.48
CA ASP B 749 -39.54 -16.52 -10.41
C ASP B 749 -40.76 -16.82 -11.26
N LEU B 750 -40.72 -16.41 -12.54
CA LEU B 750 -41.82 -16.66 -13.49
C LEU B 750 -41.90 -18.15 -13.76
N PRO B 751 -43.00 -18.81 -13.36
CA PRO B 751 -43.07 -20.26 -13.67
C PRO B 751 -43.23 -20.57 -15.14
N VAL B 752 -43.01 -21.83 -15.48
CA VAL B 752 -43.11 -22.29 -16.87
C VAL B 752 -44.52 -22.07 -17.41
N GLY B 753 -44.60 -21.34 -18.54
CA GLY B 753 -45.84 -21.06 -19.24
C GLY B 753 -46.60 -19.85 -18.76
N ASP B 754 -46.14 -19.19 -17.69
CA ASP B 754 -46.85 -18.04 -17.10
C ASP B 754 -46.36 -16.75 -17.73
N SER B 755 -47.22 -15.74 -17.71
CA SER B 755 -46.86 -14.42 -18.17
C SER B 755 -46.82 -13.40 -17.04
N ALA B 756 -46.09 -12.29 -17.29
CA ALA B 756 -46.03 -11.10 -16.42
C ALA B 756 -45.86 -9.86 -17.26
N VAL B 757 -46.47 -8.79 -16.77
CA VAL B 757 -46.26 -7.48 -17.34
C VAL B 757 -45.07 -6.72 -16.73
N VAL B 758 -44.37 -6.06 -17.62
CA VAL B 758 -43.19 -5.35 -17.31
C VAL B 758 -43.58 -3.88 -17.52
N THR B 759 -43.25 -3.01 -16.56
CA THR B 759 -43.63 -1.60 -16.60
C THR B 759 -42.44 -0.65 -16.39
N PHE B 760 -42.46 0.48 -17.12
CA PHE B 760 -41.31 1.40 -17.33
C PHE B 760 -41.79 2.85 -17.30
N PRO B 761 -41.81 3.48 -16.13
CA PRO B 761 -42.21 4.91 -16.14
C PRO B 761 -41.11 5.73 -16.79
N ILE B 762 -41.48 6.62 -17.70
CA ILE B 762 -40.57 7.42 -18.46
C ILE B 762 -40.74 8.89 -18.09
N ARG B 763 -39.68 9.51 -17.57
CA ARG B 763 -39.72 10.93 -17.12
C ARG B 763 -39.43 11.91 -18.24
N ARG B 764 -39.80 13.16 -18.04
CA ARG B 764 -39.48 14.19 -19.00
C ARG B 764 -37.96 14.17 -19.29
N LYS B 765 -37.11 14.05 -18.28
CA LYS B 765 -35.65 14.03 -18.49
C LYS B 765 -35.18 12.87 -19.35
N ASP B 766 -35.89 11.78 -19.29
CA ASP B 766 -35.54 10.56 -19.97
C ASP B 766 -35.67 10.64 -21.48
N VAL B 767 -36.27 11.71 -21.93
CA VAL B 767 -36.59 11.80 -23.32
C VAL B 767 -35.99 13.12 -23.86
N SER B 768 -35.11 13.75 -23.05
CA SER B 768 -34.60 15.09 -23.30
C SER B 768 -33.12 15.13 -23.75
N SER B 769 -32.69 16.29 -24.23
CA SER B 769 -31.31 16.57 -24.59
C SER B 769 -30.97 17.89 -23.99
N TRP B 770 -29.69 18.12 -23.76
CA TRP B 770 -29.22 19.41 -23.26
C TRP B 770 -28.89 20.31 -24.47
N SER B 771 -29.35 21.56 -24.41
CA SER B 771 -29.00 22.60 -25.41
C SER B 771 -27.86 23.43 -24.84
N VAL B 772 -26.71 23.32 -25.50
CA VAL B 772 -25.53 24.14 -25.20
C VAL B 772 -25.87 25.63 -25.42
N VAL B 773 -26.53 25.91 -26.54
CA VAL B 773 -26.91 27.29 -26.93
C VAL B 773 -27.85 27.89 -25.91
N ASP B 774 -28.96 27.19 -25.61
CA ASP B 774 -29.95 27.71 -24.66
C ASP B 774 -29.64 27.51 -23.20
N GLN B 775 -28.73 26.59 -22.89
CA GLN B 775 -28.36 26.25 -21.53
C GLN B 775 -29.61 25.69 -20.76
N LEU B 776 -30.23 24.70 -21.36
CA LEU B 776 -31.36 24.05 -20.72
C LEU B 776 -31.69 22.71 -21.34
N TRP B 777 -32.50 21.92 -20.63
CA TRP B 777 -33.01 20.67 -21.19
C TRP B 777 -34.29 20.89 -22.00
N TYR B 778 -34.46 20.11 -23.03
CA TYR B 778 -35.61 20.24 -23.90
C TYR B 778 -35.85 18.89 -24.52
N VAL B 779 -37.09 18.69 -24.94
CA VAL B 779 -37.49 17.51 -25.63
C VAL B 779 -37.33 17.83 -27.11
N PRO B 780 -36.37 17.19 -27.80
CA PRO B 780 -36.22 17.42 -29.23
C PRO B 780 -37.40 16.94 -30.07
N ASN B 781 -37.40 17.39 -31.33
CA ASN B 781 -38.38 16.93 -32.32
C ASN B 781 -37.80 15.78 -33.05
N GLY B 782 -38.69 14.95 -33.57
CA GLY B 782 -38.35 13.85 -34.42
C GLY B 782 -38.99 12.61 -33.89
N ASP B 783 -38.59 11.50 -34.50
CA ASP B 783 -39.04 10.18 -34.12
C ASP B 783 -38.18 9.62 -33.00
N PHE B 784 -38.84 9.16 -31.94
CA PHE B 784 -38.19 8.50 -30.83
C PHE B 784 -38.44 7.00 -30.94
N LEU B 785 -37.41 6.18 -31.20
CA LEU B 785 -37.60 4.72 -31.16
C LEU B 785 -37.57 4.16 -29.73
N ILE B 786 -38.66 3.53 -29.30
CA ILE B 786 -38.70 2.86 -28.03
C ILE B 786 -38.59 1.37 -28.22
N SER B 787 -37.58 0.74 -27.62
CA SER B 787 -37.37 -0.72 -27.73
C SER B 787 -37.34 -1.43 -26.37
N VAL B 788 -37.76 -2.70 -26.36
CA VAL B 788 -37.82 -3.50 -25.16
C VAL B 788 -37.27 -4.88 -25.46
N GLY B 789 -36.52 -5.44 -24.51
CA GLY B 789 -36.01 -6.82 -24.62
C GLY B 789 -35.14 -7.25 -23.46
N GLY B 790 -34.50 -8.41 -23.62
CA GLY B 790 -33.60 -8.97 -22.62
C GLY B 790 -32.16 -8.50 -22.63
N SER B 791 -31.77 -7.61 -23.53
CA SER B 791 -30.45 -6.95 -23.48
C SER B 791 -30.37 -5.76 -24.45
N SER B 792 -29.26 -5.02 -24.43
CA SER B 792 -29.05 -3.88 -25.35
C SER B 792 -29.00 -4.26 -26.82
N ARG B 793 -28.90 -5.57 -27.13
CA ARG B 793 -28.95 -6.01 -28.52
C ARG B 793 -29.98 -7.09 -28.88
N ASP B 794 -30.78 -7.50 -27.93
CA ASP B 794 -31.85 -8.48 -28.16
C ASP B 794 -33.15 -7.76 -27.81
N LEU B 795 -33.76 -7.17 -28.83
CA LEU B 795 -34.79 -6.13 -28.64
C LEU B 795 -35.90 -6.41 -29.62
N PRO B 796 -36.69 -7.45 -29.34
CA PRO B 796 -37.78 -7.87 -30.23
C PRO B 796 -39.00 -6.96 -30.29
N LEU B 797 -39.13 -5.96 -29.43
CA LEU B 797 -40.32 -5.11 -29.37
C LEU B 797 -39.89 -3.69 -29.60
N ASN B 798 -40.57 -2.96 -30.49
CA ASN B 798 -40.26 -1.56 -30.70
C ASN B 798 -41.43 -0.79 -31.30
N THR B 799 -41.47 0.50 -31.03
CA THR B 799 -42.48 1.37 -31.59
C THR B 799 -41.90 2.78 -31.61
N THR B 800 -42.57 3.69 -32.30
CA THR B 800 -42.05 5.02 -32.47
C THR B 800 -42.99 5.99 -31.81
N TRP B 801 -42.47 6.77 -30.87
CA TRP B 801 -43.20 7.90 -30.31
C TRP B 801 -42.73 9.14 -31.04
N THR B 802 -43.66 10.00 -31.46
CA THR B 802 -43.33 11.25 -32.18
C THR B 802 -44.10 12.41 -31.55
N PRO B 803 -43.48 13.19 -30.64
CA PRO B 803 -44.21 14.34 -30.07
C PRO B 803 -44.46 15.45 -31.06
N GLN C 48 13.54 -81.12 10.06
CA GLN C 48 13.71 -80.78 11.50
C GLN C 48 12.37 -80.37 12.10
N TRP C 49 11.81 -79.29 11.60
CA TRP C 49 10.57 -78.69 12.08
C TRP C 49 9.58 -78.84 10.94
N PRO C 50 8.86 -79.97 10.88
CA PRO C 50 8.12 -80.29 9.65
C PRO C 50 6.76 -79.58 9.51
N ALA C 51 6.15 -79.74 8.33
CA ALA C 51 4.95 -79.02 7.92
C ALA C 51 3.66 -79.79 8.24
N PRO C 52 2.97 -79.43 9.35
CA PRO C 52 1.77 -80.20 9.66
C PRO C 52 0.66 -79.92 8.64
N LEU C 53 -0.18 -80.92 8.40
CA LEU C 53 -1.24 -80.82 7.39
C LEU C 53 -2.42 -80.01 7.95
N ALA C 54 -3.13 -79.37 7.05
CA ALA C 54 -4.30 -78.62 7.45
C ALA C 54 -5.38 -79.64 7.78
N ASN C 55 -6.04 -79.48 8.93
CA ASN C 55 -7.19 -80.30 9.32
C ASN C 55 -8.52 -79.53 9.43
N GLY C 56 -8.48 -78.22 9.20
CA GLY C 56 -9.70 -77.40 9.26
C GLY C 56 -10.02 -76.78 10.62
N GLY C 57 -9.42 -77.28 11.71
CA GLY C 57 -9.64 -76.74 13.03
C GLY C 57 -11.12 -76.68 13.39
N LYS C 58 -11.47 -75.68 14.19
CA LYS C 58 -12.82 -75.56 14.76
C LYS C 58 -13.91 -75.13 13.74
N SER C 59 -13.98 -73.86 13.40
CA SER C 59 -15.10 -73.36 12.62
C SER C 59 -15.02 -73.71 11.12
N TRP C 60 -13.82 -74.05 10.63
CA TRP C 60 -13.65 -74.27 9.17
C TRP C 60 -13.79 -75.72 8.73
N ALA C 61 -14.20 -76.62 9.64
CA ALA C 61 -14.24 -78.04 9.34
C ALA C 61 -14.92 -78.31 8.00
N SER C 62 -16.13 -77.79 7.86
CA SER C 62 -16.92 -77.83 6.62
C SER C 62 -16.16 -77.36 5.37
N ALA C 63 -15.43 -76.28 5.56
CA ALA C 63 -14.79 -75.56 4.47
C ALA C 63 -13.54 -76.29 4.03
N PHE C 64 -12.70 -76.63 5.01
CA PHE C 64 -11.58 -77.56 4.82
C PHE C 64 -11.97 -78.82 4.01
N LYS C 65 -13.01 -79.53 4.45
CA LYS C 65 -13.50 -80.71 3.72
C LYS C 65 -13.78 -80.43 2.24
N LYS C 66 -14.46 -79.32 1.94
CA LYS C 66 -14.66 -78.90 0.52
C LYS C 66 -13.36 -78.52 -0.18
N ALA C 67 -12.45 -77.92 0.56
CA ALA C 67 -11.21 -77.44 -0.02
C ALA C 67 -10.36 -78.65 -0.48
N LYS C 68 -10.11 -79.57 0.44
CA LYS C 68 -9.51 -80.89 0.17
C LYS C 68 -10.15 -81.54 -1.06
N ALA C 69 -11.47 -81.61 -1.07
CA ALA C 69 -12.22 -82.25 -2.16
C ALA C 69 -11.96 -81.61 -3.54
N THR C 70 -11.78 -80.29 -3.58
CA THR C 70 -11.51 -79.60 -4.84
C THR C 70 -10.03 -79.74 -5.20
N VAL C 71 -9.15 -79.66 -4.20
CA VAL C 71 -7.70 -79.83 -4.38
C VAL C 71 -7.36 -81.25 -4.87
N THR C 72 -8.08 -82.22 -4.33
CA THR C 72 -8.02 -83.60 -4.82
C THR C 72 -8.11 -83.66 -6.37
N GLU C 73 -9.10 -83.00 -6.98
CA GLU C 73 -9.24 -83.00 -8.46
C GLU C 73 -8.18 -82.21 -9.25
N MET C 74 -7.19 -81.60 -8.58
CA MET C 74 -6.30 -80.62 -9.26
C MET C 74 -5.08 -81.24 -9.95
N THR C 75 -4.79 -80.82 -11.18
CA THR C 75 -3.52 -81.16 -11.84
C THR C 75 -2.34 -80.38 -11.24
N VAL C 76 -1.12 -80.78 -11.61
CA VAL C 76 0.09 -80.14 -11.10
C VAL C 76 0.21 -78.71 -11.68
N GLU C 77 -0.29 -78.52 -12.91
CA GLU C 77 -0.37 -77.20 -13.52
C GLU C 77 -1.27 -76.30 -12.67
N GLU C 78 -2.41 -76.86 -12.27
CA GLU C 78 -3.41 -76.14 -11.50
C GLU C 78 -2.98 -75.76 -10.10
N LEU C 79 -2.36 -76.66 -9.36
CA LEU C 79 -1.81 -76.31 -8.06
C LEU C 79 -0.83 -75.13 -8.09
N ALA C 80 -0.16 -74.93 -9.21
CA ALA C 80 0.79 -73.84 -9.33
C ALA C 80 0.16 -72.54 -9.87
N ASN C 81 -0.98 -72.66 -10.57
CA ASN C 81 -1.74 -71.49 -11.01
C ASN C 81 -2.11 -70.75 -9.71
N ILE C 82 -2.76 -71.46 -8.76
CA ILE C 82 -3.30 -70.85 -7.51
C ILE C 82 -2.31 -70.52 -6.38
N THR C 83 -1.06 -70.94 -6.41
CA THR C 83 -0.11 -70.59 -5.33
C THR C 83 0.86 -69.46 -5.71
N SER C 84 0.78 -68.99 -6.94
CA SER C 84 1.64 -67.92 -7.43
C SER C 84 0.71 -66.80 -7.94
N GLY C 85 1.13 -65.56 -7.75
CA GLY C 85 0.37 -64.42 -8.23
C GLY C 85 0.39 -64.29 -9.74
N VAL C 86 -0.71 -63.78 -10.31
CA VAL C 86 -0.81 -63.47 -11.73
C VAL C 86 -1.04 -61.96 -11.97
N ILE C 87 -1.08 -61.56 -13.26
CA ILE C 87 -1.27 -60.18 -13.65
C ILE C 87 -2.72 -59.80 -13.44
N GLY C 88 -2.97 -58.66 -12.78
CA GLY C 88 -4.33 -58.13 -12.62
C GLY C 88 -4.47 -56.85 -11.80
N LEU C 89 -5.73 -56.41 -11.66
CA LEU C 89 -6.09 -55.07 -11.17
C LEU C 89 -5.83 -54.88 -9.69
N CYS C 90 -5.95 -55.96 -8.89
CA CYS C 90 -5.70 -55.87 -7.45
C CYS C 90 -4.24 -55.91 -7.12
N SER C 91 -3.90 -55.67 -5.85
CA SER C 91 -2.48 -55.65 -5.43
C SER C 91 -1.80 -56.98 -5.75
N GLY C 92 -2.52 -58.06 -5.44
CA GLY C 92 -2.16 -59.43 -5.83
C GLY C 92 -3.38 -60.12 -6.42
N VAL C 93 -3.16 -60.96 -7.42
CA VAL C 93 -4.20 -61.81 -7.97
C VAL C 93 -3.70 -63.26 -8.03
N THR C 94 -4.39 -64.19 -7.37
CA THR C 94 -4.09 -65.61 -7.57
C THR C 94 -4.67 -66.07 -8.92
N GLY C 95 -4.01 -67.08 -9.49
CA GLY C 95 -4.46 -67.71 -10.73
C GLY C 95 -5.76 -68.47 -10.49
N ALA C 96 -6.60 -68.49 -11.51
CA ALA C 96 -7.80 -69.31 -11.49
C ALA C 96 -7.43 -70.81 -11.62
N VAL C 97 -8.38 -71.66 -11.28
CA VAL C 97 -8.33 -73.07 -11.58
C VAL C 97 -9.55 -73.23 -12.44
N THR C 98 -9.42 -72.78 -13.68
CA THR C 98 -10.59 -72.51 -14.50
C THR C 98 -11.40 -73.78 -14.81
N ARG C 99 -10.73 -74.91 -14.99
CA ARG C 99 -11.43 -76.23 -15.20
C ARG C 99 -12.47 -76.58 -14.09
N LEU C 100 -12.14 -76.22 -12.84
CA LEU C 100 -12.94 -76.55 -11.66
C LEU C 100 -13.85 -75.43 -11.19
N GLY C 101 -13.95 -74.33 -11.95
CA GLY C 101 -14.83 -73.19 -11.63
C GLY C 101 -14.40 -72.31 -10.47
N ILE C 102 -13.09 -72.24 -10.25
CA ILE C 102 -12.51 -71.36 -9.25
C ILE C 102 -12.06 -70.11 -9.99
N PRO C 103 -12.48 -68.93 -9.51
CA PRO C 103 -11.98 -67.70 -10.13
C PRO C 103 -10.62 -67.28 -9.55
N GLU C 104 -9.98 -66.36 -10.26
CA GLU C 104 -8.88 -65.58 -9.72
C GLU C 104 -9.37 -64.91 -8.42
N PHE C 105 -8.53 -64.89 -7.39
CA PHE C 105 -8.86 -64.15 -6.17
C PHE C 105 -8.14 -62.82 -6.19
N CYS C 106 -8.74 -61.83 -5.52
CA CYS C 106 -8.28 -60.45 -5.48
C CYS C 106 -7.72 -60.21 -4.07
N LEU C 107 -6.42 -59.95 -4.03
CA LEU C 107 -5.70 -59.66 -2.80
C LEU C 107 -5.45 -58.18 -2.84
N GLN C 108 -6.01 -57.43 -1.88
CA GLN C 108 -5.98 -55.96 -1.95
C GLN C 108 -5.60 -55.27 -0.66
N ASP C 109 -4.61 -54.40 -0.71
CA ASP C 109 -4.39 -53.46 0.40
C ASP C 109 -5.67 -52.67 0.75
N GLY C 110 -5.86 -52.20 2.00
CA GLY C 110 -4.89 -52.30 3.12
C GLY C 110 -5.58 -52.07 4.45
N PRO C 111 -4.80 -51.87 5.53
CA PRO C 111 -5.46 -51.79 6.83
C PRO C 111 -6.36 -50.59 7.15
N ILE C 112 -6.60 -49.65 6.23
CA ILE C 112 -7.70 -48.69 6.46
C ILE C 112 -8.90 -48.88 5.53
N GLY C 113 -8.88 -49.94 4.75
CA GLY C 113 -9.88 -50.15 3.73
C GLY C 113 -9.17 -50.29 2.42
N PRO C 114 -9.91 -50.56 1.35
CA PRO C 114 -9.26 -50.80 0.08
C PRO C 114 -8.59 -49.57 -0.48
N ARG C 115 -7.36 -49.76 -0.97
CA ARG C 115 -6.52 -48.71 -1.53
C ARG C 115 -6.62 -48.69 -3.02
N GLY C 116 -6.34 -47.52 -3.60
CA GLY C 116 -6.30 -47.38 -5.05
C GLY C 116 -7.67 -47.29 -5.67
N VAL C 117 -8.68 -47.07 -4.86
CA VAL C 117 -10.04 -47.28 -5.24
C VAL C 117 -10.74 -45.94 -5.08
N HIS C 118 -11.62 -45.62 -6.01
CA HIS C 118 -12.53 -44.49 -5.85
C HIS C 118 -13.87 -45.10 -5.43
N GLY C 119 -14.74 -44.26 -4.85
CA GLY C 119 -16.07 -44.68 -4.42
C GLY C 119 -16.12 -45.27 -3.03
N SER C 120 -15.02 -45.11 -2.30
CA SER C 120 -14.89 -45.56 -0.91
C SER C 120 -14.67 -44.38 0.02
N SER C 121 -14.51 -44.71 1.29
CA SER C 121 -14.35 -43.77 2.35
C SER C 121 -12.94 -43.96 2.89
N GLN C 122 -12.36 -42.90 3.46
CA GLN C 122 -11.08 -42.99 4.15
C GLN C 122 -11.32 -43.17 5.65
N PHE C 123 -11.08 -44.38 6.15
CA PHE C 123 -11.23 -44.65 7.55
C PHE C 123 -10.00 -44.18 8.30
N PRO C 124 -10.13 -43.93 9.61
CA PRO C 124 -8.96 -43.67 10.41
C PRO C 124 -8.08 -44.93 10.48
N ALA C 125 -6.80 -44.72 10.77
CA ALA C 125 -5.83 -45.80 10.84
C ALA C 125 -5.93 -46.56 12.17
N GLY C 126 -5.27 -47.71 12.23
CA GLY C 126 -5.31 -48.57 13.43
C GLY C 126 -4.90 -47.84 14.69
N LEU C 127 -3.80 -47.11 14.59
CA LEU C 127 -3.37 -46.17 15.63
C LEU C 127 -4.54 -45.33 16.19
N THR C 128 -5.41 -44.85 15.30
CA THR C 128 -6.44 -43.94 15.73
C THR C 128 -7.48 -44.70 16.56
N VAL C 129 -7.95 -45.87 16.08
CA VAL C 129 -8.95 -46.64 16.86
C VAL C 129 -8.37 -47.07 18.17
N ALA C 130 -7.07 -47.37 18.16
CA ALA C 130 -6.40 -47.85 19.36
C ALA C 130 -6.65 -46.87 20.45
N ALA C 131 -6.34 -45.62 20.11
CA ALA C 131 -6.48 -44.46 21.01
C ALA C 131 -7.88 -44.22 21.58
N THR C 132 -8.90 -44.86 21.02
CA THR C 132 -10.23 -44.87 21.61
C THR C 132 -10.45 -45.86 22.75
N TRP C 133 -9.64 -46.92 22.81
CA TRP C 133 -9.86 -48.01 23.77
C TRP C 133 -11.33 -48.51 23.81
N ASP C 134 -12.01 -48.50 22.67
CA ASP C 134 -13.44 -48.82 22.61
C ASP C 134 -13.62 -50.01 21.69
N ARG C 135 -14.04 -51.13 22.26
CA ARG C 135 -14.06 -52.39 21.52
C ARG C 135 -15.06 -52.34 20.41
N THR C 136 -16.20 -51.70 20.67
CA THR C 136 -17.30 -51.49 19.68
C THR C 136 -16.80 -50.77 18.45
N LEU C 137 -16.01 -49.73 18.70
CA LEU C 137 -15.39 -48.92 17.63
C LEU C 137 -14.37 -49.72 16.85
N MET C 138 -13.52 -50.49 17.55
CA MET C 138 -12.55 -51.36 16.88
C MET C 138 -13.29 -52.31 15.95
N TYR C 139 -14.37 -52.91 16.46
CA TYR C 139 -15.15 -53.87 15.66
C TYR C 139 -15.84 -53.18 14.46
N ALA C 140 -16.60 -52.13 14.77
CA ALA C 140 -17.38 -51.38 13.79
C ALA C 140 -16.53 -50.84 12.63
N ARG C 141 -15.36 -50.34 12.95
CA ARG C 141 -14.41 -49.86 11.94
C ARG C 141 -14.07 -50.96 10.95
N ALA C 142 -13.68 -52.11 11.50
CA ALA C 142 -13.34 -53.26 10.67
C ALA C 142 -14.53 -53.81 9.91
N ARG C 143 -15.67 -53.86 10.58
CA ARG C 143 -16.90 -54.24 9.90
C ARG C 143 -17.17 -53.31 8.73
N GLY C 144 -16.94 -51.99 8.93
CA GLY C 144 -17.16 -50.97 7.88
C GLY C 144 -16.21 -51.11 6.70
N MET C 145 -14.91 -51.12 7.01
CA MET C 145 -13.86 -51.50 6.01
C MET C 145 -14.27 -52.76 5.25
N GLY C 146 -14.68 -53.80 6.00
CA GLY C 146 -15.15 -55.03 5.46
C GLY C 146 -16.18 -54.87 4.36
N GLN C 147 -17.30 -54.17 4.63
CA GLN C 147 -18.34 -54.04 3.59
C GLN C 147 -17.81 -53.37 2.33
N GLU C 148 -16.92 -52.39 2.49
CA GLU C 148 -16.40 -51.68 1.31
C GLU C 148 -15.47 -52.57 0.49
N PHE C 149 -14.61 -53.32 1.19
CA PHE C 149 -13.76 -54.36 0.57
C PHE C 149 -14.64 -55.30 -0.23
N HIS C 150 -15.64 -55.84 0.44
CA HIS C 150 -16.48 -56.84 -0.22
C HIS C 150 -17.14 -56.23 -1.46
N ASP C 151 -17.70 -55.03 -1.31
CA ASP C 151 -18.45 -54.41 -2.40
C ASP C 151 -17.58 -53.86 -3.52
N GLN C 152 -16.29 -53.72 -3.26
CA GLN C 152 -15.34 -53.40 -4.32
C GLN C 152 -14.85 -54.64 -5.08
N GLY C 153 -15.13 -55.82 -4.54
CA GLY C 153 -14.80 -57.08 -5.21
C GLY C 153 -13.54 -57.76 -4.70
N VAL C 154 -13.22 -57.53 -3.43
CA VAL C 154 -12.02 -58.03 -2.81
C VAL C 154 -12.31 -59.32 -2.05
N HIS C 155 -11.67 -60.42 -2.47
CA HIS C 155 -11.76 -61.76 -1.79
C HIS C 155 -10.95 -61.74 -0.48
N LEU C 156 -9.72 -61.26 -0.59
CA LEU C 156 -8.75 -61.22 0.50
C LEU C 156 -8.22 -59.79 0.75
N ALA C 157 -8.38 -59.30 1.97
CA ALA C 157 -7.92 -57.99 2.33
C ALA C 157 -6.58 -58.15 3.00
N LEU C 158 -5.60 -57.34 2.61
CA LEU C 158 -4.27 -57.39 3.23
C LEU C 158 -4.28 -56.58 4.55
N ALA C 159 -4.95 -57.18 5.54
CA ALA C 159 -5.22 -56.49 6.81
C ALA C 159 -5.80 -57.48 7.79
N PRO C 160 -5.80 -57.18 9.08
CA PRO C 160 -5.23 -55.98 9.66
C PRO C 160 -3.76 -56.22 9.99
N VAL C 161 -3.18 -55.26 10.71
CA VAL C 161 -1.80 -55.31 11.12
C VAL C 161 -1.90 -55.67 12.59
N THR C 162 -1.40 -56.86 12.91
CA THR C 162 -1.72 -57.51 14.17
C THR C 162 -0.42 -57.82 14.82
N GLY C 163 0.28 -56.78 15.26
CA GLY C 163 1.53 -56.95 16.00
C GLY C 163 2.83 -57.10 15.21
N GLY C 164 2.79 -56.84 13.91
CA GLY C 164 4.00 -56.63 13.15
C GLY C 164 3.76 -55.46 12.19
N PRO C 165 4.40 -54.31 12.40
CA PRO C 165 5.20 -53.95 13.57
C PRO C 165 4.32 -53.66 14.78
N LEU C 166 4.88 -53.89 15.95
CA LEU C 166 4.20 -53.74 17.20
C LEU C 166 4.61 -52.53 17.98
N GLY C 167 5.87 -52.19 17.99
CA GLY C 167 6.31 -51.03 18.73
C GLY C 167 7.63 -51.08 19.41
N ARG C 168 8.63 -51.66 18.78
CA ARG C 168 9.95 -51.74 19.37
C ARG C 168 10.57 -50.35 19.31
N THR C 169 10.41 -49.69 18.18
CA THR C 169 10.86 -48.31 18.05
C THR C 169 9.72 -47.35 17.74
N PRO C 170 9.70 -46.19 18.46
CA PRO C 170 8.70 -45.16 18.17
C PRO C 170 8.97 -44.41 16.86
N LEU C 171 10.01 -44.73 16.10
CA LEU C 171 10.26 -44.11 14.79
C LEU C 171 9.80 -44.97 13.65
N ASN C 172 9.04 -46.02 13.92
CA ASN C 172 8.73 -46.94 12.83
C ASN C 172 7.88 -46.20 11.80
N GLY C 173 8.38 -46.09 10.59
CA GLY C 173 7.66 -45.40 9.51
C GLY C 173 6.22 -45.81 9.27
N ARG C 174 5.97 -47.13 9.39
CA ARG C 174 4.63 -47.70 9.30
C ARG C 174 4.00 -48.18 10.60
N GLY C 175 4.54 -47.79 11.76
CA GLY C 175 3.95 -48.18 13.05
C GLY C 175 2.49 -47.81 13.27
N TRP C 176 2.09 -46.72 12.61
CA TRP C 176 0.71 -46.22 12.58
C TRP C 176 -0.36 -47.17 12.02
N GLU C 177 0.07 -48.07 11.15
CA GLU C 177 -0.81 -49.11 10.62
C GLU C 177 -1.25 -50.07 11.69
N GLY C 178 -0.47 -50.24 12.73
CA GLY C 178 -0.82 -51.13 13.81
C GLY C 178 -1.81 -50.53 14.76
N THR C 179 -1.66 -50.76 16.04
CA THR C 179 -2.54 -50.23 17.04
C THR C 179 -2.26 -49.84 18.46
N PHE C 180 -1.28 -50.38 19.09
CA PHE C 180 -1.11 -50.30 20.51
C PHE C 180 0.27 -50.90 20.56
N ALA C 181 1.17 -50.25 21.29
CA ALA C 181 2.52 -50.77 21.56
C ALA C 181 2.53 -51.65 22.83
N ASP C 182 1.71 -52.71 22.79
CA ASP C 182 1.47 -53.51 23.98
C ASP C 182 0.80 -54.77 23.53
N PRO C 183 1.35 -55.92 23.94
CA PRO C 183 0.83 -57.19 23.40
C PRO C 183 -0.68 -57.37 23.68
N TYR C 184 -1.12 -57.07 24.89
CA TYR C 184 -2.49 -57.40 25.29
C TYR C 184 -3.50 -56.54 24.54
N ALA C 185 -3.28 -55.23 24.51
CA ALA C 185 -4.18 -54.30 23.81
C ALA C 185 -4.16 -54.49 22.28
N CYS C 186 -2.97 -54.67 21.70
CA CYS C 186 -2.88 -55.00 20.29
C CYS C 186 -3.61 -56.28 19.99
N GLY C 187 -3.61 -57.19 20.99
CA GLY C 187 -4.28 -58.47 20.86
C GLY C 187 -5.78 -58.35 20.74
N GLU C 188 -6.36 -57.58 21.65
CA GLU C 188 -7.78 -57.28 21.61
C GLU C 188 -8.23 -56.57 20.34
N ALA C 189 -7.45 -55.57 19.92
CA ALA C 189 -7.79 -54.78 18.73
C ALA C 189 -7.64 -55.62 17.49
N SER C 190 -6.64 -56.50 17.51
CA SER C 190 -6.39 -57.44 16.41
C SER C 190 -7.52 -58.42 16.30
N TYR C 191 -7.93 -58.99 17.43
CA TYR C 191 -9.02 -60.00 17.43
C TYR C 191 -10.24 -59.37 16.79
N LEU C 192 -10.64 -58.22 17.33
CA LEU C 192 -11.84 -57.51 16.87
C LEU C 192 -11.71 -57.01 15.43
N SER C 193 -10.52 -56.55 15.04
CA SER C 193 -10.33 -56.14 13.65
C SER C 193 -10.54 -57.30 12.68
N VAL C 194 -10.00 -58.46 13.03
CA VAL C 194 -10.15 -59.64 12.19
C VAL C 194 -11.64 -60.02 12.16
N LYS C 195 -12.25 -60.07 13.34
CA LYS C 195 -13.66 -60.44 13.42
C LYS C 195 -14.54 -59.60 12.49
N GLY C 196 -14.32 -58.28 12.53
CA GLY C 196 -15.04 -57.32 11.70
C GLY C 196 -14.92 -57.61 10.21
N LEU C 197 -13.71 -57.79 9.73
CA LEU C 197 -13.51 -58.07 8.32
C LEU C 197 -14.16 -59.40 7.91
N THR C 198 -13.90 -60.48 8.66
CA THR C 198 -14.50 -61.79 8.29
C THR C 198 -16.03 -61.75 8.32
N ASP C 199 -16.63 -61.03 9.29
CA ASP C 199 -18.09 -60.93 9.37
C ASP C 199 -18.64 -60.27 8.12
N ALA C 200 -17.86 -59.41 7.51
CA ALA C 200 -18.24 -58.76 6.26
C ALA C 200 -18.16 -59.65 5.04
N GLY C 201 -17.64 -60.86 5.19
CA GLY C 201 -17.38 -61.76 4.08
C GLY C 201 -16.06 -61.56 3.36
N VAL C 202 -15.10 -60.91 4.01
CA VAL C 202 -13.78 -60.72 3.38
CA VAL C 202 -13.77 -60.66 3.43
C VAL C 202 -12.72 -61.53 4.13
N ALA C 203 -11.90 -62.25 3.37
CA ALA C 203 -10.84 -63.05 3.99
C ALA C 203 -9.70 -62.11 4.39
N THR C 204 -9.19 -62.26 5.62
CA THR C 204 -8.07 -61.45 6.11
C THR C 204 -6.72 -62.11 5.97
N VAL C 205 -5.70 -61.28 5.81
CA VAL C 205 -4.29 -61.69 5.73
C VAL C 205 -3.55 -60.90 6.82
N SER C 206 -3.68 -61.33 8.08
CA SER C 206 -3.14 -60.57 9.22
C SER C 206 -1.64 -60.49 9.07
N LYS C 207 -1.08 -59.30 9.24
CA LYS C 207 0.32 -59.08 8.93
C LYS C 207 0.98 -58.25 10.00
N HIS C 208 2.30 -58.18 10.06
CA HIS C 208 3.24 -58.97 9.25
C HIS C 208 3.99 -59.95 10.20
N TRP C 209 3.89 -61.25 9.91
CA TRP C 209 4.59 -62.27 10.71
C TRP C 209 6.08 -62.32 10.29
N ILE C 210 7.06 -62.01 11.14
CA ILE C 210 6.95 -61.54 12.54
C ILE C 210 8.29 -60.88 12.91
N ALA C 211 8.37 -60.22 14.06
CA ALA C 211 9.52 -59.40 14.43
C ALA C 211 9.89 -58.32 13.38
N TYR C 212 8.87 -57.78 12.75
CA TYR C 212 9.06 -56.85 11.64
C TYR C 212 9.04 -55.45 12.23
N GLU C 213 10.07 -55.12 13.02
CA GLU C 213 10.10 -53.93 13.86
C GLU C 213 10.98 -52.77 13.35
N GLN C 214 11.29 -52.72 12.04
CA GLN C 214 11.84 -51.52 11.42
C GLN C 214 11.78 -51.56 9.91
N GLU C 215 11.70 -50.39 9.30
CA GLU C 215 11.69 -50.28 7.83
C GLU C 215 13.07 -50.26 7.18
N THR C 216 14.00 -49.59 7.85
CA THR C 216 15.36 -49.43 7.34
C THR C 216 16.02 -50.80 7.12
N SER C 217 16.59 -50.98 5.92
CA SER C 217 17.23 -52.23 5.54
C SER C 217 16.25 -53.39 5.63
N ARG C 218 14.97 -53.16 5.36
CA ARG C 218 14.02 -54.27 5.21
C ARG C 218 14.23 -54.96 3.85
N ASN C 219 14.90 -54.27 2.94
CA ASN C 219 15.38 -54.83 1.68
C ASN C 219 14.53 -55.97 1.11
N LEU C 220 13.33 -55.61 0.68
CA LEU C 220 12.49 -56.50 -0.09
C LEU C 220 13.25 -56.98 -1.31
N TYR C 221 12.90 -58.18 -1.75
CA TYR C 221 13.57 -58.80 -2.90
C TYR C 221 13.14 -58.18 -4.22
N ILE C 222 14.11 -57.64 -4.96
CA ILE C 222 13.86 -57.01 -6.26
C ILE C 222 14.99 -57.34 -7.25
N ASP C 223 14.60 -57.81 -8.43
CA ASP C 223 15.52 -58.14 -9.54
C ASP C 223 15.07 -57.41 -10.83
N ILE C 224 15.79 -56.34 -11.14
CA ILE C 224 15.40 -55.42 -12.20
C ILE C 224 16.40 -55.63 -13.36
N ASP C 225 16.60 -54.64 -14.24
CA ASP C 225 17.49 -54.79 -15.43
C ASP C 225 18.95 -54.93 -15.02
N GLY C 226 19.35 -54.05 -14.10
CA GLY C 226 20.70 -54.06 -13.57
C GLY C 226 20.83 -54.49 -12.12
N VAL C 227 20.04 -53.86 -11.25
CA VAL C 227 20.10 -54.15 -9.83
C VAL C 227 19.32 -55.37 -9.28
N SER C 228 19.96 -56.12 -8.38
CA SER C 228 19.35 -57.25 -7.65
C SER C 228 19.68 -57.03 -6.18
N GLN C 229 18.72 -57.19 -5.29
CA GLN C 229 18.95 -56.93 -3.85
C GLN C 229 19.80 -58.02 -3.19
N ALA C 230 19.77 -59.23 -3.75
CA ALA C 230 20.65 -60.32 -3.35
C ALA C 230 22.13 -59.91 -3.37
N ASP C 231 22.50 -59.10 -4.37
CA ASP C 231 23.89 -58.59 -4.55
C ASP C 231 24.23 -57.28 -3.77
N ILE C 232 23.26 -56.70 -3.05
CA ILE C 232 23.46 -55.41 -2.35
C ILE C 232 23.50 -55.61 -0.84
N GLN C 233 22.40 -56.13 -0.30
CA GLN C 233 22.20 -56.25 1.15
C GLN C 233 21.05 -57.21 1.43
N LEU C 234 21.21 -58.03 2.48
CA LEU C 234 20.19 -58.98 2.88
C LEU C 234 19.26 -58.25 3.84
N PRO C 235 18.02 -58.75 4.00
CA PRO C 235 17.10 -58.11 4.92
C PRO C 235 17.65 -58.03 6.35
N ILE C 236 17.29 -56.98 7.06
CA ILE C 236 17.60 -56.82 8.48
C ILE C 236 17.21 -58.10 9.20
N SER C 237 17.95 -58.46 10.24
CA SER C 237 17.73 -59.73 10.96
C SER C 237 17.32 -59.46 12.39
N SER C 238 16.06 -59.78 12.67
CA SER C 238 15.53 -59.79 14.01
C SER C 238 15.98 -61.07 14.68
N ASN C 239 16.86 -60.90 15.66
CA ASN C 239 17.42 -62.01 16.43
C ASN C 239 16.75 -61.93 17.79
N VAL C 240 15.77 -62.81 17.98
CA VAL C 240 14.87 -62.76 19.14
C VAL C 240 14.93 -64.05 19.96
N ASP C 241 15.10 -63.93 21.29
CA ASP C 241 15.00 -65.12 22.18
C ASP C 241 13.59 -65.75 22.14
N ASP C 242 13.47 -66.96 22.67
CA ASP C 242 12.22 -67.74 22.55
C ASP C 242 11.20 -67.18 23.53
N LEU C 243 11.65 -66.71 24.70
CA LEU C 243 10.75 -66.06 25.70
C LEU C 243 10.05 -64.81 25.13
N THR C 244 10.87 -63.91 24.61
CA THR C 244 10.45 -62.66 24.00
C THR C 244 9.45 -62.90 22.87
N MET C 245 9.81 -63.76 21.92
CA MET C 245 8.93 -64.17 20.80
C MET C 245 7.58 -64.70 21.24
N HIS C 246 7.50 -65.31 22.43
CA HIS C 246 6.23 -65.85 22.95
C HIS C 246 5.41 -64.82 23.69
N GLU C 247 6.06 -64.12 24.61
CA GLU C 247 5.38 -63.19 25.51
C GLU C 247 5.11 -61.82 24.86
N LEU C 248 5.91 -61.44 23.88
CA LEU C 248 5.75 -60.15 23.20
C LEU C 248 5.09 -60.34 21.82
N TYR C 249 5.85 -60.87 20.87
CA TYR C 249 5.44 -60.77 19.44
C TYR C 249 4.31 -61.69 19.02
N MET C 250 4.31 -62.92 19.54
CA MET C 250 3.30 -63.91 19.16
C MET C 250 1.93 -63.55 19.68
N TRP C 251 1.87 -62.88 20.82
CA TRP C 251 0.62 -62.70 21.57
C TRP C 251 -0.53 -62.24 20.66
N SER C 252 -0.33 -61.16 19.91
CA SER C 252 -1.36 -60.59 19.03
C SER C 252 -1.74 -61.51 17.86
N PHE C 253 -0.74 -62.19 17.31
CA PHE C 253 -0.99 -63.18 16.25
C PHE C 253 -1.80 -64.39 16.75
N ALA C 254 -1.65 -64.75 18.03
CA ALA C 254 -2.47 -65.80 18.63
C ALA C 254 -3.94 -65.43 18.49
N GLU C 255 -4.23 -64.23 18.95
CA GLU C 255 -5.56 -63.65 18.96
C GLU C 255 -6.12 -63.49 17.54
N ALA C 256 -5.30 -63.02 16.62
CA ALA C 256 -5.70 -62.99 15.23
C ALA C 256 -6.03 -64.39 14.71
N VAL C 257 -5.21 -65.39 15.07
CA VAL C 257 -5.51 -66.77 14.72
C VAL C 257 -6.82 -67.24 15.35
N ARG C 258 -6.98 -66.98 16.64
CA ARG C 258 -8.20 -67.34 17.34
C ARG C 258 -9.48 -66.71 16.79
N ALA C 259 -9.42 -65.40 16.50
CA ALA C 259 -10.51 -64.70 15.81
C ALA C 259 -10.82 -65.29 14.42
N GLY C 260 -9.87 -66.00 13.86
CA GLY C 260 -10.13 -66.74 12.65
C GLY C 260 -9.55 -66.09 11.43
N THR C 261 -8.40 -65.44 11.58
CA THR C 261 -7.80 -64.88 10.40
C THR C 261 -7.56 -65.98 9.38
N ASN C 262 -8.00 -65.77 8.16
CA ASN C 262 -7.94 -66.77 7.11
C ASN C 262 -6.57 -67.03 6.56
N HIS C 263 -5.73 -66.00 6.59
CA HIS C 263 -4.34 -66.09 6.15
C HIS C 263 -3.46 -65.21 7.03
N ILE C 264 -2.15 -65.28 6.83
CA ILE C 264 -1.15 -64.52 7.58
C ILE C 264 -0.13 -64.08 6.52
N MET C 265 0.40 -62.86 6.62
CA MET C 265 1.47 -62.42 5.73
C MET C 265 2.82 -62.55 6.42
N CYS C 266 3.73 -63.23 5.74
CA CYS C 266 5.09 -63.45 6.20
C CYS C 266 5.85 -62.10 5.98
N SER C 267 6.79 -61.75 6.85
CA SER C 267 7.44 -60.43 6.79
C SER C 267 8.71 -60.34 5.96
N TYR C 268 9.16 -59.10 5.73
CA TYR C 268 10.33 -58.80 4.89
C TYR C 268 11.67 -59.18 5.57
N ASN C 269 11.75 -58.85 6.87
CA ASN C 269 12.92 -59.13 7.70
C ASN C 269 13.22 -60.61 7.83
N ARG C 270 14.45 -60.88 8.29
CA ARG C 270 14.90 -62.21 8.60
C ARG C 270 14.77 -62.34 10.12
N ILE C 271 14.64 -63.59 10.56
CA ILE C 271 14.72 -63.90 11.98
C ILE C 271 15.90 -64.86 12.14
N ASN C 272 16.83 -64.57 13.05
CA ASN C 272 18.05 -65.39 13.21
C ASN C 272 18.68 -65.73 11.85
N ASN C 273 18.84 -64.69 11.05
CA ASN C 273 19.42 -64.81 9.72
C ASN C 273 18.69 -65.71 8.71
N THR C 274 17.42 -66.03 8.97
CA THR C 274 16.62 -66.81 8.04
C THR C 274 15.37 -65.99 7.69
N HIS C 275 15.14 -65.77 6.39
CA HIS C 275 13.93 -65.07 5.89
C HIS C 275 12.71 -65.59 6.60
N SER C 276 11.80 -64.70 6.98
CA SER C 276 10.55 -65.11 7.65
C SER C 276 9.71 -66.01 6.75
N CYS C 277 9.73 -65.74 5.44
CA CYS C 277 8.96 -66.56 4.48
C CYS C 277 9.47 -67.97 4.26
N SER C 278 10.70 -68.22 4.66
CA SER C 278 11.27 -69.57 4.62
C SER C 278 11.92 -69.87 5.98
N ASN C 279 11.29 -69.40 7.07
CA ASN C 279 11.71 -69.76 8.42
C ASN C 279 10.80 -70.87 8.95
N ALA C 280 11.24 -72.11 8.76
CA ALA C 280 10.54 -73.30 9.29
C ALA C 280 10.22 -73.28 10.83
N LYS C 281 11.13 -72.79 11.66
CA LYS C 281 10.80 -72.61 13.07
C LYS C 281 9.57 -71.70 13.18
N GLY C 282 9.56 -70.58 12.44
CA GLY C 282 8.46 -69.61 12.52
C GLY C 282 7.17 -70.10 11.91
N LEU C 283 7.23 -70.49 10.64
CA LEU C 283 6.04 -70.85 9.90
C LEU C 283 5.45 -72.21 10.26
N ASN C 284 6.24 -73.27 10.08
CA ASN C 284 5.78 -74.66 10.30
C ASN C 284 5.52 -74.99 11.78
N GLN C 285 6.43 -74.58 12.67
CA GLN C 285 6.34 -74.96 14.08
C GLN C 285 5.51 -73.90 14.81
N LEU C 286 6.08 -72.71 15.07
CA LEU C 286 5.41 -71.70 15.91
C LEU C 286 4.01 -71.35 15.43
N LEU C 287 3.89 -71.03 14.16
CA LEU C 287 2.59 -70.60 13.64
C LEU C 287 1.70 -71.80 13.34
N LYS C 288 2.14 -72.64 12.42
CA LYS C 288 1.29 -73.75 11.94
C LYS C 288 1.04 -74.90 12.94
N THR C 289 1.90 -75.04 13.97
CA THR C 289 1.82 -76.15 14.92
C THR C 289 1.40 -75.69 16.30
N GLU C 290 2.23 -74.87 16.93
CA GLU C 290 1.88 -74.33 18.28
C GLU C 290 0.56 -73.51 18.29
N LEU C 291 0.47 -72.49 17.42
CA LEU C 291 -0.77 -71.70 17.28
C LEU C 291 -1.79 -72.38 16.36
N ASN C 292 -1.47 -73.57 15.85
CA ASN C 292 -2.41 -74.43 15.11
C ASN C 292 -3.00 -73.73 13.89
N PHE C 293 -2.24 -72.84 13.30
CA PHE C 293 -2.83 -72.02 12.28
C PHE C 293 -3.21 -72.94 11.10
N GLN C 294 -4.48 -72.93 10.75
CA GLN C 294 -5.07 -73.74 9.71
C GLN C 294 -5.26 -73.08 8.36
N GLY C 295 -4.85 -71.84 8.26
CA GLY C 295 -4.93 -71.06 7.01
C GLY C 295 -3.61 -70.89 6.28
N GLY C 296 -3.64 -70.02 5.28
CA GLY C 296 -2.51 -69.78 4.38
C GLY C 296 -1.49 -68.77 4.88
N VAL C 297 -0.23 -68.99 4.54
CA VAL C 297 0.79 -68.01 4.73
C VAL C 297 1.05 -67.39 3.36
N VAL C 298 0.98 -66.06 3.29
CA VAL C 298 1.16 -65.30 2.06
C VAL C 298 2.43 -64.48 2.16
N SER C 299 3.23 -64.48 1.10
CA SER C 299 4.45 -63.67 1.09
C SER C 299 4.07 -62.21 1.05
N ASP C 300 4.86 -61.40 1.74
CA ASP C 300 4.87 -60.00 1.41
C ASP C 300 5.45 -59.87 -0.01
N TRP C 301 5.29 -58.68 -0.57
CA TRP C 301 5.61 -58.40 -1.97
C TRP C 301 7.14 -58.28 -2.13
N GLY C 302 7.77 -59.32 -2.70
CA GLY C 302 9.20 -59.58 -2.55
C GLY C 302 9.60 -60.12 -1.16
N GLY C 303 8.71 -60.88 -0.52
CA GLY C 303 9.01 -61.50 0.80
C GLY C 303 9.73 -62.85 0.66
N GLN C 304 9.51 -63.45 -0.50
CA GLN C 304 10.07 -64.72 -0.92
C GLN C 304 11.33 -64.52 -1.75
N TRP C 305 12.37 -65.26 -1.35
CA TRP C 305 13.72 -65.16 -1.93
C TRP C 305 14.18 -66.39 -2.72
N ASP C 306 13.54 -67.52 -2.47
CA ASP C 306 13.98 -68.80 -3.01
C ASP C 306 12.75 -69.67 -3.21
N SER C 307 12.91 -70.70 -4.04
CA SER C 307 11.79 -71.55 -4.44
C SER C 307 11.68 -72.78 -3.52
N VAL C 308 12.80 -73.48 -3.29
CA VAL C 308 12.71 -74.75 -2.55
C VAL C 308 12.53 -74.54 -1.05
N PRO C 309 13.42 -73.78 -0.39
CA PRO C 309 13.23 -73.62 1.07
C PRO C 309 11.85 -73.06 1.46
N ALA C 310 11.27 -72.18 0.62
CA ALA C 310 9.96 -71.58 0.90
C ALA C 310 8.83 -72.59 0.75
N ALA C 311 8.97 -73.52 -0.20
CA ALA C 311 8.01 -74.61 -0.35
C ALA C 311 8.09 -75.52 0.87
N GLU C 312 9.30 -75.74 1.34
CA GLU C 312 9.57 -76.64 2.46
C GLU C 312 9.19 -75.98 3.79
N ASN C 313 9.66 -74.75 4.00
CA ASN C 313 9.62 -74.12 5.31
C ASN C 313 8.34 -73.37 5.71
N GLY C 314 7.30 -73.34 4.85
CA GLY C 314 5.97 -72.87 5.29
C GLY C 314 5.07 -72.01 4.41
N LEU C 315 5.68 -71.26 3.50
CA LEU C 315 4.95 -70.41 2.57
C LEU C 315 3.89 -71.18 1.80
N ASP C 316 2.68 -70.62 1.74
CA ASP C 316 1.61 -71.19 0.90
C ASP C 316 1.29 -70.41 -0.35
N VAL C 317 1.62 -69.11 -0.40
CA VAL C 317 1.30 -68.30 -1.59
C VAL C 317 2.43 -67.34 -1.97
N ALA C 318 2.79 -67.35 -3.25
CA ALA C 318 3.86 -66.51 -3.81
C ALA C 318 3.25 -65.24 -4.44
N MET C 319 3.52 -64.09 -3.81
CA MET C 319 3.02 -62.80 -4.26
C MET C 319 4.18 -61.79 -4.32
N PRO C 320 4.22 -60.95 -5.34
CA PRO C 320 3.16 -60.78 -6.32
C PRO C 320 3.17 -61.70 -7.52
N GLY C 321 4.19 -62.56 -7.65
CA GLY C 321 4.27 -63.49 -8.78
C GLY C 321 4.58 -62.82 -10.09
N LYS C 322 3.76 -63.10 -11.10
CA LYS C 322 3.94 -62.53 -12.45
C LYS C 322 3.45 -61.07 -12.57
N GLY C 323 2.86 -60.53 -11.50
CA GLY C 323 2.47 -59.13 -11.47
C GLY C 323 3.69 -58.30 -11.14
N PHE C 324 3.56 -56.99 -11.28
CA PHE C 324 4.65 -56.04 -11.08
C PHE C 324 5.88 -56.37 -11.92
N LEU C 325 5.65 -56.83 -13.16
CA LEU C 325 6.76 -57.16 -14.11
C LEU C 325 7.59 -58.36 -13.67
N GLY C 326 7.00 -59.25 -12.87
CA GLY C 326 7.75 -60.30 -12.19
C GLY C 326 8.92 -59.83 -11.36
N ALA C 327 9.05 -58.52 -11.15
CA ALA C 327 10.32 -57.91 -10.76
C ALA C 327 10.66 -58.00 -9.28
N LEU C 328 9.80 -58.63 -8.49
CA LEU C 328 10.09 -58.87 -7.08
C LEU C 328 10.20 -60.38 -6.78
N GLY C 329 10.57 -61.11 -7.80
CA GLY C 329 10.76 -62.52 -7.73
C GLY C 329 9.58 -63.29 -8.22
N ASP C 330 9.82 -64.35 -8.95
CA ASP C 330 8.75 -65.17 -9.43
C ASP C 330 9.31 -66.56 -9.25
N PHE C 331 9.50 -66.93 -7.99
CA PHE C 331 10.08 -68.21 -7.60
C PHE C 331 9.31 -69.49 -7.81
N TRP C 332 8.00 -69.51 -7.71
CA TRP C 332 7.26 -70.74 -7.95
C TRP C 332 6.55 -70.38 -9.24
N GLY C 333 5.41 -70.98 -9.49
CA GLY C 333 4.77 -70.88 -10.77
C GLY C 333 5.23 -71.95 -11.69
N ALA C 334 5.50 -71.58 -12.93
CA ALA C 334 5.99 -72.59 -13.86
C ALA C 334 7.20 -73.33 -13.26
N THR C 335 8.07 -72.60 -12.55
CA THR C 335 9.21 -73.20 -11.84
C THR C 335 8.84 -74.26 -10.78
N LEU C 336 7.67 -74.13 -10.17
CA LEU C 336 7.20 -75.12 -9.17
C LEU C 336 6.52 -76.36 -9.80
N VAL C 337 5.95 -76.19 -10.99
CA VAL C 337 5.52 -77.33 -11.82
C VAL C 337 6.73 -78.25 -12.05
N GLU C 338 7.83 -77.65 -12.51
CA GLU C 338 9.05 -78.37 -12.82
C GLU C 338 9.58 -79.14 -11.60
N LEU C 339 9.74 -78.44 -10.49
CA LEU C 339 10.18 -79.03 -9.20
C LEU C 339 9.30 -80.19 -8.66
N ILE C 340 8.00 -80.16 -8.95
CA ILE C 340 7.08 -81.22 -8.47
C ILE C 340 7.22 -82.44 -9.35
N ASN C 341 7.21 -82.22 -10.67
CA ASN C 341 7.32 -83.29 -11.69
C ASN C 341 8.65 -84.05 -11.69
N ASN C 342 9.74 -83.43 -11.24
CA ASN C 342 11.04 -84.08 -11.16
C ASN C 342 11.43 -84.46 -9.73
N GLY C 343 10.45 -84.50 -8.84
CA GLY C 343 10.62 -85.08 -7.51
C GLY C 343 11.46 -84.33 -6.49
N THR C 344 11.74 -83.04 -6.69
CA THR C 344 12.44 -82.24 -5.64
C THR C 344 11.52 -81.79 -4.50
N VAL C 345 10.31 -81.36 -4.86
CA VAL C 345 9.32 -80.88 -3.89
C VAL C 345 8.10 -81.80 -3.95
N SER C 346 7.70 -82.27 -2.78
CA SER C 346 6.58 -83.21 -2.60
C SER C 346 5.25 -82.63 -3.06
N GLU C 347 4.65 -83.18 -4.11
CA GLU C 347 3.30 -82.77 -4.52
C GLU C 347 2.31 -82.57 -3.34
N ASP C 348 2.22 -83.55 -2.43
CA ASP C 348 1.40 -83.43 -1.22
C ASP C 348 1.60 -82.13 -0.47
N LEU C 349 2.83 -81.66 -0.37
CA LEU C 349 3.08 -80.40 0.32
C LEU C 349 2.35 -79.24 -0.38
N VAL C 350 2.39 -79.23 -1.70
CA VAL C 350 1.75 -78.17 -2.47
C VAL C 350 0.22 -78.28 -2.46
N ARG C 351 -0.31 -79.50 -2.32
CA ARG C 351 -1.76 -79.70 -2.14
C ARG C 351 -2.25 -79.00 -0.89
N ASP C 352 -1.47 -79.13 0.18
CA ASP C 352 -1.75 -78.55 1.49
C ASP C 352 -1.81 -77.02 1.40
N LYS C 353 -0.85 -76.44 0.66
CA LYS C 353 -0.84 -75.02 0.40
C LYS C 353 -2.18 -74.60 -0.20
N ALA C 354 -2.60 -75.33 -1.22
CA ALA C 354 -3.80 -74.96 -1.94
C ALA C 354 -4.99 -75.18 -1.07
N VAL C 355 -4.98 -76.26 -0.29
CA VAL C 355 -6.11 -76.52 0.62
C VAL C 355 -6.29 -75.36 1.63
N ARG C 356 -5.20 -74.80 2.12
CA ARG C 356 -5.23 -73.64 3.01
C ARG C 356 -5.85 -72.39 2.31
N ILE C 357 -5.48 -72.21 1.04
CA ILE C 357 -5.95 -71.11 0.23
C ILE C 357 -7.44 -71.24 0.05
N LEU C 358 -7.86 -72.41 -0.45
CA LEU C 358 -9.26 -72.65 -0.73
C LEU C 358 -10.17 -72.79 0.51
N THR C 359 -9.60 -73.01 1.70
CA THR C 359 -10.41 -73.13 2.92
C THR C 359 -11.18 -71.83 3.12
N GLY C 360 -10.47 -70.70 3.07
CA GLY C 360 -11.03 -69.34 3.21
C GLY C 360 -12.15 -69.04 2.24
N TYR C 361 -11.95 -69.34 0.97
CA TYR C 361 -13.02 -69.22 -0.04
C TYR C 361 -14.34 -69.88 0.35
N TYR C 362 -14.30 -71.12 0.82
CA TYR C 362 -15.53 -71.88 1.17
C TYR C 362 -16.15 -71.45 2.51
N TYR C 363 -15.33 -71.08 3.50
CA TYR C 363 -15.82 -70.67 4.80
C TYR C 363 -16.66 -69.37 4.73
N LEU C 364 -16.09 -68.38 4.07
CA LEU C 364 -16.73 -67.09 3.80
C LEU C 364 -17.81 -67.16 2.69
N GLY C 365 -17.94 -68.30 2.03
CA GLY C 365 -19.06 -68.52 1.14
C GLY C 365 -18.94 -67.77 -0.16
N GLN C 366 -17.70 -67.49 -0.55
CA GLN C 366 -17.43 -66.74 -1.77
C GLN C 366 -17.67 -67.58 -3.04
N ASP C 367 -17.95 -68.88 -2.86
CA ASP C 367 -18.35 -69.76 -3.96
C ASP C 367 -19.84 -69.54 -4.33
N THR C 368 -20.70 -69.51 -3.32
CA THR C 368 -22.15 -69.30 -3.47
C THR C 368 -22.58 -67.81 -3.53
N ASN C 369 -21.76 -66.92 -2.97
CA ASN C 369 -22.02 -65.51 -2.99
C ASN C 369 -20.73 -64.80 -3.41
N PRO C 370 -20.38 -64.89 -4.71
CA PRO C 370 -19.09 -64.33 -5.08
C PRO C 370 -19.11 -62.81 -4.90
N PRO C 371 -17.98 -62.22 -4.52
CA PRO C 371 -17.94 -60.78 -4.64
C PRO C 371 -18.15 -60.33 -6.08
N PRO C 372 -18.58 -59.08 -6.28
CA PRO C 372 -18.69 -58.53 -7.64
C PRO C 372 -17.32 -58.26 -8.26
N PRO C 373 -17.29 -58.03 -9.58
CA PRO C 373 -16.04 -57.76 -10.28
C PRO C 373 -15.25 -56.66 -9.59
N PHE C 374 -13.93 -56.78 -9.53
CA PHE C 374 -13.13 -55.67 -9.06
C PHE C 374 -12.82 -54.85 -10.30
N VAL C 375 -12.83 -53.54 -10.13
CA VAL C 375 -13.04 -52.60 -11.21
C VAL C 375 -11.92 -51.55 -11.39
N TYR C 376 -11.08 -51.30 -10.38
CA TYR C 376 -10.04 -50.26 -10.47
C TYR C 376 -8.63 -50.82 -10.69
N ASN C 377 -7.92 -50.20 -11.60
CA ASN C 377 -6.52 -50.45 -11.77
C ASN C 377 -5.78 -49.89 -10.56
N THR C 378 -5.46 -50.69 -9.55
CA THR C 378 -4.73 -50.20 -8.35
C THR C 378 -3.19 -50.34 -8.41
N ILE C 379 -2.70 -50.87 -9.52
CA ILE C 379 -1.26 -51.04 -9.71
C ILE C 379 -0.61 -49.76 -10.17
N GLY C 380 -1.09 -49.26 -11.31
CA GLY C 380 -0.69 -47.98 -11.84
C GLY C 380 0.17 -48.11 -13.09
N ALA C 381 -0.16 -47.34 -14.12
CA ALA C 381 0.68 -47.18 -15.31
C ALA C 381 1.99 -46.49 -14.93
N PRO C 382 3.10 -46.80 -15.59
CA PRO C 382 3.20 -47.76 -16.70
C PRO C 382 3.36 -49.27 -16.33
N THR C 383 3.41 -49.62 -15.05
CA THR C 383 3.52 -51.02 -14.63
C THR C 383 2.34 -51.86 -15.06
N LEU C 384 1.15 -51.25 -15.10
CA LEU C 384 -0.06 -51.90 -15.60
C LEU C 384 -0.95 -50.92 -16.39
N ASN C 385 -1.03 -51.12 -17.71
CA ASN C 385 -1.84 -50.29 -18.62
C ASN C 385 -3.23 -50.86 -18.72
N ALA C 386 -4.20 -50.22 -18.09
CA ALA C 386 -5.55 -50.79 -17.92
C ALA C 386 -6.54 -49.75 -17.40
N THR C 387 -7.63 -49.54 -18.13
CA THR C 387 -8.65 -48.55 -17.74
C THR C 387 -9.35 -48.98 -16.45
N SER C 388 -9.83 -48.00 -15.68
CA SER C 388 -10.69 -48.29 -14.52
C SER C 388 -12.15 -48.02 -14.91
N GLY C 389 -13.05 -48.73 -14.26
CA GLY C 389 -14.48 -48.43 -14.28
C GLY C 389 -14.76 -47.55 -13.07
N TYR C 390 -15.95 -47.69 -12.49
CA TYR C 390 -16.36 -46.88 -11.37
C TYR C 390 -17.50 -47.54 -10.61
N ARG C 391 -17.35 -47.63 -9.29
CA ARG C 391 -18.44 -48.07 -8.40
C ARG C 391 -18.37 -47.22 -7.16
N ASN C 392 -19.53 -46.87 -6.63
CA ASN C 392 -19.64 -46.17 -5.38
C ASN C 392 -20.13 -47.19 -4.38
N VAL C 393 -19.38 -47.30 -3.30
CA VAL C 393 -19.58 -48.31 -2.28
C VAL C 393 -19.84 -47.67 -0.90
N ARG C 394 -19.84 -46.34 -0.84
CA ARG C 394 -20.08 -45.60 0.41
C ARG C 394 -21.56 -45.71 0.79
N LYS C 395 -21.78 -46.17 2.01
CA LYS C 395 -23.09 -46.40 2.57
C LYS C 395 -23.36 -45.35 3.63
N PRO C 396 -24.65 -45.06 3.89
CA PRO C 396 -24.93 -44.08 4.92
C PRO C 396 -24.60 -44.68 6.28
N GLY C 397 -24.06 -43.86 7.18
CA GLY C 397 -23.60 -44.33 8.48
C GLY C 397 -22.09 -44.45 8.54
N THR C 398 -21.44 -44.70 7.42
CA THR C 398 -19.98 -44.84 7.41
C THR C 398 -19.33 -43.54 7.84
N ALA C 399 -19.70 -42.46 7.17
CA ALA C 399 -19.14 -41.14 7.47
C ALA C 399 -19.28 -40.82 8.96
N GLU C 400 -20.44 -41.13 9.54
CA GLU C 400 -20.72 -40.80 10.92
C GLU C 400 -19.91 -41.72 11.86
N LEU C 401 -19.66 -42.95 11.42
CA LEU C 401 -18.80 -43.87 12.18
C LEU C 401 -17.33 -43.41 12.23
N ILE C 402 -16.83 -43.01 11.06
CA ILE C 402 -15.48 -42.47 10.93
C ILE C 402 -15.28 -41.24 11.83
N LYS C 403 -16.29 -40.40 11.91
CA LYS C 403 -16.29 -39.22 12.76
C LYS C 403 -16.36 -39.61 14.24
N GLU C 404 -17.27 -40.52 14.58
CA GLU C 404 -17.38 -41.01 15.95
C GLU C 404 -16.00 -41.57 16.43
N ILE C 405 -15.28 -42.27 15.54
CA ILE C 405 -13.95 -42.77 15.88
C ILE C 405 -12.95 -41.64 16.20
N GLY C 406 -12.98 -40.58 15.40
CA GLY C 406 -12.11 -39.43 15.65
C GLY C 406 -12.43 -38.77 16.98
N SER C 407 -13.71 -38.59 17.30
CA SER C 407 -14.10 -37.86 18.48
C SER C 407 -13.76 -38.65 19.73
N ALA C 408 -13.74 -39.99 19.56
CA ALA C 408 -13.46 -40.92 20.66
C ALA C 408 -11.97 -41.15 20.84
N SER C 409 -11.18 -40.85 19.81
CA SER C 409 -9.72 -41.00 19.92
C SER C 409 -8.97 -39.74 20.39
N VAL C 410 -9.53 -38.55 20.18
CA VAL C 410 -8.71 -37.36 20.36
C VAL C 410 -8.36 -37.22 21.84
N THR C 411 -7.06 -37.05 22.07
CA THR C 411 -6.44 -37.30 23.35
C THR C 411 -5.96 -35.95 23.86
N LEU C 412 -6.61 -35.44 24.89
CA LEU C 412 -6.18 -34.23 25.57
C LEU C 412 -4.93 -34.50 26.43
N LEU C 413 -3.81 -33.93 26.03
CA LEU C 413 -2.55 -34.09 26.79
C LEU C 413 -2.32 -32.99 27.84
N LYS C 414 -2.83 -31.78 27.57
CA LYS C 414 -2.68 -30.65 28.48
C LYS C 414 -3.85 -29.69 28.37
N ASN C 415 -4.23 -29.10 29.49
CA ASN C 415 -5.33 -28.14 29.55
C ASN C 415 -5.27 -27.27 30.81
N THR C 416 -4.75 -26.06 30.68
CA THR C 416 -4.69 -25.09 31.77
C THR C 416 -6.02 -24.42 32.10
N GLY C 417 -7.07 -24.70 31.32
CA GLY C 417 -8.38 -24.10 31.50
C GLY C 417 -8.95 -23.42 30.26
N SER C 418 -8.23 -23.45 29.15
CA SER C 418 -8.76 -22.90 27.91
C SER C 418 -9.87 -23.76 27.25
N LEU C 419 -9.92 -25.07 27.52
CA LEU C 419 -10.93 -25.97 26.93
C LEU C 419 -11.85 -26.54 28.03
N PRO C 420 -13.13 -26.80 27.74
CA PRO C 420 -13.75 -26.55 26.43
C PRO C 420 -13.87 -25.03 26.13
N LEU C 421 -13.87 -24.68 24.86
CA LEU C 421 -14.06 -23.32 24.44
C LEU C 421 -15.49 -23.00 24.68
N LYS C 422 -15.77 -21.74 24.89
CA LYS C 422 -17.11 -21.30 25.10
C LYS C 422 -17.79 -20.72 23.88
N HIS C 423 -17.51 -19.48 23.60
CA HIS C 423 -18.02 -18.85 22.40
C HIS C 423 -17.06 -17.76 21.97
N PRO C 424 -15.81 -18.06 21.83
CA PRO C 424 -14.86 -17.02 21.51
C PRO C 424 -15.27 -16.22 20.25
N GLN C 425 -15.11 -14.91 20.34
CA GLN C 425 -15.47 -14.05 19.22
C GLN C 425 -14.44 -13.97 18.11
N ARG C 426 -13.16 -14.21 18.43
CA ARG C 426 -12.05 -13.99 17.46
C ARG C 426 -11.03 -15.13 17.53
N ILE C 427 -10.92 -15.87 16.44
CA ILE C 427 -10.20 -17.13 16.42
C ILE C 427 -9.13 -17.03 15.36
N ALA C 428 -7.89 -17.31 15.75
CA ALA C 428 -6.77 -17.42 14.81
C ALA C 428 -6.50 -18.88 14.60
N VAL C 429 -6.16 -19.27 13.38
CA VAL C 429 -5.73 -20.62 13.03
C VAL C 429 -4.38 -20.57 12.30
N LEU C 430 -3.49 -21.48 12.68
CA LEU C 430 -2.13 -21.56 12.12
C LEU C 430 -1.85 -22.96 11.67
N GLY C 431 -1.25 -23.08 10.51
CA GLY C 431 -0.74 -24.34 10.07
C GLY C 431 -1.46 -24.85 8.84
N ASN C 432 -0.66 -25.27 7.88
CA ASN C 432 -1.17 -25.93 6.70
C ASN C 432 -1.92 -27.23 7.02
N ASP C 433 -1.63 -27.84 8.16
CA ASP C 433 -2.38 -29.00 8.61
C ASP C 433 -3.88 -28.73 8.80
N ALA C 434 -4.21 -27.47 9.06
CA ALA C 434 -5.62 -27.01 9.18
C ALA C 434 -6.46 -27.10 7.93
N THR C 435 -5.86 -27.16 6.74
CA THR C 435 -6.60 -27.08 5.49
C THR C 435 -6.27 -28.17 4.47
N TYR C 436 -6.73 -27.97 3.22
CA TYR C 436 -6.51 -28.97 2.19
C TYR C 436 -5.05 -29.07 1.77
N ASN C 437 -4.72 -30.23 1.21
CA ASN C 437 -3.57 -30.38 0.31
C ASN C 437 -3.74 -29.41 -0.87
N VAL C 438 -2.74 -28.59 -1.19
CA VAL C 438 -2.89 -27.64 -2.30
C VAL C 438 -3.02 -28.31 -3.65
N LEU C 439 -2.66 -29.56 -3.76
CA LEU C 439 -2.74 -30.26 -5.05
C LEU C 439 -3.92 -31.20 -5.11
N GLY C 440 -4.70 -31.28 -4.02
CA GLY C 440 -5.84 -32.19 -3.94
C GLY C 440 -5.60 -33.26 -2.88
N PRO C 441 -6.69 -33.77 -2.24
CA PRO C 441 -6.60 -34.83 -1.23
C PRO C 441 -5.84 -36.09 -1.71
N ASN C 442 -5.96 -36.44 -3.00
CA ASN C 442 -5.28 -37.64 -3.52
C ASN C 442 -4.09 -37.35 -4.46
N ALA C 443 -3.64 -36.12 -4.44
CA ALA C 443 -2.50 -35.64 -5.22
C ALA C 443 -1.29 -36.57 -5.20
N CYS C 444 -1.01 -37.10 -4.01
CA CYS C 444 0.16 -37.91 -3.74
C CYS C 444 0.10 -39.36 -4.25
N GLY C 445 -1.00 -39.74 -4.90
CA GLY C 445 -1.05 -40.92 -5.74
C GLY C 445 -1.54 -42.16 -5.03
N LEU C 446 -1.44 -43.30 -5.72
CA LEU C 446 -2.01 -44.57 -5.23
C LEU C 446 -1.56 -45.04 -3.81
N ALA C 447 -0.47 -44.49 -3.32
CA ALA C 447 0.05 -44.84 -2.00
C ALA C 447 0.38 -43.66 -1.10
N ASN C 448 -0.18 -42.48 -1.40
CA ASN C 448 0.03 -41.31 -0.56
C ASN C 448 1.50 -41.08 -0.24
N SER C 449 2.36 -41.23 -1.25
CA SER C 449 3.79 -41.00 -1.09
C SER C 449 4.53 -40.34 -2.26
N ALA C 450 3.84 -39.98 -3.32
CA ALA C 450 4.46 -39.37 -4.50
C ALA C 450 4.57 -37.82 -4.52
N CYS C 451 4.15 -37.11 -3.46
CA CYS C 451 4.26 -35.63 -3.48
C CYS C 451 5.66 -35.22 -3.08
N ASP C 452 6.07 -34.04 -3.56
CA ASP C 452 7.40 -33.50 -3.30
C ASP C 452 7.58 -33.42 -1.80
N ILE C 453 8.81 -33.65 -1.36
CA ILE C 453 9.26 -33.47 0.04
C ILE C 453 8.69 -32.17 0.70
N ASP C 454 8.70 -31.05 -0.03
CA ASP C 454 8.22 -29.75 0.48
C ASP C 454 6.70 -29.44 0.24
N ASN C 455 5.94 -30.34 -0.38
CA ASN C 455 4.58 -29.98 -0.76
C ASN C 455 3.69 -29.85 0.47
N LEU C 456 2.85 -28.83 0.46
CA LEU C 456 1.87 -28.65 1.54
C LEU C 456 0.68 -29.69 1.47
N ASN C 457 0.76 -30.81 2.20
CA ASN C 457 -0.23 -31.91 2.00
C ASN C 457 -1.56 -31.75 2.74
N GLY C 458 -1.61 -30.79 3.64
CA GLY C 458 -2.82 -30.43 4.29
C GLY C 458 -2.95 -31.29 5.51
N THR C 459 -4.18 -31.53 5.92
CA THR C 459 -4.45 -32.33 7.09
C THR C 459 -3.92 -33.75 6.91
N LEU C 460 -3.17 -34.22 7.89
CA LEU C 460 -2.58 -35.54 7.89
C LEU C 460 -3.62 -36.53 8.36
N THR C 461 -4.39 -37.05 7.41
CA THR C 461 -5.52 -37.90 7.73
C THR C 461 -5.16 -39.37 7.70
N THR C 462 -4.13 -39.71 6.94
CA THR C 462 -3.49 -41.02 6.97
C THR C 462 -1.99 -40.95 6.71
N GLY C 463 -1.32 -42.10 6.78
CA GLY C 463 0.15 -42.14 6.62
C GLY C 463 0.49 -42.54 5.20
N GLY C 464 1.79 -42.62 4.91
CA GLY C 464 2.25 -43.03 3.58
C GLY C 464 2.39 -44.54 3.35
N GLY C 465 1.98 -44.99 2.16
CA GLY C 465 2.33 -46.32 1.67
C GLY C 465 1.15 -47.24 1.39
N SER C 466 1.39 -48.56 1.53
CA SER C 466 0.40 -49.58 1.22
C SER C 466 -0.76 -49.53 2.19
N GLY C 467 -0.55 -48.98 3.38
CA GLY C 467 -1.64 -48.82 4.34
C GLY C 467 -2.56 -47.61 4.20
N SER C 468 -2.31 -46.74 3.23
CA SER C 468 -3.11 -45.53 3.00
C SER C 468 -4.29 -45.87 2.10
N ALA C 469 -5.16 -44.90 1.91
CA ALA C 469 -6.26 -45.04 0.95
C ALA C 469 -6.68 -43.67 0.44
N LEU C 470 -7.30 -43.65 -0.75
CA LEU C 470 -7.88 -42.44 -1.29
C LEU C 470 -9.02 -41.91 -0.41
N SER C 471 -9.39 -40.67 -0.70
CA SER C 471 -10.29 -39.90 0.14
C SER C 471 -11.32 -39.25 -0.79
N PRO C 472 -12.63 -39.42 -0.51
CA PRO C 472 -13.67 -38.72 -1.34
C PRO C 472 -13.64 -37.20 -1.20
N TYR C 473 -13.20 -36.77 -0.03
CA TYR C 473 -13.05 -35.36 0.28
C TYR C 473 -12.21 -35.36 1.54
N THR C 474 -11.87 -34.17 2.00
CA THR C 474 -11.33 -34.04 3.33
C THR C 474 -12.10 -32.91 4.01
N ILE C 475 -12.62 -33.22 5.20
CA ILE C 475 -13.29 -32.22 6.00
C ILE C 475 -12.21 -31.55 6.82
N THR C 476 -11.82 -30.35 6.40
CA THR C 476 -10.67 -29.73 7.02
C THR C 476 -10.98 -29.24 8.40
N PRO C 477 -9.97 -29.20 9.26
CA PRO C 477 -10.17 -28.53 10.55
C PRO C 477 -10.61 -27.06 10.40
N LEU C 478 -10.08 -26.34 9.42
CA LEU C 478 -10.39 -24.92 9.28
C LEU C 478 -11.88 -24.79 9.00
N GLU C 479 -12.40 -25.58 8.07
CA GLU C 479 -13.79 -25.38 7.70
C GLU C 479 -14.76 -25.80 8.81
N ALA C 480 -14.40 -26.78 9.60
CA ALA C 480 -15.25 -27.19 10.72
C ALA C 480 -15.17 -26.11 11.81
N LEU C 481 -13.99 -25.54 12.02
CA LEU C 481 -13.86 -24.42 12.97
C LEU C 481 -14.67 -23.23 12.46
N GLN C 482 -14.58 -22.95 11.15
CA GLN C 482 -15.37 -21.86 10.57
C GLN C 482 -16.88 -22.05 10.77
N LYS C 483 -17.39 -23.25 10.51
CA LYS C 483 -18.82 -23.54 10.70
C LYS C 483 -19.28 -23.05 12.03
N ARG C 484 -18.46 -23.35 13.02
CA ARG C 484 -18.74 -23.05 14.41
C ARG C 484 -18.63 -21.53 14.77
N ALA C 485 -17.60 -20.87 14.25
CA ALA C 485 -17.48 -19.43 14.40
C ALA C 485 -18.73 -18.73 13.87
N ILE C 486 -19.18 -19.08 12.68
CA ILE C 486 -20.42 -18.51 12.09
C ILE C 486 -21.66 -18.63 13.01
N GLU C 487 -21.86 -19.81 13.59
CA GLU C 487 -22.94 -20.04 14.57
C GLU C 487 -22.83 -19.10 15.77
N ASP C 488 -21.62 -18.81 16.18
CA ASP C 488 -21.36 -17.88 17.27
C ASP C 488 -21.27 -16.41 16.83
N ASN C 489 -21.45 -16.12 15.54
CA ASN C 489 -21.35 -14.75 15.04
C ASN C 489 -19.94 -14.13 15.26
N ALA C 490 -18.94 -14.97 15.03
CA ALA C 490 -17.55 -14.71 15.37
C ALA C 490 -16.77 -14.57 14.07
N GLU C 491 -15.53 -14.08 14.16
CA GLU C 491 -14.65 -14.05 13.01
C GLU C 491 -13.54 -15.06 13.17
N ILE C 492 -12.98 -15.44 12.03
CA ILE C 492 -11.94 -16.43 12.02
C ILE C 492 -11.03 -16.28 10.82
N ALA C 493 -9.74 -16.48 11.07
CA ALA C 493 -8.68 -16.30 10.09
C ALA C 493 -7.57 -17.31 10.28
N ALA C 494 -7.11 -17.85 9.16
CA ALA C 494 -6.08 -18.87 9.16
C ALA C 494 -4.93 -18.43 8.26
N VAL C 495 -3.71 -18.58 8.79
CA VAL C 495 -2.51 -18.53 8.02
C VAL C 495 -2.11 -19.97 7.77
N VAL C 496 -2.29 -20.42 6.54
CA VAL C 496 -2.03 -21.80 6.19
C VAL C 496 -0.89 -21.99 5.19
N ALA C 497 -0.11 -20.96 4.91
CA ALA C 497 1.10 -21.14 4.12
C ALA C 497 2.26 -21.69 4.98
N ASN C 498 3.29 -22.15 4.30
CA ASN C 498 4.58 -22.39 4.95
C ASN C 498 5.15 -21.06 5.47
N SER C 499 5.28 -20.95 6.79
CA SER C 499 5.58 -19.69 7.44
C SER C 499 7.03 -19.27 7.36
N ASN C 500 7.92 -20.23 7.05
CA ASN C 500 9.35 -19.96 6.83
C ASN C 500 9.67 -19.51 5.40
N THR C 501 8.90 -19.95 4.39
CA THR C 501 9.21 -19.68 2.96
C THR C 501 8.27 -18.71 2.21
N THR C 502 7.18 -18.27 2.82
CA THR C 502 6.20 -17.54 2.06
C THR C 502 6.28 -16.11 2.48
N THR C 503 6.39 -15.25 1.49
CA THR C 503 6.63 -13.84 1.78
C THR C 503 5.35 -13.25 2.47
N GLY C 504 5.59 -12.57 3.59
CA GLY C 504 4.54 -11.98 4.43
C GLY C 504 3.89 -12.84 5.51
N ALA C 505 4.18 -14.14 5.56
CA ALA C 505 3.53 -15.06 6.50
C ALA C 505 3.84 -14.69 7.94
N GLU C 506 5.08 -14.34 8.16
CA GLU C 506 5.56 -14.03 9.49
C GLU C 506 4.88 -12.74 9.92
N ASP C 507 4.88 -11.74 9.04
CA ASP C 507 4.20 -10.48 9.38
C ASP C 507 2.69 -10.71 9.66
N ALA C 508 2.03 -11.48 8.81
CA ALA C 508 0.61 -11.79 8.95
C ALA C 508 0.30 -12.47 10.26
N ILE C 509 1.12 -13.44 10.65
CA ILE C 509 0.90 -14.14 11.90
C ILE C 509 1.02 -13.15 13.08
N ALA C 510 2.06 -12.34 13.01
CA ALA C 510 2.33 -11.30 14.03
C ALA C 510 1.17 -10.30 14.19
N ALA C 511 0.54 -9.94 13.07
CA ALA C 511 -0.60 -9.01 13.07
C ALA C 511 -1.87 -9.71 13.57
N LEU C 512 -2.06 -10.95 13.17
CA LEU C 512 -3.28 -11.67 13.47
C LEU C 512 -3.42 -12.13 14.92
N LEU C 513 -2.35 -12.65 15.51
CA LEU C 513 -2.47 -13.35 16.79
C LEU C 513 -2.77 -12.51 18.02
N PRO C 514 -2.26 -11.28 18.12
CA PRO C 514 -2.45 -10.58 19.39
C PRO C 514 -3.88 -10.26 19.78
N ASP C 515 -4.78 -10.11 18.80
CA ASP C 515 -6.19 -9.80 19.10
C ASP C 515 -7.13 -11.02 19.11
N ALA C 516 -6.62 -12.23 18.90
CA ALA C 516 -7.45 -13.42 18.93
C ALA C 516 -7.68 -13.85 20.38
N ASP C 517 -8.93 -14.21 20.68
CA ASP C 517 -9.29 -14.76 21.96
C ASP C 517 -8.63 -16.12 22.16
N VAL C 518 -8.52 -16.90 21.08
CA VAL C 518 -7.82 -18.17 21.06
C VAL C 518 -7.05 -18.34 19.75
N THR C 519 -5.91 -19.01 19.80
CA THR C 519 -5.08 -19.30 18.62
C THR C 519 -4.91 -20.82 18.58
N PHE C 520 -5.37 -21.45 17.50
CA PHE C 520 -5.16 -22.88 17.21
C PHE C 520 -3.92 -23.05 16.36
N VAL C 521 -3.13 -24.05 16.72
CA VAL C 521 -2.04 -24.40 15.87
C VAL C 521 -2.09 -25.85 15.55
N PHE C 522 -2.16 -26.12 14.26
CA PHE C 522 -2.24 -27.45 13.74
C PHE C 522 -0.85 -27.84 13.26
N LEU C 523 -0.37 -28.97 13.80
CA LEU C 523 0.93 -29.52 13.51
C LEU C 523 0.77 -30.91 12.98
N ASN C 524 1.65 -31.33 12.07
CA ASN C 524 1.68 -32.71 11.65
C ASN C 524 3.09 -33.31 11.50
N ARG C 525 3.13 -34.60 11.14
CA ARG C 525 4.38 -35.34 10.93
C ARG C 525 3.99 -36.55 10.11
N TYR C 526 4.17 -36.43 8.80
CA TYR C 526 4.02 -37.55 7.89
C TYR C 526 5.10 -38.57 8.12
N SER C 527 4.79 -39.84 7.92
CA SER C 527 5.82 -40.86 7.71
C SER C 527 5.24 -41.94 6.83
N GLU C 528 6.10 -42.81 6.33
CA GLU C 528 5.68 -43.82 5.38
C GLU C 528 6.32 -45.18 5.61
N GLU C 529 5.67 -46.20 5.08
CA GLU C 529 6.32 -47.48 4.79
C GLU C 529 7.53 -47.21 3.93
N GLY C 530 8.59 -47.95 4.19
CA GLY C 530 9.80 -47.89 3.38
C GLY C 530 10.95 -47.15 4.03
N ALA C 531 10.69 -46.43 5.12
CA ALA C 531 11.73 -45.67 5.82
C ALA C 531 11.27 -45.39 7.22
N ASP C 532 12.19 -45.03 8.12
CA ASP C 532 11.86 -44.73 9.53
C ASP C 532 12.15 -43.27 9.81
N ALA C 533 11.27 -42.58 10.50
CA ALA C 533 11.54 -41.19 10.87
C ALA C 533 12.98 -41.09 11.43
N PRO C 534 13.75 -40.07 11.02
CA PRO C 534 15.11 -39.92 11.56
C PRO C 534 15.18 -39.51 13.04
N ASP C 535 14.09 -38.91 13.53
CA ASP C 535 14.02 -38.36 14.88
C ASP C 535 12.54 -37.97 15.11
N PHE C 536 12.27 -37.28 16.22
CA PHE C 536 10.92 -36.81 16.55
C PHE C 536 10.51 -35.41 16.00
N SER C 537 11.29 -34.86 15.07
CA SER C 537 10.96 -33.60 14.37
C SER C 537 9.53 -33.50 13.97
N LEU C 538 8.90 -32.38 14.28
CA LEU C 538 7.68 -31.99 13.61
C LEU C 538 7.95 -31.86 12.12
N GLY C 539 6.96 -32.18 11.31
CA GLY C 539 7.05 -32.00 9.87
C GLY C 539 6.96 -30.55 9.46
N GLY C 540 7.28 -30.29 8.19
CA GLY C 540 7.23 -28.95 7.60
C GLY C 540 7.72 -27.87 8.55
N ASP C 541 6.92 -26.81 8.70
CA ASP C 541 7.31 -25.58 9.41
C ASP C 541 6.78 -25.56 10.84
N GLY C 542 6.50 -26.73 11.38
CA GLY C 542 5.90 -26.85 12.69
C GLY C 542 6.65 -26.17 13.80
N ASP C 543 7.97 -26.28 13.78
CA ASP C 543 8.81 -25.71 14.82
C ASP C 543 8.67 -24.22 14.81
N ASN C 544 8.84 -23.67 13.61
CA ASN C 544 8.70 -22.24 13.40
C ASN C 544 7.31 -21.71 13.80
N LEU C 545 6.25 -22.40 13.36
CA LEU C 545 4.86 -22.04 13.74
C LEU C 545 4.70 -21.91 15.24
N MET C 546 5.29 -22.86 15.95
CA MET C 546 5.15 -22.91 17.39
C MET C 546 5.90 -21.77 18.09
N ASP C 547 7.10 -21.45 17.59
CA ASP C 547 7.88 -20.29 18.08
C ASP C 547 7.11 -18.98 17.89
N LEU C 548 6.64 -18.77 16.67
CA LEU C 548 5.80 -17.65 16.33
C LEU C 548 4.57 -17.61 17.22
N ALA C 549 3.87 -18.73 17.30
CA ALA C 549 2.61 -18.76 18.04
C ALA C 549 2.76 -18.34 19.52
N VAL C 550 3.79 -18.83 20.20
CA VAL C 550 3.99 -18.45 21.62
C VAL C 550 4.53 -17.03 21.79
N THR C 551 5.18 -16.49 20.75
CA THR C 551 5.59 -15.09 20.74
C THR C 551 4.40 -14.13 20.77
N TYR C 552 3.34 -14.40 20.03
CA TYR C 552 2.25 -13.43 19.87
C TYR C 552 0.89 -13.80 20.43
N SER C 553 0.77 -14.95 21.13
CA SER C 553 -0.50 -15.32 21.78
C SER C 553 -0.30 -16.03 23.13
N SER C 554 -1.17 -15.71 24.09
CA SER C 554 -1.18 -16.39 25.39
C SER C 554 -2.26 -17.46 25.45
N ASN C 555 -2.82 -17.85 24.31
CA ASN C 555 -3.82 -18.91 24.33
C ASN C 555 -3.71 -19.78 23.14
N VAL C 556 -2.61 -20.53 23.11
CA VAL C 556 -2.26 -21.39 21.99
C VAL C 556 -2.77 -22.77 22.33
N VAL C 557 -3.59 -23.33 21.41
CA VAL C 557 -4.16 -24.65 21.55
C VAL C 557 -3.58 -25.42 20.42
N VAL C 558 -2.75 -26.43 20.75
CA VAL C 558 -1.98 -27.17 19.76
C VAL C 558 -2.73 -28.45 19.47
N VAL C 559 -2.93 -28.73 18.18
CA VAL C 559 -3.53 -29.98 17.72
C VAL C 559 -2.60 -30.64 16.74
N ILE C 560 -2.34 -31.93 16.98
CA ILE C 560 -1.27 -32.65 16.30
C ILE C 560 -1.89 -33.81 15.52
N HIS C 561 -1.65 -33.86 14.22
CA HIS C 561 -1.97 -35.04 13.43
C HIS C 561 -0.68 -35.75 13.15
N THR C 562 -0.59 -37.02 13.53
CA THR C 562 0.70 -37.70 13.41
C THR C 562 0.63 -39.22 13.25
N THR C 563 1.64 -39.77 12.59
CA THR C 563 1.88 -41.23 12.63
C THR C 563 2.52 -41.72 13.94
N GLY C 564 3.15 -40.84 14.73
CA GLY C 564 3.77 -41.26 16.00
C GLY C 564 4.14 -40.14 16.96
N VAL C 565 4.97 -40.47 17.94
CA VAL C 565 5.47 -39.46 18.87
C VAL C 565 6.33 -38.41 18.12
N VAL C 566 6.16 -37.15 18.51
CA VAL C 566 6.91 -36.03 17.98
C VAL C 566 7.44 -35.24 19.17
N ASP C 567 8.45 -34.43 18.89
CA ASP C 567 9.17 -33.62 19.88
C ASP C 567 8.52 -32.24 20.02
N ILE C 568 7.91 -31.99 21.18
CA ILE C 568 7.32 -30.69 21.49
C ILE C 568 7.85 -30.16 22.82
N GLU C 569 9.10 -30.51 23.15
CA GLU C 569 9.70 -30.15 24.45
C GLU C 569 9.92 -28.62 24.58
N LYS C 570 10.27 -27.98 23.47
CA LYS C 570 10.56 -26.55 23.46
C LYS C 570 9.39 -25.69 23.96
N TRP C 571 8.15 -26.16 23.78
CA TRP C 571 6.90 -25.40 24.09
C TRP C 571 5.91 -26.04 25.05
N ALA C 572 6.00 -27.35 25.29
CA ALA C 572 4.99 -28.06 26.11
C ALA C 572 4.76 -27.53 27.55
N ASP C 573 5.76 -26.86 28.12
CA ASP C 573 5.68 -26.22 29.45
C ASP C 573 5.61 -24.70 29.38
N ASN C 574 5.69 -24.14 28.18
CA ASN C 574 5.31 -22.74 27.95
C ASN C 574 3.87 -22.50 28.43
N PRO C 575 3.67 -21.61 29.41
CA PRO C 575 2.26 -21.40 29.87
C PRO C 575 1.32 -20.79 28.81
N ASN C 576 1.89 -20.17 27.77
CA ASN C 576 1.12 -19.69 26.61
C ASN C 576 0.47 -20.77 25.80
N VAL C 577 1.00 -21.99 25.82
CA VAL C 577 0.34 -23.20 25.28
C VAL C 577 -0.59 -23.72 26.38
N THR C 578 -1.85 -23.30 26.33
CA THR C 578 -2.83 -23.65 27.35
C THR C 578 -3.46 -25.00 27.17
N ALA C 579 -3.34 -25.58 25.98
CA ALA C 579 -3.87 -26.91 25.73
C ALA C 579 -3.18 -27.60 24.60
N ILE C 580 -3.12 -28.93 24.66
CA ILE C 580 -2.46 -29.75 23.65
C ILE C 580 -3.25 -31.00 23.42
N LEU C 581 -3.46 -31.35 22.15
CA LEU C 581 -4.16 -32.56 21.77
C LEU C 581 -3.48 -33.28 20.63
N VAL C 582 -3.61 -34.61 20.63
CA VAL C 582 -3.21 -35.42 19.50
C VAL C 582 -4.45 -36.12 18.91
N ALA C 583 -4.56 -36.04 17.58
CA ALA C 583 -5.67 -36.60 16.84
C ALA C 583 -5.27 -37.71 15.88
N TYR C 584 -3.99 -38.09 15.88
CA TYR C 584 -3.51 -39.28 15.18
C TYR C 584 -3.77 -39.11 13.70
N LEU C 585 -4.41 -40.12 13.08
CA LEU C 585 -4.72 -40.16 11.67
C LEU C 585 -6.21 -40.47 11.56
N PRO C 586 -7.05 -39.41 11.52
CA PRO C 586 -8.51 -39.60 11.73
C PRO C 586 -9.32 -39.79 10.46
N GLY C 587 -8.65 -39.94 9.33
CA GLY C 587 -9.39 -40.07 8.08
C GLY C 587 -10.15 -38.83 7.56
N GLN C 588 -11.12 -39.10 6.71
CA GLN C 588 -11.84 -38.08 5.96
C GLN C 588 -12.63 -37.10 6.84
N GLU C 589 -13.07 -37.54 8.02
CA GLU C 589 -13.79 -36.66 8.94
C GLU C 589 -12.90 -35.90 9.95
N ALA C 590 -11.71 -35.48 9.50
CA ALA C 590 -10.71 -34.86 10.36
C ALA C 590 -11.26 -33.72 11.18
N GLY C 591 -11.88 -32.76 10.50
CA GLY C 591 -12.38 -31.55 11.14
C GLY C 591 -13.62 -31.74 12.00
N ASN C 592 -14.63 -32.39 11.47
CA ASN C 592 -15.92 -32.42 12.19
C ASN C 592 -15.89 -33.40 13.39
N SER C 593 -14.88 -34.28 13.44
CA SER C 593 -14.64 -35.14 14.60
C SER C 593 -13.94 -34.41 15.73
N LEU C 594 -13.16 -33.39 15.39
CA LEU C 594 -12.37 -32.61 16.38
C LEU C 594 -13.15 -31.44 17.06
N VAL C 595 -13.85 -30.63 16.26
CA VAL C 595 -14.49 -29.39 16.77
C VAL C 595 -15.51 -29.65 17.90
N PRO C 596 -16.38 -30.67 17.79
CA PRO C 596 -17.23 -30.88 18.97
C PRO C 596 -16.45 -31.13 20.30
N VAL C 597 -15.24 -31.69 20.22
CA VAL C 597 -14.43 -31.91 21.41
C VAL C 597 -13.90 -30.57 21.92
N LEU C 598 -13.32 -29.82 21.01
CA LEU C 598 -12.88 -28.47 21.33
C LEU C 598 -13.96 -27.58 21.97
N TYR C 599 -15.18 -27.66 21.47
CA TYR C 599 -16.23 -26.79 21.99
C TYR C 599 -17.01 -27.37 23.17
N GLY C 600 -16.71 -28.59 23.57
CA GLY C 600 -17.33 -29.20 24.75
C GLY C 600 -18.67 -29.87 24.53
N ASP C 601 -19.05 -30.12 23.28
CA ASP C 601 -20.23 -30.93 22.96
C ASP C 601 -20.07 -32.37 23.41
N VAL C 602 -18.83 -32.85 23.36
CA VAL C 602 -18.43 -34.10 23.95
C VAL C 602 -17.00 -33.96 24.52
N ALA C 603 -16.82 -34.38 25.77
CA ALA C 603 -15.53 -34.36 26.41
C ALA C 603 -14.58 -35.39 25.78
N PRO C 604 -13.28 -35.04 25.64
CA PRO C 604 -12.35 -35.98 25.06
C PRO C 604 -12.19 -37.16 25.97
N SER C 605 -11.97 -38.31 25.34
CA SER C 605 -12.03 -39.61 25.99
CA SER C 605 -12.00 -39.61 26.03
C SER C 605 -10.92 -40.57 25.58
N GLY C 606 -9.99 -40.11 24.73
CA GLY C 606 -8.98 -40.98 24.13
C GLY C 606 -7.73 -40.99 24.96
N LYS C 607 -6.96 -42.07 24.88
CA LYS C 607 -5.75 -42.19 25.70
C LYS C 607 -4.61 -42.76 24.90
N LEU C 608 -3.39 -42.32 25.23
CA LEU C 608 -2.21 -42.65 24.43
C LEU C 608 -2.00 -44.17 24.27
N PRO C 609 -1.77 -44.66 23.04
CA PRO C 609 -1.56 -46.08 22.82
C PRO C 609 -0.09 -46.50 22.77
N TRP C 610 0.82 -45.61 23.11
CA TRP C 610 2.24 -45.89 23.29
C TRP C 610 2.78 -44.83 24.22
N THR C 611 4.07 -44.87 24.57
CA THR C 611 4.61 -43.94 25.61
C THR C 611 5.14 -42.69 24.88
N TRP C 612 4.89 -41.51 25.46
CA TRP C 612 5.40 -40.22 24.93
C TRP C 612 6.60 -39.78 25.76
N GLY C 613 7.78 -40.15 25.31
CA GLY C 613 8.99 -39.80 26.04
C GLY C 613 9.43 -38.40 25.70
N LYS C 614 10.17 -37.78 26.62
CA LYS C 614 10.81 -36.48 26.38
C LYS C 614 11.93 -36.50 25.34
N SER C 615 12.45 -37.68 25.02
CA SER C 615 13.60 -37.82 24.11
C SER C 615 13.72 -39.19 23.49
N ILE C 616 14.15 -39.21 22.23
CA ILE C 616 14.47 -40.47 21.54
C ILE C 616 15.50 -41.32 22.35
N ASP C 617 16.42 -40.67 23.05
CA ASP C 617 17.39 -41.34 23.93
C ASP C 617 16.75 -42.25 24.98
N ASP C 618 15.54 -41.93 25.42
CA ASP C 618 14.87 -42.64 26.51
C ASP C 618 14.20 -43.98 26.12
N TYR C 619 14.18 -44.34 24.83
CA TYR C 619 13.53 -45.59 24.38
C TYR C 619 14.52 -46.74 24.25
N VAL C 620 14.00 -47.91 23.93
CA VAL C 620 14.82 -49.09 23.74
C VAL C 620 16.02 -48.80 22.80
N PRO C 621 17.26 -49.13 23.25
CA PRO C 621 18.44 -48.83 22.43
C PRO C 621 18.47 -49.54 21.09
N ASN C 622 19.23 -48.97 20.17
CA ASN C 622 19.34 -49.50 18.82
C ASN C 622 17.94 -49.74 18.24
N GLY C 623 17.04 -48.74 18.39
CA GLY C 623 15.68 -48.87 17.91
C GLY C 623 15.63 -49.13 16.42
N VAL C 624 16.53 -48.50 15.68
CA VAL C 624 16.65 -48.67 14.24
C VAL C 624 18.13 -48.91 14.02
N VAL C 625 18.51 -49.86 13.16
CA VAL C 625 19.94 -50.08 12.88
C VAL C 625 20.27 -49.73 11.44
N TYR C 626 21.25 -48.85 11.33
CA TYR C 626 21.77 -48.39 10.05
C TYR C 626 23.16 -49.02 9.87
N THR C 627 23.28 -49.83 8.84
CA THR C 627 24.56 -50.38 8.52
C THR C 627 24.58 -50.71 7.06
N ASP C 628 25.79 -50.62 6.48
CA ASP C 628 26.05 -51.11 5.12
C ASP C 628 26.53 -52.56 5.09
N ALA C 629 26.57 -53.24 6.25
CA ALA C 629 26.92 -54.67 6.35
C ALA C 629 26.01 -55.52 5.46
N TYR C 630 26.60 -56.45 4.74
CA TYR C 630 25.85 -57.30 3.81
C TYR C 630 24.77 -58.09 4.56
N SER C 631 25.01 -58.41 5.83
CA SER C 631 24.04 -59.08 6.71
C SER C 631 23.75 -58.24 7.97
N PRO C 632 22.83 -57.26 7.86
CA PRO C 632 22.51 -56.39 9.00
C PRO C 632 21.87 -57.17 10.16
N GLN C 633 22.20 -56.79 11.39
CA GLN C 633 21.72 -57.50 12.56
C GLN C 633 21.06 -56.49 13.47
N SER C 634 19.90 -56.87 14.04
CA SER C 634 19.35 -56.18 15.22
C SER C 634 19.06 -57.22 16.27
N ASN C 635 19.63 -57.05 17.46
CA ASN C 635 19.50 -58.01 18.56
C ASN C 635 18.50 -57.51 19.59
N PHE C 636 17.41 -58.27 19.81
CA PHE C 636 16.30 -57.78 20.65
C PHE C 636 16.65 -57.98 22.13
N THR C 637 17.82 -57.48 22.55
CA THR C 637 18.43 -57.87 23.85
C THR C 637 17.71 -57.23 25.04
N GLU C 638 16.87 -56.26 24.73
CA GLU C 638 15.86 -55.77 25.64
C GLU C 638 14.85 -56.85 26.03
N GLY C 639 14.60 -57.79 25.12
CA GLY C 639 13.60 -58.81 25.34
C GLY C 639 12.18 -58.26 25.25
N VAL C 640 11.39 -58.60 26.26
CA VAL C 640 10.00 -58.19 26.30
C VAL C 640 9.89 -56.69 26.61
N PHE C 641 11.01 -56.07 27.02
CA PHE C 641 11.01 -54.70 27.53
C PHE C 641 11.03 -53.61 26.47
N ILE C 642 9.87 -53.38 25.85
CA ILE C 642 9.67 -52.34 24.86
C ILE C 642 8.57 -51.45 25.33
N ASP C 643 8.59 -50.21 24.86
CA ASP C 643 7.64 -49.18 25.23
C ASP C 643 7.53 -48.96 26.73
N TYR C 644 6.32 -48.90 27.27
CA TYR C 644 6.15 -48.65 28.69
C TYR C 644 6.91 -49.60 29.62
N ARG C 645 7.10 -50.83 29.19
CA ARG C 645 7.87 -51.82 29.94
C ARG C 645 9.31 -51.39 30.17
N TRP C 646 9.97 -50.94 29.07
CA TRP C 646 11.30 -50.35 29.12
C TRP C 646 11.35 -49.14 30.04
N PHE C 647 10.39 -48.24 29.91
CA PHE C 647 10.40 -47.01 30.68
C PHE C 647 10.28 -47.30 32.15
N ASP C 648 9.37 -48.22 32.49
CA ASP C 648 9.02 -48.56 33.89
C ASP C 648 10.20 -49.22 34.62
N LYS C 649 10.81 -50.21 33.96
CA LYS C 649 11.90 -50.99 34.54
C LYS C 649 13.10 -50.06 34.77
N MET C 650 13.46 -49.26 33.77
CA MET C 650 14.56 -48.32 33.92
C MET C 650 14.31 -47.11 34.82
N GLY C 651 13.09 -46.94 35.34
CA GLY C 651 12.77 -45.79 36.18
C GLY C 651 12.85 -44.46 35.43
N ILE C 652 12.47 -44.48 34.14
CA ILE C 652 12.40 -43.28 33.26
C ILE C 652 10.99 -42.67 33.21
N THR C 653 10.89 -41.44 33.68
CA THR C 653 9.66 -40.65 33.56
C THR C 653 9.51 -40.15 32.12
N PRO C 654 8.38 -40.48 31.46
CA PRO C 654 8.10 -39.92 30.14
C PRO C 654 7.37 -38.56 30.27
N ARG C 655 7.10 -37.91 29.14
CA ARG C 655 6.25 -36.70 29.13
C ARG C 655 4.84 -37.11 29.54
N TYR C 656 4.31 -38.05 28.77
CA TYR C 656 2.94 -38.52 28.86
C TYR C 656 3.04 -40.04 28.69
N GLU C 657 2.56 -40.76 29.70
CA GLU C 657 2.76 -42.19 29.83
C GLU C 657 1.81 -42.96 28.91
N PHE C 658 2.12 -44.23 28.63
CA PHE C 658 1.17 -45.15 27.99
C PHE C 658 -0.19 -45.16 28.73
N GLY C 659 -1.28 -45.16 27.96
CA GLY C 659 -2.65 -45.06 28.46
C GLY C 659 -3.04 -43.77 29.17
N PHE C 660 -2.34 -42.66 28.92
CA PHE C 660 -2.72 -41.34 29.49
C PHE C 660 -3.56 -40.50 28.54
N GLY C 661 -4.47 -39.73 29.14
CA GLY C 661 -5.39 -38.83 28.42
C GLY C 661 -6.34 -38.12 29.38
N LEU C 662 -6.26 -36.79 29.46
CA LEU C 662 -7.18 -36.02 30.29
C LEU C 662 -8.63 -36.01 29.76
N SER C 663 -9.59 -35.74 30.65
CA SER C 663 -11.00 -35.48 30.29
C SER C 663 -11.30 -34.02 30.59
N TYR C 664 -12.57 -33.62 30.58
CA TYR C 664 -12.90 -32.25 31.09
C TYR C 664 -13.39 -32.35 32.52
N THR C 665 -13.33 -33.55 33.07
CA THR C 665 -13.79 -33.84 34.43
C THR C 665 -12.78 -34.78 35.06
N THR C 666 -12.96 -35.08 36.34
CA THR C 666 -12.07 -36.02 37.03
C THR C 666 -12.86 -37.23 37.49
N PHE C 667 -12.23 -38.41 37.42
CA PHE C 667 -12.83 -39.68 37.89
C PHE C 667 -12.05 -40.25 39.08
N THR C 668 -12.75 -40.46 40.20
CA THR C 668 -12.19 -41.03 41.43
C THR C 668 -12.44 -42.56 41.45
N TYR C 669 -11.41 -43.36 41.69
CA TYR C 669 -11.51 -44.84 41.63
C TYR C 669 -11.64 -45.43 43.03
N SER C 670 -12.52 -46.42 43.19
CA SER C 670 -12.73 -47.03 44.52
C SER C 670 -13.18 -48.50 44.49
N ASN C 671 -13.19 -49.10 45.70
CA ASN C 671 -13.74 -50.43 45.98
C ASN C 671 -13.24 -51.51 45.00
N LEU C 672 -11.93 -51.75 45.08
CA LEU C 672 -11.32 -52.81 44.30
C LEU C 672 -11.85 -54.18 44.81
N ILE C 673 -12.23 -55.05 43.86
CA ILE C 673 -12.70 -56.40 44.16
C ILE C 673 -12.12 -57.42 43.18
N VAL C 674 -11.47 -58.47 43.72
CA VAL C 674 -11.09 -59.65 42.93
C VAL C 674 -12.07 -60.78 43.24
N ASP C 675 -12.77 -61.26 42.21
CA ASP C 675 -13.78 -62.29 42.36
C ASP C 675 -13.36 -63.64 41.75
N HIS C 676 -12.96 -64.56 42.61
CA HIS C 676 -12.39 -65.85 42.16
C HIS C 676 -13.42 -66.86 41.68
N GLY C 677 -14.68 -66.62 42.04
CA GLY C 677 -15.79 -67.44 41.60
C GLY C 677 -16.41 -67.08 40.25
N ARG C 678 -15.93 -66.02 39.60
CA ARG C 678 -16.46 -65.57 38.29
C ARG C 678 -15.55 -66.02 37.15
N TRP C 679 -15.67 -67.32 36.82
CA TRP C 679 -14.81 -67.97 35.82
C TRP C 679 -15.70 -68.48 34.72
N ALA C 680 -15.14 -68.70 33.54
CA ALA C 680 -15.89 -69.35 32.43
C ALA C 680 -14.96 -70.14 31.50
N LYS C 681 -15.45 -71.25 30.97
CA LYS C 681 -14.77 -71.98 29.88
C LYS C 681 -14.74 -71.06 28.67
N ASP C 682 -13.75 -71.26 27.81
CA ASP C 682 -13.62 -70.43 26.61
C ASP C 682 -14.50 -71.02 25.51
N TYR C 683 -15.62 -70.40 25.23
CA TYR C 683 -16.51 -70.91 24.21
C TYR C 683 -16.50 -70.08 22.95
N SER C 684 -15.99 -68.86 23.05
CA SER C 684 -15.94 -67.96 21.92
C SER C 684 -14.55 -67.88 21.34
N SER C 685 -14.27 -68.58 20.24
CA SER C 685 -12.96 -68.55 19.69
C SER C 685 -13.39 -69.10 18.41
N VAL C 686 -13.06 -68.50 17.29
CA VAL C 686 -13.46 -69.07 16.02
C VAL C 686 -12.60 -70.26 15.74
N MET C 687 -11.34 -70.16 16.10
CA MET C 687 -10.33 -71.21 15.90
C MET C 687 -9.50 -71.34 17.16
N GLU C 688 -8.93 -72.53 17.41
CA GLU C 688 -8.12 -72.72 18.64
C GLU C 688 -6.66 -72.92 18.35
N THR C 689 -5.84 -72.41 19.24
CA THR C 689 -4.42 -72.64 19.22
C THR C 689 -4.13 -73.98 19.92
N ALA C 690 -3.00 -74.60 19.57
CA ALA C 690 -2.47 -75.79 20.28
C ALA C 690 -1.30 -75.40 21.18
N GLU C 691 -1.47 -74.33 21.96
CA GLU C 691 -0.41 -73.84 22.83
C GLU C 691 -0.33 -74.69 24.11
N PRO C 692 0.85 -75.28 24.40
CA PRO C 692 0.97 -76.14 25.57
C PRO C 692 0.85 -75.39 26.87
N PHE C 693 0.24 -76.03 27.87
CA PHE C 693 0.29 -75.47 29.21
C PHE C 693 0.12 -76.50 30.35
N ALA C 694 0.83 -76.24 31.46
CA ALA C 694 0.92 -77.13 32.64
C ALA C 694 -0.43 -77.58 33.19
N GLU C 695 -1.35 -76.62 33.33
CA GLU C 695 -2.61 -76.86 34.00
C GLU C 695 -3.60 -77.57 33.07
N TRP C 696 -3.17 -77.98 31.86
CA TRP C 696 -4.05 -78.59 30.84
C TRP C 696 -4.50 -80.01 31.17
N ASP C 697 -5.75 -80.16 31.60
CA ASP C 697 -6.34 -81.46 31.95
C ASP C 697 -7.16 -82.14 30.82
N GLY C 698 -6.96 -81.77 29.54
CA GLY C 698 -7.72 -82.34 28.40
C GLY C 698 -9.07 -81.69 28.05
N THR C 699 -9.76 -81.15 29.06
CA THR C 699 -11.09 -80.46 28.93
C THR C 699 -11.02 -78.92 28.74
N ASN C 700 -9.95 -78.32 29.26
CA ASN C 700 -9.86 -76.88 29.58
C ASN C 700 -8.95 -76.08 28.59
N SER C 701 -8.66 -74.81 28.92
CA SER C 701 -8.04 -73.88 27.95
C SER C 701 -7.14 -72.82 28.54
N LEU C 702 -6.20 -72.41 27.69
CA LEU C 702 -5.29 -71.28 27.97
C LEU C 702 -6.07 -69.96 28.12
N TYR C 703 -7.21 -69.89 27.41
CA TYR C 703 -8.08 -68.72 27.35
C TYR C 703 -9.38 -68.80 28.19
N ASP C 704 -9.53 -69.80 29.08
CA ASP C 704 -10.62 -69.82 30.08
C ASP C 704 -10.40 -68.59 30.93
N VAL C 705 -11.47 -67.99 31.43
CA VAL C 705 -11.30 -66.84 32.31
C VAL C 705 -11.31 -67.46 33.69
N ILE C 706 -10.23 -67.29 34.41
CA ILE C 706 -10.03 -67.96 35.67
C ILE C 706 -10.57 -67.13 36.81
N PHE C 707 -10.48 -65.81 36.72
CA PHE C 707 -11.23 -64.93 37.64
C PHE C 707 -11.57 -63.57 37.01
N THR C 708 -12.39 -62.76 37.66
CA THR C 708 -12.80 -61.47 37.12
C THR C 708 -12.59 -60.42 38.18
N VAL C 709 -12.10 -59.26 37.77
CA VAL C 709 -11.87 -58.15 38.72
C VAL C 709 -12.76 -56.97 38.36
N PHE C 710 -13.18 -56.25 39.41
CA PHE C 710 -14.16 -55.20 39.34
C PHE C 710 -13.64 -53.98 40.05
N ALA C 711 -14.21 -52.82 39.71
CA ALA C 711 -13.92 -51.58 40.43
C ALA C 711 -14.99 -50.55 40.15
N THR C 712 -15.02 -49.49 40.96
CA THR C 712 -16.00 -48.43 40.81
C THR C 712 -15.30 -47.14 40.44
N ILE C 713 -15.78 -46.45 39.40
CA ILE C 713 -15.39 -45.05 39.15
C ILE C 713 -16.56 -44.14 39.50
N THR C 714 -16.24 -42.92 39.92
CA THR C 714 -17.24 -41.90 40.23
C THR C 714 -16.83 -40.59 39.57
N ASN C 715 -17.78 -39.90 38.92
CA ASN C 715 -17.52 -38.61 38.29
C ASN C 715 -17.43 -37.52 39.35
N THR C 716 -16.20 -37.15 39.71
CA THR C 716 -15.87 -36.22 40.79
C THR C 716 -15.89 -34.74 40.36
N GLY C 717 -15.76 -34.46 39.07
CA GLY C 717 -15.75 -33.09 38.56
C GLY C 717 -17.11 -32.48 38.28
N ASN C 718 -17.12 -31.51 37.36
CA ASN C 718 -18.29 -30.63 37.09
C ASN C 718 -18.96 -30.88 35.74
N LEU C 719 -18.40 -31.78 34.91
CA LEU C 719 -18.91 -32.06 33.55
C LEU C 719 -19.07 -33.55 33.31
N THR C 720 -20.04 -33.90 32.49
CA THR C 720 -20.20 -35.28 32.00
C THR C 720 -18.92 -35.72 31.22
N GLY C 721 -18.48 -36.96 31.44
CA GLY C 721 -17.24 -37.50 30.82
C GLY C 721 -17.26 -38.99 30.61
N SER C 722 -16.42 -39.47 29.71
CA SER C 722 -16.15 -40.91 29.52
C SER C 722 -14.73 -41.26 30.05
N GLU C 723 -14.55 -42.45 30.61
CA GLU C 723 -13.29 -42.84 31.27
C GLU C 723 -12.85 -44.24 30.84
N VAL C 724 -11.63 -44.33 30.32
CA VAL C 724 -11.03 -45.62 30.00
C VAL C 724 -10.32 -46.10 31.26
N ALA C 725 -10.85 -47.14 31.88
CA ALA C 725 -10.23 -47.75 33.04
C ALA C 725 -9.26 -48.81 32.54
N GLN C 726 -8.08 -48.85 33.15
CA GLN C 726 -7.01 -49.77 32.77
C GLN C 726 -6.67 -50.71 33.93
N LEU C 727 -6.41 -51.97 33.61
CA LEU C 727 -5.95 -52.96 34.61
C LEU C 727 -4.54 -53.48 34.27
N TYR C 728 -3.65 -53.35 35.27
CA TYR C 728 -2.26 -53.80 35.16
C TYR C 728 -1.97 -54.92 36.20
N ILE C 729 -1.26 -55.94 35.74
CA ILE C 729 -0.85 -57.07 36.58
C ILE C 729 0.68 -57.17 36.58
N SER C 730 1.28 -57.14 37.78
CA SER C 730 2.68 -57.56 37.99
C SER C 730 2.81 -59.09 38.20
N ILE C 731 3.24 -59.78 37.16
CA ILE C 731 3.50 -61.21 37.19
C ILE C 731 4.88 -61.41 37.88
N PRO C 732 4.95 -62.26 38.94
CA PRO C 732 6.25 -62.56 39.57
C PRO C 732 7.16 -63.42 38.68
N GLY C 733 8.46 -63.29 38.88
CA GLY C 733 9.46 -63.96 38.06
C GLY C 733 10.79 -63.24 38.14
N ASP C 734 11.73 -63.67 37.32
CA ASP C 734 13.06 -63.09 37.28
C ASP C 734 12.94 -62.15 36.10
N ASN C 735 13.47 -60.93 36.25
CA ASN C 735 13.56 -59.99 35.13
C ASN C 735 12.17 -59.89 34.40
N GLN C 736 11.16 -59.58 35.21
CA GLN C 736 9.78 -59.57 34.77
C GLN C 736 9.35 -58.09 34.72
N PRO C 737 8.51 -57.71 33.75
CA PRO C 737 8.06 -56.32 33.67
C PRO C 737 7.42 -55.81 34.95
N VAL C 738 7.61 -54.51 35.22
CA VAL C 738 7.09 -53.93 36.47
C VAL C 738 5.57 -54.16 36.50
N ARG C 739 4.92 -53.95 35.36
CA ARG C 739 3.50 -54.30 35.20
C ARG C 739 3.13 -54.44 33.74
N GLN C 740 2.04 -55.16 33.51
CA GLN C 740 1.60 -55.51 32.19
C GLN C 740 0.12 -55.26 32.10
N LEU C 741 -0.30 -54.59 31.02
CA LEU C 741 -1.71 -54.28 30.78
C LEU C 741 -2.44 -55.57 30.54
N ARG C 742 -3.43 -55.84 31.38
CA ARG C 742 -4.25 -57.05 31.28
C ARG C 742 -5.78 -56.81 31.27
N GLY C 743 -6.19 -55.55 31.10
CA GLY C 743 -7.59 -55.21 30.87
C GLY C 743 -7.85 -53.74 30.59
N PHE C 744 -8.92 -53.44 29.87
CA PHE C 744 -9.45 -52.06 29.80
C PHE C 744 -10.94 -52.05 29.59
N ASP C 745 -11.58 -51.02 30.11
CA ASP C 745 -13.02 -50.91 29.96
C ASP C 745 -13.43 -49.42 29.96
N LYS C 746 -14.08 -48.99 28.87
CA LYS C 746 -14.50 -47.61 28.67
C LYS C 746 -15.96 -47.33 29.08
N ILE C 747 -16.12 -46.55 30.16
CA ILE C 747 -17.42 -46.08 30.64
C ILE C 747 -17.85 -44.82 29.85
N LYS C 748 -18.99 -44.91 29.17
CA LYS C 748 -19.44 -43.88 28.27
C LYS C 748 -20.32 -42.89 29.00
N ASP C 749 -19.90 -41.63 29.06
CA ASP C 749 -20.81 -40.46 29.32
C ASP C 749 -21.43 -40.52 30.72
N LEU C 750 -20.54 -40.51 31.69
CA LEU C 750 -20.91 -40.69 33.09
C LEU C 750 -21.27 -39.33 33.66
N PRO C 751 -22.54 -39.17 34.05
CA PRO C 751 -22.95 -37.88 34.57
C PRO C 751 -22.29 -37.53 35.92
N VAL C 752 -22.27 -36.23 36.21
CA VAL C 752 -21.62 -35.69 37.41
C VAL C 752 -22.21 -36.36 38.64
N GLY C 753 -21.34 -36.83 39.53
CA GLY C 753 -21.77 -37.49 40.78
C GLY C 753 -22.15 -38.96 40.70
N ASP C 754 -22.43 -39.47 39.49
CA ASP C 754 -22.88 -40.84 39.29
C ASP C 754 -21.68 -41.79 39.24
N SER C 755 -21.96 -43.09 39.40
CA SER C 755 -20.91 -44.10 39.48
C SER C 755 -21.18 -45.24 38.52
N ALA C 756 -20.12 -45.90 38.06
CA ALA C 756 -20.30 -47.13 37.27
C ALA C 756 -19.28 -48.16 37.71
N VAL C 757 -19.68 -49.41 37.61
CA VAL C 757 -18.76 -50.47 37.88
C VAL C 757 -18.05 -50.81 36.59
N VAL C 758 -16.76 -51.07 36.72
CA VAL C 758 -15.93 -51.42 35.60
C VAL C 758 -15.54 -52.89 35.78
N THR C 759 -15.49 -53.67 34.69
CA THR C 759 -15.25 -55.10 34.82
C THR C 759 -14.13 -55.61 33.88
N PHE C 760 -13.23 -56.44 34.45
CA PHE C 760 -12.04 -56.99 33.77
C PHE C 760 -11.94 -58.51 33.92
N PRO C 761 -12.37 -59.26 32.90
CA PRO C 761 -12.14 -60.70 32.91
C PRO C 761 -10.65 -61.07 32.62
N ILE C 762 -10.02 -61.74 33.58
CA ILE C 762 -8.61 -62.15 33.50
C ILE C 762 -8.55 -63.60 33.06
N ARG C 763 -8.01 -63.89 31.87
CA ARG C 763 -7.87 -65.27 31.39
C ARG C 763 -6.65 -65.92 31.99
N ARG C 764 -6.53 -67.24 31.79
CA ARG C 764 -5.38 -68.00 32.30
C ARG C 764 -4.06 -67.49 31.71
N LYS C 765 -3.99 -67.36 30.38
CA LYS C 765 -2.81 -66.72 29.70
C LYS C 765 -2.37 -65.34 30.25
N ASP C 766 -3.32 -64.58 30.78
CA ASP C 766 -3.08 -63.23 31.29
C ASP C 766 -2.23 -63.17 32.55
N VAL C 767 -2.03 -64.34 33.15
CA VAL C 767 -1.39 -64.48 34.43
C VAL C 767 -0.22 -65.50 34.28
N SER C 768 0.07 -65.91 33.05
CA SER C 768 1.05 -66.97 32.73
C SER C 768 2.36 -66.43 32.14
N SER C 769 3.44 -67.19 32.33
CA SER C 769 4.76 -66.95 31.74
C SER C 769 5.08 -68.12 30.78
N TRP C 770 6.06 -67.91 29.92
CA TRP C 770 6.53 -68.99 29.06
C TRP C 770 7.84 -69.55 29.61
N SER C 771 7.82 -70.85 29.92
CA SER C 771 9.04 -71.66 30.20
C SER C 771 9.83 -71.94 28.91
N VAL C 772 11.03 -71.38 28.82
CA VAL C 772 11.89 -71.73 27.71
C VAL C 772 12.24 -73.21 27.86
N VAL C 773 12.29 -73.66 29.11
CA VAL C 773 12.82 -74.98 29.52
C VAL C 773 11.85 -76.15 29.18
N ASP C 774 10.60 -76.04 29.62
CA ASP C 774 9.58 -77.05 29.32
C ASP C 774 8.76 -76.75 28.07
N GLN C 775 8.98 -75.58 27.45
CA GLN C 775 8.34 -75.18 26.17
C GLN C 775 6.83 -75.20 26.27
N LEU C 776 6.33 -74.47 27.26
CA LEU C 776 4.91 -74.41 27.59
C LEU C 776 4.55 -73.12 28.37
N TRP C 777 3.25 -72.81 28.46
CA TRP C 777 2.77 -71.71 29.30
C TRP C 777 2.49 -72.24 30.71
N TYR C 778 3.00 -71.58 31.74
CA TYR C 778 2.73 -71.99 33.14
C TYR C 778 2.32 -70.77 33.96
N VAL C 779 1.47 -70.93 34.96
CA VAL C 779 1.15 -69.83 35.90
C VAL C 779 2.23 -69.82 36.96
N PRO C 780 3.06 -68.76 37.03
CA PRO C 780 4.11 -68.81 38.07
C PRO C 780 3.57 -68.83 39.50
N ASN C 781 4.42 -69.22 40.44
CA ASN C 781 4.14 -69.07 41.86
C ASN C 781 4.60 -67.69 42.28
N GLY C 782 3.94 -67.10 43.26
CA GLY C 782 4.38 -65.85 43.90
C GLY C 782 3.24 -64.87 44.15
N ASP C 783 3.59 -63.65 44.52
CA ASP C 783 2.62 -62.57 44.67
C ASP C 783 2.38 -61.83 43.34
N PHE C 784 1.12 -61.79 42.89
CA PHE C 784 0.72 -61.02 41.71
C PHE C 784 0.17 -59.68 42.16
N LEU C 785 0.77 -58.56 41.75
CA LEU C 785 0.16 -57.24 42.02
C LEU C 785 -0.92 -56.95 40.92
N ILE C 786 -2.15 -56.67 41.35
CA ILE C 786 -3.19 -56.21 40.44
C ILE C 786 -3.45 -54.72 40.72
N SER C 787 -3.34 -53.90 39.66
CA SER C 787 -3.53 -52.44 39.78
C SER C 787 -4.56 -51.94 38.75
N VAL C 788 -5.46 -51.05 39.22
CA VAL C 788 -6.48 -50.43 38.37
C VAL C 788 -6.37 -48.91 38.48
N GLY C 789 -6.56 -48.22 37.36
CA GLY C 789 -6.60 -46.75 37.34
C GLY C 789 -6.75 -46.17 35.94
N GLY C 790 -6.44 -44.87 35.80
CA GLY C 790 -6.62 -44.10 34.58
C GLY C 790 -5.45 -44.03 33.62
N SER C 791 -4.29 -44.57 34.00
CA SER C 791 -3.13 -44.70 33.09
C SER C 791 -2.16 -45.73 33.61
N SER C 792 -1.09 -45.99 32.86
CA SER C 792 0.00 -46.85 33.33
C SER C 792 0.76 -46.32 34.58
N ARG C 793 0.57 -45.04 34.95
CA ARG C 793 1.17 -44.48 36.19
C ARG C 793 0.19 -43.75 37.11
N ASP C 794 -1.10 -43.93 36.89
CA ASP C 794 -2.12 -43.40 37.77
C ASP C 794 -2.96 -44.62 38.06
N LEU C 795 -2.66 -45.25 39.19
CA LEU C 795 -3.22 -46.52 39.56
C LEU C 795 -3.50 -46.46 41.03
N PRO C 796 -4.62 -45.84 41.42
CA PRO C 796 -4.86 -45.70 42.85
C PRO C 796 -5.42 -46.95 43.54
N LEU C 797 -5.77 -48.00 42.80
CA LEU C 797 -6.24 -49.25 43.43
C LEU C 797 -5.28 -50.42 43.17
N ASN C 798 -4.70 -50.96 44.24
CA ASN C 798 -3.83 -52.16 44.20
C ASN C 798 -4.37 -53.24 45.13
N THR C 799 -4.29 -54.49 44.72
CA THR C 799 -4.40 -55.62 45.66
C THR C 799 -3.37 -56.70 45.30
N THR C 800 -3.31 -57.76 46.12
CA THR C 800 -2.37 -58.88 45.92
C THR C 800 -3.12 -60.20 45.76
N TRP C 801 -2.63 -61.08 44.89
CA TRP C 801 -3.26 -62.38 44.62
C TRP C 801 -2.19 -63.47 44.50
N THR C 802 -2.36 -64.59 45.20
CA THR C 802 -1.33 -65.67 45.29
C THR C 802 -1.99 -67.05 45.18
N PRO C 803 -1.78 -67.79 44.05
CA PRO C 803 -2.39 -69.15 43.92
C PRO C 803 -1.61 -70.29 44.59
N GLN D 48 27.12 -36.73 -28.79
CA GLN D 48 26.56 -36.16 -27.52
C GLN D 48 26.88 -34.68 -27.35
N TRP D 49 28.17 -34.35 -27.48
CA TRP D 49 28.65 -32.96 -27.37
C TRP D 49 29.15 -32.52 -28.77
N PRO D 50 28.23 -32.05 -29.65
CA PRO D 50 28.64 -31.70 -31.01
C PRO D 50 29.61 -30.50 -31.03
N ALA D 51 30.39 -30.37 -32.10
CA ALA D 51 31.28 -29.25 -32.32
C ALA D 51 30.54 -28.21 -33.15
N PRO D 52 30.30 -26.99 -32.59
CA PRO D 52 29.54 -25.96 -33.34
C PRO D 52 30.41 -25.24 -34.35
N LEU D 53 29.84 -24.91 -35.51
CA LEU D 53 30.58 -24.23 -36.56
C LEU D 53 30.89 -22.82 -36.15
N ALA D 54 32.11 -22.40 -36.44
CA ALA D 54 32.50 -21.01 -36.37
C ALA D 54 31.56 -20.18 -37.23
N ASN D 55 31.07 -19.09 -36.65
CA ASN D 55 30.31 -18.06 -37.40
C ASN D 55 30.97 -16.68 -37.43
N GLY D 56 32.08 -16.52 -36.68
CA GLY D 56 32.82 -15.25 -36.63
C GLY D 56 32.50 -14.26 -35.52
N GLY D 57 31.40 -14.47 -34.80
CA GLY D 57 31.10 -13.66 -33.61
C GLY D 57 30.87 -12.19 -33.87
N LYS D 58 31.23 -11.36 -32.90
CA LYS D 58 31.05 -9.89 -32.94
C LYS D 58 32.05 -9.13 -33.84
N SER D 59 33.31 -9.06 -33.39
CA SER D 59 34.34 -8.24 -34.02
C SER D 59 35.04 -8.93 -35.18
N TRP D 60 35.07 -10.28 -35.17
CA TRP D 60 35.71 -11.03 -36.26
C TRP D 60 34.82 -11.28 -37.50
N ALA D 61 33.65 -10.66 -37.61
CA ALA D 61 32.70 -10.96 -38.70
C ALA D 61 33.36 -11.02 -40.09
N SER D 62 34.01 -9.94 -40.51
CA SER D 62 34.59 -9.88 -41.85
C SER D 62 35.81 -10.79 -42.00
N ALA D 63 36.50 -11.04 -40.89
CA ALA D 63 37.67 -11.87 -40.91
C ALA D 63 37.28 -13.30 -41.25
N PHE D 64 36.33 -13.83 -40.46
CA PHE D 64 35.70 -15.11 -40.70
C PHE D 64 35.18 -15.24 -42.13
N LYS D 65 34.49 -14.22 -42.65
CA LYS D 65 34.05 -14.34 -44.02
C LYS D 65 35.21 -14.59 -45.02
N LYS D 66 36.36 -13.92 -44.86
CA LYS D 66 37.54 -14.19 -45.71
C LYS D 66 38.11 -15.55 -45.40
N ALA D 67 38.16 -15.91 -44.12
CA ALA D 67 38.66 -17.20 -43.68
C ALA D 67 37.91 -18.34 -44.38
N LYS D 68 36.58 -18.39 -44.23
CA LYS D 68 35.74 -19.34 -44.97
C LYS D 68 36.01 -19.29 -46.49
N ALA D 69 36.12 -18.11 -47.06
CA ALA D 69 36.37 -18.00 -48.52
C ALA D 69 37.74 -18.62 -48.93
N THR D 70 38.70 -18.59 -48.02
CA THR D 70 39.98 -19.23 -48.26
C THR D 70 39.77 -20.74 -48.05
N VAL D 71 39.23 -21.12 -46.90
CA VAL D 71 39.07 -22.53 -46.54
C VAL D 71 38.18 -23.31 -47.54
N THR D 72 37.22 -22.63 -48.17
CA THR D 72 36.39 -23.26 -49.20
C THR D 72 37.25 -23.78 -50.37
N GLU D 73 38.25 -23.00 -50.78
CA GLU D 73 39.13 -23.39 -51.90
C GLU D 73 40.20 -24.43 -51.52
N MET D 74 40.38 -24.73 -50.23
CA MET D 74 41.47 -25.63 -49.80
C MET D 74 41.23 -27.12 -50.13
N THR D 75 42.20 -27.73 -50.85
CA THR D 75 42.31 -29.22 -50.97
C THR D 75 42.44 -29.89 -49.62
N VAL D 76 42.31 -31.21 -49.65
CA VAL D 76 42.38 -32.03 -48.45
C VAL D 76 43.79 -32.02 -47.85
N GLU D 77 44.81 -31.99 -48.71
CA GLU D 77 46.22 -32.00 -48.27
C GLU D 77 46.58 -30.66 -47.58
N GLU D 78 46.04 -29.58 -48.14
CA GLU D 78 46.19 -28.23 -47.60
C GLU D 78 45.57 -28.07 -46.18
N LEU D 79 44.32 -28.52 -46.01
CA LEU D 79 43.67 -28.50 -44.69
C LEU D 79 44.55 -29.16 -43.63
N ALA D 80 45.27 -30.20 -44.04
CA ALA D 80 46.15 -30.94 -43.13
C ALA D 80 47.49 -30.30 -42.98
N ASN D 81 47.99 -29.65 -44.04
CA ASN D 81 49.24 -28.84 -43.99
C ASN D 81 49.08 -27.78 -42.84
N ILE D 82 47.97 -27.03 -42.90
CA ILE D 82 47.70 -25.92 -41.96
C ILE D 82 47.28 -26.31 -40.55
N THR D 83 46.63 -27.46 -40.39
CA THR D 83 46.24 -27.89 -39.03
C THR D 83 47.34 -28.54 -38.17
N SER D 84 48.56 -28.66 -38.71
CA SER D 84 49.64 -29.37 -38.00
C SER D 84 51.01 -28.70 -38.18
N GLY D 85 51.85 -28.85 -37.17
CA GLY D 85 53.15 -28.20 -37.14
C GLY D 85 54.18 -28.79 -38.09
N VAL D 86 54.78 -27.92 -38.88
CA VAL D 86 55.94 -28.25 -39.70
C VAL D 86 57.23 -27.78 -39.01
N ILE D 87 58.38 -28.19 -39.54
CA ILE D 87 59.67 -27.84 -38.91
C ILE D 87 59.99 -26.39 -39.26
N GLY D 88 60.50 -25.67 -38.26
CA GLY D 88 60.87 -24.29 -38.43
C GLY D 88 61.48 -23.63 -37.20
N LEU D 89 61.70 -22.32 -37.33
CA LEU D 89 62.56 -21.60 -36.38
C LEU D 89 61.89 -21.27 -35.05
N CYS D 90 60.55 -21.30 -35.09
CA CYS D 90 59.69 -20.93 -33.96
C CYS D 90 59.24 -22.17 -33.16
N SER D 91 58.93 -21.96 -31.86
CA SER D 91 58.28 -22.96 -31.00
C SER D 91 57.37 -23.91 -31.78
N GLY D 92 56.46 -23.31 -32.55
CA GLY D 92 55.62 -24.00 -33.50
C GLY D 92 55.50 -23.23 -34.79
N VAL D 93 55.12 -23.90 -35.86
CA VAL D 93 54.99 -23.30 -37.19
C VAL D 93 53.89 -24.02 -37.93
N THR D 94 52.88 -23.30 -38.44
CA THR D 94 51.88 -23.99 -39.26
C THR D 94 52.43 -24.09 -40.66
N GLY D 95 52.12 -25.20 -41.30
CA GLY D 95 52.43 -25.35 -42.69
C GLY D 95 51.71 -24.32 -43.51
N ALA D 96 52.42 -23.82 -44.50
CA ALA D 96 51.86 -22.89 -45.46
C ALA D 96 50.65 -23.48 -46.20
N VAL D 97 49.97 -22.65 -46.97
CA VAL D 97 49.10 -23.14 -47.99
C VAL D 97 49.54 -22.42 -49.25
N THR D 98 50.69 -22.84 -49.78
CA THR D 98 51.47 -22.04 -50.73
C THR D 98 50.74 -21.59 -52.02
N ARG D 99 49.77 -22.38 -52.46
CA ARG D 99 49.01 -22.14 -53.68
C ARG D 99 48.08 -20.92 -53.55
N LEU D 100 47.61 -20.69 -52.32
CA LEU D 100 46.70 -19.58 -51.99
C LEU D 100 47.39 -18.34 -51.39
N GLY D 101 48.73 -18.33 -51.36
CA GLY D 101 49.48 -17.24 -50.79
C GLY D 101 49.45 -17.22 -49.27
N ILE D 102 49.10 -18.33 -48.63
CA ILE D 102 49.06 -18.39 -47.18
C ILE D 102 50.43 -18.83 -46.68
N PRO D 103 51.09 -18.01 -45.85
CA PRO D 103 52.41 -18.41 -45.38
C PRO D 103 52.37 -19.28 -44.12
N GLU D 104 53.56 -19.75 -43.74
CA GLU D 104 53.79 -20.39 -42.45
C GLU D 104 53.57 -19.34 -41.35
N PHE D 105 53.00 -19.76 -40.23
CA PHE D 105 52.73 -18.88 -39.09
C PHE D 105 53.64 -19.27 -37.99
N CYS D 106 54.43 -18.31 -37.53
CA CYS D 106 55.26 -18.45 -36.36
C CYS D 106 54.39 -18.45 -35.09
N LEU D 107 54.46 -19.56 -34.34
CA LEU D 107 53.94 -19.59 -32.99
C LEU D 107 55.13 -19.57 -32.05
N GLN D 108 55.09 -18.72 -31.03
CA GLN D 108 56.27 -18.50 -30.19
C GLN D 108 55.93 -18.26 -28.75
N ASP D 109 56.63 -18.92 -27.85
CA ASP D 109 56.65 -18.53 -26.46
C ASP D 109 57.20 -17.10 -26.28
N GLY D 110 56.90 -16.41 -25.18
CA GLY D 110 56.06 -16.88 -24.09
C GLY D 110 55.41 -15.69 -23.41
N PRO D 111 54.83 -15.89 -22.22
CA PRO D 111 54.09 -14.81 -21.55
C PRO D 111 54.90 -13.70 -20.89
N ILE D 112 56.23 -13.68 -21.00
CA ILE D 112 56.96 -12.46 -20.70
C ILE D 112 57.59 -11.79 -21.91
N GLY D 113 57.18 -12.20 -23.12
CA GLY D 113 57.81 -11.76 -24.36
C GLY D 113 58.40 -12.90 -25.18
N PRO D 114 58.80 -12.59 -26.43
CA PRO D 114 59.42 -13.59 -27.28
C PRO D 114 60.63 -14.23 -26.59
N ARG D 115 60.68 -15.58 -26.61
CA ARG D 115 61.69 -16.37 -25.91
C ARG D 115 62.71 -16.89 -26.92
N GLY D 116 63.95 -17.08 -26.45
CA GLY D 116 65.07 -17.54 -27.28
C GLY D 116 65.47 -16.63 -28.44
N VAL D 117 65.13 -15.36 -28.30
CA VAL D 117 65.33 -14.32 -29.30
C VAL D 117 66.32 -13.31 -28.67
N HIS D 118 67.23 -12.76 -29.47
CA HIS D 118 68.10 -11.67 -29.01
C HIS D 118 67.49 -10.37 -29.53
N GLY D 119 67.97 -9.25 -28.99
CA GLY D 119 67.50 -7.92 -29.42
C GLY D 119 66.12 -7.55 -28.91
N SER D 120 65.68 -8.20 -27.82
CA SER D 120 64.41 -7.93 -27.16
C SER D 120 64.73 -7.60 -25.74
N SER D 121 63.70 -7.37 -24.93
CA SER D 121 63.89 -7.04 -23.53
C SER D 121 63.23 -8.14 -22.68
N GLN D 122 63.71 -8.26 -21.45
CA GLN D 122 63.16 -9.18 -20.47
C GLN D 122 62.18 -8.46 -19.57
N PHE D 123 60.91 -8.60 -19.93
CA PHE D 123 59.81 -8.06 -19.12
C PHE D 123 59.64 -8.84 -17.82
N PRO D 124 58.96 -8.22 -16.84
CA PRO D 124 58.65 -8.89 -15.59
C PRO D 124 57.54 -9.91 -15.77
N ALA D 125 57.45 -10.88 -14.88
CA ALA D 125 56.49 -11.96 -15.06
C ALA D 125 55.07 -11.49 -14.73
N GLY D 126 54.06 -12.22 -15.23
CA GLY D 126 52.66 -11.97 -14.91
C GLY D 126 52.49 -11.81 -13.41
N LEU D 127 53.21 -12.63 -12.66
CA LEU D 127 53.23 -12.53 -11.22
C LEU D 127 53.53 -11.12 -10.76
N THR D 128 54.53 -10.52 -11.38
CA THR D 128 54.97 -9.18 -11.03
C THR D 128 53.99 -8.05 -11.43
N VAL D 129 53.44 -8.06 -12.66
CA VAL D 129 52.34 -7.10 -12.96
C VAL D 129 51.17 -7.27 -12.03
N ALA D 130 50.74 -8.51 -11.81
CA ALA D 130 49.62 -8.79 -10.90
C ALA D 130 49.75 -8.05 -9.57
N ALA D 131 50.96 -8.04 -9.02
CA ALA D 131 51.21 -7.40 -7.74
C ALA D 131 51.19 -5.86 -7.81
N THR D 132 51.19 -5.25 -9.02
CA THR D 132 51.03 -3.79 -9.13
C THR D 132 49.59 -3.37 -8.83
N TRP D 133 48.65 -4.28 -9.09
CA TRP D 133 47.21 -4.01 -9.07
C TRP D 133 46.87 -2.79 -9.94
N ASP D 134 47.63 -2.60 -11.01
CA ASP D 134 47.55 -1.44 -11.86
C ASP D 134 47.19 -1.94 -13.25
N ARG D 135 45.91 -1.79 -13.56
CA ARG D 135 45.35 -2.06 -14.89
C ARG D 135 46.15 -1.41 -16.00
N THR D 136 46.64 -0.19 -15.75
CA THR D 136 47.42 0.56 -16.75
C THR D 136 48.65 -0.23 -17.15
N LEU D 137 49.42 -0.58 -16.13
CA LEU D 137 50.63 -1.35 -16.29
C LEU D 137 50.39 -2.73 -16.91
N MET D 138 49.37 -3.45 -16.40
CA MET D 138 48.97 -4.71 -17.01
C MET D 138 48.79 -4.56 -18.50
N TYR D 139 47.98 -3.57 -18.92
CA TYR D 139 47.79 -3.38 -20.34
C TYR D 139 49.13 -3.01 -21.05
N ALA D 140 49.91 -2.10 -20.46
CA ALA D 140 51.06 -1.55 -21.18
C ALA D 140 52.17 -2.59 -21.32
N ARG D 141 52.44 -3.31 -20.21
CA ARG D 141 53.30 -4.51 -20.24
C ARG D 141 52.99 -5.39 -21.47
N ALA D 142 51.74 -5.76 -21.63
CA ALA D 142 51.35 -6.65 -22.72
C ALA D 142 51.50 -5.99 -24.09
N ARG D 143 51.18 -4.69 -24.16
CA ARG D 143 51.31 -3.93 -25.40
C ARG D 143 52.79 -3.89 -25.80
N GLY D 144 53.65 -3.81 -24.81
CA GLY D 144 55.10 -3.78 -25.05
C GLY D 144 55.65 -5.09 -25.54
N MET D 145 55.29 -6.16 -24.84
CA MET D 145 55.54 -7.54 -25.27
C MET D 145 55.11 -7.75 -26.72
N GLY D 146 53.93 -7.24 -27.03
CA GLY D 146 53.36 -7.41 -28.34
C GLY D 146 54.10 -6.74 -29.47
N GLN D 147 54.69 -5.55 -29.24
CA GLN D 147 55.50 -4.90 -30.31
C GLN D 147 56.74 -5.70 -30.49
N GLU D 148 57.37 -6.16 -29.42
CA GLU D 148 58.54 -7.03 -29.62
C GLU D 148 58.19 -8.37 -30.34
N PHE D 149 57.05 -9.01 -30.01
CA PHE D 149 56.58 -10.21 -30.74
C PHE D 149 56.43 -9.91 -32.25
N HIS D 150 55.64 -8.91 -32.57
CA HIS D 150 55.37 -8.58 -33.97
C HIS D 150 56.65 -8.19 -34.70
N ASP D 151 57.51 -7.41 -34.03
CA ASP D 151 58.75 -6.92 -34.70
C ASP D 151 59.82 -8.03 -34.90
N GLN D 152 59.80 -9.04 -34.04
CA GLN D 152 60.53 -10.29 -34.29
C GLN D 152 59.90 -11.24 -35.32
N GLY D 153 58.70 -10.95 -35.80
CA GLY D 153 58.08 -11.78 -36.86
C GLY D 153 57.14 -12.88 -36.38
N VAL D 154 56.70 -12.81 -35.12
CA VAL D 154 55.73 -13.74 -34.55
C VAL D 154 54.26 -13.45 -34.95
N HIS D 155 53.54 -14.50 -35.33
CA HIS D 155 52.13 -14.41 -35.79
C HIS D 155 51.17 -14.69 -34.63
N LEU D 156 51.44 -15.74 -33.87
CA LEU D 156 50.65 -16.14 -32.73
C LEU D 156 51.54 -16.20 -31.52
N ALA D 157 51.12 -15.58 -30.42
CA ALA D 157 51.89 -15.61 -29.18
C ALA D 157 51.35 -16.72 -28.30
N LEU D 158 52.26 -17.53 -27.76
CA LEU D 158 51.88 -18.54 -26.79
C LEU D 158 51.82 -17.84 -25.42
N ALA D 159 50.72 -17.12 -25.23
CA ALA D 159 50.57 -16.16 -24.14
C ALA D 159 49.20 -15.48 -24.27
N PRO D 160 48.63 -14.98 -23.17
CA PRO D 160 49.17 -15.05 -21.81
C PRO D 160 48.62 -16.23 -21.07
N VAL D 161 49.08 -16.40 -19.85
CA VAL D 161 48.51 -17.42 -19.02
C VAL D 161 47.27 -16.79 -18.42
N THR D 162 46.11 -17.28 -18.85
CA THR D 162 44.80 -16.75 -18.46
C THR D 162 44.00 -17.71 -17.54
N GLY D 163 44.61 -18.09 -16.43
CA GLY D 163 43.93 -18.95 -15.49
C GLY D 163 44.29 -20.41 -15.37
N GLY D 164 45.30 -20.85 -16.08
CA GLY D 164 45.71 -22.23 -15.99
C GLY D 164 47.19 -22.36 -16.16
N PRO D 165 47.94 -22.32 -15.07
CA PRO D 165 47.46 -22.47 -13.70
C PRO D 165 46.97 -21.22 -12.99
N LEU D 166 45.94 -21.38 -12.18
CA LEU D 166 45.35 -20.29 -11.46
C LEU D 166 45.92 -20.15 -10.07
N GLY D 167 46.24 -21.24 -9.45
CA GLY D 167 46.87 -21.29 -8.13
C GLY D 167 46.22 -22.21 -7.12
N ARG D 168 45.76 -23.39 -7.56
CA ARG D 168 45.25 -24.37 -6.60
C ARG D 168 46.31 -24.66 -5.54
N THR D 169 47.56 -24.83 -5.96
CA THR D 169 48.68 -25.03 -5.03
C THR D 169 49.70 -23.88 -5.10
N PRO D 170 50.20 -23.44 -3.93
CA PRO D 170 51.19 -22.36 -3.90
C PRO D 170 52.60 -22.80 -4.31
N LEU D 171 52.79 -24.10 -4.53
CA LEU D 171 54.08 -24.70 -4.94
C LEU D 171 54.10 -25.01 -6.42
N ASN D 172 53.01 -24.80 -7.14
CA ASN D 172 53.05 -24.96 -8.61
C ASN D 172 54.29 -24.25 -9.17
N GLY D 173 55.09 -24.97 -9.93
CA GLY D 173 56.41 -24.50 -10.32
C GLY D 173 56.42 -23.42 -11.38
N ARG D 174 55.35 -23.38 -12.18
CA ARG D 174 55.10 -22.33 -13.16
C ARG D 174 53.93 -21.35 -12.80
N GLY D 175 53.58 -21.26 -11.52
CA GLY D 175 52.46 -20.39 -11.10
C GLY D 175 52.78 -18.93 -11.36
N TRP D 176 54.06 -18.60 -11.24
CA TRP D 176 54.60 -17.31 -11.61
C TRP D 176 54.22 -16.84 -13.02
N GLU D 177 53.96 -17.74 -13.96
CA GLU D 177 53.64 -17.29 -15.33
C GLU D 177 52.29 -16.54 -15.45
N GLY D 178 51.35 -16.89 -14.59
CA GLY D 178 50.07 -16.25 -14.57
C GLY D 178 50.04 -15.03 -13.67
N THR D 179 48.87 -14.71 -13.16
CA THR D 179 48.71 -13.54 -12.33
C THR D 179 48.32 -13.52 -10.89
N PHE D 180 47.04 -13.61 -10.62
CA PHE D 180 46.56 -13.73 -9.27
C PHE D 180 45.96 -15.09 -9.05
N ALA D 181 45.91 -15.51 -7.80
CA ALA D 181 45.24 -16.76 -7.35
C ALA D 181 43.84 -16.41 -6.86
N ASP D 182 43.02 -16.00 -7.83
CA ASP D 182 41.70 -15.46 -7.62
C ASP D 182 41.07 -15.29 -8.96
N PRO D 183 39.87 -15.86 -9.19
CA PRO D 183 39.27 -15.71 -10.53
C PRO D 183 39.01 -14.26 -10.98
N TYR D 184 38.56 -13.40 -10.05
CA TYR D 184 38.20 -12.05 -10.42
C TYR D 184 39.43 -11.31 -10.94
N ALA D 185 40.39 -11.08 -10.04
CA ALA D 185 41.61 -10.36 -10.38
C ALA D 185 42.37 -10.99 -11.59
N CYS D 186 42.44 -12.33 -11.67
CA CYS D 186 43.12 -12.97 -12.84
C CYS D 186 42.33 -12.72 -14.11
N GLY D 187 41.00 -12.70 -13.99
CA GLY D 187 40.10 -12.31 -15.07
C GLY D 187 40.40 -10.94 -15.65
N GLU D 188 40.60 -9.95 -14.77
CA GLU D 188 40.95 -8.60 -15.22
C GLU D 188 42.33 -8.54 -15.88
N ALA D 189 43.34 -9.05 -15.17
CA ALA D 189 44.71 -9.15 -15.72
C ALA D 189 44.73 -9.90 -17.06
N SER D 190 43.88 -10.92 -17.20
CA SER D 190 43.82 -11.70 -18.42
C SER D 190 43.23 -10.94 -19.58
N TYR D 191 42.10 -10.29 -19.33
CA TYR D 191 41.42 -9.43 -20.33
C TYR D 191 42.43 -8.43 -20.88
N LEU D 192 43.05 -7.69 -19.96
CA LEU D 192 44.00 -6.65 -20.30
C LEU D 192 45.26 -7.19 -21.04
N SER D 193 45.82 -8.29 -20.53
CA SER D 193 46.98 -8.88 -21.16
C SER D 193 46.69 -9.33 -22.58
N VAL D 194 45.47 -9.75 -22.83
CA VAL D 194 45.09 -10.20 -24.15
C VAL D 194 44.89 -9.01 -25.07
N LYS D 195 44.19 -7.99 -24.57
CA LYS D 195 43.95 -6.80 -25.38
C LYS D 195 45.28 -6.19 -25.81
N GLY D 196 46.20 -6.07 -24.87
CA GLY D 196 47.53 -5.58 -25.17
C GLY D 196 48.22 -6.26 -26.34
N LEU D 197 48.29 -7.60 -26.28
CA LEU D 197 48.95 -8.37 -27.31
C LEU D 197 48.21 -8.21 -28.65
N THR D 198 46.88 -8.28 -28.63
CA THR D 198 46.14 -8.16 -29.89
C THR D 198 46.18 -6.75 -30.51
N ASP D 199 46.22 -5.72 -29.65
CA ASP D 199 46.28 -4.32 -30.13
C ASP D 199 47.58 -4.07 -30.85
N ALA D 200 48.60 -4.92 -30.57
CA ALA D 200 49.88 -4.89 -31.26
C ALA D 200 49.92 -5.75 -32.51
N GLY D 201 48.79 -6.33 -32.90
CA GLY D 201 48.77 -7.12 -34.12
C GLY D 201 49.35 -8.55 -33.99
N VAL D 202 49.48 -9.05 -32.75
CA VAL D 202 49.85 -10.46 -32.57
CA VAL D 202 49.86 -10.44 -32.50
C VAL D 202 48.67 -11.25 -32.01
N ALA D 203 48.31 -12.33 -32.73
CA ALA D 203 47.22 -13.22 -32.31
C ALA D 203 47.67 -13.88 -31.06
N THR D 204 46.76 -14.08 -30.10
CA THR D 204 47.09 -14.68 -28.79
C THR D 204 46.63 -16.13 -28.75
N VAL D 205 47.34 -16.93 -27.96
CA VAL D 205 46.99 -18.31 -27.65
C VAL D 205 46.92 -18.33 -26.16
N SER D 206 45.74 -18.05 -25.63
CA SER D 206 45.58 -17.99 -24.15
C SER D 206 45.71 -19.39 -23.59
N LYS D 207 46.47 -19.55 -22.53
CA LYS D 207 46.79 -20.88 -22.06
C LYS D 207 46.70 -20.89 -20.54
N HIS D 208 46.56 -22.06 -19.89
CA HIS D 208 46.28 -23.37 -20.52
C HIS D 208 44.90 -23.86 -20.11
N TRP D 209 44.01 -24.09 -21.05
CA TRP D 209 42.65 -24.55 -20.73
C TRP D 209 42.69 -26.06 -20.48
N ILE D 210 42.41 -26.61 -19.28
CA ILE D 210 41.93 -25.90 -18.06
C ILE D 210 42.11 -26.81 -16.82
N ALA D 211 42.17 -26.23 -15.62
CA ALA D 211 42.40 -27.00 -14.38
C ALA D 211 43.79 -27.62 -14.35
N TYR D 212 44.68 -26.97 -15.09
CA TYR D 212 46.07 -27.29 -15.20
C TYR D 212 46.70 -26.69 -13.98
N GLU D 213 46.67 -27.43 -12.87
CA GLU D 213 46.97 -26.92 -11.55
C GLU D 213 48.08 -27.65 -10.79
N GLN D 214 48.79 -28.56 -11.45
CA GLN D 214 50.08 -29.05 -10.94
C GLN D 214 50.98 -29.49 -12.11
N GLU D 215 52.29 -29.48 -11.85
CA GLU D 215 53.28 -29.80 -12.89
C GLU D 215 53.63 -31.27 -12.84
N THR D 216 53.86 -31.75 -11.63
CA THR D 216 54.03 -33.19 -11.33
C THR D 216 53.01 -34.10 -12.01
N SER D 217 53.51 -35.07 -12.76
CA SER D 217 52.68 -36.00 -13.53
C SER D 217 51.76 -35.32 -14.55
N ARG D 218 52.11 -34.11 -14.97
CA ARG D 218 51.44 -33.50 -16.13
C ARG D 218 51.72 -34.37 -17.35
N ASN D 219 52.91 -34.98 -17.39
CA ASN D 219 53.24 -36.01 -18.36
C ASN D 219 52.76 -35.72 -19.78
N LEU D 220 53.41 -34.77 -20.42
CA LEU D 220 53.18 -34.58 -21.84
C LEU D 220 53.44 -35.91 -22.53
N TYR D 221 52.74 -36.13 -23.64
CA TYR D 221 52.98 -37.27 -24.49
C TYR D 221 54.31 -37.08 -25.17
N ILE D 222 55.22 -38.05 -24.96
CA ILE D 222 56.51 -38.09 -25.66
C ILE D 222 56.82 -39.54 -26.04
N ASP D 223 57.07 -39.77 -27.32
CA ASP D 223 57.35 -41.08 -27.82
C ASP D 223 58.70 -41.04 -28.45
N ILE D 224 59.70 -41.19 -27.63
CA ILE D 224 61.05 -41.14 -28.13
C ILE D 224 62.19 -42.00 -28.62
N ASP D 225 62.90 -42.65 -27.72
CA ASP D 225 63.67 -43.88 -27.92
C ASP D 225 63.16 -45.14 -27.21
N GLY D 226 62.22 -45.78 -27.89
CA GLY D 226 61.56 -46.98 -27.40
C GLY D 226 60.37 -46.77 -26.48
N VAL D 227 60.56 -45.94 -25.44
CA VAL D 227 59.49 -45.65 -24.46
C VAL D 227 58.54 -44.52 -24.94
N SER D 228 57.24 -44.84 -24.97
CA SER D 228 56.13 -43.88 -24.98
C SER D 228 55.73 -43.57 -23.52
N GLN D 229 55.23 -42.34 -23.30
CA GLN D 229 54.64 -41.95 -22.01
C GLN D 229 53.31 -42.71 -21.72
N ALA D 230 52.64 -43.16 -22.78
CA ALA D 230 51.47 -44.06 -22.65
C ALA D 230 51.76 -45.34 -21.82
N ASP D 231 53.01 -45.82 -21.85
CA ASP D 231 53.45 -47.03 -21.12
C ASP D 231 54.18 -46.75 -19.79
N ILE D 232 54.11 -45.50 -19.27
CA ILE D 232 54.60 -45.19 -17.90
C ILE D 232 53.48 -44.68 -17.01
N GLN D 233 52.80 -43.63 -17.46
CA GLN D 233 51.82 -42.92 -16.65
C GLN D 233 51.01 -42.00 -17.55
N LEU D 234 49.69 -42.03 -17.37
CA LEU D 234 48.81 -41.06 -18.01
C LEU D 234 48.95 -39.70 -17.29
N PRO D 235 48.48 -38.60 -17.91
CA PRO D 235 48.49 -37.27 -17.29
C PRO D 235 47.60 -37.20 -16.05
N ILE D 236 48.04 -36.49 -15.02
CA ILE D 236 47.23 -36.20 -13.82
C ILE D 236 45.81 -35.76 -14.22
N SER D 237 44.80 -36.39 -13.60
CA SER D 237 43.38 -36.14 -13.91
C SER D 237 42.81 -35.21 -12.86
N SER D 238 42.54 -33.97 -13.30
CA SER D 238 41.85 -33.00 -12.48
C SER D 238 40.34 -33.31 -12.57
N ASN D 239 39.75 -33.66 -11.43
CA ASN D 239 38.39 -34.09 -11.39
C ASN D 239 37.62 -33.05 -10.62
N VAL D 240 36.78 -32.36 -11.36
CA VAL D 240 36.25 -31.05 -10.97
C VAL D 240 34.75 -30.98 -11.21
N ASP D 241 34.02 -30.66 -10.16
CA ASP D 241 32.56 -30.54 -10.28
C ASP D 241 32.17 -29.28 -11.11
N ASP D 242 30.93 -29.24 -11.64
CA ASP D 242 30.47 -28.17 -12.53
C ASP D 242 30.42 -26.82 -11.83
N LEU D 243 29.99 -26.78 -10.58
CA LEU D 243 29.96 -25.49 -9.86
C LEU D 243 31.37 -24.91 -9.90
N THR D 244 32.37 -25.70 -9.50
CA THR D 244 33.76 -25.27 -9.48
C THR D 244 34.27 -24.90 -10.87
N MET D 245 33.98 -25.71 -11.88
CA MET D 245 34.46 -25.40 -13.22
C MET D 245 33.94 -24.04 -13.68
N HIS D 246 32.75 -23.67 -13.22
CA HIS D 246 32.12 -22.42 -13.64
C HIS D 246 32.57 -21.22 -12.80
N GLU D 247 32.57 -21.34 -11.47
CA GLU D 247 32.82 -20.20 -10.60
C GLU D 247 34.30 -19.85 -10.39
N LEU D 248 35.19 -20.82 -10.64
CA LEU D 248 36.60 -20.69 -10.36
C LEU D 248 37.48 -20.73 -11.62
N TYR D 249 37.43 -21.82 -12.39
CA TYR D 249 38.42 -22.08 -13.46
C TYR D 249 38.08 -21.45 -14.80
N MET D 250 36.80 -21.49 -15.16
CA MET D 250 36.34 -20.83 -16.40
C MET D 250 36.25 -19.29 -16.36
N TRP D 251 36.44 -18.67 -15.19
CA TRP D 251 36.21 -17.24 -15.06
C TRP D 251 37.25 -16.50 -15.93
N SER D 252 38.54 -16.68 -15.60
CA SER D 252 39.63 -16.05 -16.35
C SER D 252 39.51 -16.34 -17.85
N PHE D 253 39.16 -17.55 -18.25
CA PHE D 253 39.04 -17.86 -19.66
C PHE D 253 37.87 -17.17 -20.33
N ALA D 254 36.82 -16.91 -19.57
CA ALA D 254 35.68 -16.12 -20.10
C ALA D 254 36.15 -14.69 -20.51
N GLU D 255 36.86 -14.03 -19.59
CA GLU D 255 37.46 -12.73 -19.84
C GLU D 255 38.40 -12.73 -21.07
N ALA D 256 39.36 -13.66 -21.09
CA ALA D 256 40.23 -13.83 -22.26
C ALA D 256 39.42 -13.97 -23.55
N VAL D 257 38.29 -14.67 -23.48
CA VAL D 257 37.43 -14.84 -24.64
C VAL D 257 36.74 -13.52 -24.96
N ARG D 258 36.24 -12.86 -23.93
CA ARG D 258 35.66 -11.51 -24.13
C ARG D 258 36.65 -10.45 -24.65
N ALA D 259 37.90 -10.51 -24.17
CA ALA D 259 38.99 -9.69 -24.72
C ALA D 259 39.34 -9.99 -26.17
N GLY D 260 38.92 -11.14 -26.68
CA GLY D 260 39.11 -11.50 -28.08
C GLY D 260 40.36 -12.35 -28.32
N THR D 261 40.80 -13.15 -27.34
CA THR D 261 41.91 -14.07 -27.61
C THR D 261 41.57 -14.85 -28.87
N ASN D 262 42.54 -15.00 -29.74
CA ASN D 262 42.27 -15.55 -31.06
C ASN D 262 42.25 -17.07 -31.06
N HIS D 263 42.94 -17.63 -30.06
CA HIS D 263 43.22 -19.05 -29.92
C HIS D 263 43.34 -19.34 -28.43
N ILE D 264 43.13 -20.60 -28.07
CA ILE D 264 43.30 -21.10 -26.70
C ILE D 264 44.18 -22.35 -26.77
N MET D 265 44.99 -22.58 -25.74
CA MET D 265 45.86 -23.76 -25.65
C MET D 265 45.24 -24.78 -24.75
N CYS D 266 44.91 -25.93 -25.31
CA CYS D 266 44.41 -27.04 -24.49
C CYS D 266 45.54 -27.52 -23.55
N SER D 267 45.23 -27.91 -22.32
CA SER D 267 46.28 -28.29 -21.36
C SER D 267 46.80 -29.77 -21.43
N TYR D 268 47.88 -29.99 -20.68
CA TYR D 268 48.49 -31.30 -20.53
C TYR D 268 47.62 -32.27 -19.68
N ASN D 269 47.13 -31.78 -18.55
CA ASN D 269 46.30 -32.58 -17.63
C ASN D 269 45.06 -33.27 -18.25
N ARG D 270 44.61 -34.29 -17.56
CA ARG D 270 43.33 -34.94 -17.88
C ARG D 270 42.26 -34.25 -17.04
N ILE D 271 41.04 -34.23 -17.55
CA ILE D 271 39.93 -33.71 -16.76
C ILE D 271 38.87 -34.75 -16.82
N ASN D 272 38.77 -35.38 -15.63
CA ASN D 272 37.75 -36.40 -15.54
C ASN D 272 38.22 -37.56 -16.39
N ASN D 273 39.46 -37.92 -16.20
CA ASN D 273 40.04 -38.98 -16.96
C ASN D 273 40.00 -38.92 -18.49
N THR D 274 39.58 -37.80 -19.05
CA THR D 274 39.79 -37.59 -20.50
C THR D 274 40.84 -36.48 -20.67
N HIS D 275 41.67 -36.61 -21.70
CA HIS D 275 42.69 -35.61 -21.97
C HIS D 275 41.98 -34.33 -22.30
N SER D 276 42.45 -33.22 -21.72
CA SER D 276 41.90 -31.90 -22.04
C SER D 276 41.83 -31.56 -23.53
N CYS D 277 42.83 -32.01 -24.29
CA CYS D 277 42.85 -31.79 -25.75
C CYS D 277 41.89 -32.60 -26.61
N SER D 278 41.31 -33.67 -26.06
CA SER D 278 40.30 -34.48 -26.74
C SER D 278 39.00 -34.55 -25.90
N ASN D 279 38.84 -33.63 -24.94
CA ASN D 279 37.70 -33.65 -24.00
C ASN D 279 36.51 -32.85 -24.53
N ALA D 280 35.48 -33.54 -25.01
CA ALA D 280 34.41 -32.90 -25.77
C ALA D 280 33.58 -31.94 -24.91
N LYS D 281 33.39 -32.30 -23.64
CA LYS D 281 32.72 -31.45 -22.64
C LYS D 281 33.51 -30.13 -22.51
N GLY D 282 34.81 -30.26 -22.24
CA GLY D 282 35.77 -29.16 -22.21
C GLY D 282 35.75 -28.28 -23.46
N LEU D 283 36.07 -28.83 -24.62
CA LEU D 283 36.34 -27.98 -25.78
C LEU D 283 35.08 -27.61 -26.48
N ASN D 284 34.29 -28.63 -26.83
CA ASN D 284 33.13 -28.39 -27.68
C ASN D 284 31.91 -27.74 -26.99
N GLN D 285 31.77 -27.95 -25.69
CA GLN D 285 30.58 -27.44 -25.00
C GLN D 285 30.97 -26.25 -24.14
N LEU D 286 31.76 -26.50 -23.08
CA LEU D 286 32.10 -25.43 -22.18
C LEU D 286 32.76 -24.26 -22.92
N LEU D 287 33.79 -24.54 -23.70
CA LEU D 287 34.57 -23.49 -24.38
C LEU D 287 33.85 -23.00 -25.63
N LYS D 288 33.70 -23.88 -26.62
CA LYS D 288 33.17 -23.47 -27.94
C LYS D 288 31.66 -23.25 -28.05
N THR D 289 30.89 -23.65 -27.03
CA THR D 289 29.42 -23.40 -27.05
C THR D 289 28.97 -22.40 -25.99
N GLU D 290 29.27 -22.68 -24.71
CA GLU D 290 28.81 -21.82 -23.62
C GLU D 290 29.56 -20.48 -23.67
N LEU D 291 30.91 -20.52 -23.77
CA LEU D 291 31.73 -19.30 -23.92
C LEU D 291 31.81 -18.84 -25.37
N ASN D 292 31.04 -19.49 -26.25
CA ASN D 292 30.90 -19.08 -27.66
C ASN D 292 32.22 -18.78 -28.39
N PHE D 293 33.31 -19.42 -27.96
CA PHE D 293 34.64 -19.23 -28.55
C PHE D 293 34.63 -19.51 -30.06
N GLN D 294 35.11 -18.56 -30.83
CA GLN D 294 35.10 -18.59 -32.27
C GLN D 294 36.44 -18.83 -32.87
N GLY D 295 37.42 -19.03 -32.04
CA GLY D 295 38.79 -19.19 -32.45
C GLY D 295 39.21 -20.62 -32.33
N GLY D 296 40.51 -20.83 -32.49
CA GLY D 296 41.15 -22.15 -32.55
C GLY D 296 41.65 -22.67 -31.21
N VAL D 297 41.42 -23.96 -30.98
CA VAL D 297 42.07 -24.67 -29.89
C VAL D 297 43.38 -25.26 -30.43
N VAL D 298 44.45 -25.06 -29.67
CA VAL D 298 45.81 -25.43 -30.06
C VAL D 298 46.34 -26.32 -28.96
N SER D 299 46.98 -27.44 -29.36
CA SER D 299 47.51 -28.39 -28.39
C SER D 299 48.70 -27.79 -27.73
N ASP D 300 48.84 -27.98 -26.43
CA ASP D 300 50.17 -27.80 -25.79
C ASP D 300 51.12 -28.79 -26.48
N TRP D 301 52.42 -28.64 -26.18
CA TRP D 301 53.51 -29.34 -26.88
C TRP D 301 53.54 -30.79 -26.39
N GLY D 302 52.86 -31.66 -27.13
CA GLY D 302 52.53 -33.01 -26.67
C GLY D 302 51.26 -33.08 -25.84
N GLY D 303 50.32 -32.16 -26.13
CA GLY D 303 49.01 -32.16 -25.47
C GLY D 303 48.03 -33.14 -26.11
N GLN D 304 48.23 -33.38 -27.41
CA GLN D 304 47.46 -34.37 -28.16
C GLN D 304 47.98 -35.82 -27.89
N TRP D 305 47.06 -36.75 -27.68
CA TRP D 305 47.36 -38.18 -27.46
C TRP D 305 46.72 -39.11 -28.48
N ASP D 306 45.97 -38.60 -29.45
CA ASP D 306 45.19 -39.47 -30.34
C ASP D 306 44.71 -38.69 -31.56
N SER D 307 44.35 -39.38 -32.62
CA SER D 307 43.98 -38.73 -33.88
C SER D 307 42.47 -38.51 -34.02
N VAL D 308 41.71 -39.58 -33.80
CA VAL D 308 40.28 -39.52 -33.98
C VAL D 308 39.58 -38.66 -32.91
N PRO D 309 39.75 -39.00 -31.61
CA PRO D 309 39.04 -38.25 -30.56
C PRO D 309 39.33 -36.72 -30.55
N ALA D 310 40.60 -36.32 -30.55
CA ALA D 310 41.00 -34.91 -30.75
C ALA D 310 40.23 -34.20 -31.85
N ALA D 311 40.11 -34.81 -33.02
CA ALA D 311 39.42 -34.18 -34.15
C ALA D 311 37.91 -34.04 -33.97
N GLU D 312 37.31 -35.03 -33.33
CA GLU D 312 35.87 -35.03 -33.10
C GLU D 312 35.55 -34.08 -31.94
N ASN D 313 36.41 -34.07 -30.92
CA ASN D 313 36.13 -33.41 -29.65
C ASN D 313 36.79 -32.05 -29.40
N GLY D 314 37.02 -31.27 -30.48
CA GLY D 314 37.31 -29.83 -30.39
C GLY D 314 38.67 -29.20 -30.70
N LEU D 315 39.73 -30.01 -30.77
CA LEU D 315 41.08 -29.52 -31.15
C LEU D 315 41.11 -29.05 -32.62
N ASP D 316 41.77 -27.91 -32.86
CA ASP D 316 41.96 -27.34 -34.21
C ASP D 316 43.42 -27.32 -34.70
N VAL D 317 44.39 -27.38 -33.79
CA VAL D 317 45.80 -27.33 -34.19
C VAL D 317 46.74 -28.22 -33.38
N ALA D 318 47.35 -29.18 -34.10
CA ALA D 318 48.31 -30.16 -33.54
C ALA D 318 49.71 -29.59 -33.62
N MET D 319 50.33 -29.45 -32.47
CA MET D 319 51.65 -28.88 -32.33
C MET D 319 52.44 -29.72 -31.34
N PRO D 320 53.70 -30.05 -31.67
CA PRO D 320 54.46 -29.40 -32.76
C PRO D 320 54.40 -30.02 -34.14
N GLY D 321 53.72 -31.17 -34.26
CA GLY D 321 53.71 -31.93 -35.53
C GLY D 321 55.09 -32.51 -35.84
N LYS D 322 55.53 -32.31 -37.10
CA LYS D 322 56.90 -32.65 -37.53
C LYS D 322 58.05 -32.01 -36.70
N GLY D 323 57.75 -30.90 -36.02
CA GLY D 323 58.75 -30.19 -35.20
C GLY D 323 59.22 -31.05 -34.07
N PHE D 324 60.32 -30.67 -33.44
CA PHE D 324 60.89 -31.44 -32.33
C PHE D 324 61.11 -32.95 -32.62
N LEU D 325 61.48 -33.30 -33.85
CA LEU D 325 61.76 -34.71 -34.27
C LEU D 325 60.54 -35.63 -34.49
N GLY D 326 59.35 -35.18 -34.11
CA GLY D 326 58.16 -36.04 -34.01
C GLY D 326 57.93 -36.57 -32.60
N ALA D 327 58.88 -36.33 -31.69
CA ALA D 327 58.88 -37.04 -30.41
C ALA D 327 57.74 -36.71 -29.47
N LEU D 328 56.88 -35.74 -29.81
CA LEU D 328 55.76 -35.32 -28.94
C LEU D 328 54.42 -35.67 -29.57
N GLY D 329 54.43 -36.61 -30.51
CA GLY D 329 53.23 -37.00 -31.24
C GLY D 329 53.21 -36.27 -32.57
N ASP D 330 52.71 -36.95 -33.58
CA ASP D 330 52.52 -36.36 -34.89
C ASP D 330 51.28 -37.07 -35.42
N PHE D 331 50.20 -36.96 -34.64
CA PHE D 331 48.93 -37.65 -34.91
C PHE D 331 48.09 -37.19 -36.10
N TRP D 332 48.50 -36.15 -36.83
CA TRP D 332 47.58 -35.42 -37.72
C TRP D 332 48.23 -34.93 -39.03
N GLY D 333 49.19 -35.67 -39.56
CA GLY D 333 49.92 -35.15 -40.71
C GLY D 333 49.20 -35.58 -41.97
N ALA D 334 49.93 -36.37 -42.76
CA ALA D 334 49.32 -37.25 -43.75
C ALA D 334 48.31 -38.23 -43.10
N THR D 335 48.46 -38.57 -41.80
CA THR D 335 47.44 -39.34 -41.07
C THR D 335 46.03 -38.76 -41.23
N LEU D 336 45.88 -37.46 -41.03
CA LEU D 336 44.57 -36.83 -41.09
C LEU D 336 44.02 -36.83 -42.51
N VAL D 337 44.92 -36.74 -43.50
CA VAL D 337 44.55 -36.78 -44.93
C VAL D 337 44.00 -38.17 -45.30
N GLU D 338 44.58 -39.20 -44.68
CA GLU D 338 44.10 -40.58 -44.83
C GLU D 338 42.72 -40.67 -44.18
N LEU D 339 42.62 -40.25 -42.91
CA LEU D 339 41.34 -40.21 -42.14
C LEU D 339 40.18 -39.47 -42.83
N ILE D 340 40.49 -38.43 -43.58
CA ILE D 340 39.46 -37.76 -44.40
C ILE D 340 39.10 -38.62 -45.61
N ASN D 341 40.10 -38.98 -46.42
CA ASN D 341 39.90 -39.78 -47.65
C ASN D 341 39.31 -41.19 -47.38
N ASN D 342 39.87 -41.89 -46.40
CA ASN D 342 39.42 -43.24 -46.03
C ASN D 342 38.06 -43.23 -45.25
N GLY D 343 37.63 -42.07 -44.75
CA GLY D 343 36.24 -41.85 -44.28
C GLY D 343 35.95 -41.79 -42.77
N THR D 344 36.95 -41.95 -41.90
CA THR D 344 36.73 -41.84 -40.43
C THR D 344 36.41 -40.41 -39.89
N VAL D 345 36.80 -39.37 -40.63
CA VAL D 345 36.62 -37.96 -40.21
C VAL D 345 35.93 -37.16 -41.32
N SER D 346 35.01 -36.27 -40.92
CA SER D 346 34.33 -35.39 -41.88
C SER D 346 35.29 -34.29 -42.42
N GLU D 347 35.23 -34.02 -43.73
CA GLU D 347 36.01 -32.95 -44.32
C GLU D 347 35.53 -31.60 -43.75
N ASP D 348 34.22 -31.33 -43.83
CA ASP D 348 33.61 -30.12 -43.22
C ASP D 348 34.08 -29.81 -41.79
N LEU D 349 34.26 -30.85 -40.97
CA LEU D 349 34.75 -30.68 -39.60
C LEU D 349 36.19 -30.16 -39.58
N VAL D 350 37.01 -30.67 -40.50
CA VAL D 350 38.41 -30.22 -40.59
C VAL D 350 38.45 -28.80 -41.13
N ARG D 351 37.59 -28.49 -42.09
CA ARG D 351 37.48 -27.15 -42.61
C ARG D 351 37.28 -26.12 -41.49
N ASP D 352 36.37 -26.42 -40.56
CA ASP D 352 36.08 -25.52 -39.46
C ASP D 352 37.33 -25.22 -38.60
N LYS D 353 38.27 -26.18 -38.53
CA LYS D 353 39.57 -25.98 -37.84
C LYS D 353 40.45 -24.99 -38.59
N ALA D 354 40.45 -25.06 -39.90
CA ALA D 354 41.16 -24.11 -40.75
C ALA D 354 40.57 -22.69 -40.65
N VAL D 355 39.24 -22.59 -40.64
CA VAL D 355 38.57 -21.31 -40.54
C VAL D 355 38.99 -20.56 -39.27
N ARG D 356 38.88 -21.26 -38.14
CA ARG D 356 39.32 -20.73 -36.86
C ARG D 356 40.74 -20.20 -36.80
N ILE D 357 41.65 -20.85 -37.52
CA ILE D 357 43.08 -20.47 -37.54
C ILE D 357 43.26 -19.20 -38.39
N LEU D 358 42.63 -19.22 -39.55
CA LEU D 358 42.72 -18.15 -40.52
C LEU D 358 41.92 -16.89 -40.18
N THR D 359 40.96 -17.02 -39.25
CA THR D 359 40.19 -15.88 -38.81
C THR D 359 41.12 -14.90 -38.10
N GLY D 360 41.91 -15.40 -37.15
CA GLY D 360 42.93 -14.58 -36.49
C GLY D 360 43.82 -13.85 -37.49
N TYR D 361 44.24 -14.56 -38.54
CA TYR D 361 45.25 -14.03 -39.45
C TYR D 361 44.65 -12.83 -40.19
N TYR D 362 43.36 -12.91 -40.51
CA TYR D 362 42.70 -11.86 -41.28
C TYR D 362 42.26 -10.69 -40.40
N TYR D 363 41.84 -10.98 -39.18
CA TYR D 363 41.32 -9.97 -38.27
C TYR D 363 42.46 -9.05 -37.92
N LEU D 364 43.58 -9.63 -37.54
CA LEU D 364 44.77 -8.84 -37.24
C LEU D 364 45.53 -8.33 -38.46
N GLY D 365 44.91 -8.32 -39.64
CA GLY D 365 45.58 -7.94 -40.89
C GLY D 365 47.02 -8.42 -41.13
N GLN D 366 47.33 -9.66 -40.79
CA GLN D 366 48.63 -10.26 -41.16
C GLN D 366 48.74 -10.56 -42.66
N ASP D 367 47.63 -10.56 -43.37
CA ASP D 367 47.63 -10.69 -44.82
C ASP D 367 48.13 -9.43 -45.50
N THR D 368 47.56 -8.28 -45.16
CA THR D 368 47.88 -7.00 -45.79
C THR D 368 49.05 -6.28 -45.14
N ASN D 369 49.39 -6.72 -43.93
CA ASN D 369 50.47 -6.16 -43.17
C ASN D 369 51.26 -7.29 -42.58
N PRO D 370 51.95 -8.08 -43.43
CA PRO D 370 52.63 -9.25 -42.91
C PRO D 370 53.70 -8.83 -41.93
N PRO D 371 53.84 -9.57 -40.81
CA PRO D 371 55.02 -9.34 -39.99
C PRO D 371 56.33 -9.66 -40.72
N PRO D 372 57.48 -9.22 -40.15
CA PRO D 372 58.76 -9.53 -40.75
C PRO D 372 59.16 -11.00 -40.62
N PRO D 373 60.20 -11.39 -41.37
CA PRO D 373 60.83 -12.69 -41.19
C PRO D 373 61.26 -12.92 -39.76
N PHE D 374 60.89 -14.07 -39.17
CA PHE D 374 61.46 -14.50 -37.88
C PHE D 374 62.85 -15.07 -38.17
N VAL D 375 63.79 -14.77 -37.28
CA VAL D 375 65.21 -14.78 -37.65
C VAL D 375 66.12 -15.60 -36.70
N TYR D 376 65.62 -16.02 -35.54
CA TYR D 376 66.40 -16.80 -34.58
C TYR D 376 66.03 -18.28 -34.52
N ASN D 377 67.02 -19.11 -34.21
CA ASN D 377 66.78 -20.52 -33.92
C ASN D 377 66.53 -20.63 -32.42
N THR D 378 65.24 -20.69 -32.07
CA THR D 378 64.75 -20.76 -30.69
C THR D 378 64.55 -22.20 -30.19
N ILE D 379 64.61 -23.14 -31.13
CA ILE D 379 64.56 -24.58 -30.86
C ILE D 379 65.83 -25.09 -30.16
N GLY D 380 67.00 -24.91 -30.77
CA GLY D 380 68.30 -25.41 -30.24
C GLY D 380 68.88 -26.59 -31.02
N ALA D 381 70.12 -26.45 -31.51
CA ALA D 381 70.90 -27.61 -32.01
C ALA D 381 71.15 -28.51 -30.80
N PRO D 382 71.11 -29.86 -30.94
CA PRO D 382 71.01 -30.62 -32.23
C PRO D 382 69.61 -30.82 -32.89
N THR D 383 68.54 -30.55 -32.14
CA THR D 383 67.14 -30.78 -32.54
C THR D 383 66.71 -30.01 -33.81
N LEU D 384 67.29 -28.81 -34.00
CA LEU D 384 67.24 -28.08 -35.28
C LEU D 384 68.59 -27.37 -35.43
N ASN D 385 69.28 -27.73 -36.52
CA ASN D 385 70.57 -27.14 -36.89
C ASN D 385 70.20 -26.08 -37.92
N ALA D 386 70.47 -24.83 -37.57
CA ALA D 386 69.97 -23.70 -38.33
C ALA D 386 70.63 -22.48 -37.77
N THR D 387 71.09 -21.63 -38.67
CA THR D 387 71.76 -20.38 -38.30
C THR D 387 70.75 -19.30 -37.92
N SER D 388 71.04 -18.59 -36.83
CA SER D 388 70.29 -17.39 -36.43
C SER D 388 70.82 -16.15 -37.20
N GLY D 389 69.91 -15.26 -37.61
CA GLY D 389 70.28 -13.89 -38.03
C GLY D 389 70.31 -12.95 -36.83
N TYR D 390 69.93 -11.69 -37.03
CA TYR D 390 69.91 -10.71 -35.94
C TYR D 390 68.97 -9.52 -36.20
N ARG D 391 68.33 -9.08 -35.13
CA ARG D 391 67.41 -7.96 -35.18
C ARG D 391 67.20 -7.40 -33.80
N ASN D 392 67.35 -6.08 -33.72
CA ASN D 392 67.12 -5.30 -32.51
C ASN D 392 65.74 -4.65 -32.63
N VAL D 393 64.96 -4.86 -31.59
CA VAL D 393 63.56 -4.58 -31.59
C VAL D 393 63.21 -3.73 -30.36
N ARG D 394 64.20 -3.49 -29.48
CA ARG D 394 64.02 -2.70 -28.27
C ARG D 394 63.79 -1.26 -28.67
N LYS D 395 62.66 -0.72 -28.21
CA LYS D 395 62.25 0.64 -28.52
C LYS D 395 62.52 1.52 -27.31
N PRO D 396 62.76 2.84 -27.54
CA PRO D 396 62.78 3.71 -26.37
C PRO D 396 61.36 3.69 -25.66
N GLY D 397 61.38 3.71 -24.33
CA GLY D 397 60.17 3.56 -23.53
C GLY D 397 60.12 2.24 -22.77
N THR D 398 60.56 1.15 -23.41
CA THR D 398 60.42 -0.21 -22.84
C THR D 398 61.20 -0.43 -21.53
N ALA D 399 62.46 -0.09 -21.51
CA ALA D 399 63.25 -0.20 -20.29
C ALA D 399 62.63 0.56 -19.10
N GLU D 400 61.96 1.69 -19.36
CA GLU D 400 61.37 2.52 -18.29
C GLU D 400 60.03 1.90 -17.89
N LEU D 401 59.30 1.37 -18.85
CA LEU D 401 58.08 0.60 -18.56
C LEU D 401 58.39 -0.60 -17.63
N ILE D 402 59.41 -1.37 -17.96
CA ILE D 402 59.79 -2.53 -17.14
C ILE D 402 60.22 -2.09 -15.75
N LYS D 403 60.93 -0.99 -15.66
CA LYS D 403 61.40 -0.49 -14.36
C LYS D 403 60.18 -0.04 -13.54
N GLU D 404 59.26 0.73 -14.15
CA GLU D 404 58.04 1.19 -13.51
C GLU D 404 57.23 0.02 -12.97
N ILE D 405 57.07 -1.03 -13.77
CA ILE D 405 56.34 -2.21 -13.30
C ILE D 405 56.94 -2.76 -12.00
N GLY D 406 58.27 -2.80 -11.90
CA GLY D 406 58.93 -3.27 -10.70
C GLY D 406 58.76 -2.31 -9.53
N SER D 407 58.93 -1.02 -9.79
CA SER D 407 58.70 0.02 -8.79
C SER D 407 57.30 -0.01 -8.22
N ALA D 408 56.33 -0.40 -9.03
CA ALA D 408 54.92 -0.44 -8.66
C ALA D 408 54.49 -1.76 -8.00
N SER D 409 55.33 -2.80 -8.12
CA SER D 409 55.02 -4.15 -7.67
C SER D 409 55.71 -4.54 -6.39
N VAL D 410 56.89 -4.01 -6.11
CA VAL D 410 57.63 -4.44 -4.93
C VAL D 410 56.75 -4.18 -3.73
N THR D 411 56.67 -5.16 -2.83
CA THR D 411 55.64 -5.23 -1.80
C THR D 411 56.24 -5.25 -0.43
N LEU D 412 55.97 -4.23 0.38
CA LEU D 412 56.57 -4.09 1.72
C LEU D 412 55.78 -4.97 2.70
N LEU D 413 56.40 -6.05 3.16
CA LEU D 413 55.73 -6.99 4.02
C LEU D 413 55.94 -6.64 5.48
N LYS D 414 57.05 -6.00 5.81
CA LYS D 414 57.35 -5.64 7.20
C LYS D 414 58.23 -4.40 7.22
N ASN D 415 58.00 -3.52 8.19
CA ASN D 415 58.82 -2.32 8.36
C ASN D 415 58.73 -1.72 9.79
N THR D 416 59.78 -1.97 10.51
CA THR D 416 59.91 -1.59 11.89
C THR D 416 60.32 -0.14 12.03
N GLY D 417 60.73 0.50 10.92
CA GLY D 417 61.28 1.87 10.93
C GLY D 417 62.58 2.06 10.12
N SER D 418 63.18 0.98 9.62
CA SER D 418 64.43 1.12 8.85
C SER D 418 64.22 1.76 7.48
N LEU D 419 63.05 1.56 6.86
CA LEU D 419 62.77 2.20 5.57
C LEU D 419 61.68 3.30 5.63
N PRO D 420 61.67 4.23 4.69
CA PRO D 420 62.74 4.45 3.70
C PRO D 420 64.07 4.86 4.31
N LEU D 421 65.19 4.55 3.64
CA LEU D 421 66.50 4.98 4.14
C LEU D 421 66.75 6.43 3.82
N LYS D 422 67.55 7.08 4.64
CA LYS D 422 67.94 8.48 4.43
C LYS D 422 69.30 8.66 3.70
N HIS D 423 70.43 8.46 4.41
CA HIS D 423 71.75 8.56 3.79
C HIS D 423 72.71 7.66 4.60
N PRO D 424 72.46 6.35 4.56
CA PRO D 424 73.36 5.46 5.27
C PRO D 424 74.79 5.53 4.66
N GLN D 425 75.78 5.67 5.54
CA GLN D 425 77.20 5.81 5.15
C GLN D 425 78.00 4.48 4.93
N ARG D 426 77.60 3.38 5.58
CA ARG D 426 78.27 2.07 5.51
C ARG D 426 77.22 1.00 5.22
N ILE D 427 77.30 0.37 4.05
CA ILE D 427 76.21 -0.48 3.58
C ILE D 427 76.71 -1.87 3.25
N ALA D 428 76.15 -2.87 3.92
CA ALA D 428 76.49 -4.26 3.69
C ALA D 428 75.47 -4.87 2.76
N VAL D 429 75.89 -5.79 1.89
CA VAL D 429 74.97 -6.53 1.01
C VAL D 429 75.31 -8.01 1.01
N LEU D 430 74.32 -8.89 1.13
CA LEU D 430 74.55 -10.36 1.22
C LEU D 430 73.69 -11.05 0.18
N GLY D 431 74.27 -12.02 -0.52
CA GLY D 431 73.49 -12.90 -1.36
C GLY D 431 73.87 -12.79 -2.81
N ASN D 432 74.16 -13.92 -3.41
CA ASN D 432 74.32 -14.00 -4.85
C ASN D 432 73.17 -13.39 -5.69
N ASP D 433 71.97 -13.41 -5.13
CA ASP D 433 70.81 -12.75 -5.78
C ASP D 433 71.02 -11.25 -5.98
N ALA D 434 71.90 -10.62 -5.20
CA ALA D 434 72.33 -9.22 -5.42
C ALA D 434 73.13 -8.96 -6.71
N THR D 435 73.61 -9.98 -7.42
CA THR D 435 74.53 -9.74 -8.59
C THR D 435 74.28 -10.59 -9.84
N TYR D 436 75.21 -10.53 -10.81
CA TYR D 436 75.01 -11.25 -12.08
C TYR D 436 75.14 -12.76 -11.87
N ASN D 437 74.55 -13.50 -12.78
CA ASN D 437 74.87 -14.89 -12.95
C ASN D 437 76.35 -14.97 -13.35
N VAL D 438 77.16 -15.71 -12.57
CA VAL D 438 78.61 -15.81 -12.86
C VAL D 438 78.98 -16.35 -14.24
N LEU D 439 78.06 -17.05 -14.91
CA LEU D 439 78.24 -17.50 -16.31
C LEU D 439 77.58 -16.60 -17.35
N GLY D 440 77.03 -15.47 -16.88
CA GLY D 440 76.38 -14.50 -17.74
C GLY D 440 74.88 -14.60 -17.64
N PRO D 441 74.18 -13.52 -17.96
CA PRO D 441 72.73 -13.56 -17.69
C PRO D 441 71.95 -14.68 -18.38
N ASN D 442 72.41 -15.09 -19.58
CA ASN D 442 71.71 -16.06 -20.42
C ASN D 442 72.40 -17.43 -20.51
N ALA D 443 73.32 -17.64 -19.56
CA ALA D 443 73.98 -18.93 -19.32
C ALA D 443 73.03 -20.14 -19.27
N CYS D 444 71.89 -20.02 -18.59
CA CYS D 444 70.96 -21.15 -18.46
C CYS D 444 70.20 -21.51 -19.76
N GLY D 445 70.54 -20.89 -20.88
CA GLY D 445 70.06 -21.35 -22.18
C GLY D 445 68.70 -20.81 -22.61
N LEU D 446 68.20 -21.37 -23.71
CA LEU D 446 66.97 -20.89 -24.35
C LEU D 446 65.68 -20.94 -23.50
N ALA D 447 65.70 -21.69 -22.39
CA ALA D 447 64.54 -21.82 -21.49
C ALA D 447 64.88 -21.61 -20.03
N ASN D 448 66.03 -20.98 -19.77
CA ASN D 448 66.47 -20.63 -18.44
C ASN D 448 66.47 -21.79 -17.41
N SER D 449 66.73 -23.00 -17.88
CA SER D 449 66.65 -24.19 -17.01
C SER D 449 67.90 -25.08 -17.00
N ALA D 450 68.91 -24.72 -17.80
CA ALA D 450 70.00 -25.62 -18.15
C ALA D 450 71.31 -25.33 -17.39
N CYS D 451 71.32 -24.40 -16.44
CA CYS D 451 72.48 -24.31 -15.54
C CYS D 451 72.43 -25.44 -14.47
N ASP D 452 73.62 -25.89 -14.06
CA ASP D 452 73.84 -26.80 -12.94
C ASP D 452 73.08 -26.33 -11.71
N ILE D 453 72.71 -27.27 -10.81
CA ILE D 453 71.90 -26.94 -9.58
C ILE D 453 72.66 -26.12 -8.55
N ASP D 454 73.97 -26.37 -8.45
CA ASP D 454 74.82 -25.58 -7.54
C ASP D 454 75.29 -24.21 -8.12
N ASN D 455 74.95 -23.89 -9.37
CA ASN D 455 75.44 -22.66 -10.02
C ASN D 455 74.85 -21.39 -9.42
N LEU D 456 75.72 -20.42 -9.15
CA LEU D 456 75.27 -19.08 -8.72
C LEU D 456 74.61 -18.32 -9.90
N ASN D 457 73.28 -18.42 -10.04
CA ASN D 457 72.53 -17.83 -11.17
C ASN D 457 72.25 -16.31 -11.04
N GLY D 458 72.75 -15.69 -9.98
CA GLY D 458 72.48 -14.31 -9.68
C GLY D 458 71.02 -13.92 -9.52
N THR D 459 70.74 -12.64 -9.74
CA THR D 459 69.42 -12.09 -9.51
C THR D 459 68.38 -12.87 -10.27
N LEU D 460 67.35 -13.29 -9.56
CA LEU D 460 66.27 -14.07 -10.17
C LEU D 460 65.29 -13.10 -10.79
N THR D 461 65.33 -12.97 -12.11
CA THR D 461 64.58 -11.94 -12.77
C THR D 461 63.44 -12.48 -13.58
N THR D 462 63.54 -13.75 -13.94
CA THR D 462 62.40 -14.55 -14.40
C THR D 462 62.47 -15.96 -13.82
N GLY D 463 61.50 -16.81 -14.19
CA GLY D 463 61.54 -18.20 -13.78
C GLY D 463 62.04 -19.13 -14.89
N GLY D 464 61.98 -20.45 -14.61
CA GLY D 464 62.33 -21.51 -15.56
C GLY D 464 61.19 -21.93 -16.46
N GLY D 465 61.51 -22.28 -17.70
CA GLY D 465 60.58 -22.97 -18.60
C GLY D 465 60.37 -22.29 -19.93
N SER D 466 59.28 -22.66 -20.59
CA SER D 466 58.78 -21.99 -21.79
C SER D 466 58.46 -20.47 -21.61
N GLY D 467 58.24 -20.02 -20.36
CA GLY D 467 57.86 -18.63 -20.05
C GLY D 467 58.97 -17.66 -19.61
N SER D 468 60.21 -18.09 -19.79
CA SER D 468 61.37 -17.24 -19.62
C SER D 468 61.57 -16.47 -20.92
N ALA D 469 62.60 -15.64 -20.95
CA ALA D 469 63.09 -15.02 -22.20
C ALA D 469 64.50 -14.50 -21.93
N LEU D 470 65.28 -14.22 -22.98
CA LEU D 470 66.63 -13.68 -22.78
C LEU D 470 66.61 -12.21 -22.27
N SER D 471 67.70 -11.87 -21.61
CA SER D 471 67.94 -10.61 -20.93
C SER D 471 69.11 -9.94 -21.72
N PRO D 472 68.95 -8.68 -22.21
CA PRO D 472 70.10 -8.01 -22.84
C PRO D 472 71.21 -7.64 -21.84
N TYR D 473 70.83 -7.57 -20.57
CA TYR D 473 71.74 -7.31 -19.47
C TYR D 473 70.90 -7.53 -18.22
N THR D 474 71.51 -7.40 -17.04
CA THR D 474 70.73 -7.40 -15.80
C THR D 474 71.26 -6.28 -14.93
N ILE D 475 70.37 -5.37 -14.56
CA ILE D 475 70.73 -4.23 -13.74
C ILE D 475 70.54 -4.76 -12.35
N THR D 476 71.66 -5.03 -11.70
CA THR D 476 71.66 -5.79 -10.49
C THR D 476 71.34 -4.91 -9.30
N PRO D 477 70.77 -5.49 -8.27
CA PRO D 477 70.59 -4.68 -7.09
C PRO D 477 71.86 -4.04 -6.57
N LEU D 478 72.96 -4.81 -6.50
CA LEU D 478 74.23 -4.29 -5.98
C LEU D 478 74.68 -3.00 -6.75
N GLU D 479 74.69 -3.10 -8.07
CA GLU D 479 74.99 -1.98 -8.96
C GLU D 479 74.17 -0.72 -8.66
N ALA D 480 72.85 -0.91 -8.56
CA ALA D 480 71.91 0.16 -8.18
C ALA D 480 72.25 0.80 -6.85
N LEU D 481 72.49 -0.06 -5.87
CA LEU D 481 72.81 0.39 -4.52
C LEU D 481 74.13 1.09 -4.46
N GLN D 482 75.10 0.64 -5.26
CA GLN D 482 76.40 1.34 -5.34
C GLN D 482 76.25 2.74 -5.95
N LYS D 483 75.53 2.87 -7.07
CA LYS D 483 75.22 4.20 -7.65
C LYS D 483 74.74 5.13 -6.59
N ARG D 484 73.89 4.63 -5.71
CA ARG D 484 73.29 5.48 -4.72
C ARG D 484 74.31 5.80 -3.60
N ALA D 485 75.04 4.77 -3.19
CA ALA D 485 76.05 4.97 -2.19
C ALA D 485 77.07 6.00 -2.64
N ILE D 486 77.48 5.92 -3.90
CA ILE D 486 78.44 6.88 -4.42
C ILE D 486 77.86 8.28 -4.32
N GLU D 487 76.60 8.46 -4.71
CA GLU D 487 75.93 9.77 -4.55
C GLU D 487 75.87 10.30 -3.11
N ASP D 488 75.75 9.42 -2.11
CA ASP D 488 75.85 9.84 -0.68
C ASP D 488 77.28 9.92 -0.14
N ASN D 489 78.27 9.63 -0.98
CA ASN D 489 79.66 9.51 -0.56
C ASN D 489 79.83 8.44 0.51
N ALA D 490 79.19 7.30 0.26
CA ALA D 490 79.15 6.19 1.20
C ALA D 490 80.06 5.05 0.74
N GLU D 491 80.19 4.03 1.58
CA GLU D 491 80.88 2.79 1.20
C GLU D 491 79.91 1.64 1.20
N ILE D 492 80.22 0.67 0.36
CA ILE D 492 79.36 -0.43 0.12
C ILE D 492 80.20 -1.63 -0.28
N ALA D 493 80.03 -2.72 0.47
CA ALA D 493 80.68 -4.01 0.21
C ALA D 493 79.65 -5.12 0.27
N ALA D 494 79.73 -6.01 -0.71
CA ALA D 494 78.83 -7.14 -0.81
C ALA D 494 79.63 -8.46 -0.72
N VAL D 495 79.05 -9.46 -0.02
CA VAL D 495 79.43 -10.87 -0.14
C VAL D 495 78.40 -11.61 -0.99
N VAL D 496 78.79 -12.01 -2.20
CA VAL D 496 77.84 -12.55 -3.19
C VAL D 496 78.13 -14.00 -3.64
N ALA D 497 79.10 -14.63 -2.99
CA ALA D 497 79.37 -16.05 -3.21
C ALA D 497 78.49 -16.85 -2.25
N ASN D 498 78.52 -18.18 -2.41
CA ASN D 498 77.82 -19.13 -1.53
C ASN D 498 78.43 -19.12 -0.13
N SER D 499 77.64 -18.82 0.88
CA SER D 499 78.22 -18.67 2.21
C SER D 499 78.50 -20.04 2.89
N ASN D 500 77.87 -21.12 2.41
CA ASN D 500 78.07 -22.48 2.95
C ASN D 500 79.35 -23.11 2.38
N THR D 501 79.60 -22.95 1.08
CA THR D 501 80.68 -23.66 0.38
C THR D 501 81.85 -22.82 -0.17
N THR D 502 81.96 -21.54 0.16
CA THR D 502 83.07 -20.71 -0.38
C THR D 502 83.94 -20.41 0.81
N THR D 503 85.24 -20.58 0.61
CA THR D 503 86.17 -20.60 1.74
C THR D 503 86.46 -19.14 2.09
N GLY D 504 86.37 -18.82 3.38
CA GLY D 504 86.41 -17.43 3.84
C GLY D 504 85.06 -16.68 3.95
N ALA D 505 83.99 -17.18 3.31
CA ALA D 505 82.67 -16.47 3.33
C ALA D 505 82.11 -16.14 4.70
N GLU D 506 81.90 -17.11 5.58
CA GLU D 506 81.43 -16.82 6.96
C GLU D 506 82.23 -15.71 7.60
N ASP D 507 83.56 -15.70 7.42
CA ASP D 507 84.46 -14.75 8.13
C ASP D 507 84.39 -13.32 7.56
N ALA D 508 84.24 -13.22 6.25
CA ALA D 508 83.93 -11.97 5.56
C ALA D 508 82.63 -11.36 6.06
N ILE D 509 81.56 -12.18 6.05
CA ILE D 509 80.22 -11.74 6.49
C ILE D 509 80.27 -11.26 7.91
N ALA D 510 80.89 -12.07 8.78
CA ALA D 510 81.00 -11.73 10.20
C ALA D 510 81.79 -10.46 10.46
N ALA D 511 82.77 -10.19 9.61
CA ALA D 511 83.65 -9.03 9.80
C ALA D 511 82.99 -7.79 9.20
N LEU D 512 82.25 -7.97 8.12
CA LEU D 512 81.52 -6.89 7.47
C LEU D 512 80.37 -6.26 8.28
N LEU D 513 79.39 -7.10 8.66
CA LEU D 513 78.10 -6.63 9.23
C LEU D 513 78.14 -5.76 10.51
N PRO D 514 78.90 -6.16 11.55
CA PRO D 514 78.79 -5.35 12.77
C PRO D 514 78.90 -3.83 12.55
N ASP D 515 79.67 -3.38 11.55
CA ASP D 515 79.83 -1.94 11.35
C ASP D 515 78.93 -1.25 10.31
N ALA D 516 78.27 -2.02 9.44
CA ALA D 516 77.29 -1.46 8.51
C ALA D 516 76.19 -0.68 9.21
N ASP D 517 75.80 0.48 8.65
CA ASP D 517 74.59 1.20 9.08
C ASP D 517 73.32 0.40 8.72
N VAL D 518 73.37 -0.36 7.61
CA VAL D 518 72.27 -1.23 7.14
C VAL D 518 72.81 -2.46 6.38
N THR D 519 72.14 -3.60 6.53
CA THR D 519 72.57 -4.84 5.84
C THR D 519 71.44 -5.32 5.00
N PHE D 520 71.64 -5.37 3.69
CA PHE D 520 70.64 -5.90 2.77
C PHE D 520 70.91 -7.37 2.53
N VAL D 521 69.84 -8.17 2.53
CA VAL D 521 69.96 -9.57 2.23
C VAL D 521 69.02 -9.95 1.12
N PHE D 522 69.60 -10.38 0.02
CA PHE D 522 68.85 -10.80 -1.15
C PHE D 522 68.78 -12.30 -1.20
N LEU D 523 67.54 -12.80 -1.25
CA LEU D 523 67.23 -14.21 -1.27
C LEU D 523 66.48 -14.42 -2.56
N ASN D 524 66.55 -15.58 -3.15
CA ASN D 524 65.73 -15.86 -4.30
C ASN D 524 65.22 -17.27 -4.16
N ARG D 525 64.33 -17.69 -5.02
CA ARG D 525 63.83 -19.02 -5.02
C ARG D 525 63.40 -19.22 -6.42
N TYR D 526 64.08 -20.13 -7.08
CA TYR D 526 63.85 -20.40 -8.46
C TYR D 526 62.97 -21.58 -8.58
N SER D 527 62.14 -21.57 -9.60
CA SER D 527 61.31 -22.73 -9.88
C SER D 527 61.04 -22.77 -11.39
N GLU D 528 60.48 -23.86 -11.92
CA GLU D 528 60.36 -24.02 -13.38
C GLU D 528 59.16 -24.86 -13.83
N GLU D 529 58.83 -24.67 -15.11
CA GLU D 529 57.90 -25.51 -15.84
C GLU D 529 58.35 -26.95 -15.68
N GLY D 530 57.39 -27.86 -15.51
CA GLY D 530 57.66 -29.31 -15.41
C GLY D 530 57.99 -29.86 -14.04
N ALA D 531 57.97 -29.05 -12.98
CA ALA D 531 58.22 -29.54 -11.63
C ALA D 531 57.69 -28.58 -10.62
N ASP D 532 56.94 -29.08 -9.67
CA ASP D 532 56.49 -28.28 -8.55
C ASP D 532 57.59 -28.14 -7.54
N ALA D 533 57.51 -27.08 -6.75
CA ALA D 533 58.45 -26.89 -5.67
C ALA D 533 58.09 -27.97 -4.68
N PRO D 534 59.10 -28.60 -4.09
CA PRO D 534 58.83 -29.62 -3.09
C PRO D 534 58.32 -29.00 -1.78
N ASP D 535 58.81 -27.80 -1.45
CA ASP D 535 58.36 -27.07 -0.26
C ASP D 535 58.62 -25.55 -0.40
N PHE D 536 58.46 -24.82 0.71
CA PHE D 536 58.65 -23.36 0.80
C PHE D 536 60.10 -22.92 1.10
N SER D 537 61.07 -23.83 1.04
CA SER D 537 62.43 -23.48 1.43
C SER D 537 63.01 -22.46 0.46
N LEU D 538 63.78 -21.51 1.02
CA LEU D 538 64.60 -20.61 0.22
C LEU D 538 65.61 -21.38 -0.64
N GLY D 539 65.96 -20.81 -1.79
CA GLY D 539 66.95 -21.39 -2.69
C GLY D 539 68.37 -21.15 -2.25
N GLY D 540 69.29 -21.87 -2.90
CA GLY D 540 70.72 -21.75 -2.60
C GLY D 540 70.90 -21.66 -1.09
N ASP D 541 71.69 -20.68 -0.65
CA ASP D 541 72.08 -20.54 0.75
C ASP D 541 71.27 -19.50 1.51
N GLY D 542 70.03 -19.29 1.08
CA GLY D 542 69.20 -18.28 1.73
C GLY D 542 69.15 -18.46 3.24
N ASP D 543 68.86 -19.69 3.66
CA ASP D 543 68.71 -20.01 5.08
C ASP D 543 69.97 -19.60 5.83
N ASN D 544 71.11 -19.93 5.25
CA ASN D 544 72.39 -19.67 5.93
C ASN D 544 72.67 -18.17 6.03
N LEU D 545 72.48 -17.47 4.91
CA LEU D 545 72.60 -15.99 4.88
C LEU D 545 71.76 -15.33 5.96
N MET D 546 70.47 -15.69 6.01
CA MET D 546 69.60 -15.14 7.04
C MET D 546 70.12 -15.44 8.45
N ASP D 547 70.48 -16.72 8.68
CA ASP D 547 71.04 -17.16 9.97
C ASP D 547 72.24 -16.25 10.27
N LEU D 548 73.14 -16.14 9.30
CA LEU D 548 74.30 -15.25 9.46
C LEU D 548 73.92 -13.79 9.72
N ALA D 549 72.98 -13.24 8.94
CA ALA D 549 72.67 -11.81 9.03
C ALA D 549 72.14 -11.35 10.41
N VAL D 550 71.12 -12.06 10.91
CA VAL D 550 70.54 -11.70 12.21
C VAL D 550 71.50 -11.91 13.37
N THR D 551 72.50 -12.77 13.20
CA THR D 551 73.57 -12.95 14.19
C THR D 551 74.45 -11.71 14.33
N TYR D 552 74.83 -11.06 13.22
CA TYR D 552 75.81 -9.92 13.25
C TYR D 552 75.31 -8.47 12.91
N SER D 553 74.02 -8.29 12.66
CA SER D 553 73.46 -6.99 12.28
C SER D 553 72.09 -6.82 12.88
N SER D 554 71.83 -5.72 13.58
CA SER D 554 70.47 -5.45 14.02
C SER D 554 69.70 -4.52 13.03
N ASN D 555 70.08 -4.55 11.75
CA ASN D 555 69.34 -3.81 10.75
C ASN D 555 69.40 -4.52 9.43
N VAL D 556 68.69 -5.63 9.40
CA VAL D 556 68.63 -6.46 8.23
C VAL D 556 67.35 -6.19 7.40
N VAL D 557 67.56 -5.90 6.12
CA VAL D 557 66.51 -5.64 5.17
C VAL D 557 66.52 -6.75 4.13
N VAL D 558 65.48 -7.55 4.14
CA VAL D 558 65.45 -8.71 3.29
C VAL D 558 64.70 -8.32 2.06
N VAL D 559 65.21 -8.78 0.92
CA VAL D 559 64.54 -8.54 -0.34
C VAL D 559 64.48 -9.86 -1.08
N ILE D 560 63.29 -10.27 -1.46
CA ILE D 560 63.06 -11.62 -1.95
C ILE D 560 62.63 -11.53 -3.39
N HIS D 561 63.38 -12.16 -4.28
CA HIS D 561 62.93 -12.44 -5.64
C HIS D 561 62.48 -13.90 -5.70
N THR D 562 61.25 -14.18 -6.10
CA THR D 562 60.78 -15.54 -6.10
C THR D 562 59.76 -15.79 -7.15
N THR D 563 59.47 -17.07 -7.38
CA THR D 563 58.31 -17.46 -8.18
C THR D 563 57.06 -17.79 -7.36
N GLY D 564 57.14 -17.60 -6.04
CA GLY D 564 56.05 -17.97 -5.16
C GLY D 564 56.39 -17.81 -3.69
N VAL D 565 55.43 -18.18 -2.87
CA VAL D 565 55.56 -18.05 -1.44
C VAL D 565 56.78 -18.88 -1.00
N VAL D 566 57.50 -18.35 -0.01
CA VAL D 566 58.62 -19.04 0.63
C VAL D 566 58.50 -18.97 2.17
N ASP D 567 59.34 -19.74 2.85
CA ASP D 567 59.31 -19.89 4.31
C ASP D 567 60.37 -18.96 4.90
N ILE D 568 59.92 -17.96 5.64
CA ILE D 568 60.82 -17.08 6.39
C ILE D 568 60.45 -17.07 7.86
N GLU D 569 59.73 -18.12 8.29
CA GLU D 569 59.22 -18.24 9.66
C GLU D 569 60.27 -18.02 10.73
N LYS D 570 61.46 -18.58 10.49
CA LYS D 570 62.55 -18.53 11.46
C LYS D 570 63.06 -17.12 11.72
N TRP D 571 62.90 -16.18 10.77
CA TRP D 571 63.47 -14.82 10.89
C TRP D 571 62.43 -13.69 10.90
N ALA D 572 61.22 -13.91 10.39
CA ALA D 572 60.25 -12.81 10.23
C ALA D 572 59.96 -11.97 11.47
N ASP D 573 59.84 -12.60 12.65
CA ASP D 573 59.66 -11.85 13.95
C ASP D 573 60.93 -11.56 14.71
N ASN D 574 62.08 -11.93 14.14
CA ASN D 574 63.33 -11.46 14.71
C ASN D 574 63.39 -9.96 14.54
N PRO D 575 63.50 -9.21 15.65
CA PRO D 575 63.55 -7.74 15.55
C PRO D 575 64.79 -7.17 14.82
N ASN D 576 65.87 -7.96 14.73
CA ASN D 576 67.02 -7.60 13.90
C ASN D 576 66.66 -7.54 12.39
N VAL D 577 65.64 -8.27 11.95
CA VAL D 577 65.04 -8.04 10.64
C VAL D 577 64.08 -6.82 10.70
N THR D 578 64.59 -5.67 10.29
CA THR D 578 63.82 -4.45 10.32
C THR D 578 62.84 -4.29 9.16
N ALA D 579 63.09 -4.98 8.04
CA ALA D 579 62.12 -4.95 6.96
C ALA D 579 62.28 -6.07 5.99
N ILE D 580 61.18 -6.35 5.32
CA ILE D 580 61.10 -7.45 4.40
C ILE D 580 60.25 -6.95 3.25
N LEU D 581 60.65 -7.33 2.04
CA LEU D 581 59.99 -6.93 0.81
C LEU D 581 60.08 -8.06 -0.17
N VAL D 582 59.08 -8.21 -1.02
CA VAL D 582 59.11 -9.26 -2.02
C VAL D 582 58.98 -8.58 -3.37
N ALA D 583 59.97 -8.77 -4.23
CA ALA D 583 60.02 -8.06 -5.50
C ALA D 583 59.79 -8.96 -6.68
N TYR D 584 59.35 -10.19 -6.39
CA TYR D 584 58.84 -11.13 -7.39
C TYR D 584 59.84 -11.35 -8.50
N LEU D 585 59.47 -11.25 -9.77
CA LEU D 585 60.36 -11.50 -10.91
C LEU D 585 60.40 -10.23 -11.81
N PRO D 586 61.29 -9.30 -11.46
CA PRO D 586 61.23 -7.91 -11.95
C PRO D 586 61.71 -7.66 -13.37
N GLY D 587 62.25 -8.67 -14.05
CA GLY D 587 62.79 -8.50 -15.39
C GLY D 587 64.14 -7.83 -15.36
N GLN D 588 64.62 -7.41 -16.52
CA GLN D 588 65.97 -6.83 -16.65
C GLN D 588 66.30 -5.63 -15.73
N GLU D 589 65.30 -4.82 -15.36
CA GLU D 589 65.53 -3.62 -14.54
C GLU D 589 65.29 -3.90 -13.07
N ALA D 590 65.84 -5.01 -12.58
CA ALA D 590 65.62 -5.45 -11.18
C ALA D 590 66.20 -4.50 -10.14
N GLY D 591 67.42 -4.05 -10.36
CA GLY D 591 68.11 -3.20 -9.38
C GLY D 591 67.59 -1.77 -9.28
N ASN D 592 67.32 -1.16 -10.44
CA ASN D 592 66.97 0.30 -10.50
C ASN D 592 65.46 0.52 -10.27
N SER D 593 64.66 -0.54 -10.48
CA SER D 593 63.28 -0.56 -10.03
C SER D 593 63.17 -0.61 -8.50
N LEU D 594 64.09 -1.33 -7.87
CA LEU D 594 64.06 -1.56 -6.42
C LEU D 594 64.63 -0.43 -5.55
N VAL D 595 65.75 0.13 -5.96
CA VAL D 595 66.42 1.10 -5.08
C VAL D 595 65.65 2.40 -4.77
N PRO D 596 64.93 2.98 -5.77
CA PRO D 596 64.13 4.19 -5.46
C PRO D 596 63.03 3.96 -4.43
N VAL D 597 62.50 2.73 -4.37
CA VAL D 597 61.60 2.33 -3.29
C VAL D 597 62.34 2.34 -1.94
N LEU D 598 63.51 1.69 -1.90
CA LEU D 598 64.23 1.59 -0.64
C LEU D 598 64.69 2.94 -0.10
N TYR D 599 64.95 3.89 -1.00
CA TYR D 599 65.41 5.25 -0.60
C TYR D 599 64.30 6.30 -0.45
N GLY D 600 63.05 5.96 -0.78
CA GLY D 600 61.92 6.88 -0.54
C GLY D 600 61.51 7.77 -1.71
N ASP D 601 62.17 7.61 -2.86
CA ASP D 601 61.85 8.37 -4.04
C ASP D 601 60.43 8.04 -4.46
N VAL D 602 60.01 6.81 -4.22
CA VAL D 602 58.60 6.47 -4.38
C VAL D 602 58.24 5.45 -3.29
N ALA D 603 57.07 5.60 -2.71
CA ALA D 603 56.63 4.66 -1.66
C ALA D 603 56.23 3.33 -2.28
N PRO D 604 56.47 2.21 -1.58
CA PRO D 604 56.04 0.94 -2.11
C PRO D 604 54.53 0.91 -2.10
N SER D 605 53.94 0.29 -3.10
CA SER D 605 52.52 0.22 -3.25
CA SER D 605 52.52 0.22 -3.25
C SER D 605 52.00 -1.13 -3.79
N GLY D 606 52.87 -2.11 -3.98
CA GLY D 606 52.45 -3.42 -4.48
C GLY D 606 51.76 -4.18 -3.38
N LYS D 607 51.01 -5.22 -3.76
CA LYS D 607 50.27 -6.01 -2.79
C LYS D 607 50.17 -7.46 -3.22
N LEU D 608 50.16 -8.34 -2.23
CA LEU D 608 50.25 -9.78 -2.49
C LEU D 608 49.12 -10.26 -3.37
N PRO D 609 49.43 -10.96 -4.46
CA PRO D 609 48.42 -11.51 -5.34
C PRO D 609 48.07 -12.95 -4.95
N TRP D 610 48.62 -13.40 -3.83
CA TRP D 610 48.23 -14.68 -3.22
C TRP D 610 48.38 -14.64 -1.72
N THR D 611 47.96 -15.73 -1.08
CA THR D 611 48.05 -15.87 0.35
C THR D 611 49.42 -16.43 0.74
N TRP D 612 50.00 -15.88 1.80
CA TRP D 612 51.30 -16.28 2.31
C TRP D 612 51.12 -16.87 3.70
N GLY D 613 50.86 -18.16 3.76
CA GLY D 613 50.64 -18.83 5.05
C GLY D 613 51.95 -19.17 5.75
N LYS D 614 51.89 -19.23 7.08
CA LYS D 614 53.00 -19.69 7.92
C LYS D 614 53.54 -21.11 7.54
N SER D 615 52.69 -21.98 6.97
CA SER D 615 53.11 -23.34 6.56
C SER D 615 52.30 -23.83 5.37
N ILE D 616 52.93 -24.59 4.48
CA ILE D 616 52.24 -25.36 3.39
C ILE D 616 51.06 -26.26 3.86
N ASP D 617 51.07 -26.68 5.13
CA ASP D 617 49.93 -27.43 5.70
C ASP D 617 48.66 -26.56 5.95
N ASP D 618 48.84 -25.22 5.96
CA ASP D 618 47.74 -24.30 6.10
C ASP D 618 46.90 -24.16 4.81
N TYR D 619 47.42 -24.66 3.69
CA TYR D 619 46.77 -24.49 2.41
C TYR D 619 45.78 -25.62 2.08
N VAL D 620 45.17 -25.51 0.90
CA VAL D 620 44.35 -26.57 0.31
C VAL D 620 45.08 -27.93 0.28
N PRO D 621 44.54 -28.97 0.96
CA PRO D 621 45.31 -30.19 1.05
C PRO D 621 45.24 -30.94 -0.29
N ASN D 622 46.19 -31.84 -0.51
CA ASN D 622 46.40 -32.51 -1.82
C ASN D 622 46.78 -31.54 -2.93
N GLY D 623 47.57 -30.51 -2.58
CA GLY D 623 48.02 -29.48 -3.51
C GLY D 623 48.65 -30.07 -4.76
N VAL D 624 49.55 -31.04 -4.51
CA VAL D 624 50.25 -31.80 -5.53
C VAL D 624 50.16 -33.29 -5.17
N VAL D 625 49.57 -34.11 -6.05
CA VAL D 625 49.59 -35.56 -5.84
C VAL D 625 50.85 -36.18 -6.45
N TYR D 626 51.72 -36.70 -5.59
CA TYR D 626 52.82 -37.55 -6.03
C TYR D 626 52.32 -38.97 -5.91
N THR D 627 52.29 -39.71 -7.02
CA THR D 627 51.91 -41.11 -7.00
C THR D 627 52.47 -41.90 -8.19
N ASP D 628 52.78 -43.18 -7.94
CA ASP D 628 53.30 -44.12 -8.97
C ASP D 628 52.19 -44.69 -9.87
N ALA D 629 50.95 -44.61 -9.40
CA ALA D 629 49.78 -45.11 -10.09
C ALA D 629 49.73 -44.68 -11.56
N TYR D 630 49.45 -45.61 -12.46
CA TYR D 630 49.37 -45.36 -13.88
C TYR D 630 48.33 -44.27 -14.27
N SER D 631 47.21 -44.21 -13.54
CA SER D 631 46.14 -43.23 -13.80
C SER D 631 45.99 -42.32 -12.57
N PRO D 632 46.91 -41.33 -12.42
CA PRO D 632 46.90 -40.47 -11.23
C PRO D 632 45.65 -39.56 -11.22
N GLN D 633 45.17 -39.27 -10.00
CA GLN D 633 43.92 -38.56 -9.80
C GLN D 633 44.12 -37.41 -8.81
N SER D 634 43.70 -36.20 -9.21
CA SER D 634 43.48 -35.11 -8.25
C SER D 634 42.00 -34.73 -8.25
N ASN D 635 41.43 -34.93 -7.07
CA ASN D 635 40.01 -34.70 -6.82
C ASN D 635 39.94 -33.31 -6.27
N PHE D 636 39.13 -32.42 -6.88
CA PHE D 636 39.09 -31.00 -6.43
C PHE D 636 37.95 -30.82 -5.42
N THR D 637 38.07 -31.53 -4.30
CA THR D 637 36.97 -31.67 -3.33
C THR D 637 36.83 -30.40 -2.52
N GLU D 638 37.88 -29.58 -2.47
CA GLU D 638 37.80 -28.20 -1.93
C GLU D 638 36.89 -27.27 -2.73
N GLY D 639 36.51 -27.66 -3.95
CA GLY D 639 35.56 -26.89 -4.75
C GLY D 639 36.14 -25.55 -5.19
N VAL D 640 35.37 -24.50 -4.97
CA VAL D 640 35.84 -23.15 -5.24
C VAL D 640 36.85 -22.66 -4.20
N PHE D 641 37.09 -23.40 -3.11
CA PHE D 641 37.85 -22.81 -1.98
C PHE D 641 39.38 -22.90 -2.10
N ILE D 642 39.95 -22.11 -3.01
CA ILE D 642 41.41 -22.01 -3.11
C ILE D 642 41.97 -20.69 -2.52
N ASP D 643 43.26 -20.73 -2.25
CA ASP D 643 44.01 -19.60 -1.73
C ASP D 643 43.17 -18.98 -0.58
N TYR D 644 43.01 -17.66 -0.53
CA TYR D 644 42.37 -16.98 0.59
C TYR D 644 40.93 -17.48 0.90
N ARG D 645 40.23 -18.06 -0.06
CA ARG D 645 38.91 -18.65 0.24
C ARG D 645 39.01 -19.78 1.22
N TRP D 646 39.98 -20.67 0.99
CA TRP D 646 40.36 -21.70 1.94
C TRP D 646 40.66 -21.09 3.31
N PHE D 647 41.61 -20.16 3.38
CA PHE D 647 42.04 -19.66 4.69
C PHE D 647 40.85 -18.99 5.40
N ASP D 648 40.06 -18.20 4.67
CA ASP D 648 38.90 -17.49 5.25
C ASP D 648 37.87 -18.50 5.81
N LYS D 649 37.49 -19.51 4.99
CA LYS D 649 36.44 -20.44 5.41
C LYS D 649 36.90 -21.31 6.56
N MET D 650 38.17 -21.73 6.56
CA MET D 650 38.67 -22.62 7.61
C MET D 650 39.19 -21.92 8.89
N GLY D 651 39.04 -20.60 9.00
CA GLY D 651 39.52 -19.88 10.19
C GLY D 651 41.03 -19.89 10.44
N ILE D 652 41.79 -20.04 9.36
CA ILE D 652 43.26 -20.10 9.39
C ILE D 652 43.87 -18.73 9.09
N THR D 653 44.58 -18.17 10.07
CA THR D 653 45.32 -16.92 9.95
C THR D 653 46.65 -17.05 9.16
N PRO D 654 46.70 -16.50 7.92
CA PRO D 654 48.00 -16.52 7.22
C PRO D 654 48.96 -15.53 7.86
N ARG D 655 50.20 -15.55 7.43
CA ARG D 655 51.17 -14.57 7.87
C ARG D 655 50.88 -13.25 7.20
N TYR D 656 50.81 -13.27 5.88
CA TYR D 656 50.40 -12.12 5.09
C TYR D 656 49.24 -12.58 4.20
N GLU D 657 48.12 -11.86 4.36
CA GLU D 657 46.87 -12.16 3.66
C GLU D 657 46.92 -11.72 2.19
N PHE D 658 46.06 -12.32 1.35
CA PHE D 658 45.83 -11.89 -0.04
C PHE D 658 45.55 -10.38 -0.08
N GLY D 659 46.18 -9.68 -1.04
CA GLY D 659 46.07 -8.23 -1.22
C GLY D 659 46.63 -7.42 -0.06
N PHE D 660 47.64 -7.93 0.62
CA PHE D 660 48.31 -7.19 1.69
C PHE D 660 49.58 -6.61 1.10
N GLY D 661 49.94 -5.42 1.58
CA GLY D 661 51.15 -4.72 1.16
C GLY D 661 51.17 -3.41 1.91
N LEU D 662 52.23 -3.15 2.66
CA LEU D 662 52.43 -1.84 3.33
C LEU D 662 52.89 -0.71 2.36
N SER D 663 52.64 0.52 2.81
CA SER D 663 53.12 1.76 2.18
C SER D 663 54.10 2.39 3.21
N TYR D 664 54.59 3.58 2.92
CA TYR D 664 55.28 4.38 3.93
C TYR D 664 54.34 5.39 4.59
N THR D 665 53.04 5.33 4.27
CA THR D 665 52.03 6.13 4.96
C THR D 665 50.83 5.28 5.24
N THR D 666 49.81 5.83 5.89
CA THR D 666 48.57 5.06 6.18
C THR D 666 47.34 5.71 5.55
N PHE D 667 46.35 4.87 5.28
CA PHE D 667 45.15 5.26 4.55
C PHE D 667 43.91 4.95 5.33
N THR D 668 43.07 5.97 5.52
CA THR D 668 41.83 5.83 6.23
C THR D 668 40.67 5.83 5.23
N TYR D 669 39.83 4.80 5.34
CA TYR D 669 38.71 4.54 4.44
C TYR D 669 37.47 5.16 5.05
N SER D 670 36.57 5.67 4.23
CA SER D 670 35.33 6.29 4.72
C SER D 670 34.30 6.34 3.62
N ASN D 671 33.08 6.68 4.03
CA ASN D 671 31.95 6.96 3.16
C ASN D 671 31.64 5.92 2.07
N LEU D 672 31.30 4.71 2.49
CA LEU D 672 30.87 3.64 1.55
C LEU D 672 29.51 3.97 0.95
N ILE D 673 29.41 3.88 -0.36
CA ILE D 673 28.19 4.21 -1.09
C ILE D 673 27.94 3.12 -2.13
N VAL D 674 26.70 2.62 -2.19
CA VAL D 674 26.23 1.71 -3.23
C VAL D 674 25.20 2.43 -4.10
N ASP D 675 25.56 2.78 -5.34
CA ASP D 675 24.71 3.55 -6.23
C ASP D 675 24.04 2.64 -7.23
N HIS D 676 22.76 2.29 -6.98
CA HIS D 676 21.98 1.42 -7.86
C HIS D 676 21.48 2.05 -9.16
N GLY D 677 21.66 3.37 -9.29
CA GLY D 677 21.32 4.08 -10.53
C GLY D 677 22.47 4.16 -11.53
N ARG D 678 23.67 3.83 -11.08
CA ARG D 678 24.87 3.82 -11.89
C ARG D 678 25.07 2.44 -12.49
N TRP D 679 24.25 2.16 -13.50
CA TRP D 679 24.33 0.92 -14.27
C TRP D 679 24.64 1.29 -15.71
N ALA D 680 24.99 0.27 -16.51
CA ALA D 680 25.40 0.44 -17.92
C ALA D 680 25.32 -0.85 -18.71
N LYS D 681 24.83 -0.82 -19.94
CA LYS D 681 24.83 -2.04 -20.75
C LYS D 681 26.26 -2.31 -21.20
N ASP D 682 26.59 -3.59 -21.37
CA ASP D 682 27.92 -4.04 -21.79
C ASP D 682 28.23 -3.63 -23.22
N TYR D 683 29.20 -2.74 -23.42
CA TYR D 683 29.68 -2.41 -24.79
C TYR D 683 31.15 -2.77 -25.02
N SER D 684 31.90 -2.90 -23.91
CA SER D 684 33.35 -3.06 -23.93
C SER D 684 33.82 -4.27 -24.75
N SER D 685 33.33 -5.48 -24.41
CA SER D 685 33.86 -6.76 -24.93
C SER D 685 33.98 -6.90 -26.47
N VAL D 686 35.19 -7.31 -26.88
CA VAL D 686 35.52 -7.55 -28.29
C VAL D 686 34.70 -8.71 -28.83
N MET D 687 34.51 -9.73 -27.99
CA MET D 687 33.70 -10.91 -28.33
C MET D 687 32.74 -11.25 -27.19
N GLU D 688 31.63 -11.90 -27.56
CA GLU D 688 30.54 -12.22 -26.62
C GLU D 688 30.48 -13.71 -26.33
N THR D 689 30.49 -14.08 -25.05
CA THR D 689 30.13 -15.46 -24.62
C THR D 689 28.66 -15.76 -24.94
N ALA D 690 28.23 -17.01 -24.78
CA ALA D 690 26.78 -17.35 -24.85
C ALA D 690 26.37 -17.92 -23.51
N GLU D 691 26.98 -17.46 -22.44
CA GLU D 691 26.67 -18.00 -21.12
C GLU D 691 25.20 -17.79 -20.74
N PRO D 692 24.46 -18.88 -20.46
CA PRO D 692 23.05 -18.75 -20.05
C PRO D 692 22.92 -18.11 -18.66
N PHE D 693 21.87 -17.31 -18.46
CA PHE D 693 21.60 -16.70 -17.15
C PHE D 693 20.11 -16.39 -17.01
N ALA D 694 19.60 -16.55 -15.78
CA ALA D 694 18.14 -16.50 -15.47
C ALA D 694 17.41 -15.21 -15.87
N GLU D 695 18.08 -14.07 -15.67
CA GLU D 695 17.52 -12.73 -15.94
C GLU D 695 17.70 -12.32 -17.40
N TRP D 696 18.15 -13.23 -18.26
CA TRP D 696 18.23 -12.94 -19.70
C TRP D 696 16.86 -12.58 -20.24
N ASP D 697 16.79 -11.49 -20.99
CA ASP D 697 15.54 -11.00 -21.61
C ASP D 697 15.64 -10.74 -23.12
N GLY D 698 16.76 -11.07 -23.75
CA GLY D 698 16.98 -10.76 -25.17
C GLY D 698 17.83 -9.53 -25.48
N THR D 699 17.72 -8.46 -24.69
CA THR D 699 18.53 -7.22 -24.89
C THR D 699 19.81 -7.12 -24.04
N ASN D 700 19.81 -7.78 -22.86
CA ASN D 700 20.80 -7.58 -21.78
C ASN D 700 21.93 -8.64 -21.79
N SER D 701 22.83 -8.57 -20.79
CA SER D 701 24.04 -9.40 -20.77
C SER D 701 24.48 -9.73 -19.36
N LEU D 702 25.24 -10.80 -19.24
CA LEU D 702 25.72 -11.26 -17.94
C LEU D 702 26.83 -10.30 -17.43
N TYR D 703 27.33 -9.46 -18.35
CA TYR D 703 28.38 -8.48 -18.03
C TYR D 703 27.94 -7.00 -18.00
N ASP D 704 26.66 -6.68 -18.23
CA ASP D 704 26.12 -5.34 -17.91
C ASP D 704 26.56 -4.99 -16.47
N VAL D 705 26.81 -3.72 -16.17
CA VAL D 705 27.05 -3.34 -14.76
C VAL D 705 25.68 -2.91 -14.18
N ILE D 706 25.31 -3.51 -13.05
CA ILE D 706 24.00 -3.30 -12.43
C ILE D 706 24.05 -2.25 -11.34
N PHE D 707 25.18 -2.11 -10.67
CA PHE D 707 25.40 -0.97 -9.80
C PHE D 707 26.90 -0.70 -9.71
N THR D 708 27.27 0.38 -9.02
CA THR D 708 28.66 0.75 -8.86
C THR D 708 28.82 1.18 -7.42
N VAL D 709 29.96 0.84 -6.79
CA VAL D 709 30.19 1.26 -5.38
C VAL D 709 31.41 2.19 -5.25
N PHE D 710 31.37 3.06 -4.26
CA PHE D 710 32.33 4.08 -4.09
C PHE D 710 32.80 4.11 -2.66
N ALA D 711 34.00 4.61 -2.45
CA ALA D 711 34.44 4.91 -1.12
C ALA D 711 35.54 5.96 -1.19
N THR D 712 35.93 6.48 -0.04
CA THR D 712 36.90 7.55 0.00
C THR D 712 38.09 7.08 0.80
N ILE D 713 39.31 7.31 0.29
CA ILE D 713 40.51 7.10 1.09
C ILE D 713 41.14 8.43 1.41
N THR D 714 41.71 8.54 2.60
CA THR D 714 42.45 9.74 3.00
C THR D 714 43.82 9.31 3.52
N ASN D 715 44.85 10.04 3.08
CA ASN D 715 46.21 9.86 3.50
C ASN D 715 46.40 10.47 4.87
N THR D 716 46.39 9.59 5.85
CA THR D 716 46.41 9.91 7.26
C THR D 716 47.82 9.89 7.86
N GLY D 717 48.85 9.59 7.05
CA GLY D 717 50.24 9.62 7.54
C GLY D 717 51.02 10.89 7.21
N ASN D 718 52.35 10.73 7.06
CA ASN D 718 53.29 11.84 6.88
C ASN D 718 54.01 11.85 5.54
N LEU D 719 53.70 10.89 4.64
CA LEU D 719 54.30 10.88 3.31
C LEU D 719 53.29 10.54 2.19
N THR D 720 53.63 10.94 0.96
CA THR D 720 52.82 10.72 -0.23
C THR D 720 52.85 9.25 -0.48
N GLY D 721 51.75 8.66 -0.92
CA GLY D 721 51.75 7.23 -1.27
C GLY D 721 50.64 6.81 -2.20
N SER D 722 50.79 5.64 -2.81
CA SER D 722 49.70 5.01 -3.57
C SER D 722 49.01 3.89 -2.78
N GLU D 723 47.70 3.75 -2.97
CA GLU D 723 46.89 2.78 -2.26
C GLU D 723 46.06 1.92 -3.22
N VAL D 724 46.19 0.61 -3.12
CA VAL D 724 45.25 -0.29 -3.79
C VAL D 724 44.10 -0.61 -2.84
N ALA D 725 42.94 -0.03 -3.15
CA ALA D 725 41.73 -0.32 -2.43
C ALA D 725 41.07 -1.45 -3.17
N GLN D 726 40.46 -2.35 -2.38
CA GLN D 726 39.83 -3.59 -2.85
C GLN D 726 38.38 -3.67 -2.31
N LEU D 727 37.54 -4.35 -3.08
CA LEU D 727 36.20 -4.64 -2.72
C LEU D 727 35.91 -6.15 -2.81
N TYR D 728 35.26 -6.67 -1.74
CA TYR D 728 34.83 -8.07 -1.65
C TYR D 728 33.32 -8.15 -1.42
N ILE D 729 32.73 -9.19 -1.98
CA ILE D 729 31.32 -9.47 -1.81
C ILE D 729 31.20 -10.87 -1.20
N SER D 730 30.52 -10.95 -0.05
CA SER D 730 29.95 -12.23 0.42
C SER D 730 28.65 -12.48 -0.31
N ILE D 731 28.73 -13.24 -1.41
CA ILE D 731 27.53 -13.77 -2.08
C ILE D 731 26.93 -14.86 -1.16
N PRO D 732 25.60 -14.83 -0.97
CA PRO D 732 24.99 -15.84 -0.09
C PRO D 732 24.57 -17.16 -0.77
N GLY D 733 24.21 -18.12 0.09
CA GLY D 733 23.93 -19.49 -0.34
C GLY D 733 24.67 -20.51 0.52
N ASP D 734 24.57 -21.78 0.12
CA ASP D 734 25.15 -22.92 0.84
C ASP D 734 26.60 -23.17 0.40
N ASN D 735 27.51 -23.26 1.37
CA ASN D 735 28.91 -23.56 1.10
C ASN D 735 29.57 -22.55 0.12
N GLN D 736 29.19 -21.28 0.27
CA GLN D 736 29.62 -20.18 -0.62
C GLN D 736 30.70 -19.44 0.22
N PRO D 737 31.83 -19.04 -0.40
CA PRO D 737 32.96 -18.37 0.29
C PRO D 737 32.62 -17.25 1.29
N VAL D 738 33.47 -17.04 2.28
CA VAL D 738 33.26 -15.92 3.22
C VAL D 738 33.22 -14.60 2.43
N ARG D 739 34.22 -14.38 1.57
CA ARG D 739 34.24 -13.27 0.58
C ARG D 739 35.00 -13.58 -0.71
N GLN D 740 34.59 -12.91 -1.79
CA GLN D 740 35.16 -13.07 -3.12
C GLN D 740 35.50 -11.69 -3.74
N LEU D 741 36.77 -11.47 -4.03
CA LEU D 741 37.21 -10.18 -4.53
C LEU D 741 36.37 -9.82 -5.73
N ARG D 742 35.85 -8.59 -5.72
CA ARG D 742 35.01 -8.17 -6.82
C ARG D 742 35.34 -6.77 -7.34
N GLY D 743 36.50 -6.23 -6.93
CA GLY D 743 36.94 -4.98 -7.47
C GLY D 743 38.22 -4.52 -6.83
N PHE D 744 38.99 -3.75 -7.59
CA PHE D 744 40.17 -3.08 -7.10
C PHE D 744 40.42 -1.75 -7.83
N ASP D 745 41.06 -0.83 -7.13
CA ASP D 745 41.28 0.48 -7.68
C ASP D 745 42.49 1.10 -7.01
N LYS D 746 43.51 1.39 -7.80
CA LYS D 746 44.76 1.94 -7.25
C LYS D 746 44.82 3.45 -7.45
N ILE D 747 44.76 4.18 -6.35
CA ILE D 747 44.89 5.62 -6.37
C ILE D 747 46.36 5.90 -6.30
N LYS D 748 46.82 6.74 -7.22
CA LYS D 748 48.25 7.01 -7.44
C LYS D 748 48.67 8.29 -6.78
N ASP D 749 49.67 8.22 -5.89
CA ASP D 749 50.43 9.40 -5.42
C ASP D 749 49.56 10.42 -4.67
N LEU D 750 48.81 9.89 -3.71
CA LEU D 750 47.90 10.70 -2.92
C LEU D 750 48.74 11.54 -1.97
N PRO D 751 48.65 12.89 -2.08
CA PRO D 751 49.42 13.65 -1.09
C PRO D 751 48.85 13.50 0.34
N VAL D 752 49.66 13.87 1.31
CA VAL D 752 49.32 13.94 2.72
C VAL D 752 48.07 14.81 2.91
N GLY D 753 47.09 14.31 3.64
CA GLY D 753 45.94 15.11 4.00
C GLY D 753 44.83 15.06 2.98
N ASP D 754 45.13 14.65 1.76
CA ASP D 754 44.16 14.64 0.68
C ASP D 754 43.38 13.34 0.62
N SER D 755 42.28 13.38 -0.12
CA SER D 755 41.31 12.31 -0.21
C SER D 755 41.02 11.99 -1.66
N ALA D 756 40.63 10.75 -1.95
CA ALA D 756 40.27 10.42 -3.32
C ALA D 756 39.22 9.36 -3.35
N VAL D 757 38.30 9.53 -4.28
CA VAL D 757 37.23 8.58 -4.41
C VAL D 757 37.81 7.38 -5.15
N VAL D 758 37.41 6.22 -4.67
CA VAL D 758 37.78 4.98 -5.26
C VAL D 758 36.47 4.41 -5.78
N THR D 759 36.49 3.70 -6.90
CA THR D 759 35.25 3.35 -7.60
C THR D 759 35.29 1.93 -8.17
N PHE D 760 34.21 1.16 -7.98
CA PHE D 760 34.18 -0.26 -8.32
C PHE D 760 32.90 -0.60 -9.05
N PRO D 761 32.92 -0.68 -10.36
CA PRO D 761 31.69 -1.20 -11.00
C PRO D 761 31.49 -2.72 -10.75
N ILE D 762 30.22 -3.11 -10.54
CA ILE D 762 29.80 -4.48 -10.26
C ILE D 762 28.89 -5.00 -11.38
N ARG D 763 29.33 -6.03 -12.08
CA ARG D 763 28.50 -6.62 -13.15
C ARG D 763 27.57 -7.66 -12.54
N ARG D 764 26.54 -8.04 -13.30
CA ARG D 764 25.58 -9.07 -12.93
C ARG D 764 26.28 -10.40 -12.53
N LYS D 765 27.20 -10.88 -13.38
CA LYS D 765 28.04 -12.05 -13.04
C LYS D 765 28.85 -11.91 -11.76
N ASP D 766 29.29 -10.71 -11.45
CA ASP D 766 30.06 -10.45 -10.21
C ASP D 766 29.28 -10.79 -8.95
N VAL D 767 27.97 -10.97 -9.11
CA VAL D 767 27.05 -11.11 -8.02
C VAL D 767 26.18 -12.41 -8.17
N SER D 768 26.52 -13.22 -9.16
CA SER D 768 25.80 -14.42 -9.48
C SER D 768 26.44 -15.74 -8.92
N SER D 769 25.69 -16.84 -9.10
CA SER D 769 26.11 -18.19 -8.78
C SER D 769 25.73 -19.09 -9.92
N TRP D 770 26.44 -20.22 -10.03
CA TRP D 770 26.12 -21.24 -11.02
C TRP D 770 25.13 -22.24 -10.44
N SER D 771 24.10 -22.56 -11.24
CA SER D 771 23.08 -23.50 -10.82
C SER D 771 23.40 -24.77 -11.59
N VAL D 772 23.99 -25.72 -10.86
CA VAL D 772 24.20 -27.04 -11.42
C VAL D 772 22.85 -27.59 -11.93
N VAL D 773 21.80 -27.47 -11.12
CA VAL D 773 20.49 -28.03 -11.48
C VAL D 773 19.96 -27.44 -12.79
N ASP D 774 19.98 -26.11 -12.90
CA ASP D 774 19.41 -25.40 -14.06
C ASP D 774 20.40 -25.14 -15.23
N GLN D 775 21.70 -25.44 -15.05
CA GLN D 775 22.70 -25.16 -16.07
C GLN D 775 22.63 -23.69 -16.57
N LEU D 776 22.73 -22.76 -15.60
CA LEU D 776 22.66 -21.32 -15.85
C LEU D 776 23.14 -20.53 -14.64
N TRP D 777 23.68 -19.31 -14.89
CA TRP D 777 23.99 -18.31 -13.83
C TRP D 777 22.73 -17.58 -13.36
N TYR D 778 22.71 -17.25 -12.07
CA TYR D 778 21.56 -16.59 -11.48
C TYR D 778 22.07 -15.75 -10.34
N VAL D 779 21.34 -14.67 -10.04
CA VAL D 779 21.59 -13.88 -8.85
C VAL D 779 20.83 -14.51 -7.70
N PRO D 780 21.54 -15.02 -6.70
CA PRO D 780 20.79 -15.71 -5.63
C PRO D 780 20.02 -14.74 -4.76
N ASN D 781 18.98 -15.24 -4.08
CA ASN D 781 18.31 -14.47 -3.01
C ASN D 781 19.14 -14.53 -1.72
N GLY D 782 19.04 -13.51 -0.88
CA GLY D 782 19.78 -13.44 0.37
C GLY D 782 20.36 -12.05 0.63
N ASP D 783 21.18 -11.96 1.68
CA ASP D 783 21.95 -10.78 2.01
C ASP D 783 23.39 -10.88 1.46
N PHE D 784 23.80 -9.88 0.67
CA PHE D 784 25.13 -9.79 0.08
C PHE D 784 25.87 -8.77 0.86
N LEU D 785 26.90 -9.18 1.58
CA LEU D 785 27.77 -8.23 2.27
C LEU D 785 28.83 -7.69 1.27
N ILE D 786 29.03 -6.37 1.30
CA ILE D 786 29.97 -5.66 0.42
C ILE D 786 30.99 -5.03 1.31
N SER D 787 32.25 -5.38 1.13
CA SER D 787 33.30 -4.84 2.01
C SER D 787 34.42 -4.16 1.19
N VAL D 788 34.94 -3.06 1.71
CA VAL D 788 36.00 -2.32 1.03
C VAL D 788 37.13 -2.05 2.00
N GLY D 789 38.37 -2.14 1.52
CA GLY D 789 39.55 -1.81 2.35
C GLY D 789 40.89 -2.17 1.70
N GLY D 790 41.98 -2.02 2.48
CA GLY D 790 43.35 -2.24 2.03
C GLY D 790 43.87 -3.67 1.80
N SER D 791 43.11 -4.69 2.22
CA SER D 791 43.45 -6.10 1.97
C SER D 791 42.24 -7.03 2.12
N SER D 792 42.46 -8.32 1.91
CA SER D 792 41.42 -9.33 2.16
C SER D 792 40.95 -9.39 3.62
N ARG D 793 41.68 -8.80 4.57
CA ARG D 793 41.31 -8.82 5.99
C ARG D 793 41.35 -7.47 6.73
N ASP D 794 41.68 -6.36 6.05
CA ASP D 794 41.59 -5.01 6.66
C ASP D 794 40.49 -4.34 5.86
N LEU D 795 39.26 -4.54 6.30
CA LEU D 795 38.09 -4.17 5.55
C LEU D 795 37.12 -3.33 6.41
N PRO D 796 37.50 -2.07 6.73
CA PRO D 796 36.75 -1.25 7.69
C PRO D 796 35.39 -0.72 7.23
N LEU D 797 35.02 -0.87 5.96
CA LEU D 797 33.73 -0.44 5.45
C LEU D 797 32.90 -1.62 4.97
N ASN D 798 31.68 -1.75 5.47
CA ASN D 798 30.79 -2.81 5.02
C ASN D 798 29.36 -2.30 4.92
N THR D 799 28.57 -2.97 4.09
CA THR D 799 27.15 -2.67 3.98
C THR D 799 26.52 -3.83 3.25
N THR D 800 25.20 -3.95 3.36
CA THR D 800 24.47 -5.12 2.88
C THR D 800 23.58 -4.73 1.72
N TRP D 801 23.54 -5.53 0.68
CA TRP D 801 22.59 -5.31 -0.41
C TRP D 801 21.70 -6.53 -0.44
N THR D 802 20.37 -6.32 -0.46
CA THR D 802 19.37 -7.42 -0.54
C THR D 802 18.43 -7.15 -1.72
N PRO D 803 18.57 -7.90 -2.83
CA PRO D 803 17.49 -7.79 -3.83
C PRO D 803 16.27 -8.61 -3.41
C1 NAG E . -8.30 54.62 -7.26
C2 NAG E . -8.79 54.44 -8.68
C3 NAG E . -7.67 54.80 -9.65
C4 NAG E . -7.17 56.21 -9.31
C5 NAG E . -6.84 56.36 -7.81
C6 NAG E . -6.44 57.78 -7.43
C7 NAG E . -10.63 52.84 -8.84
C8 NAG E . -11.01 51.39 -8.98
N2 NAG E . -9.32 53.08 -8.82
O1 NAG E . -9.35 54.23 -6.39
O3 NAG E . -8.21 54.78 -10.99
O4 NAG E . -5.98 56.51 -10.03
O5 NAG E . -7.96 55.96 -7.00
O6 NAG E . -5.73 57.71 -6.19
O7 NAG E . -11.48 53.73 -8.76
C1 BMA E . -6.13 56.89 -11.38
C2 BMA E . -4.93 57.81 -11.58
C3 BMA E . -4.83 58.32 -13.01
C4 BMA E . -5.10 57.19 -14.02
C5 BMA E . -6.29 56.30 -13.66
C6 BMA E . -6.36 55.16 -14.67
O2 BMA E . -3.74 57.16 -11.19
O3 BMA E . -3.55 58.95 -13.23
O4 BMA E . -5.44 57.83 -15.26
O5 BMA E . -6.17 55.82 -12.33
O6 BMA E . -7.71 54.69 -14.83
C1 MAN E . -7.80 53.28 -14.98
C2 MAN E . -9.27 52.95 -14.79
C3 MAN E . -9.48 52.24 -13.47
C4 MAN E . -8.49 51.11 -13.30
C5 MAN E . -7.03 51.59 -13.41
C6 MAN E . -6.11 50.83 -14.34
O2 MAN E . -9.80 52.11 -15.83
O3 MAN E . -10.75 51.64 -13.52
O4 MAN E . -8.73 50.52 -12.03
O5 MAN E . -6.94 52.87 -13.95
O6 MAN E . -5.49 49.79 -13.59
C1 BMA E . -6.29 48.60 -13.70
C2 BMA E . -5.89 47.87 -14.96
C3 BMA E . -7.15 47.08 -15.28
C4 BMA E . -7.42 46.09 -14.13
C5 BMA E . -7.14 46.61 -12.68
C6 BMA E . -6.62 45.49 -11.78
O2 BMA E . -4.74 47.09 -14.59
O3 BMA E . -7.02 46.46 -16.56
O4 BMA E . -8.78 45.65 -14.19
O5 BMA E . -6.19 47.70 -12.59
O6 BMA E . -7.08 45.68 -10.44
C1 MAN E . -3.77 46.62 -15.54
C2 MAN E . -2.41 47.24 -15.25
C3 MAN E . -1.37 46.23 -15.75
C4 MAN E . -1.82 45.56 -17.06
C5 MAN E . -2.99 46.26 -17.82
C6 MAN E . -3.65 45.25 -18.77
O2 MAN E . -2.18 47.51 -13.86
O3 MAN E . -1.21 45.23 -14.73
O4 MAN E . -0.70 45.47 -17.94
O5 MAN E . -3.99 46.84 -16.94
O6 MAN E . -3.97 45.85 -20.03
C1 MAN E . -11.79 52.34 -12.81
C2 MAN E . -12.79 51.21 -12.50
C3 MAN E . -13.52 50.80 -13.77
C4 MAN E . -14.22 51.98 -14.42
C5 MAN E . -13.14 53.03 -14.72
C6 MAN E . -13.75 54.26 -15.39
O2 MAN E . -13.71 51.63 -11.51
O3 MAN E . -14.47 49.81 -13.43
O4 MAN E . -14.95 51.57 -15.59
O5 MAN E . -12.41 53.42 -13.53
O6 MAN E . -14.63 54.96 -14.48
C1 MAN E . -3.60 60.38 -13.30
C2 MAN E . -2.37 60.88 -14.03
C3 MAN E . -1.18 60.68 -13.12
C4 MAN E . -1.35 61.43 -11.78
C5 MAN E . -2.66 61.06 -11.06
C6 MAN E . -3.00 61.99 -9.86
O2 MAN E . -2.60 62.28 -14.25
O3 MAN E . -0.07 61.22 -13.82
O4 MAN E . -0.19 61.17 -10.99
O5 MAN E . -3.73 61.05 -12.03
O6 MAN E . -3.69 63.24 -10.16
C1 MAN E . -2.23 62.93 -15.49
C2 MAN E . -2.47 64.42 -15.19
C3 MAN E . -3.95 64.74 -15.33
C4 MAN E . -4.41 64.38 -16.73
C5 MAN E . -4.23 62.88 -16.97
C6 MAN E . -4.56 62.54 -18.41
O2 MAN E . -1.66 65.29 -15.99
O3 MAN E . -4.21 66.11 -15.08
O4 MAN E . -5.80 64.69 -16.82
O5 MAN E . -2.89 62.43 -16.68
O6 MAN E . -4.10 61.20 -18.63
C1 NAG F . -35.99 53.44 25.70
C2 NAG F . -36.07 52.39 24.64
C3 NAG F . -35.07 51.28 24.90
C4 NAG F . -33.68 51.89 25.04
C5 NAG F . -33.64 53.09 25.98
C6 NAG F . -32.31 53.84 25.94
C7 NAG F . -38.11 51.56 23.64
C8 NAG F . -39.35 50.79 24.00
N2 NAG F . -37.34 51.72 24.69
O3 NAG F . -35.17 50.30 23.84
O4 NAG F . -32.84 50.89 25.61
O5 NAG F . -34.67 54.01 25.62
O6 NAG F . -32.25 54.91 26.89
O7 NAG F . -37.86 52.01 22.52
C1 NAG F . -31.87 50.38 24.70
C2 NAG F . -30.95 49.40 25.44
C3 NAG F . -29.92 48.82 24.47
C4 NAG F . -30.50 48.35 23.13
C5 NAG F . -31.47 49.41 22.57
C6 NAG F . -32.25 48.94 21.33
C7 NAG F . -30.29 49.73 27.85
C8 NAG F . -29.44 50.62 28.72
N2 NAG F . -30.25 50.07 26.54
O3 NAG F . -29.41 47.73 25.20
O4 NAG F . -29.52 48.11 22.11
O5 NAG F . -32.46 49.76 23.57
O6 NAG F . -32.32 50.01 20.39
O7 NAG F . -30.95 48.81 28.33
C1 MAN F . -28.52 47.07 22.35
C2 MAN F . -27.60 46.92 21.09
C3 MAN F . -27.25 45.42 20.73
C4 MAN F . -26.96 44.62 22.04
C5 MAN F . -27.93 44.86 23.23
C6 MAN F . -27.19 45.34 24.50
O2 MAN F . -26.48 47.81 21.34
O3 MAN F . -26.21 45.13 19.70
O4 MAN F . -27.05 43.23 21.68
O5 MAN F . -29.00 45.78 22.82
O6 MAN F . -26.42 44.34 25.20
C1 NAG F . -27.95 44.45 16.22
C2 NAG F . -27.26 43.08 16.43
C3 NAG F . -26.57 43.00 17.86
C4 NAG F . -26.08 44.34 18.57
C5 NAG F . -26.22 45.56 17.62
C6 NAG F . -25.16 45.70 16.51
C7 NAG F . -28.23 41.27 14.79
C8 NAG F . -29.51 40.59 14.35
N2 NAG F . -28.25 42.04 15.96
O1 NAG F . -27.70 44.99 14.91
O3 NAG F . -25.41 42.10 17.80
O5 NAG F . -27.57 45.49 17.13
O6 NAG F . -23.99 46.37 16.98
O7 NAG F . -27.27 41.13 14.02
C1 NAG G . -18.76 25.41 -22.78
C2 NAG G . -19.65 25.33 -24.00
C3 NAG G . -20.16 26.75 -24.21
C4 NAG G . -20.96 27.13 -22.98
C5 NAG G . -20.18 26.98 -21.67
C6 NAG G . -21.14 26.99 -20.49
C7 NAG G . -18.76 23.47 -25.40
C8 NAG G . -17.95 23.09 -26.59
N2 NAG G . -18.91 24.78 -25.13
O1 NAG G . -18.15 24.13 -22.59
O3 NAG G . -20.94 26.75 -25.39
O4 NAG G . -21.44 28.47 -23.03
O5 NAG G . -19.51 25.73 -21.60
O6 NAG G . -20.51 27.31 -19.25
O7 NAG G . -19.24 22.57 -24.71
C1 BMA G . -22.62 28.67 -23.83
C2 BMA G . -23.25 29.97 -23.39
C3 BMA G . -24.51 30.17 -24.22
C4 BMA G . -24.15 30.24 -25.68
C5 BMA G . -23.50 28.94 -26.06
C6 BMA G . -23.06 29.08 -27.48
O2 BMA G . -22.32 31.05 -23.51
O3 BMA G . -25.16 31.40 -24.03
O4 BMA G . -25.33 30.33 -26.43
O5 BMA G . -22.37 28.67 -25.23
O6 BMA G . -22.82 27.77 -27.97
C1 MAN G . -22.45 27.88 -29.35
C2 MAN G . -22.19 26.49 -29.92
C3 MAN G . -20.96 25.86 -29.28
C4 MAN G . -19.79 26.83 -29.26
C5 MAN G . -20.20 28.21 -28.75
C6 MAN G . -19.05 29.19 -28.82
O2 MAN G . -22.02 26.59 -31.33
O3 MAN G . -20.58 24.70 -30.04
O4 MAN G . -18.74 26.31 -28.42
O5 MAN G . -21.29 28.69 -29.53
O6 MAN G . -18.61 29.32 -30.18
C1 BMA G . -17.42 29.15 -31.25
C2 BMA G . -17.50 29.67 -32.67
C3 BMA G . -17.34 28.42 -33.50
C4 BMA G . -15.98 27.81 -33.14
C5 BMA G . -15.68 27.73 -31.60
C6 BMA G . -14.24 27.44 -31.14
O2 BMA G . -16.39 30.56 -32.83
O3 BMA G . -17.59 28.73 -34.87
O4 BMA G . -15.97 26.49 -33.68
O5 BMA G . -16.05 28.95 -30.94
O6 BMA G . -14.26 26.87 -29.82
C1 MAN G . -16.43 31.67 -33.74
C2 MAN G . -15.68 32.81 -33.03
C3 MAN G . -16.35 34.19 -33.11
C4 MAN G . -17.87 34.15 -32.99
C5 MAN G . -18.57 32.86 -33.46
C6 MAN G . -19.85 33.14 -34.29
O2 MAN G . -14.36 32.87 -33.58
O3 MAN G . -15.99 34.85 -34.32
O4 MAN G . -18.20 34.34 -31.59
O5 MAN G . -17.71 32.02 -34.26
O6 MAN G . -20.35 31.93 -34.87
C1 MAN G . -20.68 23.53 -29.20
C2 MAN G . -19.85 22.45 -29.86
C3 MAN G . -20.46 21.98 -31.19
C4 MAN G . -21.95 21.76 -31.13
C5 MAN G . -22.69 22.85 -30.35
C6 MAN G . -24.16 22.50 -30.06
O2 MAN G . -19.78 21.40 -28.90
O3 MAN G . -19.91 20.71 -31.53
O4 MAN G . -22.39 21.64 -32.49
O5 MAN G . -22.03 23.07 -29.09
O6 MAN G . -24.28 21.12 -29.64
C1 MAN G . -25.89 31.59 -22.81
C2 MAN G . -26.64 32.90 -22.90
C3 MAN G . -25.72 33.87 -22.15
C4 MAN G . -25.54 33.44 -20.68
C5 MAN G . -25.15 31.96 -20.46
C6 MAN G . -25.39 31.54 -18.97
O2 MAN G . -27.92 32.74 -22.27
O3 MAN G . -26.27 35.16 -22.23
O4 MAN G . -24.51 34.28 -20.14
O5 MAN G . -25.74 31.08 -21.47
O6 MAN G . -26.68 30.99 -18.55
C1 MAN G . -29.08 33.43 -22.85
C2 MAN G . -30.15 33.25 -21.73
C3 MAN G . -30.69 31.82 -21.85
C4 MAN G . -31.35 31.64 -23.21
C5 MAN G . -30.31 31.83 -24.32
C6 MAN G . -31.01 31.91 -25.68
O2 MAN G . -31.20 34.24 -21.67
O3 MAN G . -31.56 31.46 -20.77
O4 MAN G . -31.96 30.33 -23.19
O5 MAN G . -29.47 32.99 -24.18
O6 MAN G . -30.06 31.79 -26.72
C1 NAG H . -2.91 -10.27 -4.24
C2 NAG H . -2.72 -10.10 -5.73
C3 NAG H . -1.51 -9.20 -5.94
C4 NAG H . -1.66 -7.85 -5.28
C5 NAG H . -2.05 -8.06 -3.83
C6 NAG H . -2.35 -6.75 -3.15
C7 NAG H . -2.99 -11.76 -7.52
C8 NAG H . -2.57 -13.15 -7.94
N2 NAG H . -2.49 -11.38 -6.34
O3 NAG H . -1.26 -8.98 -7.31
O4 NAG H . -0.39 -7.19 -5.39
O5 NAG H . -3.16 -8.97 -3.71
O6 NAG H . -2.75 -7.01 -1.79
O7 NAG H . -3.75 -11.06 -8.19
C1 NAG H . -0.46 -5.90 -6.02
C2 NAG H . 0.89 -5.24 -5.83
C3 NAG H . 0.92 -3.90 -6.58
C4 NAG H . 0.50 -4.02 -8.05
C5 NAG H . -0.86 -4.74 -8.12
C6 NAG H . -1.28 -5.03 -9.55
C7 NAG H . 2.16 -5.28 -3.68
C8 NAG H . 2.13 -4.71 -2.29
N2 NAG H . 1.12 -4.92 -4.44
O3 NAG H . 2.26 -3.40 -6.48
O4 NAG H . 0.37 -2.78 -8.77
O5 NAG H . -0.80 -5.98 -7.40
O6 NAG H . -2.59 -5.55 -9.49
O7 NAG H . 3.06 -6.01 -4.04
C1 MAN H . 1.59 -2.07 -9.16
C2 MAN H . 1.13 -1.13 -10.26
C3 MAN H . 2.16 -0.80 -11.34
C4 MAN H . 3.64 -0.95 -10.96
C5 MAN H . 3.93 -1.92 -9.77
C6 MAN H . 4.37 -1.21 -8.45
O2 MAN H . 0.71 0.01 -9.55
O3 MAN H . 1.95 0.55 -11.82
O4 MAN H . 4.27 -1.37 -12.18
O5 MAN H . 2.77 -2.77 -9.58
O6 MAN H . 5.80 -1.06 -8.25
C1 NAG I . 15.87 -70.72 21.68
C2 NAG I . 16.08 -70.85 23.18
C3 NAG I . 16.24 -72.34 23.47
C4 NAG I . 15.05 -73.12 22.90
C5 NAG I . 14.75 -72.81 21.42
C6 NAG I . 13.43 -73.45 20.94
C7 NAG I . 17.03 -68.77 24.12
C8 NAG I . 18.28 -67.99 24.43
N2 NAG I . 17.20 -69.98 23.55
O1 NAG I . 15.80 -69.31 21.38
O3 NAG I . 16.31 -72.53 24.88
O4 NAG I . 15.36 -74.53 22.95
O5 NAG I . 14.70 -71.39 21.23
O6 NAG I . 13.51 -73.95 19.58
O7 NAG I . 15.94 -68.29 24.40
C1 BMA I . 14.85 -75.07 24.16
C2 BMA I . 14.29 -76.46 23.89
C3 BMA I . 14.01 -77.19 25.17
C4 BMA I . 15.18 -77.04 26.13
C5 BMA I . 15.63 -75.60 26.35
C6 BMA I . 16.97 -75.42 27.02
O2 BMA I . 15.12 -77.22 23.04
O3 BMA I . 13.60 -78.53 24.89
O4 BMA I . 14.66 -77.51 27.34
O5 BMA I . 15.89 -75.08 25.10
O6 BMA I . 17.09 -74.26 27.83
C1 MAN I . 18.45 -73.82 28.03
C2 MAN I . 18.19 -72.44 28.52
C3 MAN I . 18.68 -71.36 27.59
C4 MAN I . 20.04 -71.64 26.98
C5 MAN I . 20.35 -73.09 26.66
C6 MAN I . 21.54 -73.67 27.44
O2 MAN I . 18.64 -72.34 29.87
O3 MAN I . 18.71 -70.14 28.32
O4 MAN I . 20.08 -70.99 25.72
O5 MAN I . 19.17 -73.87 26.79
O6 MAN I . 22.85 -73.43 26.89
C1 MAN I . 17.71 -69.25 27.86
C2 MAN I . 18.28 -67.89 28.13
C3 MAN I . 18.56 -67.75 29.60
C4 MAN I . 17.29 -67.95 30.35
C5 MAN I . 16.71 -69.30 29.98
C6 MAN I . 15.32 -69.40 30.53
O2 MAN I . 17.37 -66.89 27.74
O3 MAN I . 19.00 -66.44 29.88
O4 MAN I . 17.62 -67.83 31.72
O5 MAN I . 16.55 -69.42 28.58
O6 MAN I . 15.39 -69.26 31.93
C1 NAG J . 3.95 -34.36 1.93
C2 NAG J . 5.10 -34.27 2.93
C3 NAG J . 6.38 -34.69 2.24
C4 NAG J . 6.27 -36.10 1.64
C5 NAG J . 5.03 -36.15 0.74
C6 NAG J . 4.80 -37.55 0.17
C7 NAG J . 5.42 -32.60 4.73
C8 NAG J . 5.61 -31.13 4.99
N2 NAG J . 5.28 -32.94 3.45
O3 NAG J . 7.48 -34.56 3.15
O4 NAG J . 7.45 -36.32 0.86
O5 NAG J . 3.86 -35.73 1.44
O6 NAG J . 3.64 -37.61 -0.67
O7 NAG J . 5.39 -33.36 5.68
C1 NAG J . 8.33 -37.38 1.33
C2 NAG J . 9.46 -37.59 0.31
C3 NAG J . 10.45 -38.69 0.77
C4 NAG J . 10.88 -38.53 2.27
C5 NAG J . 9.57 -38.42 3.09
C6 NAG J . 9.66 -38.61 4.62
C7 NAG J . 9.13 -37.32 -2.19
C8 NAG J . 8.48 -37.94 -3.39
N2 NAG J . 8.93 -37.97 -1.01
O3 NAG J . 11.55 -38.66 -0.13
O4 NAG J . 11.66 -39.62 2.82
O5 NAG J . 8.89 -37.20 2.66
O6 NAG J . 9.40 -37.38 5.26
O7 NAG J . 9.78 -36.29 -2.35
C1 MAN J . 12.95 -39.98 2.22
C2 MAN J . 13.51 -41.15 3.08
C3 MAN J . 15.03 -41.08 3.46
C4 MAN J . 15.92 -40.31 2.45
C5 MAN J . 15.20 -39.33 1.47
C6 MAN J . 14.98 -39.87 0.03
O2 MAN J . 13.14 -42.37 2.41
O3 MAN J . 15.60 -42.40 3.76
O4 MAN J . 16.94 -39.65 3.25
O5 MAN J . 13.92 -38.92 2.02
O6 MAN J . 15.92 -39.41 -0.96
C1 NAG K . 33.51 -33.64 -14.98
C2 NAG K . 32.58 -32.84 -15.88
C3 NAG K . 31.51 -32.05 -15.15
C4 NAG K . 30.76 -32.89 -14.17
C5 NAG K . 31.82 -33.37 -13.21
C6 NAG K . 31.19 -34.19 -12.13
C7 NAG K . 33.40 -31.82 -17.89
C8 NAG K . 34.11 -30.67 -18.48
N2 NAG K . 33.39 -31.91 -16.60
O3 NAG K . 30.58 -31.57 -16.07
O4 NAG K . 29.72 -32.38 -13.45
O5 NAG K . 32.78 -34.17 -13.88
O6 NAG K . 31.85 -33.95 -10.90
O7 NAG K . 32.87 -32.63 -18.56
C1 NAG K . 28.41 -32.65 -13.90
C2 NAG K . 27.42 -32.26 -12.80
C3 NAG K . 26.06 -32.67 -13.31
C4 NAG K . 25.77 -31.91 -14.59
C5 NAG K . 26.88 -32.09 -15.63
C6 NAG K . 26.73 -31.08 -16.75
C7 NAG K . 28.50 -32.34 -10.56
C8 NAG K . 28.70 -33.04 -9.24
N2 NAG K . 27.70 -32.88 -11.50
O3 NAG K . 25.05 -32.39 -12.34
O4 NAG K . 24.54 -32.40 -15.14
O5 NAG K . 28.18 -31.89 -15.08
O6 NAG K . 27.38 -31.58 -17.92
O7 NAG K . 29.07 -31.31 -10.74
C1 BMA K . 23.37 -31.65 -14.74
C2 BMA K . 22.38 -31.70 -15.91
C3 BMA K . 21.07 -31.00 -15.56
C4 BMA K . 20.55 -31.62 -14.27
C5 BMA K . 21.58 -31.47 -13.16
C6 BMA K . 21.08 -32.02 -11.85
O2 BMA K . 22.13 -33.06 -16.26
O3 BMA K . 20.13 -31.14 -16.63
O4 BMA K . 19.35 -30.96 -13.91
O5 BMA K . 22.79 -32.14 -13.53
O6 BMA K . 22.19 -32.03 -10.93
C1 MAN K . 19.77 -29.96 -17.37
C2 MAN K . 18.54 -30.38 -18.15
C3 MAN K . 19.00 -31.30 -19.27
C4 MAN K . 19.94 -30.60 -20.25
C5 MAN K . 21.18 -30.08 -19.51
C6 MAN K . 22.13 -29.22 -20.42
O2 MAN K . 17.84 -29.24 -18.68
O3 MAN K . 17.86 -31.75 -19.99
O4 MAN K . 20.26 -31.54 -21.29
O5 MAN K . 20.78 -29.42 -18.26
O6 MAN K . 21.67 -27.92 -20.89
C1 MAN K . 16.42 -29.16 -18.36
C2 MAN K . 15.61 -28.79 -19.62
C3 MAN K . 16.06 -27.42 -20.15
C4 MAN K . 16.42 -26.39 -19.05
C5 MAN K . 16.71 -26.89 -17.61
C6 MAN K . 16.20 -25.95 -16.52
O2 MAN K . 14.15 -28.84 -19.45
O3 MAN K . 15.03 -26.94 -21.05
O4 MAN K . 17.59 -25.68 -19.45
O5 MAN K . 16.17 -28.19 -17.34
O6 MAN K . 15.50 -26.70 -15.53
C1 MAN K . 21.83 -32.65 -9.67
C2 MAN K . 22.78 -32.24 -8.57
C3 MAN K . 24.10 -33.05 -8.55
C4 MAN K . 23.96 -34.59 -8.77
C5 MAN K . 22.86 -34.95 -9.82
C6 MAN K . 22.17 -36.35 -9.79
O2 MAN K . 22.06 -32.33 -7.32
O3 MAN K . 24.75 -32.77 -7.28
O4 MAN K . 25.22 -35.04 -9.34
O5 MAN K . 21.72 -34.07 -9.75
O6 MAN K . 22.91 -37.56 -9.43
C1 MAN K . 25.68 -31.66 -7.25
C2 MAN K . 26.65 -31.81 -6.04
C3 MAN K . 26.10 -31.32 -4.71
C4 MAN K . 25.62 -29.90 -4.87
C5 MAN K . 24.53 -29.91 -5.95
C6 MAN K . 23.89 -28.54 -6.15
O2 MAN K . 27.83 -31.07 -6.32
O3 MAN K . 27.10 -31.35 -3.68
O4 MAN K . 25.20 -29.41 -3.59
O5 MAN K . 25.07 -30.35 -7.22
O6 MAN K . 24.89 -27.58 -6.54
C1 MAN K . 21.83 -38.18 -6.51
C2 MAN K . 21.56 -39.51 -7.21
C3 MAN K . 22.37 -39.56 -8.51
C4 MAN K . 23.52 -38.50 -8.58
C5 MAN K . 24.17 -38.14 -7.22
C6 MAN K . 25.05 -36.83 -7.24
O1 MAN K . 20.97 -38.00 -5.40
O2 MAN K . 20.17 -39.73 -7.50
O3 MAN K . 21.44 -39.50 -9.61
O4 MAN K . 24.60 -39.10 -9.34
O5 MAN K . 23.22 -38.15 -6.13
O6 MAN K . 24.65 -35.55 -7.97
C1 NAG L . 70.25 -22.12 -10.90
C2 NAG L . 69.54 -22.63 -9.65
C3 NAG L . 69.52 -24.15 -9.79
C4 NAG L . 68.80 -24.58 -11.06
C5 NAG L . 69.37 -23.86 -12.28
C6 NAG L . 68.56 -24.08 -13.55
C7 NAG L . 69.62 -21.73 -7.31
C8 NAG L . 70.48 -21.42 -6.11
N2 NAG L . 70.23 -22.26 -8.42
O3 NAG L . 68.94 -24.82 -8.67
O4 NAG L . 69.00 -26.00 -11.15
O5 NAG L . 69.48 -22.47 -12.06
O6 NAG L . 69.07 -23.25 -14.59
O7 NAG L . 68.43 -21.47 -7.27
C1 NAG L . 67.80 -26.75 -11.43
C2 NAG L . 68.20 -28.16 -11.84
C3 NAG L . 67.12 -29.22 -11.70
C4 NAG L . 66.23 -29.04 -10.44
C5 NAG L . 65.78 -27.58 -10.46
C6 NAG L . 64.69 -27.16 -9.47
C7 NAG L . 69.79 -28.70 -13.61
C8 NAG L . 69.96 -28.77 -15.12
N2 NAG L . 68.59 -28.27 -13.24
O3 NAG L . 67.86 -30.46 -11.73
O4 NAG L . 65.04 -29.85 -10.35
O5 NAG L . 66.96 -26.79 -10.28
O6 NAG L . 65.25 -26.36 -8.43
O7 NAG L . 70.69 -28.96 -12.79
C1 MAN L . 65.04 -31.16 -10.98
C2 MAN L . 63.59 -31.65 -10.88
C3 MAN L . 63.43 -32.58 -9.67
C4 MAN L . 64.46 -33.73 -9.65
C5 MAN L . 65.76 -33.49 -10.46
C6 MAN L . 65.77 -34.05 -11.92
O2 MAN L . 63.20 -32.25 -12.14
O3 MAN L . 62.07 -33.05 -9.59
O4 MAN L . 64.81 -33.94 -8.28
O5 MAN L . 66.02 -32.07 -10.41
O6 MAN L . 66.89 -34.90 -12.26
C1 BMA M . 1.77 4.43 -13.76
C2 BMA M . 2.04 5.80 -14.36
C3 BMA M . 2.77 5.57 -15.67
C4 BMA M . 4.06 4.79 -15.53
C5 BMA M . 3.98 3.71 -14.47
C6 BMA M . 5.33 3.71 -13.78
O2 BMA M . 2.43 6.81 -13.40
O3 BMA M . 2.93 6.83 -16.23
O4 BMA M . 4.36 4.13 -16.74
O5 BMA M . 2.99 3.84 -13.45
O6 BMA M . 5.79 2.37 -13.61
C1 MAN M . 3.35 7.86 -13.59
C2 MAN M . 3.76 8.35 -12.21
C3 MAN M . 4.96 9.31 -12.31
C4 MAN M . 5.07 10.37 -13.44
C5 MAN M . 4.20 10.02 -14.65
C6 MAN M . 5.17 9.69 -15.84
O2 MAN M . 4.07 7.25 -11.32
O3 MAN M . 6.08 8.47 -12.59
O4 MAN M . 4.99 11.82 -13.14
O5 MAN M . 3.11 9.05 -14.39
O6 MAN M . 6.32 10.58 -15.88
C1 NAG N . -1.62 73.47 28.68
C2 NAG N . -1.10 74.78 29.29
C3 NAG N . -1.42 74.83 30.77
C4 NAG N . -2.92 74.58 30.90
C5 NAG N . -3.36 73.26 30.33
C6 NAG N . -4.88 73.15 30.42
C7 NAG N . 1.04 75.79 28.59
C8 NAG N . 2.55 75.60 28.59
N2 NAG N . 0.35 74.82 29.19
O3 NAG N . -1.01 76.12 31.27
O5 NAG N . -2.99 73.18 28.93
O6 NAG N . -5.51 74.28 29.78
O7 NAG N . 0.50 76.75 28.09
C1 NAG O . -4.58 75.76 32.91
C2 NAG O . -5.00 75.59 34.37
C3 NAG O . -6.15 76.56 34.67
C4 NAG O . -5.87 78.04 34.24
C5 NAG O . -5.37 78.03 32.77
C6 NAG O . -4.82 79.35 32.28
C7 NAG O . -4.43 73.24 34.97
C8 NAG O . -4.82 71.78 34.84
N2 NAG O . -5.27 74.18 34.48
O1 NAG O . -3.44 74.98 32.65
O3 NAG O . -6.35 76.58 36.09
O4 NAG O . -6.96 78.95 34.47
O5 NAG O . -4.27 77.11 32.56
O6 NAG O . -4.57 79.18 30.89
O7 NAG O . -3.36 73.51 35.48
C1 NAG P . -9.52 53.66 -2.06
C2 NAG P . -8.83 54.95 -2.48
C3 NAG P . -9.17 55.20 -3.93
C4 NAG P . -8.73 53.91 -4.62
C5 NAG P . -9.48 52.72 -4.04
C6 NAG P . -9.38 51.50 -4.93
C7 NAG P . -8.69 56.26 -0.48
C8 NAG P . -9.42 57.27 0.35
N2 NAG P . -9.35 55.90 -1.56
O3 NAG P . -8.50 56.38 -4.38
O5 NAG P . -9.01 52.57 -2.66
O6 NAG P . -8.02 51.43 -5.39
O7 NAG P . -7.59 55.86 -0.20
C1 NAG Q . 11.08 59.62 19.46
C2 NAG Q . 11.75 58.23 19.56
C3 NAG Q . 10.71 57.09 19.54
C4 NAG Q . 9.64 57.34 20.62
C5 NAG Q . 9.09 58.74 20.45
C6 NAG Q . 8.07 59.07 21.51
C7 NAG Q . 13.98 58.35 18.53
C8 NAG Q . 14.74 58.13 17.24
N2 NAG Q . 12.68 58.06 18.45
O3 NAG Q . 11.32 55.81 19.74
O4 NAG Q . 8.57 56.39 20.48
O5 NAG Q . 10.15 59.69 20.55
O6 NAG Q . 8.74 59.19 22.77
O7 NAG Q . 14.50 58.76 19.56
C1 NAG R . -14.58 60.41 40.93
C2 NAG R . -13.20 59.83 40.60
C3 NAG R . -13.24 58.30 40.73
C4 NAG R . -13.60 57.95 42.17
C5 NAG R . -14.91 58.60 42.55
C6 NAG R . -15.21 58.34 44.00
C7 NAG R . -11.63 60.78 38.95
C8 NAG R . -11.37 60.95 37.47
N2 NAG R . -12.77 60.15 39.26
O3 NAG R . -12.02 57.63 40.32
O4 NAG R . -13.76 56.54 42.31
O5 NAG R . -14.87 60.03 42.29
O6 NAG R . -16.13 59.36 44.39
O7 NAG R . -10.85 61.21 39.78
C1 NAG S . -62.07 46.89 10.56
C2 NAG S . -61.75 45.38 10.49
C3 NAG S . -62.98 44.55 10.82
C4 NAG S . -63.57 45.02 12.13
C5 NAG S . -63.80 46.54 12.17
C6 NAG S . -64.30 46.96 13.55
C7 NAG S . -59.96 44.78 8.88
C8 NAG S . -59.56 44.66 7.43
N2 NAG S . -61.21 45.16 9.14
O3 NAG S . -62.62 43.19 10.97
O4 NAG S . -64.85 44.43 12.29
O5 NAG S . -62.62 47.26 11.83
O6 NAG S . -64.79 48.26 13.37
O7 NAG S . -59.16 44.51 9.76
C1 NAG T . -13.78 43.31 -1.75
C2 NAG T . -13.65 41.85 -1.38
C3 NAG T . -12.17 41.50 -1.56
C4 NAG T . -11.78 41.82 -3.02
C5 NAG T . -11.91 43.34 -3.20
C6 NAG T . -11.41 43.85 -4.54
C7 NAG T . -15.40 41.25 0.29
C8 NAG T . -16.40 40.90 -0.79
N2 NAG T . -14.16 41.67 -0.02
O3 NAG T . -11.94 40.13 -1.23
O4 NAG T . -10.45 41.46 -3.36
O5 NAG T . -13.30 43.61 -3.07
O6 NAG T . -11.75 42.89 -5.54
O7 NAG T . -15.73 41.13 1.46
O14 BKR U . -17.63 48.32 26.47
C30 BKR U . -16.88 48.89 25.70
C31 BKR U . -15.54 48.29 25.42
C36 BKR U . -15.31 47.62 24.25
C35 BKR U . -14.07 47.06 24.02
C34 BKR U . -13.06 47.18 24.95
C33 BKR U . -13.28 47.85 26.12
C32 BKR U . -14.52 48.40 26.36
N1 BKR U . -17.21 50.04 25.13
C29 BKR U . -18.41 50.73 25.53
C37 BKR U . -18.14 51.58 26.71
C42 BKR U . -19.19 51.82 27.56
C41 BKR U . -19.01 52.58 28.68
C40 BKR U . -17.77 53.10 28.95
C39 BKR U . -16.72 52.86 28.09
C38 BKR U . -16.89 52.09 26.97
C28 BKR U . -18.91 51.54 24.36
O13 BKR U . -19.39 50.54 23.49
C27 BKR U . -20.02 52.53 24.71
O12 BKR U . -21.13 52.15 25.07
O11 BKR U . -19.76 53.95 24.56
C26 BKR U . -20.71 54.81 25.19
C43 BKR U . -20.05 55.47 26.39
C25 BKR U . -21.23 55.80 24.18
C44 BKR U . -21.33 55.35 22.75
C24 BKR U . -21.56 57.04 24.55
C45 BKR U . -21.69 57.35 26.03
C47 BKR U . -22.83 56.55 26.59
C46 BKR U . -21.91 58.79 26.44
C1 BKR U . -20.37 56.93 26.65
O1 BKR U . -20.59 57.04 28.03
C21 BKR U . -21.68 58.07 23.48
O9 BKR U . -23.02 58.36 23.29
C20 BKR U . -20.93 59.29 23.81
O8 BKR U . -21.56 60.31 23.99
C18 BKR U . -19.44 59.25 23.92
C19 BKR U . -18.91 60.61 24.32
C17 BKR U . -19.06 59.09 22.45
O7 BKR U . -19.63 60.09 21.60
C16 BKR U . -17.56 59.13 22.22
C15 BKR U . -16.71 58.63 23.36
O6 BKR U . -16.38 59.71 24.17
C14 BKR U . -16.73 59.10 25.38
C11 BKR U . -17.34 58.00 24.55
O4 BKR U . -16.73 56.77 24.91
C12 BKR U . -17.06 55.59 24.19
C13 BKR U . -16.54 54.26 24.60
O5 BKR U . -17.75 55.71 23.22
C10 BKR U . -18.87 58.05 24.77
C2 BKR U . -19.19 57.86 26.30
O2 BKR U . -18.09 57.22 27.01
C3 BKR U . -17.74 57.43 28.39
O3 BKR U . -18.48 58.00 29.16
C4 BKR U . -16.42 56.90 28.84
C9 BKR U . -15.67 56.08 28.02
C8 BKR U . -14.44 55.61 28.45
C7 BKR U . -13.95 55.94 29.68
C6 BKR U . -14.70 56.74 30.50
C5 BKR U . -15.92 57.22 30.08
C1 XYP V . -19.29 60.56 20.35
C2 XYP V . -18.35 61.69 20.77
C3 XYP V . -18.51 62.91 19.86
C4 XYP V . -18.45 62.49 18.39
C5 XYP V . -19.39 61.32 18.12
O2 XYP V . -18.62 62.07 22.12
O3 XYP V . -17.46 63.84 20.13
O4 XYP V . -18.84 63.60 17.57
O5 XYP V . -19.05 60.23 18.99
C1 NAG W . -11.30 22.15 17.83
C2 NAG W . -11.92 22.36 19.21
C3 NAG W . -11.15 21.62 20.23
C4 NAG W . -11.18 20.18 19.84
C5 NAG W . -10.50 19.98 18.51
C6 NAG W . -10.52 18.50 18.09
C7 NAG W . -12.81 24.59 19.68
C8 NAG W . -12.40 26.02 19.94
N2 NAG W . -11.79 23.74 19.53
O3 NAG W . -11.79 21.88 21.46
O5 NAG W . -11.14 20.77 17.50
O6 NAG W . -11.90 18.09 17.90
O7 NAG W . -13.98 24.24 19.63
C1 NAG X . -11.18 18.06 21.70
C2 NAG X . -10.26 17.26 22.59
C3 NAG X . -11.04 16.03 23.04
C4 NAG X . -12.37 16.40 23.76
C5 NAG X . -13.15 17.23 22.72
C6 NAG X . -14.54 17.67 23.15
C7 NAG X . -7.91 17.56 21.73
C8 NAG X . -6.79 16.95 20.92
N2 NAG X . -9.09 16.90 21.81
O1 NAG X . -10.47 19.24 21.34
O3 NAG X . -10.15 15.33 23.89
O4 NAG X . -13.15 15.27 24.33
O5 NAG X . -12.40 18.42 22.35
O6 NAG X . -15.06 18.57 22.17
O7 NAG X . -7.67 18.61 22.27
C1 NAG Y . -14.90 22.89 -19.68
C2 NAG Y . -16.11 23.53 -19.02
C3 NAG Y . -17.29 23.56 -19.97
C4 NAG Y . -16.78 24.20 -21.25
C5 NAG Y . -15.76 23.25 -21.84
C6 NAG Y . -15.33 23.49 -23.28
C7 NAG Y . -16.10 23.20 -16.63
C8 NAG Y . -16.52 22.26 -15.52
N2 NAG Y . -16.43 22.77 -17.84
O3 NAG Y . -18.39 24.27 -19.39
O5 NAG Y . -14.67 23.44 -20.96
O6 NAG Y . -14.86 24.83 -23.35
O7 NAG Y . -15.48 24.24 -16.40
C1 NAG Z . -3.64 36.73 4.91
C2 NAG Z . -2.43 37.43 4.29
C3 NAG Z . -1.67 36.44 3.39
C4 NAG Z . -1.37 35.11 4.08
C5 NAG Z . -2.62 34.57 4.72
C6 NAG Z . -2.38 33.28 5.48
C7 NAG Z . -2.74 39.88 4.09
C8 NAG Z . -3.12 41.02 3.17
N2 NAG Z . -2.78 38.63 3.54
O3 NAG Z . -0.44 37.03 3.01
O4 NAG Z . -1.02 34.16 3.08
O5 NAG Z . -3.15 35.57 5.59
O6 NAG Z . -1.71 33.58 6.69
O7 NAG Z . -2.41 40.12 5.29
C1 NAG AA . 4.02 6.13 16.42
C2 NAG AA . 4.62 7.45 16.06
C3 NAG AA . 5.93 7.27 15.27
C4 NAG AA . 6.89 6.22 15.83
C5 NAG AA . 6.12 4.96 16.12
C6 NAG AA . 6.97 3.81 16.68
C7 NAG AA . 3.24 9.42 15.50
C8 NAG AA . 2.21 9.95 14.57
N2 NAG AA . 3.62 8.17 15.28
O3 NAG AA . 6.67 8.47 15.22
O4 NAG AA . 7.86 5.96 14.82
O5 NAG AA . 5.04 5.30 17.00
O6 NAG AA . 7.23 4.08 18.05
O7 NAG AA . 3.65 10.14 16.40
C1 NAG BA . -11.13 -31.23 -25.41
C2 NAG BA . -9.91 -30.94 -26.27
C3 NAG BA . -9.24 -32.22 -26.75
C4 NAG BA . -9.00 -33.21 -25.62
C5 NAG BA . -10.28 -33.40 -24.80
C6 NAG BA . -10.04 -34.19 -23.52
C7 NAG BA . -10.05 -28.78 -27.43
C8 NAG BA . -10.51 -28.04 -28.66
N2 NAG BA . -10.33 -30.09 -27.37
O3 NAG BA . -7.96 -31.92 -27.30
O4 NAG BA . -8.51 -34.45 -26.15
O5 NAG BA . -10.75 -32.12 -24.38
O6 NAG BA . -11.31 -34.47 -22.92
O7 NAG BA . -9.44 -28.17 -26.55
C1 NAG CA . -7.09 18.47 -26.51
C2 NAG CA . -5.94 18.26 -27.51
C3 NAG CA . -5.23 19.58 -27.77
C4 NAG CA . -6.28 20.66 -28.16
C5 NAG CA . -7.35 20.76 -27.05
C6 NAG CA . -8.42 21.81 -27.33
C7 NAG CA . -4.98 15.98 -27.42
C8 NAG CA . -5.68 15.55 -28.70
N2 NAG CA . -5.11 17.23 -26.94
O3 NAG CA . -4.26 19.39 -28.81
O4 NAG CA . -5.66 21.94 -28.39
O5 NAG CA . -7.99 19.49 -26.96
O6 NAG CA . -9.25 21.32 -28.39
O7 NAG CA . -4.28 15.18 -26.83
O14 BKR DA . 4.59 7.33 -2.54
C30 BKR DA . 3.83 8.24 -2.81
C31 BKR DA . 4.45 9.60 -3.21
C36 BKR DA . 4.13 10.23 -4.44
C35 BKR DA . 4.72 11.46 -4.76
C34 BKR DA . 5.62 12.10 -3.90
C33 BKR DA . 5.96 11.49 -2.69
C32 BKR DA . 5.37 10.25 -2.36
N1 BKR DA . 2.50 8.02 -2.72
C29 BKR DA . 1.88 6.73 -2.32
C37 BKR DA . 2.04 6.47 -0.85
C42 BKR DA . 2.30 5.15 -0.41
C41 BKR DA . 2.48 4.90 0.96
C40 BKR DA . 2.40 5.94 1.90
C39 BKR DA . 2.13 7.25 1.47
C38 BKR DA . 1.95 7.51 0.09
C28 BKR DA . 0.43 6.68 -2.80
O13 BKR DA . 0.41 6.59 -4.24
C27 BKR DA . -0.32 5.50 -2.22
O12 BKR DA . -0.15 4.40 -2.74
O11 BKR DA . -1.22 5.70 -1.07
C26 BKR DA . -1.73 4.52 -0.40
C43 BKR DA . -1.43 4.69 1.10
C25 BKR DA . -3.20 4.25 -0.73
C44 BKR DA . -3.72 4.60 -2.12
C24 BKR DA . -4.03 3.76 0.24
C45 BKR DA . -3.42 3.20 1.53
C47 BKR DA . -2.69 1.87 1.18
C46 BKR DA . -4.43 2.72 2.62
C1 BKR DA . -2.53 4.32 2.14
O1 BKR DA . -1.83 3.76 3.29
C21 BKR DA . -5.54 3.88 0.04
O9 BKR DA . -6.04 2.60 -0.33
C20 BKR DA . -6.26 4.50 1.22
O8 BKR DA . -7.12 3.81 1.75
C18 BKR DA . -5.96 5.92 1.78
C19 BKR DA . -6.66 6.01 3.17
C17 BKR DA . -6.67 6.85 0.75
O7 BKR DA . -8.03 6.52 0.50
C16 BKR DA . -6.71 8.30 1.12
C15 BKR DA . -5.35 8.81 1.50
O6 BKR DA . -5.41 9.22 2.85
C14 BKR DA . -4.30 8.43 3.26
C11 BKR DA . -4.21 7.85 1.86
O4 BKR DA . -2.95 8.23 1.29
C12 BKR DA . -2.76 8.37 -0.13
C13 BKR DA . -1.47 9.00 -0.52
O5 BKR DA . -3.63 7.98 -0.91
C10 BKR DA . -4.40 6.31 1.77
C2 BKR DA . -3.29 5.58 2.69
O2 BKR DA . -2.21 6.50 3.06
C3 BKR DA . -1.61 6.59 4.39
O3 BKR DA . -1.99 5.85 5.29
C4 BKR DA . -0.58 7.65 4.69
C9 BKR DA . -0.31 8.68 3.77
C8 BKR DA . 0.63 9.67 4.06
C7 BKR DA . 1.31 9.65 5.28
C6 BKR DA . 1.05 8.63 6.21
C5 BKR DA . 0.11 7.64 5.91
C4 XYZ EA . -10.82 9.19 0.45
O4 XYZ EA . -9.55 9.27 -0.15
C1 XYZ EA . -9.32 8.27 -1.15
C2 XYZ EA . -10.69 7.75 -1.46
O2 XYZ EA . -10.76 8.09 -2.82
C3 XYZ EA . -11.67 8.54 -0.59
O3 XYZ EA . -12.77 7.92 0.03
C5 XYZ EA . -10.81 8.48 1.79
O5 XYZ EA . -9.71 7.67 2.07
O1 XYZ EA . -8.38 7.26 -0.76
C1 MAN FA . -38.60 -3.49 -34.53
C2 MAN FA . -38.38 -5.02 -34.42
C3 MAN FA . -36.96 -5.49 -34.76
C4 MAN FA . -36.44 -4.64 -35.93
C5 MAN FA . -36.38 -3.21 -35.36
C6 MAN FA . -35.50 -2.12 -35.97
O2 MAN FA . -39.29 -5.69 -35.29
O3 MAN FA . -36.98 -6.91 -35.00
O4 MAN FA . -35.22 -5.15 -36.43
O5 MAN FA . -37.73 -2.78 -35.46
O6 MAN FA . -35.20 -1.18 -34.92
C1 NAG GA . -3.59 -70.20 -14.49
C2 NAG GA . -4.88 -70.90 -14.95
C3 NAG GA . -5.36 -70.12 -16.21
C4 NAG GA . -5.75 -68.72 -15.81
C5 NAG GA . -4.50 -68.04 -15.28
C6 NAG GA . -4.81 -66.61 -14.80
C7 NAG GA . -5.64 -73.29 -15.38
C8 NAG GA . -5.11 -74.56 -15.98
N2 NAG GA . -4.74 -72.29 -15.43
O3 NAG GA . -6.47 -70.65 -16.94
O5 NAG GA . -3.97 -68.83 -14.21
O6 NAG GA . -6.04 -66.55 -14.05
O7 NAG GA . -6.76 -73.24 -14.90
C1 NAG HA . -7.96 -66.54 -17.12
C2 NAG HA . -8.07 -65.57 -18.32
C3 NAG HA . -9.44 -64.86 -18.37
C4 NAG HA . -10.66 -65.80 -18.15
C5 NAG HA . -10.37 -66.67 -16.90
C6 NAG HA . -11.38 -67.79 -16.60
C7 NAG HA . -5.70 -64.98 -18.68
C8 NAG HA . -4.56 -64.03 -18.40
N2 NAG HA . -6.94 -64.65 -18.26
O1 NAG HA . -6.83 -67.41 -17.26
O3 NAG HA . -9.52 -64.27 -19.67
O4 NAG HA . -11.94 -65.09 -18.13
O5 NAG HA . -9.10 -67.38 -16.98
O6 NAG HA . -10.86 -68.63 -15.54
O7 NAG HA . -5.47 -66.03 -19.24
C1 NAG IA . 15.92 -67.60 17.01
C2 NAG IA . 14.94 -68.76 17.16
C3 NAG IA . 14.84 -69.17 18.62
C4 NAG IA . 16.27 -69.48 19.04
C5 NAG IA . 17.08 -68.20 19.08
C6 NAG IA . 18.52 -68.45 19.55
C7 NAG IA . 13.25 -68.51 15.45
C8 NAG IA . 11.96 -67.87 15.04
N2 NAG IA . 13.69 -68.24 16.67
O3 NAG IA . 13.98 -70.31 18.81
O5 NAG IA . 17.11 -67.62 17.79
O6 NAG IA . 18.67 -67.95 20.88
O7 NAG IA . 13.85 -69.25 14.69
C1 BMA JA . 11.33 -82.07 26.20
C2 BMA JA . 9.89 -82.62 25.96
C3 BMA JA . 8.87 -81.63 26.55
C4 BMA JA . 9.11 -81.46 28.04
C5 BMA JA . 10.54 -81.00 28.32
C6 BMA JA . 10.85 -81.22 29.80
O2 BMA JA . 9.67 -83.96 26.46
O3 BMA JA . 7.54 -82.04 26.27
O4 BMA JA . 8.19 -80.50 28.59
O5 BMA JA . 11.57 -81.69 27.58
O6 BMA JA . 11.88 -80.33 30.17
C1 NAG KA . 14.09 -80.02 -11.27
C2 NAG KA . 15.59 -80.07 -10.91
C3 NAG KA . 16.22 -78.68 -10.68
C4 NAG KA . 15.52 -77.46 -11.31
C5 NAG KA . 14.03 -77.65 -11.56
C6 NAG KA . 13.43 -76.55 -12.43
C7 NAG KA . 16.97 -81.40 -9.29
C8 NAG KA . 16.91 -82.23 -8.04
N2 NAG KA . 15.79 -80.90 -9.71
O3 NAG KA . 17.58 -78.71 -11.16
O4 NAG KA . 15.62 -76.34 -10.42
O5 NAG KA . 13.82 -78.93 -12.16
O6 NAG KA . 14.14 -75.32 -12.30
O7 NAG KA . 18.02 -81.21 -9.88
C1 NAG LA . 2.56 -49.88 -20.77
C2 NAG LA . 3.64 -50.97 -20.89
C3 NAG LA . 5.04 -50.34 -20.90
C4 NAG LA . 5.15 -49.31 -22.03
C5 NAG LA . 4.04 -48.28 -21.89
C6 NAG LA . 4.07 -47.30 -23.06
C7 NAG LA . 3.49 -53.22 -19.90
C8 NAG LA . 3.51 -53.97 -18.61
N2 NAG LA . 3.60 -51.90 -19.78
O3 NAG LA . 6.05 -51.35 -21.01
O4 NAG LA . 6.41 -48.64 -22.02
O5 NAG LA . 2.75 -48.92 -21.82
O6 NAG LA . 2.81 -47.40 -23.74
O7 NAG LA . 3.36 -53.79 -20.96
C1 NAG MA . 3.47 -15.32 25.85
C2 NAG MA . 4.97 -15.06 25.73
C3 NAG MA . 5.35 -13.60 25.93
C4 NAG MA . 4.47 -12.69 25.09
C5 NAG MA . 2.99 -13.05 25.25
C6 NAG MA . 2.00 -12.26 24.39
C7 NAG MA . 6.43 -16.89 26.37
C8 NAG MA . 6.99 -17.73 27.48
N2 NAG MA . 5.61 -15.92 26.73
O3 NAG MA . 6.70 -13.46 25.52
O4 NAG MA . 4.71 -11.36 25.52
O5 NAG MA . 2.81 -14.45 24.95
O6 NAG MA . 0.71 -12.40 25.00
O7 NAG MA . 6.75 -17.08 25.21
C1 NAG NA . 52.61 -28.03 -46.33
C2 NAG NA . 52.45 -27.17 -47.61
C3 NAG NA . 53.88 -27.01 -48.20
C4 NAG NA . 54.69 -26.15 -47.29
C5 NAG NA . 54.82 -26.88 -45.96
C6 NAG NA . 55.61 -26.02 -44.97
C7 NAG NA . 51.02 -27.08 -49.67
C8 NAG NA . 50.40 -27.87 -50.78
N2 NAG NA . 51.75 -27.75 -48.76
O3 NAG NA . 54.04 -26.41 -49.50
O5 NAG NA . 53.51 -27.28 -45.46
O6 NAG NA . 55.30 -24.61 -45.11
O7 NAG NA . 50.81 -25.90 -49.62
C1 NAG OA . 57.41 -24.66 -47.76
C2 NAG OA . 58.94 -24.77 -47.78
C3 NAG OA . 59.66 -23.49 -48.27
C4 NAG OA . 58.86 -22.44 -49.06
C5 NAG OA . 57.37 -22.48 -48.68
C6 NAG OA . 56.54 -21.64 -49.63
C7 NAG OA . 59.71 -26.34 -45.96
C8 NAG OA . 59.89 -26.40 -44.46
N2 NAG OA . 59.32 -25.12 -46.40
O1 NAG OA . 56.86 -25.97 -47.91
O3 NAG OA . 60.69 -23.90 -49.18
O4 NAG OA . 59.44 -21.11 -48.94
O5 NAG OA . 56.88 -23.82 -48.77
O6 NAG OA . 55.17 -21.86 -49.29
O7 NAG OA . 59.87 -27.31 -46.70
C1 NAG PA . 41.27 -45.47 -41.92
C2 NAG PA . 41.67 -46.82 -41.27
C3 NAG PA . 42.38 -46.49 -39.96
C4 NAG PA . 43.71 -45.87 -40.41
C5 NAG PA . 43.35 -44.59 -41.21
C6 NAG PA . 44.56 -43.87 -41.76
C7 NAG PA . 39.82 -48.23 -42.12
C8 NAG PA . 38.81 -49.27 -41.69
N2 NAG PA . 40.60 -47.80 -41.11
O3 NAG PA . 42.51 -47.61 -39.08
O4 NAG PA . 44.56 -45.63 -39.28
O5 NAG PA . 42.41 -44.82 -42.31
O6 NAG PA . 45.65 -43.89 -40.83
O7 NAG PA . 39.90 -47.78 -43.26
C1 NAG QA . 72.02 -31.73 -36.18
C2 NAG QA . 71.20 -32.92 -36.68
C3 NAG QA . 71.66 -34.26 -36.10
C4 NAG QA . 73.17 -34.39 -35.85
C5 NAG QA . 73.89 -33.08 -35.54
C6 NAG QA . 75.41 -33.23 -35.70
C7 NAG QA . 68.84 -33.20 -37.28
C8 NAG QA . 67.40 -33.04 -36.85
N2 NAG QA . 69.78 -32.80 -36.41
O3 NAG QA . 71.22 -35.24 -37.05
O4 NAG QA . 73.39 -35.17 -34.69
O5 NAG QA . 73.41 -32.05 -36.38
O6 NAG QA . 76.08 -32.62 -34.60
O7 NAG QA . 69.11 -33.66 -38.39
C1 NAG RA . 70.83 -8.99 16.93
C2 NAG RA . 70.91 -10.35 17.64
C3 NAG RA . 71.95 -10.34 18.77
C4 NAG RA . 73.26 -9.65 18.36
C5 NAG RA . 72.96 -8.27 17.74
C6 NAG RA . 74.19 -7.40 17.42
C7 NAG RA . 68.83 -11.72 17.58
C8 NAG RA . 67.49 -11.87 18.26
N2 NAG RA . 69.58 -10.73 18.11
O3 NAG RA . 72.20 -11.69 19.09
O4 NAG RA . 74.15 -9.55 19.47
O5 NAG RA . 72.14 -8.54 16.58
O6 NAG RA . 74.42 -7.18 16.01
O7 NAG RA . 69.17 -12.43 16.64
#